data_8H14
#
_entry.id   8H14
#
_cell.length_a   1.00
_cell.length_b   1.00
_cell.length_c   1.00
_cell.angle_alpha   90.00
_cell.angle_beta   90.00
_cell.angle_gamma   90.00
#
_symmetry.space_group_name_H-M   'P 1'
#
loop_
_entity.id
_entity.type
_entity.pdbx_description
1 polymer 'Spike glycoprotein'
2 non-polymer 2-acetamido-2-deoxy-beta-D-glucopyranose
3 non-polymer 'LINOLEIC ACID'
#
_entity_poly.entity_id   1
_entity_poly.type   'polypeptide(L)'
_entity_poly.pdbx_seq_one_letter_code
;ETGTDLDRCTTFDDVQAPNYTQHTSSMRGVYYPDEIFRSDTLYLTQDLFLPFYSNVTGFHTINHTFGNPVIPFKDGIYFA
ATEKSNVVRGWVFGSTMNNKSQSVIIINNSTNVVIRACNFELCDNPFFAVSKPMGTQTHTMIFDNAFNCTFEYISDAFSL
DVSEKSGNFKHLREFVFKNKDGFLYVYKGYQPIDVVRDLPSGFNTLKPIFKLPLGINITNFRAILTAFSPAQDIWGTSAA
AYFVGYLKPTTFMLKYDENGTITDAVDCSQNPLAELKCSVKSFEIDKGIYQTSNFRVVPSGDVVRFPNITNLCPFGEVFN
ATKFPSVYAWERKKISNCVADYSVLYNSTFFSTFKCYGVSATKLNDLCFSNVYADSFVVKGDDVRQIAPGQTGVIADYNY
KLPCDFMGCVLAWNTRNIDATSTGNYNYKYRYLRHGKLRPFERDISNVPFSPDGKPCTPPALNCYWPLNDYGFYTTTGIG
YQPYRVVVLSFELLNAPATVCGPKLSTDLIKNQCVNFNFNGLTGTGVLTPSSKRFQPFQQFGRDVSDFTDSVRDPKTSEI
LDISPCSFGGVSVITPGTNASSEVAVLYQDVNCTDVSTAIHADQLTPAWRIYSTGNNVFQTQAGCLIGAEHVDTSYECDI
PIGAGICASYHTVSLLRSTSQKSIVAYTMSLGADSSIAYSNNTIAIPTNFSISITTEVMPVSMAKTSVDCNMYICGDSTE
CANLLLQYGSFCTQLNRALSGIAAEQDRNTREVFAQVKQMYKTPTLKYFGGFNFSQILPDPLKPTKRSFIEDLLFNKVTL
ADAGFMKQYGECLGDINARDLICAQKFNGLTVLPPLLTDDMIAAYTAALVSGTATAGWTFGAGAALQIPFAMQMAYRFNG
IGVTQNVLYENQKQIANQFNKAISQIQESLTTTSTALGKLQDVVNQNAQALNTLVKQLSSNFGAISSVLNDILSRLDKCE
AEVQIDRLITGRLQSLQTYVTQQLIRAAEIRASANLAATKMSECVLGQSKRVDFCGKGYHLMSFPQAAPHGVVFLHVTYV
PSQERNFTTAPAICHEGKAYFPREGVFVFNGTSWFITQRNFFSPQIITTDNTFVSGNCDVVIGIINNTVYDPLQPELDSF
KEELDKYFKNHTSPDVDLGDISGINASVVNIQKEIDRLNEVAKNLNESLIDLQELGKYEQYIKGSGRENLYFQGGGGSGY
IPEAPRDGQAYVRKDGEWVLLSTFLGHHHHHH
;
_entity_poly.pdbx_strand_id   A,B,C
#
# COMPACT_ATOMS: atom_id res chain seq x y z
N THR A 21 -51.57 -24.96 -8.84
CA THR A 21 -50.53 -25.84 -8.34
C THR A 21 -49.21 -25.10 -8.15
N GLN A 22 -48.81 -24.33 -9.17
CA GLN A 22 -47.58 -23.55 -9.13
C GLN A 22 -47.89 -22.13 -8.72
N HIS A 23 -47.21 -21.64 -7.69
CA HIS A 23 -47.34 -20.26 -7.25
C HIS A 23 -45.94 -19.68 -7.06
N THR A 24 -45.87 -18.41 -6.69
CA THR A 24 -44.59 -17.75 -6.48
C THR A 24 -44.44 -17.32 -5.03
N SER A 25 -43.21 -17.36 -4.55
CA SER A 25 -42.88 -16.90 -3.20
C SER A 25 -42.35 -15.48 -3.31
N SER A 26 -43.26 -14.51 -3.18
CA SER A 26 -42.92 -13.09 -3.35
C SER A 26 -42.40 -12.56 -2.03
N MET A 27 -41.07 -12.55 -1.89
CA MET A 27 -40.38 -12.02 -0.70
C MET A 27 -40.82 -12.73 0.57
N ARG A 28 -40.76 -14.05 0.54
CA ARG A 28 -41.40 -14.92 1.53
C ARG A 28 -40.30 -15.68 2.25
N GLY A 29 -40.36 -15.70 3.59
CA GLY A 29 -39.53 -16.65 4.33
C GLY A 29 -38.12 -16.22 4.69
N VAL A 30 -37.95 -15.06 5.34
CA VAL A 30 -36.65 -14.62 5.82
C VAL A 30 -36.56 -14.88 7.31
N TYR A 31 -35.39 -15.33 7.78
CA TYR A 31 -35.20 -15.64 9.19
C TYR A 31 -33.95 -14.94 9.72
N TYR A 32 -33.83 -14.95 11.04
CA TYR A 32 -32.68 -14.34 11.70
C TYR A 32 -31.45 -15.22 11.53
N PRO A 33 -30.33 -14.70 11.02
CA PRO A 33 -29.18 -15.58 10.72
C PRO A 33 -28.36 -15.96 11.93
N ASP A 34 -28.41 -15.19 13.01
CA ASP A 34 -27.63 -15.51 14.22
C ASP A 34 -28.37 -14.97 15.44
N GLU A 35 -27.69 -14.97 16.58
CA GLU A 35 -28.27 -14.58 17.87
C GLU A 35 -27.66 -13.28 18.42
N ILE A 36 -27.30 -12.35 17.54
CA ILE A 36 -26.61 -11.13 17.94
C ILE A 36 -27.53 -9.95 17.63
N PHE A 37 -27.72 -9.08 18.61
CA PHE A 37 -28.55 -7.89 18.43
C PHE A 37 -27.84 -6.87 17.54
N ARG A 38 -28.58 -6.34 16.57
CA ARG A 38 -28.10 -5.27 15.70
C ARG A 38 -29.24 -4.30 15.47
N SER A 39 -28.94 -3.00 15.46
CA SER A 39 -29.95 -1.99 15.24
C SER A 39 -29.41 -0.89 14.34
N ASP A 40 -30.27 -0.45 13.41
CA ASP A 40 -30.00 0.67 12.48
C ASP A 40 -28.77 0.40 11.62
N THR A 41 -28.61 -0.86 11.20
CA THR A 41 -27.51 -1.24 10.34
C THR A 41 -28.05 -2.00 9.14
N LEU A 42 -27.22 -2.09 8.11
CA LEU A 42 -27.46 -2.98 6.99
C LEU A 42 -26.44 -4.11 7.05
N TYR A 43 -26.92 -5.36 7.08
CA TYR A 43 -26.05 -6.50 7.26
C TYR A 43 -26.14 -7.37 6.01
N LEU A 44 -24.98 -7.63 5.40
CA LEU A 44 -24.90 -8.44 4.19
C LEU A 44 -24.42 -9.83 4.60
N THR A 45 -25.16 -10.87 4.21
CA THR A 45 -24.85 -12.23 4.64
C THR A 45 -25.10 -13.20 3.51
N GLN A 46 -24.51 -14.40 3.65
CA GLN A 46 -24.61 -15.46 2.66
C GLN A 46 -24.98 -16.73 3.40
N ASP A 47 -26.12 -17.33 3.04
CA ASP A 47 -26.64 -18.48 3.75
C ASP A 47 -27.67 -19.18 2.88
N LEU A 48 -28.35 -20.17 3.45
CA LEU A 48 -29.39 -20.91 2.73
C LEU A 48 -30.70 -20.15 2.86
N PHE A 49 -31.15 -19.55 1.76
CA PHE A 49 -32.34 -18.71 1.76
C PHE A 49 -33.28 -19.15 0.65
N LEU A 50 -34.55 -18.83 0.82
CA LEU A 50 -35.53 -18.98 -0.25
C LEU A 50 -35.43 -17.78 -1.18
N PRO A 51 -35.09 -17.97 -2.46
CA PRO A 51 -34.92 -16.82 -3.36
C PRO A 51 -36.25 -16.14 -3.66
N PHE A 52 -36.16 -14.85 -3.98
CA PHE A 52 -37.35 -14.04 -4.21
C PHE A 52 -38.02 -14.45 -5.53
N TYR A 53 -39.36 -14.52 -5.49
CA TYR A 53 -40.19 -14.84 -6.65
C TYR A 53 -39.82 -16.19 -7.26
N SER A 54 -39.57 -17.17 -6.40
CA SER A 54 -39.27 -18.53 -6.85
C SER A 54 -40.53 -19.39 -6.83
N ASN A 55 -40.45 -20.53 -7.50
CA ASN A 55 -41.58 -21.43 -7.63
C ASN A 55 -41.87 -22.15 -6.32
N VAL A 56 -43.14 -22.21 -5.95
CA VAL A 56 -43.58 -23.02 -4.83
C VAL A 56 -44.73 -23.91 -5.31
N THR A 57 -44.81 -25.10 -4.72
CA THR A 57 -45.80 -26.10 -5.10
C THR A 57 -46.92 -26.13 -4.06
N GLY A 58 -48.16 -26.09 -4.52
CA GLY A 58 -49.31 -26.10 -3.65
C GLY A 58 -49.99 -27.46 -3.59
N PHE A 59 -50.50 -27.78 -2.41
CA PHE A 59 -51.24 -29.01 -2.16
C PHE A 59 -52.56 -28.67 -1.49
N HIS A 60 -53.66 -29.03 -2.15
CA HIS A 60 -54.99 -28.64 -1.70
C HIS A 60 -55.82 -29.89 -1.40
N ASN A 68 -51.28 -36.50 0.09
CA ASN A 68 -50.06 -36.56 0.89
C ASN A 68 -49.03 -37.52 0.29
N PRO A 69 -48.33 -37.09 -0.75
CA PRO A 69 -47.24 -37.91 -1.29
C PRO A 69 -45.97 -37.73 -0.46
N VAL A 70 -44.90 -38.37 -0.95
CA VAL A 70 -43.58 -38.25 -0.36
C VAL A 70 -42.84 -37.13 -1.10
N ILE A 71 -42.67 -35.99 -0.43
CA ILE A 71 -42.00 -34.85 -1.06
C ILE A 71 -40.51 -34.92 -0.72
N PRO A 72 -39.62 -34.79 -1.69
CA PRO A 72 -38.18 -34.83 -1.39
C PRO A 72 -37.71 -33.64 -0.58
N PHE A 73 -36.72 -33.88 0.27
CA PHE A 73 -36.11 -32.87 1.13
C PHE A 73 -34.75 -32.51 0.56
N LYS A 74 -34.64 -31.33 -0.04
CA LYS A 74 -33.41 -30.92 -0.71
C LYS A 74 -32.82 -29.73 0.04
N ASP A 75 -31.83 -30.04 0.90
CA ASP A 75 -31.11 -29.16 1.84
C ASP A 75 -31.94 -27.99 2.36
N GLY A 76 -33.07 -28.30 2.97
CA GLY A 76 -33.89 -27.31 3.64
C GLY A 76 -35.11 -26.96 2.83
N ILE A 77 -36.23 -26.72 3.53
CA ILE A 77 -37.48 -26.37 2.88
C ILE A 77 -38.13 -25.20 3.59
N TYR A 78 -38.96 -24.49 2.84
CA TYR A 78 -39.91 -23.53 3.35
C TYR A 78 -41.30 -24.14 3.24
N PHE A 79 -42.04 -24.15 4.35
CA PHE A 79 -43.35 -24.76 4.43
C PHE A 79 -44.36 -23.70 4.87
N ALA A 80 -45.49 -23.64 4.19
CA ALA A 80 -46.54 -22.71 4.57
C ALA A 80 -47.86 -23.45 4.67
N ALA A 81 -48.66 -23.13 5.68
CA ALA A 81 -49.97 -23.74 5.85
C ALA A 81 -51.03 -22.66 5.97
N THR A 82 -51.99 -22.69 5.04
CA THR A 82 -53.17 -21.85 5.06
C THR A 82 -54.35 -22.70 5.56
N GLU A 83 -54.95 -22.28 6.66
CA GLU A 83 -55.80 -23.15 7.48
C GLU A 83 -57.03 -22.38 7.89
N LYS A 84 -58.11 -23.13 8.18
CA LYS A 84 -59.26 -22.57 8.90
C LYS A 84 -59.75 -23.49 10.01
N SER A 85 -59.33 -24.75 10.06
CA SER A 85 -59.83 -25.64 11.10
C SER A 85 -58.73 -26.54 11.66
N ASN A 86 -57.47 -26.15 11.55
CA ASN A 86 -56.32 -26.81 12.16
C ASN A 86 -56.23 -28.26 11.67
N VAL A 87 -55.98 -28.36 10.36
CA VAL A 87 -55.91 -29.64 9.67
C VAL A 87 -54.50 -30.22 9.68
N VAL A 88 -53.49 -29.41 9.40
CA VAL A 88 -52.10 -29.88 9.44
C VAL A 88 -51.66 -30.00 10.88
N ARG A 89 -51.09 -31.17 11.24
CA ARG A 89 -50.77 -31.50 12.60
C ARG A 89 -49.30 -31.75 12.86
N GLY A 90 -48.49 -32.01 11.84
CA GLY A 90 -47.08 -32.27 12.07
C GLY A 90 -46.43 -32.81 10.80
N TRP A 91 -45.21 -33.32 10.99
CA TRP A 91 -44.41 -33.81 9.89
C TRP A 91 -43.65 -35.06 10.33
N VAL A 92 -43.29 -35.87 9.33
CA VAL A 92 -42.37 -36.99 9.46
C VAL A 92 -41.17 -36.75 8.56
N PHE A 93 -39.98 -36.86 9.11
CA PHE A 93 -38.75 -36.73 8.32
C PHE A 93 -37.97 -38.04 8.37
N GLY A 94 -37.47 -38.46 7.21
CA GLY A 94 -36.71 -39.69 7.13
C GLY A 94 -36.08 -39.83 5.75
N SER A 95 -35.49 -40.99 5.52
CA SER A 95 -34.90 -41.29 4.21
C SER A 95 -35.58 -42.45 3.51
N THR A 96 -35.59 -43.63 4.12
CA THR A 96 -36.21 -44.84 3.59
C THR A 96 -37.68 -44.97 3.95
N MET A 97 -38.08 -44.44 5.10
CA MET A 97 -39.47 -44.31 5.53
C MET A 97 -40.11 -45.66 5.82
N ASN A 98 -39.27 -46.65 6.13
CA ASN A 98 -39.69 -47.99 6.53
C ASN A 98 -39.22 -48.23 7.96
N ASN A 99 -39.36 -49.47 8.43
CA ASN A 99 -38.89 -49.84 9.76
C ASN A 99 -37.37 -49.97 9.85
N LYS A 100 -36.61 -49.67 8.80
CA LYS A 100 -35.22 -50.08 8.74
C LYS A 100 -34.26 -48.93 9.05
N SER A 101 -34.72 -47.68 8.97
CA SER A 101 -33.87 -46.54 9.27
C SER A 101 -34.59 -45.67 10.28
N GLN A 102 -33.85 -44.74 10.89
CA GLN A 102 -34.44 -43.79 11.82
C GLN A 102 -35.27 -42.72 11.12
N SER A 103 -36.37 -42.33 11.78
CA SER A 103 -37.22 -41.24 11.33
C SER A 103 -37.64 -40.42 12.55
N VAL A 104 -37.94 -39.15 12.32
CA VAL A 104 -38.34 -38.23 13.37
C VAL A 104 -39.73 -37.65 13.09
N ILE A 105 -40.59 -37.65 14.11
CA ILE A 105 -41.94 -37.09 14.01
C ILE A 105 -42.02 -35.87 14.90
N ILE A 106 -42.48 -34.76 14.32
CA ILE A 106 -42.68 -33.53 15.06
C ILE A 106 -44.17 -33.28 14.88
N ILE A 107 -44.95 -33.51 15.94
CA ILE A 107 -46.39 -33.39 15.83
C ILE A 107 -46.99 -32.65 17.02
N ASN A 108 -48.21 -32.14 16.81
CA ASN A 108 -49.09 -31.60 17.84
C ASN A 108 -50.30 -32.52 17.98
N ASN A 109 -50.50 -33.08 19.17
CA ASN A 109 -51.61 -33.98 19.44
C ASN A 109 -52.74 -33.30 20.21
N SER A 110 -52.93 -31.99 19.94
CA SER A 110 -53.95 -31.08 20.47
C SER A 110 -53.76 -30.69 21.94
N THR A 111 -52.76 -31.22 22.65
CA THR A 111 -52.56 -30.70 24.00
C THR A 111 -51.11 -30.24 24.18
N ASN A 112 -50.16 -30.92 23.54
CA ASN A 112 -48.75 -30.56 23.62
C ASN A 112 -48.14 -30.79 22.24
N VAL A 113 -46.96 -30.24 22.02
CA VAL A 113 -46.14 -30.56 20.85
C VAL A 113 -45.01 -31.51 21.25
N VAL A 114 -45.00 -32.68 20.64
CA VAL A 114 -44.07 -33.76 20.95
C VAL A 114 -43.21 -34.05 19.74
N ILE A 115 -41.90 -34.17 19.97
CA ILE A 115 -40.90 -34.50 18.96
C ILE A 115 -40.21 -35.78 19.37
N ARG A 116 -40.15 -36.74 18.44
CA ARG A 116 -39.68 -38.08 18.77
C ARG A 116 -38.91 -38.63 17.58
N ALA A 117 -37.63 -38.94 17.79
CA ALA A 117 -36.78 -39.48 16.74
C ALA A 117 -36.48 -40.91 17.15
N CYS A 118 -37.02 -41.85 16.38
CA CYS A 118 -36.97 -43.27 16.72
C CYS A 118 -36.91 -44.07 15.42
N ASN A 119 -37.26 -45.35 15.51
CA ASN A 119 -37.21 -46.34 14.43
C ASN A 119 -38.55 -47.07 14.29
N PHE A 120 -39.42 -46.58 13.39
CA PHE A 120 -40.81 -47.00 13.32
C PHE A 120 -41.21 -47.46 11.93
N GLU A 121 -42.25 -48.30 11.91
CA GLU A 121 -42.77 -48.89 10.69
C GLU A 121 -43.82 -47.90 10.20
N LEU A 122 -43.57 -47.28 9.05
CA LEU A 122 -44.52 -46.25 8.66
C LEU A 122 -45.76 -46.86 8.03
N CYS A 123 -46.84 -46.09 8.02
CA CYS A 123 -48.07 -46.48 7.36
C CYS A 123 -48.21 -45.74 6.04
N ASP A 124 -48.89 -46.40 5.09
CA ASP A 124 -49.08 -45.78 3.78
C ASP A 124 -50.06 -44.62 3.84
N ASN A 125 -51.01 -44.65 4.78
CA ASN A 125 -52.00 -43.59 4.95
C ASN A 125 -52.05 -43.10 6.38
N PRO A 126 -51.13 -42.22 6.77
CA PRO A 126 -51.13 -41.74 8.17
C PRO A 126 -52.16 -40.62 8.32
N PHE A 127 -52.96 -40.70 9.38
CA PHE A 127 -54.07 -39.78 9.57
C PHE A 127 -54.53 -39.82 11.02
N PHE A 128 -55.45 -38.93 11.34
CA PHE A 128 -56.11 -38.89 12.65
C PHE A 128 -57.57 -39.31 12.54
N THR A 140 -56.28 -43.09 15.43
CA THR A 140 -55.27 -42.02 15.24
C THR A 140 -53.87 -42.57 15.49
N MET A 141 -53.41 -43.53 14.69
CA MET A 141 -52.02 -44.02 14.87
C MET A 141 -51.17 -43.70 13.63
N ILE A 142 -50.05 -42.99 13.81
CA ILE A 142 -49.10 -42.74 12.69
C ILE A 142 -48.10 -43.90 12.60
N PHE A 143 -48.03 -44.76 13.62
CA PHE A 143 -46.97 -45.80 13.64
C PHE A 143 -47.51 -47.16 14.08
N ASP A 144 -46.84 -48.25 13.69
CA ASP A 144 -47.22 -49.62 14.14
C ASP A 144 -46.38 -50.01 15.37
N ASN A 145 -45.05 -49.91 15.32
CA ASN A 145 -44.24 -50.19 16.50
C ASN A 145 -42.89 -49.48 16.45
N ALA A 146 -42.31 -49.31 17.64
CA ALA A 146 -41.08 -48.55 17.85
C ALA A 146 -40.20 -49.38 18.77
N PHE A 147 -38.88 -49.30 18.60
CA PHE A 147 -38.01 -50.09 19.48
C PHE A 147 -36.62 -49.49 19.67
N ASN A 148 -36.04 -48.87 18.64
CA ASN A 148 -34.71 -48.28 18.76
C ASN A 148 -34.79 -46.77 18.91
N CYS A 149 -35.53 -46.31 19.92
CA CYS A 149 -35.78 -44.88 20.05
C CYS A 149 -34.57 -44.16 20.64
N THR A 150 -34.20 -43.05 20.00
CA THR A 150 -33.02 -42.29 20.34
C THR A 150 -33.34 -40.97 21.04
N PHE A 151 -34.27 -40.17 20.50
CA PHE A 151 -34.52 -38.84 21.05
C PHE A 151 -35.99 -38.65 21.34
N GLU A 152 -36.26 -37.94 22.44
CA GLU A 152 -37.61 -37.72 22.95
C GLU A 152 -37.72 -36.32 23.52
N TYR A 153 -38.78 -35.59 23.17
CA TYR A 153 -39.02 -34.30 23.80
C TYR A 153 -40.51 -34.02 23.85
N ILE A 154 -40.98 -33.64 25.03
CA ILE A 154 -42.39 -33.33 25.27
C ILE A 154 -42.48 -31.90 25.80
N SER A 155 -43.34 -31.10 25.19
CA SER A 155 -43.56 -29.73 25.63
C SER A 155 -44.59 -29.69 26.76
N ASP A 156 -44.86 -28.49 27.25
CA ASP A 156 -45.88 -28.30 28.27
C ASP A 156 -47.27 -28.34 27.64
N ALA A 157 -48.26 -28.70 28.45
CA ALA A 157 -49.61 -28.84 27.94
C ALA A 157 -50.24 -27.49 27.65
N PHE A 158 -51.09 -27.46 26.64
CA PHE A 158 -51.85 -26.27 26.28
C PHE A 158 -53.17 -26.24 27.05
N LYS A 170 -57.74 -18.27 7.18
CA LYS A 170 -57.77 -17.11 8.07
C LYS A 170 -56.43 -16.99 8.80
N HIS A 171 -55.69 -18.11 8.84
CA HIS A 171 -54.42 -18.20 9.55
C HIS A 171 -53.36 -18.66 8.57
N LEU A 172 -52.15 -18.10 8.69
CA LEU A 172 -51.03 -18.52 7.87
C LEU A 172 -49.85 -18.84 8.78
N ARG A 173 -49.38 -20.09 8.73
CA ARG A 173 -48.28 -20.54 9.58
C ARG A 173 -47.11 -20.93 8.71
N GLU A 174 -45.95 -20.33 8.94
CA GLU A 174 -44.77 -20.47 8.10
C GLU A 174 -43.65 -21.12 8.90
N PHE A 175 -42.94 -22.04 8.25
CA PHE A 175 -41.86 -22.79 8.88
C PHE A 175 -40.69 -22.86 7.91
N VAL A 176 -39.49 -22.87 8.48
CA VAL A 176 -38.27 -23.14 7.75
C VAL A 176 -37.56 -24.31 8.42
N PHE A 177 -37.26 -25.35 7.65
CA PHE A 177 -36.57 -26.53 8.13
C PHE A 177 -35.20 -26.63 7.46
N LYS A 178 -34.15 -26.83 8.26
CA LYS A 178 -32.82 -27.01 7.69
C LYS A 178 -32.01 -28.04 8.46
N ASN A 179 -31.19 -28.79 7.73
CA ASN A 179 -30.40 -29.87 8.29
C ASN A 179 -28.93 -29.50 8.12
N LYS A 180 -28.17 -29.50 9.22
CA LYS A 180 -26.78 -29.04 9.16
C LYS A 180 -26.00 -29.57 10.35
N ASP A 181 -24.93 -30.34 10.06
CA ASP A 181 -24.00 -30.84 11.07
C ASP A 181 -24.70 -31.66 12.16
N GLY A 182 -25.64 -32.50 11.75
CA GLY A 182 -26.38 -33.30 12.69
C GLY A 182 -27.41 -32.56 13.50
N PHE A 183 -27.74 -31.32 13.12
CA PHE A 183 -28.76 -30.53 13.80
C PHE A 183 -29.89 -30.21 12.82
N LEU A 184 -31.11 -30.34 13.30
CA LEU A 184 -32.29 -29.90 12.56
C LEU A 184 -32.75 -28.57 13.15
N TYR A 185 -32.69 -27.51 12.35
CA TYR A 185 -33.16 -26.19 12.78
C TYR A 185 -34.57 -25.98 12.28
N VAL A 186 -35.43 -25.50 13.17
CA VAL A 186 -36.82 -25.17 12.87
C VAL A 186 -37.03 -23.70 13.20
N TYR A 187 -37.57 -22.94 12.23
CA TYR A 187 -37.96 -21.55 12.40
C TYR A 187 -39.45 -21.41 12.14
N LYS A 188 -40.13 -20.57 12.93
CA LYS A 188 -41.58 -20.45 12.90
C LYS A 188 -42.00 -19.00 12.79
N GLY A 189 -43.09 -18.75 12.06
CA GLY A 189 -43.71 -17.44 12.00
C GLY A 189 -45.20 -17.56 11.75
N TYR A 190 -45.93 -16.50 12.11
CA TYR A 190 -47.39 -16.50 12.07
C TYR A 190 -47.89 -15.21 11.44
N GLN A 191 -48.98 -15.31 10.68
CA GLN A 191 -49.59 -14.13 10.06
C GLN A 191 -51.09 -14.31 9.86
N PRO A 192 -51.93 -13.38 10.33
CA PRO A 192 -53.36 -13.45 10.01
C PRO A 192 -53.64 -12.92 8.60
N ILE A 193 -54.30 -13.74 7.79
CA ILE A 193 -54.63 -13.43 6.40
C ILE A 193 -56.12 -13.64 6.19
N ASP A 194 -56.56 -13.40 4.95
CA ASP A 194 -57.96 -13.59 4.56
C ASP A 194 -58.13 -14.28 3.21
N VAL A 195 -57.05 -14.49 2.45
CA VAL A 195 -57.15 -15.08 1.11
C VAL A 195 -57.66 -16.52 1.19
N VAL A 196 -58.19 -17.00 0.07
CA VAL A 196 -58.86 -18.29 0.07
C VAL A 196 -58.18 -19.33 -0.82
N ARG A 197 -57.40 -18.93 -1.83
CA ARG A 197 -56.83 -19.88 -2.77
C ARG A 197 -55.31 -19.89 -2.73
N ASP A 198 -54.66 -18.74 -2.93
CA ASP A 198 -53.23 -18.69 -3.20
C ASP A 198 -52.46 -18.28 -1.95
N LEU A 199 -51.14 -18.39 -2.05
CA LEU A 199 -50.26 -17.85 -1.03
C LEU A 199 -50.18 -16.34 -1.15
N PRO A 200 -50.56 -15.59 -0.12
CA PRO A 200 -50.61 -14.13 -0.25
C PRO A 200 -49.22 -13.52 -0.32
N SER A 201 -49.13 -12.39 -1.02
CA SER A 201 -47.87 -11.66 -1.10
C SER A 201 -47.62 -10.90 0.20
N GLY A 202 -46.37 -10.59 0.45
CA GLY A 202 -46.00 -9.79 1.60
C GLY A 202 -44.60 -10.14 2.07
N PHE A 203 -44.30 -9.65 3.27
CA PHE A 203 -42.99 -9.83 3.90
C PHE A 203 -43.21 -10.16 5.37
N ASN A 204 -42.56 -11.21 5.85
CA ASN A 204 -42.71 -11.63 7.24
C ASN A 204 -41.46 -12.38 7.67
N THR A 205 -40.92 -11.99 8.82
CA THR A 205 -39.66 -12.51 9.33
C THR A 205 -39.91 -13.62 10.34
N LEU A 206 -39.14 -14.71 10.21
CA LEU A 206 -39.30 -15.90 11.03
C LEU A 206 -38.26 -15.92 12.14
N LYS A 207 -38.61 -16.55 13.25
CA LYS A 207 -37.80 -16.60 14.46
C LYS A 207 -37.40 -18.04 14.78
N PRO A 208 -36.23 -18.27 15.38
CA PRO A 208 -35.81 -19.65 15.67
C PRO A 208 -36.58 -20.21 16.84
N ILE A 209 -37.01 -21.46 16.71
CA ILE A 209 -37.76 -22.13 17.76
C ILE A 209 -37.09 -23.45 18.16
N PHE A 210 -36.37 -24.08 17.23
CA PHE A 210 -35.85 -25.41 17.56
C PHE A 210 -34.48 -25.66 16.95
N LYS A 211 -33.60 -26.29 17.73
CA LYS A 211 -32.31 -26.77 17.23
C LYS A 211 -32.11 -28.17 17.81
N LEU A 212 -32.57 -29.19 17.07
CA LEU A 212 -32.68 -30.56 17.55
C LEU A 212 -31.45 -31.37 17.18
N PRO A 213 -30.76 -32.00 18.14
CA PRO A 213 -29.59 -32.85 17.83
C PRO A 213 -29.97 -34.27 17.43
N LEU A 214 -30.34 -34.45 16.17
CA LEU A 214 -30.89 -35.72 15.73
C LEU A 214 -29.86 -36.63 15.08
N GLY A 215 -29.03 -36.09 14.18
CA GLY A 215 -28.10 -36.94 13.45
C GLY A 215 -28.75 -37.92 12.48
N ILE A 216 -29.75 -37.47 11.72
CA ILE A 216 -30.57 -38.35 10.90
C ILE A 216 -30.38 -37.99 9.44
N ASN A 217 -30.23 -39.02 8.60
CA ASN A 217 -30.27 -38.85 7.15
C ASN A 217 -31.67 -38.43 6.73
N ILE A 218 -31.83 -37.18 6.33
CA ILE A 218 -33.13 -36.66 5.92
C ILE A 218 -33.08 -36.36 4.44
N THR A 219 -33.83 -37.12 3.65
CA THR A 219 -33.99 -36.84 2.22
C THR A 219 -35.44 -36.71 1.79
N ASN A 220 -36.40 -37.19 2.58
CA ASN A 220 -37.80 -37.22 2.22
C ASN A 220 -38.63 -36.75 3.41
N PHE A 221 -39.82 -36.24 3.14
CA PHE A 221 -40.72 -35.88 4.23
C PHE A 221 -42.17 -35.98 3.76
N ARG A 222 -43.08 -35.96 4.72
CA ARG A 222 -44.51 -36.07 4.46
C ARG A 222 -45.26 -35.35 5.58
N ALA A 223 -46.34 -34.67 5.23
CA ALA A 223 -47.18 -33.98 6.20
C ALA A 223 -48.25 -34.91 6.77
N ILE A 224 -48.75 -34.56 7.94
CA ILE A 224 -49.79 -35.34 8.62
C ILE A 224 -51.03 -34.46 8.78
N LEU A 225 -52.17 -34.97 8.34
CA LEU A 225 -53.41 -34.21 8.31
C LEU A 225 -54.45 -34.90 9.20
N THR A 226 -55.57 -34.20 9.40
CA THR A 226 -56.68 -34.75 10.16
C THR A 226 -57.77 -35.21 9.20
N ALA A 227 -58.44 -36.30 9.57
CA ALA A 227 -59.52 -36.86 8.75
C ALA A 227 -60.74 -35.97 8.78
N ALA A 239 -60.84 -26.00 1.93
CA ALA A 239 -60.45 -26.07 3.33
C ALA A 239 -59.00 -25.63 3.52
N ALA A 240 -58.15 -26.56 3.93
CA ALA A 240 -56.74 -26.26 4.17
C ALA A 240 -55.93 -26.44 2.89
N ALA A 241 -54.78 -25.77 2.85
CA ALA A 241 -53.81 -25.96 1.80
C ALA A 241 -52.41 -25.75 2.37
N TYR A 242 -51.41 -26.36 1.73
CA TYR A 242 -50.05 -26.12 2.16
C TYR A 242 -49.10 -26.04 0.97
N PHE A 243 -48.05 -25.25 1.12
CA PHE A 243 -47.16 -24.89 0.03
C PHE A 243 -45.73 -25.20 0.44
N VAL A 244 -44.95 -25.70 -0.53
CA VAL A 244 -43.58 -26.16 -0.29
C VAL A 244 -42.65 -25.46 -1.28
N GLY A 245 -41.55 -24.91 -0.76
CA GLY A 245 -40.49 -24.38 -1.60
C GLY A 245 -39.13 -24.81 -1.08
N TYR A 246 -38.11 -24.64 -1.92
CA TYR A 246 -36.78 -25.16 -1.65
C TYR A 246 -35.78 -24.03 -1.46
N LEU A 247 -34.84 -24.24 -0.54
CA LEU A 247 -33.82 -23.26 -0.21
C LEU A 247 -32.59 -23.44 -1.07
N LYS A 248 -31.88 -22.35 -1.31
CA LYS A 248 -30.66 -22.33 -2.12
C LYS A 248 -29.60 -21.50 -1.40
N PRO A 249 -28.31 -21.79 -1.64
CA PRO A 249 -27.26 -20.93 -1.08
C PRO A 249 -27.20 -19.61 -1.83
N THR A 250 -27.47 -18.52 -1.13
CA THR A 250 -27.72 -17.23 -1.75
C THR A 250 -27.18 -16.15 -0.80
N THR A 251 -26.79 -15.01 -1.38
CA THR A 251 -26.40 -13.83 -0.62
C THR A 251 -27.59 -12.87 -0.52
N PHE A 252 -27.92 -12.47 0.71
CA PHE A 252 -28.96 -11.50 0.98
C PHE A 252 -28.35 -10.28 1.67
N MET A 253 -29.06 -9.16 1.60
CA MET A 253 -28.73 -7.99 2.40
C MET A 253 -29.97 -7.59 3.20
N LEU A 254 -29.84 -7.55 4.52
CA LEU A 254 -30.97 -7.33 5.42
C LEU A 254 -30.85 -5.97 6.08
N LYS A 255 -32.01 -5.35 6.32
CA LYS A 255 -32.07 -4.05 6.98
C LYS A 255 -32.67 -4.22 8.36
N TYR A 256 -32.06 -3.56 9.34
CA TYR A 256 -32.52 -3.59 10.72
C TYR A 256 -33.15 -2.25 11.08
N ASP A 257 -34.14 -2.31 11.97
CA ASP A 257 -34.80 -1.10 12.44
C ASP A 257 -33.98 -0.47 13.57
N GLU A 258 -34.57 0.50 14.25
CA GLU A 258 -34.04 0.99 15.52
C GLU A 258 -34.44 0.11 16.70
N ASN A 259 -35.40 -0.79 16.50
CA ASN A 259 -35.79 -1.77 17.51
C ASN A 259 -35.09 -3.11 17.33
N GLY A 260 -34.16 -3.20 16.38
CA GLY A 260 -33.49 -4.46 16.08
C GLY A 260 -34.36 -5.49 15.43
N THR A 261 -35.19 -5.08 14.48
CA THR A 261 -36.10 -5.97 13.76
C THR A 261 -35.78 -5.90 12.27
N ILE A 262 -35.79 -7.05 11.62
CA ILE A 262 -35.60 -7.11 10.17
C ILE A 262 -36.92 -6.75 9.51
N THR A 263 -36.92 -5.70 8.69
CA THR A 263 -38.13 -5.25 8.01
C THR A 263 -38.03 -5.19 6.50
N ASP A 264 -36.83 -5.29 5.92
CA ASP A 264 -36.61 -5.32 4.47
C ASP A 264 -35.36 -6.10 4.15
N ALA A 265 -35.30 -6.60 2.91
CA ALA A 265 -34.18 -7.38 2.45
C ALA A 265 -34.04 -7.21 0.94
N VAL A 266 -32.84 -7.48 0.45
CA VAL A 266 -32.52 -7.44 -0.98
C VAL A 266 -31.86 -8.75 -1.35
N ASP A 267 -32.40 -9.42 -2.37
CA ASP A 267 -31.83 -10.65 -2.91
C ASP A 267 -30.84 -10.25 -3.99
N CYS A 268 -29.55 -10.49 -3.75
CA CYS A 268 -28.49 -9.94 -4.58
C CYS A 268 -28.38 -10.61 -5.95
N SER A 269 -29.09 -11.70 -6.20
CA SER A 269 -28.98 -12.43 -7.46
C SER A 269 -30.27 -12.38 -8.27
N GLN A 270 -31.17 -11.44 -7.95
CA GLN A 270 -32.46 -11.40 -8.62
C GLN A 270 -32.39 -10.71 -9.97
N ASN A 271 -31.74 -9.53 -10.01
CA ASN A 271 -31.65 -8.73 -11.22
C ASN A 271 -30.47 -7.77 -11.07
N PRO A 272 -29.98 -7.17 -12.16
CA PRO A 272 -28.81 -6.29 -12.06
C PRO A 272 -28.98 -5.08 -11.13
N LEU A 273 -30.22 -4.59 -10.96
CA LEU A 273 -30.45 -3.51 -10.01
C LEU A 273 -30.15 -3.95 -8.58
N ALA A 274 -30.52 -5.18 -8.23
CA ALA A 274 -30.21 -5.71 -6.91
C ALA A 274 -28.72 -5.95 -6.75
N GLU A 275 -28.03 -6.35 -7.82
CA GLU A 275 -26.57 -6.47 -7.78
C GLU A 275 -25.93 -5.12 -7.49
N LEU A 276 -26.44 -4.07 -8.13
CA LEU A 276 -25.94 -2.73 -7.87
C LEU A 276 -26.21 -2.30 -6.43
N LYS A 277 -27.41 -2.61 -5.93
CA LYS A 277 -27.74 -2.27 -4.54
C LYS A 277 -26.85 -2.98 -3.55
N CYS A 278 -26.58 -4.27 -3.78
CA CYS A 278 -25.68 -5.02 -2.89
C CYS A 278 -24.23 -4.59 -3.03
N SER A 279 -23.83 -4.08 -4.20
CA SER A 279 -22.45 -3.62 -4.37
C SER A 279 -22.19 -2.34 -3.59
N VAL A 280 -23.12 -1.38 -3.63
CA VAL A 280 -22.91 -0.11 -2.93
C VAL A 280 -23.42 -0.13 -1.49
N LYS A 281 -24.10 -1.21 -1.08
CA LYS A 281 -24.69 -1.36 0.26
C LYS A 281 -25.62 -0.20 0.60
N SER A 282 -26.63 -0.01 -0.24
CA SER A 282 -27.64 1.02 0.00
C SER A 282 -28.95 0.63 -0.67
N PHE A 283 -30.05 1.14 -0.12
CA PHE A 283 -31.36 0.93 -0.69
C PHE A 283 -31.78 2.00 -1.69
N GLU A 284 -30.99 3.05 -1.84
CA GLU A 284 -31.33 4.16 -2.73
C GLU A 284 -30.18 4.38 -3.72
N ILE A 285 -30.54 4.51 -4.99
CA ILE A 285 -29.56 4.72 -6.05
C ILE A 285 -29.88 6.05 -6.72
N ASP A 286 -28.84 6.87 -6.91
CA ASP A 286 -28.96 8.16 -7.58
C ASP A 286 -29.03 7.97 -9.09
N LYS A 287 -29.37 9.05 -9.80
CA LYS A 287 -29.48 9.00 -11.26
C LYS A 287 -28.11 8.86 -11.92
N GLY A 288 -28.01 7.95 -12.88
CA GLY A 288 -26.77 7.80 -13.61
C GLY A 288 -26.60 6.41 -14.20
N ILE A 289 -25.37 6.15 -14.62
CA ILE A 289 -24.96 4.88 -15.22
C ILE A 289 -23.84 4.29 -14.37
N TYR A 290 -23.93 2.99 -14.09
CA TYR A 290 -23.01 2.33 -13.18
C TYR A 290 -22.49 1.06 -13.81
N GLN A 291 -21.18 0.83 -13.71
CA GLN A 291 -20.56 -0.37 -14.24
C GLN A 291 -20.71 -1.50 -13.23
N THR A 292 -21.54 -2.50 -13.54
CA THR A 292 -21.75 -3.60 -12.61
C THR A 292 -20.77 -4.72 -12.93
N SER A 293 -20.98 -5.89 -12.32
CA SER A 293 -20.12 -7.03 -12.55
C SER A 293 -20.30 -7.56 -13.98
N ASN A 294 -19.27 -8.25 -14.46
CA ASN A 294 -19.27 -8.77 -15.81
C ASN A 294 -20.28 -9.90 -15.97
N PHE A 295 -20.55 -10.24 -17.23
CA PHE A 295 -21.59 -11.22 -17.53
C PHE A 295 -21.10 -12.60 -17.15
N ARG A 296 -21.88 -13.31 -16.32
CA ARG A 296 -21.50 -14.64 -15.89
C ARG A 296 -22.57 -15.65 -16.27
N VAL A 297 -22.12 -16.89 -16.50
CA VAL A 297 -22.99 -18.04 -16.68
C VAL A 297 -22.62 -19.06 -15.61
N VAL A 298 -23.59 -19.89 -15.23
CA VAL A 298 -23.35 -20.92 -14.23
C VAL A 298 -22.99 -22.22 -14.97
N PRO A 299 -22.17 -23.08 -14.38
CA PRO A 299 -21.89 -24.37 -15.02
C PRO A 299 -23.10 -25.28 -15.04
N SER A 300 -23.16 -26.13 -16.06
CA SER A 300 -24.30 -27.01 -16.29
C SER A 300 -23.97 -28.47 -16.05
N GLY A 301 -22.95 -29.00 -16.73
CA GLY A 301 -22.61 -30.40 -16.67
C GLY A 301 -21.32 -30.68 -15.91
N ASP A 302 -21.04 -31.98 -15.79
CA ASP A 302 -19.84 -32.47 -15.12
C ASP A 302 -19.07 -33.39 -16.06
N VAL A 303 -17.75 -33.20 -16.11
CA VAL A 303 -16.86 -34.02 -16.92
C VAL A 303 -15.79 -34.56 -15.99
N VAL A 304 -15.63 -35.88 -15.97
CA VAL A 304 -14.57 -36.54 -15.22
C VAL A 304 -13.79 -37.42 -16.20
N ARG A 305 -12.50 -37.16 -16.34
CA ARG A 305 -11.66 -37.93 -17.27
C ARG A 305 -10.46 -38.48 -16.52
N PHE A 306 -10.40 -39.80 -16.41
CA PHE A 306 -9.34 -40.56 -15.76
C PHE A 306 -8.82 -41.61 -16.72
N PRO A 307 -7.55 -42.04 -16.56
CA PRO A 307 -7.05 -43.15 -17.37
C PRO A 307 -7.82 -44.43 -17.05
N ASN A 308 -7.95 -45.29 -18.06
CA ASN A 308 -8.71 -46.53 -17.91
C ASN A 308 -7.79 -47.62 -17.38
N ILE A 309 -7.93 -47.92 -16.09
CA ILE A 309 -7.08 -48.86 -15.38
C ILE A 309 -7.99 -49.92 -14.78
N THR A 310 -7.55 -51.19 -14.81
CA THR A 310 -8.36 -52.30 -14.35
C THR A 310 -7.85 -52.99 -13.09
N ASN A 311 -6.54 -53.10 -12.91
CA ASN A 311 -5.99 -53.92 -11.84
C ASN A 311 -6.07 -53.23 -10.48
N LEU A 312 -6.45 -53.99 -9.46
CA LEU A 312 -6.34 -53.51 -8.09
C LEU A 312 -4.87 -53.43 -7.70
N CYS A 313 -4.57 -52.45 -6.87
CA CYS A 313 -3.17 -52.09 -6.74
C CYS A 313 -2.53 -52.90 -5.61
N PRO A 314 -1.29 -53.41 -5.77
CA PRO A 314 -0.81 -54.50 -4.92
C PRO A 314 -0.58 -54.16 -3.45
N PHE A 315 -1.67 -54.00 -2.70
CA PHE A 315 -1.56 -53.81 -1.25
C PHE A 315 -1.03 -55.07 -0.57
N GLY A 316 -1.47 -56.24 -1.05
CA GLY A 316 -1.07 -57.50 -0.42
C GLY A 316 0.39 -57.83 -0.60
N GLU A 317 0.97 -57.47 -1.74
CA GLU A 317 2.37 -57.79 -2.00
C GLU A 317 3.30 -56.91 -1.18
N VAL A 318 2.88 -55.69 -0.86
CA VAL A 318 3.70 -54.74 -0.11
C VAL A 318 3.50 -54.95 1.39
N PHE A 319 2.25 -54.87 1.85
CA PHE A 319 1.99 -54.92 3.29
C PHE A 319 2.06 -56.33 3.86
N ASN A 320 1.92 -57.37 3.05
CA ASN A 320 1.96 -58.76 3.53
C ASN A 320 3.07 -59.47 2.76
N ALA A 321 4.29 -59.32 3.24
CA ALA A 321 5.46 -59.98 2.68
C ALA A 321 6.17 -60.75 3.78
N THR A 322 6.80 -61.87 3.41
CA THR A 322 7.42 -62.71 4.41
C THR A 322 8.72 -62.12 4.95
N LYS A 323 9.32 -61.16 4.24
CA LYS A 323 10.64 -60.67 4.61
C LYS A 323 10.76 -59.19 4.25
N PHE A 324 11.06 -58.38 5.25
CA PHE A 324 11.42 -56.97 5.17
C PHE A 324 12.89 -56.78 5.50
N PRO A 325 13.57 -55.85 4.84
CA PRO A 325 15.00 -55.67 5.08
C PRO A 325 15.25 -54.82 6.33
N SER A 326 16.53 -54.70 6.66
CA SER A 326 16.96 -53.82 7.74
C SER A 326 16.86 -52.36 7.30
N VAL A 327 16.93 -51.46 8.29
CA VAL A 327 16.75 -50.04 8.01
C VAL A 327 17.97 -49.47 7.27
N TYR A 328 19.16 -50.02 7.49
CA TYR A 328 20.32 -49.53 6.76
C TYR A 328 20.32 -50.02 5.31
N ALA A 329 19.57 -51.07 5.02
CA ALA A 329 19.48 -51.63 3.67
C ALA A 329 18.04 -51.61 3.17
N TRP A 330 17.36 -50.47 3.34
CA TRP A 330 15.93 -50.35 3.02
C TRP A 330 15.71 -50.54 1.52
N GLU A 331 14.50 -50.99 1.16
CA GLU A 331 14.26 -51.36 -0.24
C GLU A 331 13.21 -50.45 -0.86
N ARG A 332 13.35 -50.22 -2.16
CA ARG A 332 12.49 -49.31 -2.91
C ARG A 332 11.84 -50.05 -4.07
N LYS A 333 10.53 -49.86 -4.23
CA LYS A 333 9.76 -50.51 -5.28
C LYS A 333 8.88 -49.49 -5.99
N LYS A 334 8.83 -49.59 -7.32
CA LYS A 334 8.03 -48.70 -8.13
C LYS A 334 6.59 -49.20 -8.22
N ILE A 335 5.63 -48.28 -8.13
CA ILE A 335 4.21 -48.63 -8.24
C ILE A 335 3.68 -47.95 -9.49
N SER A 336 3.02 -48.73 -10.35
CA SER A 336 2.57 -48.21 -11.64
C SER A 336 1.39 -49.02 -12.13
N ASN A 337 0.50 -48.33 -12.86
CA ASN A 337 -0.64 -48.93 -13.56
C ASN A 337 -1.59 -49.65 -12.60
N CYS A 338 -2.13 -48.89 -11.64
CA CYS A 338 -2.96 -49.53 -10.63
C CYS A 338 -4.04 -48.56 -10.14
N VAL A 339 -5.07 -49.17 -9.53
CA VAL A 339 -6.20 -48.48 -8.90
C VAL A 339 -6.02 -48.64 -7.41
N ALA A 340 -5.89 -47.54 -6.67
CA ALA A 340 -5.54 -47.65 -5.27
C ALA A 340 -6.76 -47.31 -4.41
N ASP A 341 -7.52 -48.36 -4.10
CA ASP A 341 -8.71 -48.34 -3.26
C ASP A 341 -8.22 -48.89 -1.93
N TYR A 342 -7.78 -48.00 -1.06
CA TYR A 342 -7.47 -48.35 0.32
C TYR A 342 -8.68 -48.76 1.16
N SER A 343 -9.90 -48.94 0.65
CA SER A 343 -10.98 -49.39 1.50
C SER A 343 -11.07 -50.90 1.60
N VAL A 344 -10.27 -51.63 0.81
CA VAL A 344 -10.16 -53.08 0.98
C VAL A 344 -9.26 -53.46 2.14
N LEU A 345 -8.52 -52.51 2.71
CA LEU A 345 -7.68 -52.76 3.87
C LEU A 345 -8.44 -52.68 5.18
N TYR A 346 -9.69 -52.24 5.14
CA TYR A 346 -10.47 -52.03 6.36
C TYR A 346 -10.91 -53.33 7.03
N ASN A 347 -10.73 -54.47 6.36
CA ASN A 347 -11.15 -55.74 6.92
C ASN A 347 -10.05 -56.44 7.69
N SER A 348 -8.80 -56.27 7.29
CA SER A 348 -7.76 -57.14 7.85
C SER A 348 -6.58 -56.39 8.43
N THR A 349 -6.13 -55.31 7.80
CA THR A 349 -4.85 -54.69 8.16
C THR A 349 -5.10 -53.33 8.80
N PHE A 350 -4.40 -53.08 9.90
CA PHE A 350 -4.55 -51.86 10.67
C PHE A 350 -3.18 -51.31 11.01
N PHE A 351 -3.05 -49.98 11.00
CA PHE A 351 -1.76 -49.32 11.16
C PHE A 351 -1.75 -48.56 12.46
N SER A 352 -0.64 -48.63 13.20
CA SER A 352 -0.54 -47.86 14.42
C SER A 352 -0.28 -46.39 14.13
N THR A 353 0.54 -46.07 13.14
CA THR A 353 0.72 -44.67 12.76
C THR A 353 0.56 -44.52 11.25
N PHE A 354 -0.09 -43.44 10.84
CA PHE A 354 -0.22 -43.13 9.42
C PHE A 354 -0.32 -41.62 9.29
N LYS A 355 0.73 -40.98 8.80
CA LYS A 355 0.75 -39.53 8.73
C LYS A 355 1.26 -39.10 7.37
N CYS A 356 0.52 -38.23 6.70
CA CYS A 356 0.93 -37.77 5.38
C CYS A 356 1.19 -36.27 5.27
N TYR A 357 2.13 -35.96 4.39
CA TYR A 357 2.64 -34.61 4.16
C TYR A 357 2.54 -34.22 2.69
N GLY A 358 1.96 -33.04 2.45
CA GLY A 358 1.76 -32.47 1.14
C GLY A 358 0.37 -32.59 0.57
N VAL A 359 -0.52 -33.33 1.24
CA VAL A 359 -1.86 -33.59 0.73
C VAL A 359 -2.72 -34.02 1.91
N SER A 360 -3.94 -33.49 1.97
CA SER A 360 -4.87 -33.90 3.02
C SER A 360 -5.39 -35.29 2.72
N ALA A 361 -5.72 -36.02 3.79
CA ALA A 361 -6.10 -37.42 3.63
C ALA A 361 -7.48 -37.55 2.99
N THR A 362 -8.39 -36.62 3.31
CA THR A 362 -9.77 -36.70 2.81
C THR A 362 -9.88 -36.50 1.30
N LYS A 363 -8.84 -36.03 0.63
CA LYS A 363 -8.86 -35.87 -0.82
C LYS A 363 -8.14 -36.99 -1.57
N LEU A 364 -7.63 -38.01 -0.86
CA LEU A 364 -6.84 -39.06 -1.50
C LEU A 364 -7.63 -39.90 -2.49
N ASN A 365 -8.96 -39.89 -2.42
CA ASN A 365 -9.79 -40.63 -3.36
C ASN A 365 -10.16 -39.83 -4.61
N ASP A 366 -9.82 -38.55 -4.67
CA ASP A 366 -10.21 -37.69 -5.78
C ASP A 366 -9.06 -37.32 -6.68
N LEU A 367 -7.89 -37.94 -6.50
CA LEU A 367 -6.68 -37.53 -7.17
C LEU A 367 -6.09 -38.69 -7.95
N CYS A 368 -5.01 -38.39 -8.68
CA CYS A 368 -4.25 -39.39 -9.42
C CYS A 368 -2.78 -39.02 -9.34
N PHE A 369 -1.92 -40.02 -9.14
CA PHE A 369 -0.57 -39.83 -8.64
C PHE A 369 0.44 -40.21 -9.72
N SER A 370 1.52 -39.45 -9.82
CA SER A 370 2.38 -39.51 -10.99
C SER A 370 3.51 -40.54 -10.86
N ASN A 371 4.38 -40.37 -9.87
CA ASN A 371 5.60 -41.18 -9.76
C ASN A 371 5.66 -41.80 -8.37
N VAL A 372 5.03 -42.96 -8.20
CA VAL A 372 4.79 -43.53 -6.88
C VAL A 372 5.89 -44.52 -6.57
N TYR A 373 6.59 -44.31 -5.45
CA TYR A 373 7.60 -45.23 -4.98
C TYR A 373 7.30 -45.59 -3.53
N ALA A 374 7.63 -46.83 -3.17
CA ALA A 374 7.40 -47.34 -1.82
C ALA A 374 8.71 -47.86 -1.24
N ASP A 375 9.11 -47.31 -0.10
CA ASP A 375 10.29 -47.75 0.63
C ASP A 375 9.84 -48.57 1.83
N SER A 376 10.54 -49.69 2.06
CA SER A 376 10.19 -50.61 3.13
C SER A 376 11.40 -50.89 4.01
N PHE A 377 11.17 -50.90 5.33
CA PHE A 377 12.18 -51.34 6.30
C PHE A 377 11.52 -51.66 7.64
N VAL A 378 12.34 -52.03 8.63
CA VAL A 378 11.91 -52.43 9.96
C VAL A 378 12.73 -51.69 11.00
N VAL A 379 12.07 -51.08 11.99
CA VAL A 379 12.76 -50.41 13.09
C VAL A 379 12.18 -50.89 14.43
N LYS A 380 12.69 -50.32 15.51
CA LYS A 380 12.16 -50.52 16.86
C LYS A 380 11.09 -49.46 17.15
N GLY A 381 10.43 -49.59 18.29
CA GLY A 381 9.33 -48.70 18.62
C GLY A 381 9.73 -47.26 18.85
N ASP A 382 10.91 -47.04 19.45
CA ASP A 382 11.36 -45.68 19.73
C ASP A 382 11.90 -44.95 18.51
N ASP A 383 12.05 -45.65 17.39
CA ASP A 383 12.59 -45.01 16.20
C ASP A 383 11.52 -44.62 15.19
N VAL A 384 10.26 -45.02 15.41
CA VAL A 384 9.21 -44.68 14.45
C VAL A 384 8.97 -43.17 14.40
N ARG A 385 9.19 -42.48 15.53
CA ARG A 385 9.08 -41.03 15.55
C ARG A 385 10.15 -40.32 14.74
N GLN A 386 11.25 -41.01 14.41
CA GLN A 386 12.34 -40.40 13.65
C GLN A 386 12.09 -40.41 12.15
N ILE A 387 11.09 -41.15 11.68
CA ILE A 387 10.80 -41.23 10.24
C ILE A 387 9.84 -40.09 9.94
N ALA A 388 10.39 -38.90 9.75
CA ALA A 388 9.65 -37.66 9.60
C ALA A 388 10.60 -36.59 9.07
N PRO A 389 10.09 -35.57 8.38
CA PRO A 389 10.98 -34.47 7.94
C PRO A 389 11.50 -33.66 9.13
N GLY A 390 12.75 -33.21 8.99
CA GLY A 390 13.37 -32.35 9.99
C GLY A 390 13.60 -33.01 11.33
N GLN A 391 14.10 -34.23 11.35
CA GLN A 391 14.30 -35.00 12.56
C GLN A 391 15.76 -35.39 12.72
N THR A 392 16.16 -35.64 13.96
CA THR A 392 17.52 -36.07 14.26
C THR A 392 17.48 -37.35 15.08
N GLY A 393 18.62 -38.02 15.16
CA GLY A 393 18.75 -39.31 15.78
C GLY A 393 19.57 -40.23 14.91
N VAL A 394 19.73 -41.47 15.39
CA VAL A 394 20.63 -42.39 14.71
C VAL A 394 20.04 -42.83 13.37
N ILE A 395 18.72 -43.05 13.32
CA ILE A 395 18.06 -43.46 12.09
C ILE A 395 18.08 -42.32 11.07
N ALA A 396 17.73 -41.11 11.51
CA ALA A 396 17.63 -39.99 10.58
C ALA A 396 18.99 -39.49 10.12
N ASP A 397 20.05 -39.73 10.89
CA ASP A 397 21.38 -39.29 10.49
C ASP A 397 22.13 -40.32 9.66
N TYR A 398 22.10 -41.60 10.06
CA TYR A 398 23.00 -42.57 9.47
C TYR A 398 22.30 -43.65 8.65
N ASN A 399 20.98 -43.74 8.70
CA ASN A 399 20.28 -44.86 8.07
C ASN A 399 19.30 -44.42 6.99
N TYR A 400 18.40 -43.47 7.30
CA TYR A 400 17.34 -43.10 6.36
C TYR A 400 16.91 -41.67 6.66
N LYS A 401 17.06 -40.77 5.69
CA LYS A 401 16.70 -39.37 5.87
C LYS A 401 15.69 -38.94 4.82
N LEU A 402 14.63 -38.17 5.27
CA LEU A 402 13.57 -37.58 4.46
C LEU A 402 13.84 -36.11 4.16
N PRO A 403 13.44 -35.61 2.99
CA PRO A 403 13.60 -34.17 2.69
C PRO A 403 12.63 -33.30 3.48
N CYS A 404 12.69 -31.98 3.32
CA CYS A 404 11.52 -31.15 3.63
C CYS A 404 10.43 -31.17 2.58
N ASP A 405 10.76 -30.96 1.31
CA ASP A 405 9.65 -30.92 0.35
C ASP A 405 9.17 -32.33 -0.01
N PHE A 406 8.83 -33.09 1.03
CA PHE A 406 8.37 -34.45 0.88
C PHE A 406 6.89 -34.41 0.51
N MET A 407 6.49 -35.30 -0.40
CA MET A 407 5.08 -35.42 -0.74
C MET A 407 4.74 -36.89 -0.73
N GLY A 408 3.86 -37.29 0.17
CA GLY A 408 3.54 -38.70 0.29
C GLY A 408 2.91 -38.98 1.63
N CYS A 409 3.02 -40.25 2.05
CA CYS A 409 2.43 -40.68 3.31
C CYS A 409 3.37 -41.71 3.95
N VAL A 410 3.32 -41.79 5.28
CA VAL A 410 4.14 -42.72 6.06
C VAL A 410 3.22 -43.62 6.87
N LEU A 411 3.42 -44.94 6.77
CA LEU A 411 2.62 -45.93 7.48
C LEU A 411 3.54 -46.84 8.28
N ALA A 412 3.15 -47.13 9.52
CA ALA A 412 3.94 -48.03 10.35
C ALA A 412 3.00 -48.82 11.25
N TRP A 413 3.32 -50.11 11.43
CA TRP A 413 2.51 -50.97 12.27
C TRP A 413 3.35 -51.98 13.04
N ASN A 414 2.81 -52.42 14.18
CA ASN A 414 3.51 -53.31 15.09
C ASN A 414 3.46 -54.75 14.59
N THR A 415 4.60 -55.44 14.69
CA THR A 415 4.74 -56.78 14.13
C THR A 415 5.46 -57.71 15.11
N ARG A 416 5.00 -57.75 16.36
CA ARG A 416 5.67 -58.58 17.34
C ARG A 416 5.36 -60.06 17.17
N ASN A 417 4.22 -60.41 16.57
CA ASN A 417 3.85 -61.81 16.43
C ASN A 417 4.46 -62.44 15.18
N ILE A 418 5.19 -61.68 14.37
CA ILE A 418 5.76 -62.15 13.12
C ILE A 418 7.28 -62.00 13.11
N ASP A 419 7.78 -60.83 13.50
CA ASP A 419 9.19 -60.55 13.40
C ASP A 419 9.94 -60.70 14.72
N ALA A 420 9.29 -61.23 15.75
CA ALA A 420 9.96 -61.42 17.03
C ALA A 420 9.80 -62.88 17.43
N THR A 421 10.91 -63.51 17.80
CA THR A 421 10.95 -64.89 18.26
C THR A 421 11.47 -64.93 19.69
N SER A 422 11.28 -66.09 20.33
CA SER A 422 11.83 -66.26 21.66
C SER A 422 13.35 -66.36 21.54
N THR A 423 14.06 -66.24 22.67
CA THR A 423 15.53 -66.38 22.78
C THR A 423 16.22 -65.13 22.22
N GLY A 424 15.65 -64.52 21.17
CA GLY A 424 16.17 -63.32 20.55
C GLY A 424 16.49 -63.38 19.07
N ASN A 425 15.78 -62.56 18.31
CA ASN A 425 15.96 -62.44 16.86
C ASN A 425 17.01 -61.36 16.60
N TYR A 426 18.12 -61.75 15.98
CA TYR A 426 19.26 -60.86 15.76
C TYR A 426 19.52 -60.60 14.27
N ASN A 427 18.51 -60.72 13.41
CA ASN A 427 18.74 -60.60 11.98
C ASN A 427 18.58 -59.17 11.45
N TYR A 428 18.23 -58.22 12.30
CA TYR A 428 18.03 -56.83 11.87
C TYR A 428 19.14 -55.96 12.45
N LYS A 429 19.67 -55.07 11.62
CA LYS A 429 20.87 -54.31 11.96
C LYS A 429 20.65 -52.83 11.66
N TYR A 430 21.44 -51.99 12.32
CA TYR A 430 21.43 -50.57 12.03
C TYR A 430 22.83 -50.00 12.23
N ARG A 431 23.16 -48.97 11.45
CA ARG A 431 24.46 -48.33 11.52
C ARG A 431 24.45 -47.23 12.57
N TYR A 432 25.47 -47.20 13.43
CA TYR A 432 25.57 -46.20 14.47
C TYR A 432 26.88 -45.43 14.45
N LEU A 433 27.76 -45.68 13.47
CA LEU A 433 29.01 -44.96 13.34
C LEU A 433 29.21 -44.56 11.89
N ARG A 434 29.45 -43.27 11.65
CA ARG A 434 29.68 -42.77 10.31
C ARG A 434 30.47 -41.47 10.41
N HIS A 435 31.12 -41.11 9.30
CA HIS A 435 31.92 -39.90 9.23
C HIS A 435 31.13 -38.69 8.74
N GLY A 436 29.83 -38.84 8.52
CA GLY A 436 29.00 -37.69 8.15
C GLY A 436 27.56 -38.12 8.05
N LYS A 437 26.70 -37.11 7.95
CA LYS A 437 25.26 -37.38 7.84
C LYS A 437 24.90 -37.72 6.40
N LEU A 438 23.80 -38.45 6.26
CA LEU A 438 23.32 -38.81 4.94
C LEU A 438 22.57 -37.66 4.28
N ARG A 439 22.51 -37.69 2.97
CA ARG A 439 21.65 -36.81 2.20
C ARG A 439 20.27 -37.45 2.08
N PRO A 440 19.23 -36.68 1.77
CA PRO A 440 17.89 -37.27 1.64
C PRO A 440 17.82 -38.34 0.55
N PHE A 441 17.15 -39.45 0.90
CA PHE A 441 16.94 -40.60 0.03
C PHE A 441 18.26 -41.18 -0.48
N GLU A 442 19.26 -41.21 0.39
CA GLU A 442 20.56 -41.76 0.06
C GLU A 442 20.80 -43.00 0.93
N ARG A 443 21.40 -44.02 0.35
CA ARG A 443 21.61 -45.29 1.02
C ARG A 443 23.11 -45.53 1.19
N ASP A 444 23.49 -46.13 2.32
CA ASP A 444 24.86 -46.52 2.58
C ASP A 444 24.87 -47.99 2.98
N ILE A 445 25.61 -48.80 2.22
CA ILE A 445 25.55 -50.25 2.35
C ILE A 445 26.85 -50.86 2.89
N SER A 446 27.99 -50.18 2.74
CA SER A 446 29.30 -50.76 3.02
C SER A 446 29.46 -51.14 4.50
N ASN A 447 30.29 -52.16 4.74
CA ASN A 447 30.64 -52.61 6.09
C ASN A 447 32.15 -52.61 6.24
N VAL A 448 32.71 -51.46 6.59
CA VAL A 448 34.15 -51.24 6.68
C VAL A 448 34.44 -50.87 8.13
N PRO A 449 35.54 -51.35 8.71
CA PRO A 449 35.87 -50.96 10.09
C PRO A 449 36.08 -49.45 10.22
N PHE A 450 35.62 -48.91 11.33
CA PHE A 450 35.57 -47.48 11.57
C PHE A 450 36.64 -47.09 12.59
N SER A 451 37.34 -46.01 12.29
CA SER A 451 38.34 -45.42 13.17
C SER A 451 38.04 -43.94 13.30
N PRO A 452 38.06 -43.38 14.53
CA PRO A 452 37.75 -41.95 14.70
C PRO A 452 38.71 -41.02 14.00
N ASP A 453 39.99 -41.38 13.89
CA ASP A 453 40.94 -40.48 13.22
C ASP A 453 40.72 -40.45 11.71
N GLY A 454 40.30 -41.57 11.12
CA GLY A 454 39.95 -41.59 9.72
C GLY A 454 40.85 -42.48 8.88
N LYS A 455 41.72 -43.23 9.54
CA LYS A 455 42.65 -44.07 8.82
C LYS A 455 42.24 -45.53 8.89
N PRO A 456 42.60 -46.35 7.90
CA PRO A 456 42.22 -47.77 7.94
C PRO A 456 42.87 -48.51 9.09
N CYS A 457 42.16 -49.53 9.59
CA CYS A 457 42.61 -50.26 10.76
C CYS A 457 42.09 -51.70 10.67
N THR A 458 42.68 -52.56 11.49
CA THR A 458 42.29 -53.96 11.66
C THR A 458 41.43 -54.08 12.90
N PRO A 459 40.28 -54.74 12.82
CA PRO A 459 39.29 -54.70 13.93
C PRO A 459 39.81 -55.30 15.22
N PRO A 460 40.67 -56.36 15.22
CA PRO A 460 41.26 -56.66 16.54
C PRO A 460 42.43 -55.74 16.90
N ALA A 461 42.11 -54.48 17.18
CA ALA A 461 43.10 -53.50 17.62
C ALA A 461 42.41 -52.49 18.51
N LEU A 462 43.06 -51.35 18.74
CA LEU A 462 42.55 -50.30 19.59
C LEU A 462 42.00 -49.16 18.74
N ASN A 463 40.87 -48.59 19.18
CA ASN A 463 40.15 -47.54 18.48
C ASN A 463 39.75 -47.96 17.06
N CYS A 464 39.30 -49.20 16.91
CA CYS A 464 38.79 -49.71 15.64
C CYS A 464 37.57 -50.55 15.94
N TYR A 465 36.43 -50.19 15.33
CA TYR A 465 35.15 -50.79 15.64
C TYR A 465 34.47 -51.29 14.37
N TRP A 466 33.44 -52.10 14.55
CA TRP A 466 32.53 -52.49 13.49
C TRP A 466 31.31 -51.57 13.51
N PRO A 467 30.91 -51.00 12.38
CA PRO A 467 29.96 -49.88 12.39
C PRO A 467 28.50 -50.29 12.47
N LEU A 468 28.17 -51.58 12.51
CA LEU A 468 26.79 -52.04 12.52
C LEU A 468 26.47 -52.69 13.86
N ASN A 469 25.32 -52.32 14.43
CA ASN A 469 24.81 -52.93 15.65
C ASN A 469 23.59 -53.80 15.33
N ASP A 470 23.36 -54.80 16.17
CA ASP A 470 22.22 -55.70 16.05
C ASP A 470 21.03 -55.18 16.86
N TYR A 471 19.84 -55.30 16.27
CA TYR A 471 18.61 -55.19 17.04
C TYR A 471 18.34 -56.50 17.76
N GLY A 472 18.10 -56.42 19.07
CA GLY A 472 17.71 -57.61 19.82
C GLY A 472 16.23 -57.64 20.12
N PHE A 473 15.48 -58.44 19.37
CA PHE A 473 14.02 -58.45 19.45
C PHE A 473 13.55 -59.66 20.25
N TYR A 474 12.97 -59.41 21.43
CA TYR A 474 12.43 -60.46 22.26
C TYR A 474 10.91 -60.35 22.33
N THR A 475 10.28 -61.44 22.75
CA THR A 475 8.82 -61.44 22.92
C THR A 475 8.40 -60.71 24.18
N THR A 476 9.17 -60.84 25.26
CA THR A 476 8.76 -60.38 26.57
C THR A 476 9.14 -58.94 26.86
N THR A 477 9.74 -58.24 25.90
CA THR A 477 10.16 -56.87 26.17
C THR A 477 8.97 -55.93 26.08
N GLY A 478 9.19 -54.69 26.53
CA GLY A 478 8.19 -53.66 26.42
C GLY A 478 8.04 -53.19 24.99
N ILE A 479 6.99 -52.39 24.76
CA ILE A 479 6.60 -52.08 23.39
C ILE A 479 7.61 -51.13 22.74
N GLY A 480 8.40 -50.43 23.55
CA GLY A 480 9.44 -49.62 22.97
C GLY A 480 10.62 -50.40 22.42
N TYR A 481 10.73 -51.69 22.73
CA TYR A 481 11.79 -52.52 22.18
C TYR A 481 11.23 -53.62 21.30
N GLN A 482 10.02 -53.42 20.74
CA GLN A 482 9.34 -54.35 19.86
C GLN A 482 9.46 -53.90 18.40
N PRO A 483 9.46 -54.85 17.46
CA PRO A 483 9.65 -54.49 16.05
C PRO A 483 8.43 -53.83 15.44
N TYR A 484 8.69 -52.90 14.53
CA TYR A 484 7.67 -52.20 13.76
C TYR A 484 8.08 -52.21 12.30
N ARG A 485 7.11 -52.47 11.42
CA ARG A 485 7.32 -52.43 9.98
C ARG A 485 6.88 -51.07 9.45
N VAL A 486 7.72 -50.45 8.62
CA VAL A 486 7.50 -49.09 8.13
C VAL A 486 7.54 -49.10 6.62
N VAL A 487 6.52 -48.50 6.01
CA VAL A 487 6.43 -48.28 4.56
C VAL A 487 6.21 -46.80 4.31
N VAL A 488 7.04 -46.21 3.46
CA VAL A 488 6.96 -44.80 3.09
C VAL A 488 6.59 -44.71 1.61
N LEU A 489 5.49 -44.02 1.31
CA LEU A 489 5.07 -43.82 -0.07
C LEU A 489 5.38 -42.38 -0.45
N SER A 490 6.01 -42.20 -1.61
CA SER A 490 6.33 -40.86 -2.10
C SER A 490 5.90 -40.72 -3.55
N PHE A 491 5.36 -39.54 -3.88
CA PHE A 491 4.83 -39.28 -5.20
C PHE A 491 4.86 -37.77 -5.46
N GLU A 492 4.41 -37.38 -6.64
CA GLU A 492 4.21 -35.99 -7.02
C GLU A 492 2.80 -35.84 -7.56
N LEU A 493 2.29 -34.61 -7.54
CA LEU A 493 0.90 -34.34 -7.85
C LEU A 493 0.73 -33.23 -8.88
N LEU A 494 -0.04 -33.53 -9.93
CA LEU A 494 -0.67 -32.53 -10.80
C LEU A 494 0.35 -31.71 -11.60
N ASN A 495 1.47 -32.33 -11.99
CA ASN A 495 2.42 -31.64 -12.86
C ASN A 495 3.04 -32.56 -13.91
N ALA A 496 2.58 -33.81 -14.03
CA ALA A 496 3.25 -34.79 -14.86
C ALA A 496 2.21 -35.84 -15.26
N PRO A 497 2.50 -36.64 -16.29
CA PRO A 497 1.62 -37.79 -16.60
C PRO A 497 1.55 -38.76 -15.43
N ALA A 498 0.36 -39.32 -15.22
CA ALA A 498 0.09 -40.15 -14.06
C ALA A 498 -0.60 -41.43 -14.46
N THR A 499 -0.33 -42.49 -13.71
CA THR A 499 -0.90 -43.81 -13.99
C THR A 499 -1.41 -44.54 -12.75
N VAL A 500 -1.38 -43.92 -11.57
CA VAL A 500 -1.94 -44.49 -10.36
C VAL A 500 -3.02 -43.52 -9.89
N CYS A 501 -4.28 -43.92 -10.00
CA CYS A 501 -5.40 -43.02 -9.74
C CYS A 501 -6.33 -43.63 -8.68
N GLY A 502 -7.35 -42.86 -8.32
CA GLY A 502 -8.35 -43.30 -7.38
C GLY A 502 -9.49 -44.06 -8.04
N PRO A 503 -10.47 -44.47 -7.23
CA PRO A 503 -11.55 -45.31 -7.77
C PRO A 503 -12.72 -44.54 -8.36
N LYS A 504 -12.53 -43.27 -8.69
CA LYS A 504 -13.59 -42.45 -9.26
C LYS A 504 -13.93 -42.91 -10.68
N LEU A 505 -15.21 -42.84 -11.03
CA LEU A 505 -15.68 -43.28 -12.34
C LEU A 505 -15.62 -42.11 -13.32
N SER A 506 -15.37 -42.45 -14.58
CA SER A 506 -15.23 -41.44 -15.62
C SER A 506 -16.57 -41.10 -16.27
N THR A 507 -16.56 -40.05 -17.08
CA THR A 507 -17.76 -39.48 -17.67
C THR A 507 -17.43 -39.11 -19.11
N ASP A 508 -18.45 -39.01 -19.96
CA ASP A 508 -18.24 -38.62 -21.35
C ASP A 508 -17.81 -37.16 -21.43
N LEU A 509 -17.08 -36.84 -22.50
CA LEU A 509 -16.63 -35.48 -22.73
C LEU A 509 -17.76 -34.61 -23.28
N ILE A 510 -17.75 -33.33 -22.88
CA ILE A 510 -18.69 -32.33 -23.37
C ILE A 510 -17.88 -31.15 -23.88
N LYS A 511 -18.18 -30.70 -25.10
CA LYS A 511 -17.46 -29.62 -25.75
C LYS A 511 -18.33 -28.36 -25.86
N ASN A 512 -17.66 -27.20 -25.82
CA ASN A 512 -18.23 -25.90 -26.17
C ASN A 512 -19.39 -25.51 -25.23
N GLN A 513 -19.22 -25.80 -23.95
CA GLN A 513 -20.26 -25.55 -22.96
C GLN A 513 -19.60 -25.37 -21.61
N CYS A 514 -20.12 -24.43 -20.80
CA CYS A 514 -19.56 -24.18 -19.49
C CYS A 514 -19.88 -25.36 -18.57
N VAL A 515 -18.84 -26.09 -18.16
CA VAL A 515 -18.99 -27.28 -17.34
C VAL A 515 -17.99 -27.24 -16.20
N ASN A 516 -18.25 -28.08 -15.20
CA ASN A 516 -17.25 -28.43 -14.20
C ASN A 516 -16.45 -29.61 -14.73
N PHE A 517 -15.13 -29.54 -14.63
CA PHE A 517 -14.28 -30.59 -15.16
C PHE A 517 -13.31 -31.09 -14.09
N ASN A 518 -12.87 -32.32 -14.28
CA ASN A 518 -11.90 -32.99 -13.41
C ASN A 518 -11.01 -33.81 -14.34
N PHE A 519 -9.79 -33.32 -14.57
CA PHE A 519 -8.79 -33.98 -15.39
C PHE A 519 -7.64 -34.43 -14.49
N ASN A 520 -7.56 -35.75 -14.24
CA ASN A 520 -6.50 -36.38 -13.45
C ASN A 520 -6.36 -35.79 -12.05
N GLY A 521 -7.46 -35.34 -11.47
CA GLY A 521 -7.45 -34.72 -10.16
C GLY A 521 -7.49 -33.21 -10.18
N LEU A 522 -7.18 -32.58 -11.30
CA LEU A 522 -7.27 -31.14 -11.42
C LEU A 522 -8.70 -30.74 -11.73
N THR A 523 -9.34 -30.03 -10.82
CA THR A 523 -10.74 -29.67 -10.95
C THR A 523 -10.87 -28.19 -11.31
N GLY A 524 -11.98 -27.86 -11.95
CA GLY A 524 -12.22 -26.47 -12.31
C GLY A 524 -13.54 -26.29 -13.02
N THR A 525 -13.77 -25.07 -13.47
CA THR A 525 -14.97 -24.69 -14.21
C THR A 525 -14.53 -23.94 -15.47
N GLY A 526 -15.09 -24.30 -16.61
CA GLY A 526 -14.73 -23.60 -17.83
C GLY A 526 -15.35 -24.24 -19.05
N VAL A 527 -14.87 -23.78 -20.21
CA VAL A 527 -15.32 -24.24 -21.52
C VAL A 527 -14.16 -24.95 -22.21
N LEU A 528 -14.44 -26.15 -22.74
CA LEU A 528 -13.43 -27.00 -23.37
C LEU A 528 -13.61 -26.96 -24.88
N THR A 529 -12.53 -26.69 -25.60
CA THR A 529 -12.53 -26.62 -27.05
C THR A 529 -11.39 -27.45 -27.63
N PRO A 530 -11.51 -27.93 -28.86
CA PRO A 530 -10.37 -28.58 -29.51
C PRO A 530 -9.24 -27.59 -29.77
N SER A 531 -8.02 -28.11 -29.70
CA SER A 531 -6.82 -27.28 -29.71
C SER A 531 -5.94 -27.62 -30.90
N SER A 532 -5.00 -26.72 -31.18
CA SER A 532 -4.02 -26.92 -32.25
C SER A 532 -2.60 -26.99 -31.72
N LYS A 533 -2.40 -26.99 -30.40
CA LYS A 533 -1.09 -27.12 -29.82
C LYS A 533 -0.55 -28.54 -29.99
N ARG A 534 0.76 -28.69 -29.87
CA ARG A 534 1.46 -29.95 -30.14
C ARG A 534 2.28 -30.31 -28.90
N PHE A 535 1.69 -31.10 -28.01
CA PHE A 535 2.38 -31.48 -26.79
C PHE A 535 3.45 -32.52 -27.10
N GLN A 536 4.54 -32.45 -26.35
CA GLN A 536 5.56 -33.48 -26.39
C GLN A 536 5.13 -34.63 -25.48
N PRO A 537 5.64 -35.85 -25.71
CA PRO A 537 5.12 -37.01 -24.96
C PRO A 537 5.29 -36.96 -23.45
N PHE A 538 6.21 -36.17 -22.92
CA PHE A 538 6.40 -36.09 -21.47
C PHE A 538 5.59 -34.96 -20.83
N GLN A 539 4.76 -34.26 -21.58
CA GLN A 539 4.01 -33.11 -21.09
C GLN A 539 2.53 -33.44 -21.02
N GLN A 540 1.85 -32.90 -20.02
CA GLN A 540 0.43 -33.16 -19.83
C GLN A 540 -0.40 -31.88 -19.73
N PHE A 541 0.16 -30.83 -19.14
CA PHE A 541 -0.56 -29.58 -18.95
C PHE A 541 0.17 -28.42 -19.61
N GLY A 542 -0.54 -27.31 -19.77
CA GLY A 542 0.04 -26.10 -20.29
C GLY A 542 -0.47 -24.90 -19.55
N ARG A 543 0.38 -23.89 -19.41
CA ARG A 543 0.07 -22.74 -18.57
C ARG A 543 0.30 -21.43 -19.32
N ASP A 544 -0.36 -20.39 -18.83
CA ASP A 544 -0.28 -19.04 -19.38
C ASP A 544 0.95 -18.31 -18.84
N VAL A 545 1.01 -17.00 -19.09
CA VAL A 545 2.01 -16.17 -18.46
C VAL A 545 1.59 -15.84 -17.02
N SER A 546 0.32 -16.00 -16.69
CA SER A 546 -0.20 -15.78 -15.36
C SER A 546 -0.41 -17.08 -14.59
N ASP A 547 0.25 -18.15 -15.04
CA ASP A 547 0.20 -19.49 -14.42
C ASP A 547 -1.22 -20.04 -14.32
N PHE A 548 -2.03 -19.79 -15.35
CA PHE A 548 -3.37 -20.38 -15.42
C PHE A 548 -3.33 -21.55 -16.38
N THR A 549 -3.86 -22.69 -15.94
CA THR A 549 -3.86 -23.91 -16.74
C THR A 549 -4.83 -23.76 -17.91
N ASP A 550 -4.31 -23.66 -19.13
CA ASP A 550 -5.16 -23.39 -20.27
C ASP A 550 -5.22 -24.53 -21.28
N SER A 551 -4.40 -25.57 -21.12
CA SER A 551 -4.41 -26.68 -22.04
C SER A 551 -4.25 -27.98 -21.27
N VAL A 552 -4.87 -29.04 -21.78
CA VAL A 552 -4.79 -30.35 -21.14
C VAL A 552 -4.78 -31.41 -22.24
N ARG A 553 -4.19 -32.56 -21.93
CA ARG A 553 -4.29 -33.72 -22.80
C ARG A 553 -5.28 -34.71 -22.19
N ASP A 554 -6.27 -35.09 -22.97
CA ASP A 554 -7.29 -36.02 -22.48
C ASP A 554 -6.67 -37.41 -22.28
N PRO A 555 -6.80 -38.00 -21.10
CA PRO A 555 -6.05 -39.25 -20.80
C PRO A 555 -6.60 -40.49 -21.49
N LYS A 556 -7.79 -40.44 -22.08
CA LYS A 556 -8.34 -41.60 -22.79
C LYS A 556 -8.05 -41.57 -24.29
N THR A 557 -8.39 -40.48 -24.96
CA THR A 557 -7.97 -40.23 -26.33
C THR A 557 -6.98 -39.08 -26.31
N SER A 558 -5.78 -39.31 -26.85
CA SER A 558 -4.67 -38.38 -26.67
C SER A 558 -4.80 -37.13 -27.53
N GLU A 559 -5.87 -36.38 -27.29
CA GLU A 559 -6.11 -35.12 -27.98
C GLU A 559 -5.85 -33.97 -27.01
N ILE A 560 -5.53 -32.80 -27.56
CA ILE A 560 -5.25 -31.62 -26.78
C ILE A 560 -6.50 -30.75 -26.74
N LEU A 561 -6.85 -30.25 -25.55
CA LEU A 561 -8.02 -29.43 -25.36
C LEU A 561 -7.62 -28.11 -24.71
N ASP A 562 -8.28 -27.04 -25.13
CA ASP A 562 -8.11 -25.71 -24.54
C ASP A 562 -9.24 -25.44 -23.56
N ILE A 563 -8.88 -24.80 -22.45
CA ILE A 563 -9.82 -24.46 -21.39
C ILE A 563 -9.91 -22.94 -21.33
N SER A 564 -11.13 -22.43 -21.36
CA SER A 564 -11.36 -20.99 -21.32
C SER A 564 -12.33 -20.65 -20.19
N PRO A 565 -12.23 -19.45 -19.63
CA PRO A 565 -13.20 -19.03 -18.63
C PRO A 565 -14.58 -18.82 -19.22
N CYS A 566 -15.58 -18.82 -18.35
CA CYS A 566 -16.98 -18.70 -18.75
C CYS A 566 -17.49 -17.27 -18.74
N SER A 567 -16.91 -16.38 -17.94
CA SER A 567 -17.40 -15.01 -17.82
C SER A 567 -16.57 -14.06 -18.66
N PHE A 568 -17.26 -13.10 -19.30
CA PHE A 568 -16.67 -12.22 -20.31
C PHE A 568 -17.66 -11.12 -20.62
N GLY A 569 -17.15 -9.89 -20.72
CA GLY A 569 -17.97 -8.79 -21.22
C GLY A 569 -18.48 -7.84 -20.16
N GLY A 570 -18.31 -6.54 -20.38
CA GLY A 570 -18.73 -5.55 -19.41
C GLY A 570 -20.20 -5.22 -19.50
N VAL A 571 -20.81 -4.92 -18.36
CA VAL A 571 -22.23 -4.64 -18.25
C VAL A 571 -22.40 -3.32 -17.49
N SER A 572 -23.22 -2.43 -18.04
CA SER A 572 -23.55 -1.17 -17.39
C SER A 572 -25.05 -1.07 -17.19
N VAL A 573 -25.45 -0.46 -16.08
CA VAL A 573 -26.86 -0.26 -15.74
C VAL A 573 -27.14 1.23 -15.75
N ILE A 574 -28.10 1.65 -16.57
CA ILE A 574 -28.54 3.03 -16.63
C ILE A 574 -29.83 3.10 -15.82
N THR A 575 -29.86 3.99 -14.83
CA THR A 575 -31.04 4.12 -13.99
C THR A 575 -31.36 5.57 -13.73
N PRO A 576 -32.65 5.90 -13.64
CA PRO A 576 -33.05 7.13 -12.94
C PRO A 576 -32.99 6.92 -11.43
N GLY A 577 -33.46 7.90 -10.66
CA GLY A 577 -33.50 7.72 -9.22
C GLY A 577 -34.40 6.58 -8.81
N THR A 578 -34.09 5.99 -7.65
CA THR A 578 -34.91 4.89 -7.14
C THR A 578 -36.30 5.38 -6.74
N ASN A 579 -36.42 6.68 -6.42
CA ASN A 579 -37.72 7.25 -6.10
C ASN A 579 -38.62 7.32 -7.33
N ALA A 580 -38.04 7.55 -8.51
CA ALA A 580 -38.84 7.72 -9.72
C ALA A 580 -39.44 6.40 -10.17
N SER A 581 -38.61 5.37 -10.31
CA SER A 581 -39.04 4.09 -10.84
C SER A 581 -38.07 3.01 -10.41
N SER A 582 -38.50 1.76 -10.55
CA SER A 582 -37.63 0.61 -10.43
C SER A 582 -37.18 0.05 -11.78
N GLU A 583 -37.57 0.70 -12.87
CA GLU A 583 -37.13 0.27 -14.20
C GLU A 583 -35.71 0.75 -14.47
N VAL A 584 -34.93 -0.10 -15.15
CA VAL A 584 -33.57 0.23 -15.54
C VAL A 584 -33.38 -0.14 -17.01
N ALA A 585 -32.32 0.39 -17.60
CA ALA A 585 -31.84 -0.07 -18.89
C ALA A 585 -30.48 -0.71 -18.71
N VAL A 586 -30.18 -1.70 -19.54
CA VAL A 586 -28.93 -2.45 -19.45
C VAL A 586 -28.17 -2.29 -20.75
N LEU A 587 -26.91 -1.89 -20.66
CA LEU A 587 -26.02 -1.82 -21.82
C LEU A 587 -24.98 -2.92 -21.72
N TYR A 588 -24.90 -3.75 -22.75
CA TYR A 588 -23.88 -4.79 -22.84
C TYR A 588 -22.90 -4.38 -23.93
N GLN A 589 -21.65 -4.13 -23.55
CA GLN A 589 -20.60 -4.14 -24.55
C GLN A 589 -20.33 -5.59 -24.99
N ASP A 590 -19.58 -5.71 -26.08
CA ASP A 590 -19.04 -7.01 -26.54
C ASP A 590 -20.14 -7.99 -26.93
N VAL A 591 -21.29 -7.49 -27.37
CA VAL A 591 -22.32 -8.35 -27.94
C VAL A 591 -23.01 -7.60 -29.09
N ASN A 592 -23.34 -8.35 -30.14
CA ASN A 592 -23.97 -7.82 -31.34
C ASN A 592 -25.43 -8.25 -31.39
N CYS A 593 -26.32 -7.28 -31.52
CA CYS A 593 -27.75 -7.55 -31.55
C CYS A 593 -28.37 -7.21 -32.90
N TRP A 609 -28.36 -14.61 -27.70
CA TRP A 609 -27.08 -13.99 -27.35
C TRP A 609 -26.79 -13.98 -25.86
N ARG A 610 -25.71 -13.30 -25.50
CA ARG A 610 -25.24 -13.24 -24.11
C ARG A 610 -25.83 -12.04 -23.37
N ILE A 611 -27.14 -12.13 -23.12
CA ILE A 611 -27.88 -11.09 -22.40
C ILE A 611 -28.64 -11.81 -21.28
N TYR A 612 -28.99 -11.07 -20.23
CA TYR A 612 -29.72 -11.75 -19.17
C TYR A 612 -31.17 -12.03 -19.56
N SER A 613 -31.84 -11.07 -20.19
CA SER A 613 -33.20 -11.31 -20.66
C SER A 613 -33.56 -10.35 -21.78
N THR A 614 -34.43 -10.82 -22.68
CA THR A 614 -34.87 -10.02 -23.82
C THR A 614 -36.12 -9.28 -23.33
N GLY A 615 -35.93 -8.16 -22.65
CA GLY A 615 -37.14 -7.45 -22.30
C GLY A 615 -37.92 -6.72 -23.37
N ASN A 616 -37.60 -5.44 -23.63
CA ASN A 616 -38.20 -4.72 -24.74
C ASN A 616 -37.21 -3.78 -25.40
N ASN A 617 -37.44 -3.51 -26.69
CA ASN A 617 -36.67 -2.53 -27.46
C ASN A 617 -35.17 -2.83 -27.50
N VAL A 618 -34.82 -3.96 -28.11
CA VAL A 618 -33.40 -4.28 -28.27
C VAL A 618 -32.96 -3.69 -29.60
N PHE A 619 -31.87 -2.91 -29.57
CA PHE A 619 -31.27 -2.34 -30.76
C PHE A 619 -29.79 -2.09 -30.52
N GLN A 620 -29.06 -1.95 -31.62
CA GLN A 620 -27.61 -1.82 -31.59
C GLN A 620 -27.22 -0.34 -31.61
N THR A 621 -26.37 0.07 -30.67
CA THR A 621 -25.78 1.40 -30.69
C THR A 621 -24.29 1.30 -30.97
N GLN A 622 -23.62 2.45 -31.00
CA GLN A 622 -22.18 2.46 -31.17
C GLN A 622 -21.45 2.05 -29.90
N ALA A 623 -22.05 2.30 -28.73
CA ALA A 623 -21.44 1.89 -27.46
C ALA A 623 -21.63 0.41 -27.19
N GLY A 624 -22.74 -0.17 -27.61
CA GLY A 624 -23.03 -1.57 -27.36
C GLY A 624 -24.49 -1.85 -27.62
N CYS A 625 -24.97 -2.95 -27.05
CA CYS A 625 -26.37 -3.34 -27.16
C CYS A 625 -27.14 -2.78 -25.97
N LEU A 626 -28.18 -2.01 -26.25
CA LEU A 626 -28.98 -1.35 -25.21
C LEU A 626 -30.34 -2.03 -25.13
N ILE A 627 -30.74 -2.41 -23.93
CA ILE A 627 -32.00 -3.08 -23.69
C ILE A 627 -32.78 -2.31 -22.64
N GLY A 628 -34.03 -1.97 -22.96
CA GLY A 628 -34.90 -1.26 -22.05
C GLY A 628 -35.08 0.21 -22.32
N ALA A 629 -34.55 0.73 -23.44
CA ALA A 629 -34.68 2.14 -23.79
C ALA A 629 -35.24 2.26 -25.20
N GLU A 630 -35.85 3.41 -25.47
CA GLU A 630 -36.48 3.69 -26.75
C GLU A 630 -35.67 4.72 -27.53
N HIS A 631 -35.48 4.46 -28.82
CA HIS A 631 -34.64 5.32 -29.65
C HIS A 631 -35.49 6.42 -30.29
N VAL A 632 -35.08 7.67 -30.09
CA VAL A 632 -35.79 8.84 -30.60
C VAL A 632 -34.89 9.54 -31.60
N ASP A 633 -35.48 10.10 -32.66
CA ASP A 633 -34.72 10.71 -33.73
C ASP A 633 -34.26 12.13 -33.39
N THR A 634 -35.02 12.86 -32.58
CA THR A 634 -34.66 14.22 -32.22
C THR A 634 -33.47 14.23 -31.25
N SER A 635 -32.71 15.32 -31.30
CA SER A 635 -31.48 15.45 -30.52
C SER A 635 -31.61 16.60 -29.53
N TYR A 636 -31.18 16.36 -28.30
CA TYR A 636 -31.15 17.36 -27.24
C TYR A 636 -29.80 17.34 -26.53
N GLU A 637 -29.66 18.19 -25.52
CA GLU A 637 -28.63 18.01 -24.51
C GLU A 637 -28.98 16.75 -23.71
N CYS A 638 -27.98 16.15 -23.08
CA CYS A 638 -28.19 14.88 -22.37
C CYS A 638 -27.70 14.99 -20.93
N ASP A 639 -28.35 14.22 -20.05
CA ASP A 639 -28.02 14.19 -18.64
C ASP A 639 -27.36 12.88 -18.23
N ILE A 640 -27.60 11.81 -18.97
CA ILE A 640 -26.90 10.55 -18.71
C ILE A 640 -25.99 10.22 -19.88
N PRO A 641 -24.69 10.46 -19.77
CA PRO A 641 -23.79 10.14 -20.89
C PRO A 641 -23.47 8.64 -20.94
N ILE A 642 -24.00 7.97 -21.96
CA ILE A 642 -23.71 6.56 -22.17
C ILE A 642 -22.33 6.37 -22.77
N GLY A 643 -22.04 7.08 -23.85
CA GLY A 643 -20.75 6.97 -24.52
C GLY A 643 -20.86 6.84 -26.02
N ALA A 644 -19.76 7.12 -26.72
CA ALA A 644 -19.65 7.07 -28.19
C ALA A 644 -20.71 7.95 -28.87
N GLY A 645 -21.00 9.09 -28.26
CA GLY A 645 -21.99 10.00 -28.81
C GLY A 645 -23.44 9.71 -28.45
N ILE A 646 -23.72 8.68 -27.67
CA ILE A 646 -25.08 8.30 -27.33
C ILE A 646 -25.37 8.73 -25.90
N CYS A 647 -26.56 9.27 -25.67
CA CYS A 647 -26.98 9.73 -24.36
C CYS A 647 -28.39 9.24 -24.06
N ALA A 648 -28.77 9.28 -22.79
CA ALA A 648 -30.07 8.78 -22.34
C ALA A 648 -30.72 9.79 -21.42
N SER A 649 -32.05 9.70 -21.35
CA SER A 649 -32.84 10.58 -20.48
C SER A 649 -34.14 9.88 -20.11
N TYR A 650 -34.92 10.53 -19.27
CA TYR A 650 -36.19 10.02 -18.74
C TYR A 650 -37.29 10.97 -19.22
N HIS A 651 -38.02 10.57 -20.26
CA HIS A 651 -38.98 11.44 -20.90
C HIS A 651 -40.30 10.71 -21.12
N THR A 652 -41.35 11.49 -21.36
CA THR A 652 -42.67 10.94 -21.67
C THR A 652 -42.69 10.27 -23.03
N LYS A 662 -44.27 7.76 -18.66
CA LYS A 662 -42.85 8.05 -18.76
C LYS A 662 -42.06 6.80 -19.13
N SER A 663 -40.88 7.00 -19.71
CA SER A 663 -40.00 5.91 -20.11
C SER A 663 -38.59 6.45 -20.25
N ILE A 664 -37.66 5.55 -20.54
CA ILE A 664 -36.26 5.90 -20.74
C ILE A 664 -35.99 5.95 -22.24
N VAL A 665 -35.45 7.06 -22.70
CA VAL A 665 -35.19 7.27 -24.11
C VAL A 665 -33.69 7.47 -24.33
N ALA A 666 -33.22 7.06 -25.51
CA ALA A 666 -31.83 7.19 -25.88
C ALA A 666 -31.75 7.89 -27.22
N TYR A 667 -30.75 8.75 -27.38
CA TYR A 667 -30.64 9.58 -28.58
C TYR A 667 -29.18 9.96 -28.79
N THR A 668 -28.93 10.66 -29.90
CA THR A 668 -27.63 11.25 -30.14
C THR A 668 -27.63 12.67 -29.61
N MET A 669 -26.57 13.03 -28.89
CA MET A 669 -26.50 14.35 -28.26
C MET A 669 -26.21 15.44 -29.28
N SER A 670 -26.67 16.65 -28.97
CA SER A 670 -26.55 17.80 -29.85
C SER A 670 -25.30 18.59 -29.49
N LEU A 671 -24.48 18.89 -30.50
CA LEU A 671 -23.23 19.60 -30.25
C LEU A 671 -23.45 21.09 -30.04
N GLY A 672 -24.55 21.63 -30.55
CA GLY A 672 -24.81 23.05 -30.41
C GLY A 672 -25.86 23.51 -31.41
N ALA A 673 -25.95 24.83 -31.54
CA ALA A 673 -26.94 25.43 -32.42
C ALA A 673 -26.33 25.70 -33.79
N ASP A 674 -27.10 25.41 -34.83
CA ASP A 674 -26.66 25.69 -36.19
C ASP A 674 -26.68 27.19 -36.45
N SER A 675 -25.69 27.65 -37.20
CA SER A 675 -25.53 29.07 -37.48
C SER A 675 -24.87 29.22 -38.83
N SER A 676 -25.12 30.36 -39.47
CA SER A 676 -24.54 30.65 -40.77
C SER A 676 -24.24 32.14 -40.83
N ILE A 677 -23.00 32.49 -41.14
CA ILE A 677 -22.63 33.86 -41.43
C ILE A 677 -21.93 33.86 -42.78
N ALA A 678 -22.29 34.83 -43.63
CA ALA A 678 -21.84 34.83 -45.00
C ALA A 678 -20.66 35.78 -45.16
N TYR A 679 -19.59 35.28 -45.76
CA TYR A 679 -18.40 36.06 -46.02
C TYR A 679 -18.59 37.04 -47.17
N SER A 680 -18.21 38.29 -46.92
CA SER A 680 -18.17 39.33 -47.95
C SER A 680 -16.86 40.09 -47.84
N ASN A 681 -16.38 40.59 -48.99
CA ASN A 681 -15.12 41.30 -49.04
C ASN A 681 -15.28 42.82 -48.93
N ASN A 682 -16.50 43.33 -48.72
CA ASN A 682 -16.66 44.77 -48.67
C ASN A 682 -17.66 45.25 -47.62
N THR A 683 -18.23 44.34 -46.82
CA THR A 683 -19.20 44.74 -45.81
C THR A 683 -18.68 44.37 -44.42
N ILE A 684 -19.03 45.18 -43.44
CA ILE A 684 -18.64 44.97 -42.06
C ILE A 684 -19.88 45.05 -41.17
N ALA A 685 -19.82 44.43 -40.00
CA ALA A 685 -20.91 44.45 -39.04
C ALA A 685 -20.41 45.13 -37.76
N ILE A 686 -21.14 46.12 -37.30
CA ILE A 686 -20.72 46.93 -36.16
C ILE A 686 -21.84 46.92 -35.12
N PRO A 687 -21.53 46.67 -33.85
CA PRO A 687 -22.56 46.75 -32.81
C PRO A 687 -23.02 48.19 -32.61
N THR A 688 -24.30 48.34 -32.32
CA THR A 688 -24.81 49.68 -32.09
C THR A 688 -25.26 49.94 -30.66
N ASN A 689 -25.38 48.94 -29.80
CA ASN A 689 -25.93 49.24 -28.48
C ASN A 689 -25.31 48.20 -27.55
N PHE A 690 -25.56 48.29 -26.24
CA PHE A 690 -24.87 47.35 -25.35
C PHE A 690 -25.68 46.99 -24.13
N SER A 691 -25.21 45.97 -23.43
CA SER A 691 -25.78 45.53 -22.15
C SER A 691 -24.66 45.25 -21.15
N ILE A 692 -25.02 45.34 -19.87
CA ILE A 692 -24.12 45.06 -18.75
C ILE A 692 -24.56 43.74 -18.12
N SER A 693 -23.63 42.79 -18.01
CA SER A 693 -23.94 41.48 -17.45
C SER A 693 -23.08 41.19 -16.23
N ILE A 694 -23.62 40.40 -15.32
CA ILE A 694 -22.93 39.96 -14.11
C ILE A 694 -22.97 38.43 -14.07
N THR A 695 -21.80 37.81 -14.01
CA THR A 695 -21.68 36.36 -14.00
C THR A 695 -21.02 35.90 -12.70
N THR A 696 -21.46 34.76 -12.18
CA THR A 696 -20.95 34.20 -10.94
C THR A 696 -19.95 33.08 -11.24
N GLU A 697 -18.96 32.95 -10.35
CA GLU A 697 -17.96 31.88 -10.46
C GLU A 697 -17.59 31.39 -9.07
N VAL A 698 -17.72 30.09 -8.84
CA VAL A 698 -17.49 29.50 -7.52
C VAL A 698 -16.21 28.69 -7.58
N MET A 699 -15.34 28.84 -6.57
CA MET A 699 -14.10 28.09 -6.51
C MET A 699 -13.81 27.58 -5.10
N PRO A 700 -13.40 26.33 -4.98
CA PRO A 700 -12.93 25.83 -3.68
C PRO A 700 -11.58 26.42 -3.33
N VAL A 701 -11.33 26.58 -2.03
CA VAL A 701 -10.10 27.16 -1.53
C VAL A 701 -9.38 26.22 -0.56
N SER A 702 -10.12 25.64 0.37
CA SER A 702 -9.54 24.79 1.40
C SER A 702 -10.46 23.61 1.67
N MET A 703 -9.93 22.60 2.36
CA MET A 703 -10.78 21.50 2.82
C MET A 703 -10.60 21.29 4.32
N ALA A 704 -11.17 20.21 4.85
CA ALA A 704 -11.17 19.98 6.27
C ALA A 704 -9.83 19.44 6.76
N LYS A 705 -9.35 20.00 7.87
CA LYS A 705 -8.13 19.55 8.51
C LYS A 705 -8.45 18.41 9.46
N THR A 706 -7.69 17.32 9.35
CA THR A 706 -8.02 16.10 10.07
C THR A 706 -6.75 15.52 10.73
N SER A 707 -6.98 14.72 11.76
CA SER A 707 -5.92 14.06 12.49
C SER A 707 -6.38 12.68 12.92
N VAL A 708 -5.43 11.74 12.98
CA VAL A 708 -5.71 10.37 13.38
C VAL A 708 -4.82 10.03 14.56
N ASP A 709 -5.26 9.04 15.33
CA ASP A 709 -4.53 8.49 16.47
C ASP A 709 -4.34 6.99 16.26
N CYS A 710 -3.09 6.58 15.99
CA CYS A 710 -2.82 5.19 15.65
C CYS A 710 -3.21 4.26 16.79
N ASN A 711 -2.90 4.66 18.02
CA ASN A 711 -3.08 3.79 19.18
C ASN A 711 -4.55 3.46 19.41
N MET A 712 -5.44 4.43 19.23
CA MET A 712 -6.87 4.15 19.42
C MET A 712 -7.49 3.46 18.23
N TYR A 713 -7.03 3.73 17.00
CA TYR A 713 -7.61 3.08 15.85
C TYR A 713 -7.24 1.60 15.81
N ILE A 714 -6.00 1.28 16.15
CA ILE A 714 -5.53 -0.10 16.05
C ILE A 714 -5.81 -0.90 17.31
N CYS A 715 -5.48 -0.35 18.48
CA CYS A 715 -5.59 -1.09 19.74
C CYS A 715 -6.38 -0.27 20.76
N GLY A 716 -7.71 -0.35 20.69
CA GLY A 716 -8.54 0.47 21.55
C GLY A 716 -8.59 -0.05 22.97
N ASP A 717 -7.90 0.65 23.88
CA ASP A 717 -7.86 0.34 25.31
C ASP A 717 -7.39 -1.09 25.57
N SER A 718 -6.35 -1.51 24.86
CA SER A 718 -5.73 -2.80 25.08
C SER A 718 -4.25 -2.62 25.29
N THR A 719 -3.74 -3.11 26.42
CA THR A 719 -2.33 -2.94 26.77
C THR A 719 -1.42 -3.88 25.99
N GLU A 720 -1.89 -5.12 25.80
CA GLU A 720 -1.11 -6.10 25.06
C GLU A 720 -0.93 -5.68 23.60
N CYS A 721 -2.01 -5.19 22.99
CA CYS A 721 -1.94 -4.70 21.61
C CYS A 721 -1.04 -3.48 21.50
N ALA A 722 -1.06 -2.60 22.52
CA ALA A 722 -0.16 -1.45 22.50
C ALA A 722 1.28 -1.88 22.60
N ASN A 723 1.57 -2.90 23.43
CA ASN A 723 2.92 -3.45 23.50
C ASN A 723 3.36 -4.07 22.18
N LEU A 724 2.45 -4.77 21.50
CA LEU A 724 2.77 -5.34 20.19
C LEU A 724 2.93 -4.29 19.11
N LEU A 725 2.23 -3.17 19.22
CA LEU A 725 2.32 -2.09 18.23
C LEU A 725 3.58 -1.27 18.40
N LEU A 726 4.21 -1.34 19.59
CA LEU A 726 5.34 -0.51 19.97
C LEU A 726 6.52 -0.53 18.98
N GLN A 727 6.66 -1.57 18.16
CA GLN A 727 7.77 -1.63 17.22
C GLN A 727 7.37 -1.20 15.81
N TYR A 728 6.22 -0.56 15.65
CA TYR A 728 5.81 0.02 14.39
C TYR A 728 5.77 1.53 14.45
N GLY A 729 6.50 2.15 15.38
CA GLY A 729 6.31 3.56 15.66
C GLY A 729 6.77 4.47 14.55
N SER A 730 7.76 4.03 13.77
CA SER A 730 8.24 4.84 12.65
C SER A 730 7.17 5.03 11.58
N PHE A 731 6.37 3.99 11.35
CA PHE A 731 5.29 4.05 10.38
C PHE A 731 4.21 5.06 10.78
N CYS A 732 3.85 5.11 12.06
CA CYS A 732 2.81 6.01 12.54
C CYS A 732 3.21 7.48 12.58
N THR A 733 4.46 7.80 12.89
CA THR A 733 4.89 9.20 12.88
C THR A 733 4.93 9.78 11.46
N GLN A 734 5.16 8.94 10.44
CA GLN A 734 5.08 9.38 9.05
C GLN A 734 3.67 9.83 8.67
N LEU A 735 2.65 9.07 9.08
CA LEU A 735 1.27 9.47 8.81
C LEU A 735 0.91 10.78 9.48
N ASN A 736 1.31 10.94 10.75
CA ASN A 736 1.00 12.18 11.47
C ASN A 736 1.72 13.37 10.85
N ARG A 737 2.96 13.17 10.39
CA ARG A 737 3.68 14.24 9.72
C ARG A 737 3.00 14.65 8.42
N ALA A 738 2.53 13.67 7.65
CA ALA A 738 1.81 13.96 6.40
C ALA A 738 0.53 14.75 6.66
N LEU A 739 -0.23 14.35 7.68
CA LEU A 739 -1.49 15.03 7.97
C LEU A 739 -1.25 16.44 8.48
N SER A 740 -0.21 16.64 9.31
CA SER A 740 0.07 17.97 9.82
C SER A 740 0.55 18.90 8.71
N GLY A 741 1.34 18.37 7.77
CA GLY A 741 1.70 19.15 6.60
C GLY A 741 0.49 19.56 5.76
N ILE A 742 -0.47 18.64 5.60
CA ILE A 742 -1.69 18.96 4.85
C ILE A 742 -2.46 20.08 5.55
N ALA A 743 -2.61 20.01 6.87
CA ALA A 743 -3.37 21.03 7.59
C ALA A 743 -2.70 22.41 7.52
N ALA A 744 -1.36 22.42 7.63
CA ALA A 744 -0.63 23.67 7.48
C ALA A 744 -0.81 24.25 6.09
N GLU A 745 -0.81 23.38 5.07
CA GLU A 745 -1.05 23.86 3.71
C GLU A 745 -2.45 24.43 3.55
N GLN A 746 -3.45 23.86 4.22
CA GLN A 746 -4.81 24.41 4.13
C GLN A 746 -4.92 25.80 4.74
N ASP A 747 -4.18 26.03 5.84
CA ASP A 747 -4.15 27.38 6.39
C ASP A 747 -3.41 28.34 5.47
N ARG A 748 -2.30 27.88 4.86
CA ARG A 748 -1.56 28.77 3.98
C ARG A 748 -2.40 29.12 2.76
N ASN A 749 -3.22 28.17 2.29
CA ASN A 749 -4.08 28.40 1.14
C ASN A 749 -5.08 29.51 1.42
N THR A 750 -5.75 29.43 2.58
CA THR A 750 -6.72 30.49 2.91
C THR A 750 -6.03 31.84 3.08
N ARG A 751 -4.84 31.86 3.72
CA ARG A 751 -4.11 33.11 3.89
C ARG A 751 -3.68 33.73 2.56
N GLU A 752 -3.22 32.90 1.61
CA GLU A 752 -2.77 33.42 0.32
C GLU A 752 -3.93 33.85 -0.56
N VAL A 753 -5.14 33.31 -0.35
CA VAL A 753 -6.26 33.74 -1.17
C VAL A 753 -6.86 35.03 -0.63
N PHE A 754 -7.13 35.11 0.68
CA PHE A 754 -7.98 36.19 1.19
C PHE A 754 -7.23 37.41 1.72
N ALA A 755 -5.97 37.28 2.12
CA ALA A 755 -5.28 38.33 2.85
C ALA A 755 -4.33 39.14 1.96
N GLN A 756 -4.78 39.44 0.74
CA GLN A 756 -3.93 40.11 -0.24
C GLN A 756 -3.72 41.59 0.09
N VAL A 757 -4.77 42.28 0.52
CA VAL A 757 -4.65 43.71 0.84
C VAL A 757 -4.07 43.86 2.25
N LYS A 758 -3.39 45.00 2.48
CA LYS A 758 -2.64 45.22 3.70
C LYS A 758 -3.34 46.12 4.70
N GLN A 759 -4.31 46.92 4.27
CA GLN A 759 -5.01 47.86 5.16
C GLN A 759 -6.51 47.62 5.07
N MET A 760 -7.17 47.70 6.22
CA MET A 760 -8.57 47.28 6.34
C MET A 760 -9.41 48.54 6.23
N TYR A 761 -9.99 48.76 5.05
CA TYR A 761 -10.84 49.92 4.83
C TYR A 761 -12.20 49.74 5.48
N LYS A 762 -12.71 50.84 6.05
CA LYS A 762 -14.01 50.82 6.71
C LYS A 762 -15.13 50.94 5.69
N THR A 763 -16.27 50.36 6.02
CA THR A 763 -17.43 50.42 5.14
C THR A 763 -17.99 51.84 5.15
N PRO A 764 -18.17 52.46 3.99
CA PRO A 764 -18.71 53.83 3.95
C PRO A 764 -20.16 53.88 4.41
N THR A 765 -20.54 55.05 4.95
CA THR A 765 -21.91 55.22 5.44
C THR A 765 -22.91 55.25 4.30
N LEU A 766 -22.54 55.87 3.17
CA LEU A 766 -23.41 55.93 2.01
C LEU A 766 -23.11 54.75 1.09
N LYS A 767 -24.15 54.03 0.67
CA LYS A 767 -24.01 52.87 -0.18
C LYS A 767 -24.40 53.14 -1.62
N TYR A 768 -24.55 54.41 -2.00
CA TYR A 768 -25.14 54.81 -3.27
C TYR A 768 -24.12 55.72 -3.96
N PHE A 769 -23.46 55.21 -4.99
CA PHE A 769 -22.35 55.93 -5.62
C PHE A 769 -22.68 56.30 -7.07
N GLY A 770 -23.33 57.44 -7.25
CA GLY A 770 -23.59 57.97 -8.58
C GLY A 770 -24.51 57.15 -9.46
N GLY A 771 -25.58 56.61 -8.89
CA GLY A 771 -26.51 55.79 -9.61
C GLY A 771 -26.37 54.30 -9.35
N PHE A 772 -25.28 53.88 -8.71
CA PHE A 772 -24.97 52.48 -8.54
C PHE A 772 -25.24 52.06 -7.10
N ASN A 773 -25.94 50.93 -6.93
CA ASN A 773 -26.43 50.49 -5.64
C ASN A 773 -25.53 49.38 -5.12
N PHE A 774 -24.77 49.68 -4.07
CA PHE A 774 -23.80 48.74 -3.51
C PHE A 774 -24.27 48.15 -2.18
N SER A 775 -25.56 48.23 -1.89
CA SER A 775 -26.07 47.83 -0.59
C SER A 775 -26.14 46.32 -0.42
N GLN A 776 -26.36 45.59 -1.50
CA GLN A 776 -26.53 44.13 -1.43
C GLN A 776 -25.22 43.37 -1.32
N ILE A 777 -24.08 44.02 -1.57
CA ILE A 777 -22.79 43.36 -1.49
C ILE A 777 -21.93 43.92 -0.37
N LEU A 778 -22.47 44.81 0.45
CA LEU A 778 -21.77 45.38 1.59
C LEU A 778 -22.54 45.07 2.88
N PRO A 779 -21.85 44.98 4.02
CA PRO A 779 -22.56 44.77 5.28
C PRO A 779 -23.32 46.02 5.71
N ASP A 780 -24.48 45.78 6.34
CA ASP A 780 -25.27 46.85 6.92
C ASP A 780 -25.17 46.79 8.45
N PRO A 781 -25.19 47.94 9.14
CA PRO A 781 -24.95 47.92 10.59
C PRO A 781 -26.19 47.73 11.46
N LEU A 782 -27.31 47.28 10.90
CA LEU A 782 -28.53 47.06 11.68
C LEU A 782 -28.80 45.59 11.95
N LYS A 783 -28.47 44.71 11.00
CA LYS A 783 -28.71 43.29 11.19
C LYS A 783 -27.65 42.71 12.11
N PRO A 784 -27.97 41.64 12.86
CA PRO A 784 -26.96 41.04 13.75
C PRO A 784 -25.75 40.45 13.05
N THR A 785 -25.87 39.96 11.83
CA THR A 785 -24.73 39.33 11.18
C THR A 785 -23.77 40.39 10.65
N LYS A 786 -22.53 39.95 10.39
CA LYS A 786 -21.46 40.82 9.96
C LYS A 786 -21.23 40.75 8.45
N ARG A 787 -22.09 40.07 7.71
CA ARG A 787 -21.84 39.78 6.31
C ARG A 787 -23.02 40.25 5.46
N SER A 788 -22.80 40.25 4.14
CA SER A 788 -23.75 40.81 3.20
C SER A 788 -24.93 39.85 2.98
N PHE A 789 -25.91 40.33 2.21
CA PHE A 789 -27.11 39.54 1.95
C PHE A 789 -26.78 38.38 1.00
N ILE A 790 -25.91 38.62 0.02
CA ILE A 790 -25.52 37.56 -0.89
C ILE A 790 -24.67 36.52 -0.17
N GLU A 791 -23.80 36.98 0.74
CA GLU A 791 -23.01 36.03 1.53
C GLU A 791 -23.91 35.22 2.46
N ASP A 792 -25.01 35.82 2.92
CA ASP A 792 -26.01 35.08 3.69
C ASP A 792 -26.62 33.97 2.87
N LEU A 793 -27.01 34.27 1.61
CA LEU A 793 -27.55 33.22 0.75
C LEU A 793 -26.52 32.14 0.45
N LEU A 794 -25.26 32.55 0.22
CA LEU A 794 -24.21 31.59 -0.08
C LEU A 794 -23.94 30.66 1.11
N PHE A 795 -23.98 31.20 2.33
CA PHE A 795 -23.80 30.35 3.50
C PHE A 795 -25.03 29.51 3.77
N ASN A 796 -26.21 29.95 3.33
CA ASN A 796 -27.40 29.13 3.49
C ASN A 796 -27.47 27.99 2.48
N LYS A 797 -26.81 28.12 1.33
CA LYS A 797 -26.88 27.08 0.30
C LYS A 797 -26.12 25.82 0.68
N VAL A 798 -25.07 25.91 1.48
CA VAL A 798 -24.22 24.76 1.78
C VAL A 798 -24.55 24.25 3.18
N THR A 799 -24.89 22.96 3.26
CA THR A 799 -25.13 22.25 4.50
C THR A 799 -23.83 21.72 5.08
N LEU A 800 -23.72 21.74 6.40
CA LEU A 800 -22.51 21.34 7.09
C LEU A 800 -22.75 20.01 7.80
N ALA A 801 -21.69 19.47 8.40
CA ALA A 801 -21.75 18.22 9.15
C ALA A 801 -21.53 18.35 10.65
N ASP A 802 -20.43 18.96 11.07
CA ASP A 802 -20.20 19.14 12.51
C ASP A 802 -20.79 20.40 13.11
N ALA A 803 -20.73 21.53 12.38
CA ALA A 803 -21.35 22.83 12.72
C ALA A 803 -20.66 23.49 13.91
N GLY A 804 -19.74 22.80 14.56
CA GLY A 804 -18.78 23.40 15.47
C GLY A 804 -17.64 22.41 15.64
N PHE A 805 -16.74 22.69 16.57
CA PHE A 805 -15.71 21.71 16.87
C PHE A 805 -15.68 21.25 18.32
N MET A 806 -16.85 20.98 18.91
CA MET A 806 -16.87 20.66 20.34
C MET A 806 -17.95 19.64 20.61
N LYS A 807 -17.54 18.40 20.87
CA LYS A 807 -18.45 17.31 21.23
C LYS A 807 -18.00 16.77 22.57
N GLN A 808 -18.75 17.05 23.62
CA GLN A 808 -18.30 16.66 24.95
C GLN A 808 -18.61 15.19 25.21
N TYR A 809 -17.90 14.64 26.20
CA TYR A 809 -18.00 13.21 26.50
C TYR A 809 -19.38 12.85 27.04
N GLY A 810 -19.92 13.68 27.94
CA GLY A 810 -21.28 13.47 28.41
C GLY A 810 -22.33 13.61 27.33
N GLU A 811 -22.05 14.43 26.31
CA GLU A 811 -22.97 14.53 25.18
C GLU A 811 -22.97 13.25 24.34
N CYS A 812 -21.80 12.67 24.08
CA CYS A 812 -21.73 11.41 23.35
C CYS A 812 -22.28 10.25 24.16
N LEU A 813 -22.14 10.27 25.48
CA LEU A 813 -22.81 9.27 26.31
C LEU A 813 -24.29 9.55 26.53
N GLY A 814 -24.79 10.71 26.14
CA GLY A 814 -26.23 10.92 26.21
C GLY A 814 -27.00 10.49 24.97
N ASP A 815 -26.33 10.29 23.84
CA ASP A 815 -26.97 9.88 22.60
C ASP A 815 -26.38 8.53 22.16
N ILE A 816 -26.95 7.45 22.68
CA ILE A 816 -26.55 6.11 22.31
C ILE A 816 -27.60 5.43 21.45
N ASN A 817 -28.88 5.69 21.74
CA ASN A 817 -29.95 5.16 20.90
C ASN A 817 -29.87 5.75 19.50
N ALA A 818 -29.52 7.02 19.40
CA ALA A 818 -29.26 7.68 18.12
C ALA A 818 -27.79 7.46 17.78
N ARG A 819 -27.52 6.56 16.84
CA ARG A 819 -26.15 6.17 16.48
C ARG A 819 -25.49 7.27 15.67
N ASP A 820 -24.98 8.29 16.37
CA ASP A 820 -24.37 9.41 15.68
C ASP A 820 -23.02 9.03 15.11
N LEU A 821 -22.75 9.49 13.88
CA LEU A 821 -21.51 9.14 13.19
C LEU A 821 -20.29 9.83 13.78
N ILE A 822 -20.46 11.06 14.27
CA ILE A 822 -19.34 11.83 14.79
C ILE A 822 -18.82 11.24 16.09
N CYS A 823 -19.72 10.74 16.95
CA CYS A 823 -19.26 10.08 18.17
C CYS A 823 -18.49 8.80 17.85
N ALA A 824 -18.92 8.04 16.84
CA ALA A 824 -18.18 6.85 16.45
C ALA A 824 -16.81 7.17 15.88
N GLN A 825 -16.72 8.26 15.10
CA GLN A 825 -15.41 8.69 14.60
C GLN A 825 -14.52 9.13 15.74
N LYS A 826 -15.07 9.86 16.71
CA LYS A 826 -14.23 10.38 17.77
C LYS A 826 -13.84 9.26 18.73
N PHE A 827 -14.70 8.25 18.86
CA PHE A 827 -14.41 7.08 19.68
C PHE A 827 -13.44 6.13 18.99
N ASN A 828 -13.12 6.36 17.71
CA ASN A 828 -12.20 5.49 17.00
C ASN A 828 -10.91 6.20 16.63
N GLY A 829 -10.68 7.41 17.15
CA GLY A 829 -9.42 8.09 17.02
C GLY A 829 -9.30 9.08 15.87
N LEU A 830 -10.41 9.45 15.25
CA LEU A 830 -10.41 10.36 14.10
C LEU A 830 -11.00 11.70 14.52
N THR A 831 -10.26 12.79 14.33
CA THR A 831 -10.68 14.10 14.79
C THR A 831 -10.51 15.13 13.69
N VAL A 832 -11.33 16.19 13.77
CA VAL A 832 -11.31 17.29 12.82
C VAL A 832 -10.94 18.56 13.57
N LEU A 833 -9.92 19.30 13.05
CA LEU A 833 -9.35 20.48 13.68
C LEU A 833 -10.00 21.76 13.13
N PRO A 834 -10.13 22.80 13.94
CA PRO A 834 -10.79 24.02 13.46
C PRO A 834 -9.88 24.79 12.50
N PRO A 835 -10.46 25.53 11.56
CA PRO A 835 -9.65 26.44 10.74
C PRO A 835 -9.13 27.63 11.53
N LEU A 836 -8.02 28.19 11.04
CA LEU A 836 -7.38 29.32 11.72
C LEU A 836 -8.22 30.58 11.57
N LEU A 837 -8.71 30.86 10.36
CA LEU A 837 -9.51 32.05 10.10
C LEU A 837 -10.98 31.76 10.33
N THR A 838 -11.61 32.57 11.19
CA THR A 838 -13.04 32.45 11.41
C THR A 838 -13.78 33.00 10.19
N ASP A 839 -15.04 32.58 10.02
CA ASP A 839 -15.85 33.08 8.92
C ASP A 839 -16.07 34.59 9.01
N ASP A 840 -16.13 35.13 10.24
CA ASP A 840 -16.27 36.57 10.41
C ASP A 840 -15.04 37.33 9.90
N MET A 841 -13.85 36.76 10.09
CA MET A 841 -12.64 37.40 9.59
C MET A 841 -12.60 37.43 8.08
N ILE A 842 -13.02 36.34 7.44
CA ILE A 842 -13.06 36.29 5.98
C ILE A 842 -14.11 37.24 5.44
N ALA A 843 -15.25 37.36 6.14
CA ALA A 843 -16.28 38.32 5.75
C ALA A 843 -15.77 39.75 5.89
N ALA A 844 -14.99 40.04 6.94
CA ALA A 844 -14.39 41.35 7.10
C ALA A 844 -13.39 41.65 5.99
N TYR A 845 -12.61 40.65 5.59
CA TYR A 845 -11.67 40.83 4.48
C TYR A 845 -12.41 41.15 3.18
N THR A 846 -13.48 40.42 2.88
CA THR A 846 -14.21 40.68 1.65
C THR A 846 -14.92 42.03 1.68
N ALA A 847 -15.42 42.43 2.86
CA ALA A 847 -16.03 43.76 2.99
C ALA A 847 -15.00 44.86 2.78
N ALA A 848 -13.79 44.70 3.32
CA ALA A 848 -12.74 45.68 3.11
C ALA A 848 -12.34 45.77 1.64
N LEU A 849 -12.26 44.62 0.96
CA LEU A 849 -11.92 44.62 -0.46
C LEU A 849 -12.99 45.30 -1.30
N VAL A 850 -14.26 45.03 -1.01
CA VAL A 850 -15.33 45.65 -1.80
C VAL A 850 -15.39 47.15 -1.53
N SER A 851 -15.17 47.57 -0.28
CA SER A 851 -15.15 49.00 0.02
C SER A 851 -13.98 49.70 -0.66
N GLY A 852 -12.81 49.06 -0.66
CA GLY A 852 -11.65 49.64 -1.35
C GLY A 852 -11.85 49.72 -2.84
N THR A 853 -12.51 48.73 -3.44
CA THR A 853 -12.81 48.79 -4.86
C THR A 853 -13.81 49.91 -5.16
N ALA A 854 -14.84 50.04 -4.32
CA ALA A 854 -15.89 51.03 -4.58
C ALA A 854 -15.43 52.44 -4.28
N THR A 855 -14.37 52.62 -3.49
CA THR A 855 -13.92 53.96 -3.12
C THR A 855 -12.61 54.35 -3.79
N ALA A 856 -11.64 53.43 -3.87
CA ALA A 856 -10.32 53.77 -4.40
C ALA A 856 -10.09 53.22 -5.79
N GLY A 857 -10.71 52.10 -6.14
CA GLY A 857 -10.64 51.59 -7.50
C GLY A 857 -9.64 50.47 -7.68
N TRP A 858 -8.53 50.82 -8.32
CA TRP A 858 -7.50 49.87 -8.73
C TRP A 858 -6.13 50.26 -8.16
N THR A 859 -6.04 51.41 -7.50
CA THR A 859 -4.76 51.99 -7.15
C THR A 859 -4.25 51.50 -5.81
N PHE A 860 -5.08 50.83 -5.04
CA PHE A 860 -4.68 50.36 -3.71
C PHE A 860 -3.96 49.03 -3.78
N GLY A 861 -3.79 48.45 -4.97
CA GLY A 861 -2.96 47.27 -5.14
C GLY A 861 -1.52 47.60 -5.52
N ALA A 862 -1.32 48.67 -6.29
CA ALA A 862 0.01 49.13 -6.66
C ALA A 862 0.68 49.82 -5.47
N GLY A 863 -0.08 50.41 -4.57
CA GLY A 863 0.47 51.12 -3.44
C GLY A 863 -0.60 51.69 -2.52
N ALA A 864 -0.44 52.94 -2.12
CA ALA A 864 -1.41 53.64 -1.30
C ALA A 864 -2.67 53.92 -2.09
N ALA A 865 -3.82 53.91 -1.41
CA ALA A 865 -5.10 54.09 -2.07
C ALA A 865 -5.26 55.53 -2.54
N LEU A 866 -5.80 55.69 -3.73
CA LEU A 866 -6.10 57.01 -4.30
C LEU A 866 -7.61 57.13 -4.44
N GLN A 867 -8.18 58.16 -3.82
CA GLN A 867 -9.62 58.35 -3.89
C GLN A 867 -10.00 58.86 -5.29
N ILE A 868 -11.19 58.46 -5.74
CA ILE A 868 -11.71 58.86 -7.04
C ILE A 868 -13.22 58.65 -7.08
N PRO A 869 -14.00 59.58 -7.63
CA PRO A 869 -15.44 59.35 -7.78
C PRO A 869 -15.73 58.21 -8.74
N PHE A 870 -16.86 57.53 -8.51
CA PHE A 870 -17.12 56.26 -9.18
C PHE A 870 -17.35 56.43 -10.69
N ALA A 871 -17.91 57.56 -11.10
CA ALA A 871 -18.15 57.79 -12.53
C ALA A 871 -16.84 57.90 -13.31
N MET A 872 -15.83 58.56 -12.75
CA MET A 872 -14.54 58.64 -13.43
C MET A 872 -13.83 57.30 -13.50
N GLN A 873 -13.96 56.49 -12.45
CA GLN A 873 -13.42 55.14 -12.48
C GLN A 873 -14.10 54.29 -13.54
N MET A 874 -15.43 54.41 -13.63
CA MET A 874 -16.19 53.74 -14.70
C MET A 874 -15.74 54.21 -16.07
N ALA A 875 -15.42 55.51 -16.19
CA ALA A 875 -14.93 56.04 -17.45
C ALA A 875 -13.59 55.43 -17.82
N TYR A 876 -12.71 55.24 -16.84
CA TYR A 876 -11.43 54.59 -17.12
C TYR A 876 -11.64 53.13 -17.54
N ARG A 877 -12.56 52.43 -16.88
CA ARG A 877 -12.81 51.04 -17.27
C ARG A 877 -13.37 50.95 -18.68
N PHE A 878 -14.24 51.90 -19.06
CA PHE A 878 -14.74 51.95 -20.43
C PHE A 878 -13.63 52.29 -21.43
N ASN A 879 -12.73 53.20 -21.07
CA ASN A 879 -11.61 53.58 -21.93
C ASN A 879 -10.62 52.43 -22.08
N GLY A 880 -10.57 51.52 -21.11
CA GLY A 880 -9.62 50.42 -21.19
C GLY A 880 -9.99 49.35 -22.20
N ILE A 881 -11.26 49.25 -22.60
CA ILE A 881 -11.70 48.24 -23.55
C ILE A 881 -11.93 48.83 -24.94
N GLY A 882 -11.44 50.04 -25.19
CA GLY A 882 -11.52 50.63 -26.52
C GLY A 882 -12.77 51.42 -26.83
N VAL A 883 -13.52 51.85 -25.81
CA VAL A 883 -14.71 52.65 -25.99
C VAL A 883 -14.46 53.99 -25.31
N THR A 884 -14.78 55.08 -26.01
CA THR A 884 -14.53 56.40 -25.45
C THR A 884 -15.47 56.66 -24.27
N GLN A 885 -15.02 57.55 -23.37
CA GLN A 885 -15.71 57.76 -22.10
C GLN A 885 -16.96 58.63 -22.20
N ASN A 886 -17.18 59.32 -23.33
CA ASN A 886 -18.43 60.05 -23.52
C ASN A 886 -19.62 59.10 -23.61
N VAL A 887 -19.36 57.86 -24.05
CA VAL A 887 -20.39 56.83 -24.11
C VAL A 887 -20.89 56.55 -22.71
N LEU A 888 -19.99 56.53 -21.73
CA LEU A 888 -20.43 56.44 -20.34
C LEU A 888 -21.19 57.69 -19.93
N TYR A 889 -20.63 58.87 -20.19
CA TYR A 889 -21.17 60.10 -19.62
C TYR A 889 -22.52 60.50 -20.20
N GLU A 890 -22.90 59.95 -21.35
CA GLU A 890 -24.20 60.25 -21.93
C GLU A 890 -25.24 59.17 -21.65
N ASN A 891 -24.83 57.99 -21.21
CA ASN A 891 -25.75 56.88 -20.94
C ASN A 891 -25.64 56.37 -19.51
N GLN A 892 -25.38 57.27 -18.56
CA GLN A 892 -25.10 56.86 -17.18
C GLN A 892 -26.32 56.28 -16.49
N LYS A 893 -27.50 56.84 -16.78
CA LYS A 893 -28.75 56.35 -16.20
C LYS A 893 -29.03 54.91 -16.62
N GLN A 894 -28.89 54.63 -17.92
CA GLN A 894 -29.17 53.30 -18.44
C GLN A 894 -28.19 52.27 -17.90
N ILE A 895 -26.92 52.64 -17.82
CA ILE A 895 -25.88 51.72 -17.33
C ILE A 895 -26.10 51.43 -15.85
N ALA A 896 -26.45 52.45 -15.07
CA ALA A 896 -26.73 52.24 -13.65
C ALA A 896 -27.96 51.36 -13.45
N ASN A 897 -29.00 51.57 -14.25
CA ASN A 897 -30.20 50.73 -14.13
C ASN A 897 -29.91 49.29 -14.51
N GLN A 898 -29.11 49.07 -15.55
CA GLN A 898 -28.75 47.71 -15.94
C GLN A 898 -27.90 47.02 -14.89
N PHE A 899 -26.98 47.78 -14.26
CA PHE A 899 -26.18 47.23 -13.16
C PHE A 899 -27.05 46.80 -11.99
N ASN A 900 -28.00 47.66 -11.58
CA ASN A 900 -28.88 47.31 -10.48
C ASN A 900 -29.78 46.12 -10.82
N LYS A 901 -30.27 46.07 -12.06
CA LYS A 901 -31.10 44.95 -12.50
C LYS A 901 -30.31 43.65 -12.49
N ALA A 902 -29.04 43.69 -12.93
CA ALA A 902 -28.22 42.48 -12.92
C ALA A 902 -27.95 41.99 -11.50
N ILE A 903 -27.70 42.90 -10.56
CA ILE A 903 -27.52 42.49 -9.17
C ILE A 903 -28.80 41.85 -8.62
N SER A 904 -29.96 42.46 -8.93
CA SER A 904 -31.22 41.89 -8.49
C SER A 904 -31.48 40.53 -9.11
N GLN A 905 -31.12 40.34 -10.38
CA GLN A 905 -31.26 39.03 -11.02
C GLN A 905 -30.36 37.98 -10.39
N ILE A 906 -29.12 38.34 -10.04
CA ILE A 906 -28.24 37.41 -9.32
C ILE A 906 -28.84 37.03 -7.97
N GLN A 907 -29.40 38.01 -7.26
CA GLN A 907 -30.06 37.74 -5.98
C GLN A 907 -31.25 36.81 -6.16
N GLU A 908 -32.06 37.03 -7.20
CA GLU A 908 -33.23 36.19 -7.39
C GLU A 908 -32.81 34.80 -7.83
N SER A 909 -31.68 34.69 -8.53
CA SER A 909 -31.21 33.39 -8.97
C SER A 909 -30.71 32.60 -7.76
N LEU A 910 -30.16 33.31 -6.77
CA LEU A 910 -29.57 32.67 -5.60
C LEU A 910 -30.60 32.40 -4.50
N THR A 911 -31.82 32.91 -4.62
CA THR A 911 -32.82 32.59 -3.61
C THR A 911 -33.56 31.29 -3.91
N THR A 912 -33.46 30.79 -5.13
CA THR A 912 -34.10 29.54 -5.54
C THR A 912 -33.13 28.38 -5.42
N THR A 913 -33.63 27.25 -4.92
CA THR A 913 -32.83 26.04 -4.72
C THR A 913 -32.31 25.51 -6.05
N SER A 914 -31.00 25.33 -6.13
CA SER A 914 -30.34 24.92 -7.38
C SER A 914 -29.02 24.24 -7.01
N THR A 915 -28.17 24.02 -8.02
CA THR A 915 -26.86 23.41 -7.83
C THR A 915 -25.74 24.35 -8.26
N ALA A 916 -25.91 25.64 -7.97
CA ALA A 916 -24.88 26.61 -8.32
C ALA A 916 -23.61 26.43 -7.50
N LEU A 917 -23.77 26.08 -6.22
CA LEU A 917 -22.67 25.85 -5.29
C LEU A 917 -22.35 24.36 -5.13
N GLY A 918 -22.47 23.61 -6.22
CA GLY A 918 -22.32 22.16 -6.18
C GLY A 918 -20.90 21.65 -6.04
N LYS A 919 -19.90 22.48 -6.33
CA LYS A 919 -18.51 22.06 -6.14
C LYS A 919 -17.95 22.40 -4.76
N LEU A 920 -18.70 23.10 -3.91
CA LEU A 920 -18.38 23.18 -2.49
C LEU A 920 -18.95 22.04 -1.65
N GLN A 921 -20.06 21.43 -2.10
CA GLN A 921 -20.63 20.30 -1.37
C GLN A 921 -19.81 19.02 -1.54
N ASP A 922 -19.13 18.86 -2.67
CA ASP A 922 -18.35 17.65 -2.93
C ASP A 922 -17.19 17.49 -1.95
N VAL A 923 -16.63 18.61 -1.50
CA VAL A 923 -15.51 18.56 -0.56
C VAL A 923 -15.96 17.96 0.77
N VAL A 924 -17.07 18.47 1.32
CA VAL A 924 -17.54 17.99 2.61
C VAL A 924 -18.05 16.56 2.49
N ASN A 925 -18.65 16.21 1.35
CA ASN A 925 -19.10 14.84 1.14
C ASN A 925 -17.92 13.87 1.10
N GLN A 926 -16.84 14.25 0.41
CA GLN A 926 -15.66 13.39 0.33
C GLN A 926 -14.99 13.21 1.68
N ASN A 927 -14.88 14.27 2.47
CA ASN A 927 -14.24 14.15 3.79
C ASN A 927 -15.05 13.25 4.73
N ALA A 928 -16.38 13.47 4.77
CA ALA A 928 -17.23 12.65 5.63
C ALA A 928 -17.22 11.20 5.19
N GLN A 929 -17.25 10.96 3.88
CA GLN A 929 -17.28 9.61 3.36
C GLN A 929 -15.96 8.88 3.62
N ALA A 930 -14.83 9.59 3.54
CA ALA A 930 -13.55 8.96 3.85
C ALA A 930 -13.46 8.52 5.30
N LEU A 931 -13.90 9.39 6.23
CA LEU A 931 -13.85 9.00 7.65
C LEU A 931 -14.80 7.83 7.94
N ASN A 932 -15.98 7.86 7.34
CA ASN A 932 -16.93 6.77 7.54
C ASN A 932 -16.45 5.47 6.90
N THR A 933 -15.71 5.57 5.79
CA THR A 933 -15.11 4.39 5.18
C THR A 933 -14.05 3.77 6.08
N LEU A 934 -13.23 4.58 6.76
CA LEU A 934 -12.29 4.02 7.74
C LEU A 934 -13.02 3.29 8.87
N VAL A 935 -14.13 3.87 9.32
CA VAL A 935 -14.90 3.27 10.40
C VAL A 935 -15.48 1.94 9.93
N LYS A 936 -16.02 1.90 8.71
CA LYS A 936 -16.59 0.65 8.25
C LYS A 936 -15.50 -0.34 7.89
N GLN A 937 -14.30 0.14 7.54
CA GLN A 937 -13.18 -0.75 7.20
C GLN A 937 -12.57 -1.39 8.44
N LEU A 938 -13.10 -1.10 9.61
CA LEU A 938 -12.50 -1.60 10.84
C LEU A 938 -13.07 -2.96 11.26
N SER A 939 -13.97 -3.55 10.48
CA SER A 939 -14.55 -4.86 10.79
C SER A 939 -13.97 -6.04 10.00
N SER A 940 -12.91 -5.82 9.22
CA SER A 940 -12.25 -6.94 8.54
C SER A 940 -11.28 -7.64 9.48
N ASN A 941 -11.28 -8.98 9.44
CA ASN A 941 -10.38 -9.75 10.30
C ASN A 941 -9.02 -10.03 9.69
N PHE A 942 -8.82 -9.75 8.39
CA PHE A 942 -7.53 -9.86 7.70
C PHE A 942 -6.90 -11.25 7.81
N GLY A 943 -7.72 -12.29 7.73
CA GLY A 943 -7.21 -13.65 7.85
C GLY A 943 -6.82 -14.11 9.24
N ALA A 944 -7.57 -13.70 10.26
CA ALA A 944 -7.37 -14.13 11.64
C ALA A 944 -8.63 -14.86 12.10
N ILE A 945 -8.63 -15.30 13.36
CA ILE A 945 -9.78 -16.01 13.91
C ILE A 945 -11.01 -15.11 13.95
N SER A 946 -10.84 -13.87 14.40
CA SER A 946 -11.95 -12.95 14.50
C SER A 946 -11.43 -11.54 14.26
N SER A 947 -12.36 -10.59 14.10
CA SER A 947 -12.04 -9.18 14.02
C SER A 947 -12.17 -8.46 15.35
N VAL A 948 -12.47 -9.18 16.42
CA VAL A 948 -12.65 -8.60 17.74
C VAL A 948 -11.44 -8.97 18.59
N LEU A 949 -10.76 -7.96 19.13
CA LEU A 949 -9.59 -8.20 19.96
C LEU A 949 -9.98 -8.86 21.29
N ASN A 950 -11.19 -8.55 21.77
CA ASN A 950 -11.68 -9.12 23.01
C ASN A 950 -11.89 -10.63 22.90
N ASP A 951 -12.37 -11.12 21.75
CA ASP A 951 -12.54 -12.57 21.57
C ASP A 951 -11.20 -13.30 21.58
N ILE A 952 -10.17 -12.71 20.95
CA ILE A 952 -8.86 -13.34 20.91
C ILE A 952 -8.25 -13.34 22.30
N LEU A 953 -8.40 -12.24 23.04
CA LEU A 953 -7.82 -12.19 24.37
C LEU A 953 -8.65 -12.99 25.37
N SER A 954 -9.93 -13.22 25.05
CA SER A 954 -10.86 -13.98 25.88
C SER A 954 -10.73 -15.49 25.70
N ARG A 955 -10.12 -15.95 24.62
CA ARG A 955 -10.19 -17.38 24.33
C ARG A 955 -8.80 -18.00 24.29
N LEU A 956 -7.84 -17.36 23.65
CA LEU A 956 -6.51 -17.91 23.57
C LEU A 956 -5.75 -17.44 24.81
N ASP A 957 -4.54 -17.93 24.98
CA ASP A 957 -3.63 -17.33 25.95
C ASP A 957 -2.94 -16.15 25.27
N LYS A 958 -1.88 -15.59 25.89
CA LYS A 958 -1.16 -14.47 25.28
C LYS A 958 -0.42 -14.90 24.01
N CYS A 959 -0.25 -16.20 23.84
CA CYS A 959 0.85 -16.90 23.24
C CYS A 959 0.66 -17.15 21.75
N GLU A 960 -0.40 -17.88 21.42
CA GLU A 960 -0.99 -17.97 20.09
C GLU A 960 -1.71 -16.69 19.68
N ALA A 961 -2.22 -15.91 20.63
CA ALA A 961 -2.90 -14.66 20.32
C ALA A 961 -1.99 -13.53 19.85
N GLU A 962 -0.72 -13.45 20.26
CA GLU A 962 0.09 -12.33 19.76
C GLU A 962 0.39 -12.43 18.25
N VAL A 963 0.21 -13.62 17.66
CA VAL A 963 0.40 -13.77 16.22
C VAL A 963 -0.92 -13.58 15.49
N GLN A 964 -2.04 -13.58 16.20
CA GLN A 964 -3.29 -13.22 15.55
C GLN A 964 -3.52 -11.72 15.65
N ILE A 965 -3.01 -11.10 16.73
CA ILE A 965 -3.06 -9.65 16.89
C ILE A 965 -2.16 -8.94 15.88
N ASP A 966 -1.00 -9.54 15.55
CA ASP A 966 -0.11 -8.87 14.59
C ASP A 966 -0.71 -8.74 13.18
N ARG A 967 -1.54 -9.70 12.77
CA ARG A 967 -2.24 -9.59 11.49
C ARG A 967 -3.19 -8.40 11.47
N LEU A 968 -3.95 -8.21 12.55
CA LEU A 968 -4.85 -7.07 12.67
C LEU A 968 -4.08 -5.76 12.70
N ILE A 969 -2.92 -5.76 13.36
CA ILE A 969 -2.10 -4.55 13.44
C ILE A 969 -1.64 -4.13 12.04
N THR A 970 -1.15 -5.09 11.26
CA THR A 970 -0.68 -4.74 9.90
C THR A 970 -1.84 -4.30 9.01
N GLY A 971 -3.01 -4.95 9.14
CA GLY A 971 -4.15 -4.55 8.34
C GLY A 971 -4.65 -3.15 8.65
N ARG A 972 -4.76 -2.80 9.93
CA ARG A 972 -5.26 -1.48 10.28
C ARG A 972 -4.24 -0.39 9.96
N LEU A 973 -2.95 -0.70 10.07
CA LEU A 973 -1.91 0.23 9.65
C LEU A 973 -1.98 0.47 8.13
N GLN A 974 -2.24 -0.60 7.37
CA GLN A 974 -2.42 -0.50 5.92
C GLN A 974 -3.63 0.38 5.56
N SER A 975 -4.73 0.24 6.31
CA SER A 975 -5.91 1.06 6.07
C SER A 975 -5.65 2.54 6.31
N LEU A 976 -4.93 2.86 7.41
CA LEU A 976 -4.58 4.24 7.70
C LEU A 976 -3.68 4.82 6.61
N GLN A 977 -2.73 4.01 6.10
CA GLN A 977 -1.85 4.48 5.04
C GLN A 977 -2.61 4.79 3.75
N THR A 978 -3.59 3.94 3.40
CA THR A 978 -4.40 4.21 2.21
C THR A 978 -5.19 5.51 2.35
N TYR A 979 -5.75 5.75 3.55
CA TYR A 979 -6.47 6.99 3.79
C TYR A 979 -5.55 8.21 3.64
N VAL A 980 -4.32 8.11 4.15
CA VAL A 980 -3.38 9.23 4.08
C VAL A 980 -2.99 9.52 2.63
N THR A 981 -2.80 8.47 1.82
CA THR A 981 -2.44 8.68 0.41
C THR A 981 -3.57 9.39 -0.36
N GLN A 982 -4.81 8.94 -0.15
CA GLN A 982 -5.94 9.61 -0.81
C GLN A 982 -6.06 11.06 -0.38
N GLN A 983 -5.80 11.33 0.91
CA GLN A 983 -5.88 12.70 1.41
C GLN A 983 -4.79 13.58 0.79
N LEU A 984 -3.58 13.04 0.59
CA LEU A 984 -2.52 13.81 -0.04
C LEU A 984 -2.87 14.19 -1.48
N ILE A 985 -3.46 13.24 -2.23
CA ILE A 985 -3.83 13.56 -3.62
C ILE A 985 -4.93 14.62 -3.66
N ARG A 986 -5.94 14.48 -2.80
CA ARG A 986 -7.01 15.50 -2.74
C ARG A 986 -6.47 16.86 -2.32
N ALA A 987 -5.48 16.88 -1.42
CA ALA A 987 -4.87 18.15 -1.02
C ALA A 987 -4.13 18.81 -2.17
N ALA A 988 -3.48 18.01 -3.02
CA ALA A 988 -2.83 18.57 -4.20
C ALA A 988 -3.84 19.23 -5.14
N GLU A 989 -4.98 18.57 -5.37
CA GLU A 989 -6.01 19.17 -6.22
C GLU A 989 -6.55 20.47 -5.62
N ILE A 990 -6.81 20.47 -4.32
CA ILE A 990 -7.33 21.68 -3.66
C ILE A 990 -6.32 22.81 -3.71
N ARG A 991 -5.02 22.49 -3.59
CA ARG A 991 -3.98 23.52 -3.65
C ARG A 991 -3.90 24.14 -5.04
N ALA A 992 -4.04 23.32 -6.09
CA ALA A 992 -4.06 23.89 -7.44
C ALA A 992 -5.26 24.81 -7.64
N SER A 993 -6.43 24.41 -7.13
CA SER A 993 -7.61 25.27 -7.23
C SER A 993 -7.42 26.57 -6.46
N ALA A 994 -6.80 26.51 -5.29
CA ALA A 994 -6.60 27.70 -4.48
C ALA A 994 -5.58 28.64 -5.10
N ASN A 995 -4.56 28.10 -5.77
CA ASN A 995 -3.62 28.96 -6.50
C ASN A 995 -4.30 29.68 -7.64
N LEU A 996 -5.17 28.98 -8.38
CA LEU A 996 -5.91 29.65 -9.45
C LEU A 996 -6.85 30.72 -8.91
N ALA A 997 -7.50 30.45 -7.78
CA ALA A 997 -8.37 31.45 -7.17
C ALA A 997 -7.59 32.66 -6.69
N ALA A 998 -6.40 32.45 -6.14
CA ALA A 998 -5.56 33.55 -5.69
C ALA A 998 -5.10 34.43 -6.84
N THR A 999 -4.63 33.83 -7.94
CA THR A 999 -4.18 34.68 -9.04
C THR A 999 -5.35 35.36 -9.76
N LYS A 1000 -6.54 34.74 -9.77
CA LYS A 1000 -7.69 35.40 -10.36
C LYS A 1000 -8.17 36.56 -9.50
N MET A 1001 -8.13 36.40 -8.19
CA MET A 1001 -8.44 37.48 -7.26
C MET A 1001 -7.44 38.62 -7.38
N SER A 1002 -6.17 38.29 -7.60
CA SER A 1002 -5.14 39.32 -7.75
C SER A 1002 -5.32 40.10 -9.04
N GLU A 1003 -5.62 39.42 -10.14
CA GLU A 1003 -5.62 40.05 -11.46
C GLU A 1003 -7.00 40.54 -11.91
N CYS A 1004 -8.06 40.28 -11.14
CA CYS A 1004 -9.38 40.71 -11.60
C CYS A 1004 -10.13 41.58 -10.60
N VAL A 1005 -9.83 41.45 -9.30
CA VAL A 1005 -10.42 42.33 -8.31
C VAL A 1005 -9.56 43.56 -8.06
N LEU A 1006 -8.24 43.41 -8.06
CA LEU A 1006 -7.33 44.53 -7.83
C LEU A 1006 -6.95 45.26 -9.10
N GLY A 1007 -7.49 44.87 -10.24
CA GLY A 1007 -7.18 45.53 -11.49
C GLY A 1007 -8.11 45.06 -12.58
N GLN A 1008 -7.87 45.57 -13.79
CA GLN A 1008 -8.62 45.18 -14.98
C GLN A 1008 -7.73 44.32 -15.87
N SER A 1009 -8.27 43.21 -16.35
CA SER A 1009 -7.49 42.23 -17.11
C SER A 1009 -7.83 42.31 -18.58
N LYS A 1010 -6.82 42.13 -19.42
CA LYS A 1010 -6.96 42.06 -20.87
C LYS A 1010 -7.10 40.64 -21.40
N ARG A 1011 -6.94 39.64 -20.54
CA ARG A 1011 -6.95 38.25 -21.00
C ARG A 1011 -8.37 37.81 -21.36
N VAL A 1012 -8.51 37.17 -22.52
CA VAL A 1012 -9.82 36.82 -23.06
C VAL A 1012 -10.41 35.67 -22.24
N ASP A 1013 -11.64 35.87 -21.76
CA ASP A 1013 -12.45 34.87 -21.06
C ASP A 1013 -11.82 34.41 -19.75
N PHE A 1014 -10.90 35.19 -19.20
CA PHE A 1014 -10.31 34.85 -17.90
C PHE A 1014 -11.22 35.26 -16.75
N CYS A 1015 -12.03 36.29 -16.94
CA CYS A 1015 -13.00 36.71 -15.93
C CYS A 1015 -14.31 37.09 -16.61
N GLY A 1016 -15.21 36.12 -16.77
CA GLY A 1016 -16.50 36.37 -17.38
C GLY A 1016 -16.45 36.34 -18.90
N LYS A 1017 -17.65 36.41 -19.49
CA LYS A 1017 -17.82 36.38 -20.93
C LYS A 1017 -18.08 37.81 -21.39
N GLY A 1018 -17.14 38.39 -22.13
CA GLY A 1018 -17.23 39.75 -22.57
C GLY A 1018 -15.98 40.52 -22.22
N TYR A 1019 -16.07 41.84 -22.28
CA TYR A 1019 -14.98 42.73 -21.92
C TYR A 1019 -15.07 43.03 -20.43
N HIS A 1020 -14.02 42.70 -19.69
CA HIS A 1020 -14.06 42.78 -18.23
C HIS A 1020 -14.08 44.23 -17.77
N LEU A 1021 -14.99 44.55 -16.87
CA LEU A 1021 -15.04 45.86 -16.22
C LEU A 1021 -14.65 45.80 -14.75
N MET A 1022 -15.33 44.99 -13.94
CA MET A 1022 -15.04 44.91 -12.51
C MET A 1022 -15.25 43.49 -12.01
N SER A 1023 -14.85 43.26 -10.76
CA SER A 1023 -15.12 42.01 -10.09
C SER A 1023 -15.28 42.26 -8.59
N PHE A 1024 -16.14 41.46 -7.96
CA PHE A 1024 -16.38 41.56 -6.52
C PHE A 1024 -16.25 40.17 -5.90
N PRO A 1025 -15.51 40.04 -4.80
CA PRO A 1025 -15.43 38.74 -4.12
C PRO A 1025 -16.43 38.61 -2.98
N GLN A 1026 -16.92 37.37 -2.80
CA GLN A 1026 -17.81 37.02 -1.71
C GLN A 1026 -17.34 35.71 -1.08
N ALA A 1027 -17.45 35.63 0.24
CA ALA A 1027 -17.01 34.43 0.94
C ALA A 1027 -18.07 33.34 0.87
N ALA A 1028 -17.62 32.09 0.89
CA ALA A 1028 -18.51 30.94 0.83
C ALA A 1028 -17.89 29.85 1.67
N PRO A 1029 -18.70 28.86 2.15
CA PRO A 1029 -18.13 27.73 2.90
C PRO A 1029 -17.05 27.00 2.12
N HIS A 1030 -15.82 27.07 2.64
CA HIS A 1030 -14.61 26.49 2.04
C HIS A 1030 -14.28 27.08 0.67
N GLY A 1031 -14.75 28.29 0.34
CA GLY A 1031 -14.48 28.77 -0.99
C GLY A 1031 -14.82 30.23 -1.20
N VAL A 1032 -14.73 30.65 -2.47
CA VAL A 1032 -14.92 32.04 -2.84
C VAL A 1032 -15.82 32.11 -4.09
N VAL A 1033 -16.69 33.12 -4.13
CA VAL A 1033 -17.54 33.38 -5.28
C VAL A 1033 -17.17 34.74 -5.85
N PHE A 1034 -16.78 34.77 -7.12
CA PHE A 1034 -16.48 36.00 -7.84
C PHE A 1034 -17.70 36.43 -8.66
N LEU A 1035 -18.05 37.71 -8.56
CA LEU A 1035 -19.06 38.32 -9.43
C LEU A 1035 -18.33 39.20 -10.43
N HIS A 1036 -18.38 38.81 -11.70
CA HIS A 1036 -17.71 39.51 -12.79
C HIS A 1036 -18.71 40.38 -13.52
N VAL A 1037 -18.40 41.67 -13.65
CA VAL A 1037 -19.20 42.63 -14.41
C VAL A 1037 -18.57 42.82 -15.78
N THR A 1038 -19.31 42.52 -16.83
CA THR A 1038 -18.78 42.55 -18.19
C THR A 1038 -19.71 43.33 -19.11
N TYR A 1039 -19.14 43.73 -20.24
CA TYR A 1039 -19.78 44.53 -21.28
C TYR A 1039 -20.08 43.66 -22.49
N VAL A 1040 -21.35 43.61 -22.90
CA VAL A 1040 -21.75 42.76 -24.02
C VAL A 1040 -22.35 43.62 -25.12
N PRO A 1041 -21.69 43.74 -26.28
CA PRO A 1041 -22.27 44.50 -27.39
C PRO A 1041 -23.43 43.75 -28.04
N SER A 1042 -24.32 44.52 -28.68
CA SER A 1042 -25.53 43.96 -29.27
C SER A 1042 -26.08 44.92 -30.31
N GLN A 1043 -27.11 44.46 -31.01
CA GLN A 1043 -27.84 45.18 -32.07
C GLN A 1043 -26.91 45.57 -33.22
N GLU A 1044 -26.44 44.53 -33.90
CA GLU A 1044 -25.51 44.65 -35.01
C GLU A 1044 -26.12 45.40 -36.18
N ARG A 1045 -25.27 45.97 -37.02
CA ARG A 1045 -25.73 46.64 -38.23
C ARG A 1045 -24.66 46.53 -39.30
N ASN A 1046 -25.10 46.36 -40.55
CA ASN A 1046 -24.20 46.17 -41.68
C ASN A 1046 -23.87 47.50 -42.34
N PHE A 1047 -22.60 47.66 -42.70
CA PHE A 1047 -22.15 48.83 -43.45
C PHE A 1047 -21.18 48.42 -44.55
N THR A 1048 -20.99 49.31 -45.51
CA THR A 1048 -20.03 49.13 -46.60
C THR A 1048 -18.74 49.83 -46.22
N THR A 1049 -17.62 49.12 -46.33
CA THR A 1049 -16.34 49.57 -45.82
C THR A 1049 -15.27 49.61 -46.91
N ALA A 1050 -14.20 50.35 -46.65
CA ALA A 1050 -13.09 50.51 -47.56
C ALA A 1050 -11.79 50.47 -46.77
N PRO A 1051 -10.69 50.01 -47.38
CA PRO A 1051 -9.40 50.04 -46.67
C PRO A 1051 -8.78 51.42 -46.51
N ALA A 1052 -8.82 52.25 -47.54
CA ALA A 1052 -8.18 53.57 -47.50
C ALA A 1052 -8.90 54.49 -48.47
N ILE A 1053 -8.63 55.79 -48.37
CA ILE A 1053 -9.25 56.77 -49.26
C ILE A 1053 -8.17 57.53 -50.00
N CYS A 1054 -8.42 57.80 -51.29
CA CYS A 1054 -7.49 58.57 -52.12
C CYS A 1054 -7.97 60.01 -52.24
N HIS A 1055 -7.03 60.94 -52.17
CA HIS A 1055 -7.36 62.36 -52.21
C HIS A 1055 -6.17 63.13 -52.78
N GLU A 1056 -6.31 63.59 -54.02
CA GLU A 1056 -5.24 64.27 -54.78
C GLU A 1056 -3.98 63.41 -54.79
N GLY A 1057 -4.15 62.17 -55.19
CA GLY A 1057 -3.03 61.28 -55.38
C GLY A 1057 -2.34 60.86 -54.10
N LYS A 1058 -3.00 60.93 -52.94
CA LYS A 1058 -2.36 60.44 -51.73
C LYS A 1058 -3.36 59.55 -51.02
N ALA A 1059 -2.86 58.56 -50.29
CA ALA A 1059 -3.69 57.61 -49.57
C ALA A 1059 -3.77 57.93 -48.08
N TYR A 1060 -5.01 57.97 -47.59
CA TYR A 1060 -5.33 58.28 -46.20
C TYR A 1060 -5.86 57.02 -45.54
N PHE A 1061 -5.14 56.56 -44.50
CA PHE A 1061 -5.48 55.42 -43.66
C PHE A 1061 -5.93 55.93 -42.29
N PRO A 1062 -6.91 55.29 -41.66
CA PRO A 1062 -7.33 55.75 -40.34
C PRO A 1062 -6.29 55.43 -39.26
N ARG A 1063 -6.29 56.26 -38.22
CA ARG A 1063 -5.37 56.04 -37.10
C ARG A 1063 -5.86 54.88 -36.24
N GLU A 1064 -7.06 55.03 -35.68
CA GLU A 1064 -7.81 53.93 -35.10
C GLU A 1064 -9.26 54.06 -35.54
N GLY A 1065 -9.88 52.94 -35.86
CA GLY A 1065 -11.24 52.93 -36.34
C GLY A 1065 -11.34 52.31 -37.72
N VAL A 1066 -12.54 52.39 -38.30
CA VAL A 1066 -12.84 51.84 -39.61
C VAL A 1066 -13.62 52.87 -40.42
N PHE A 1067 -13.47 52.76 -41.75
CA PHE A 1067 -14.24 53.54 -42.71
C PHE A 1067 -15.58 52.87 -42.93
N VAL A 1068 -16.64 53.67 -42.84
CA VAL A 1068 -18.02 53.21 -42.97
C VAL A 1068 -18.73 54.07 -44.02
N PHE A 1069 -19.76 53.49 -44.65
CA PHE A 1069 -20.59 54.14 -45.66
C PHE A 1069 -22.04 53.95 -45.29
N ASN A 1070 -22.79 55.06 -45.24
CA ASN A 1070 -24.17 55.08 -44.77
C ASN A 1070 -25.15 55.41 -45.91
N GLY A 1071 -24.70 55.31 -47.15
CA GLY A 1071 -25.57 55.52 -48.28
C GLY A 1071 -25.41 56.87 -48.96
N THR A 1072 -24.83 57.83 -48.25
CA THR A 1072 -24.61 59.18 -48.73
C THR A 1072 -23.14 59.54 -48.81
N SER A 1073 -22.40 59.35 -47.72
CA SER A 1073 -20.99 59.72 -47.67
C SER A 1073 -20.27 58.77 -46.73
N TRP A 1074 -18.95 58.93 -46.67
CA TRP A 1074 -18.07 58.05 -45.91
C TRP A 1074 -17.69 58.72 -44.60
N PHE A 1075 -17.76 57.95 -43.52
CA PHE A 1075 -17.41 58.39 -42.16
C PHE A 1075 -16.39 57.44 -41.57
N ILE A 1076 -15.90 57.77 -40.38
CA ILE A 1076 -14.96 56.95 -39.63
C ILE A 1076 -15.55 56.69 -38.24
N THR A 1077 -15.42 55.45 -37.76
CA THR A 1077 -16.07 55.08 -36.50
C THR A 1077 -15.18 54.12 -35.73
N GLN A 1078 -15.42 54.04 -34.42
CA GLN A 1078 -14.77 53.02 -33.64
C GLN A 1078 -15.43 51.67 -33.91
N ARG A 1079 -14.65 50.61 -33.70
CA ARG A 1079 -15.07 49.28 -34.11
C ARG A 1079 -16.09 48.66 -33.16
N ASN A 1080 -16.10 49.05 -31.88
CA ASN A 1080 -16.96 48.40 -30.90
C ASN A 1080 -18.26 49.14 -30.65
N PHE A 1081 -18.34 50.42 -31.00
CA PHE A 1081 -19.55 51.21 -30.86
C PHE A 1081 -19.75 52.02 -32.13
N PHE A 1082 -21.00 52.32 -32.45
CA PHE A 1082 -21.32 53.10 -33.65
C PHE A 1082 -21.46 54.56 -33.26
N SER A 1083 -20.49 55.38 -33.67
CA SER A 1083 -20.54 56.83 -33.46
C SER A 1083 -19.89 57.48 -34.67
N PRO A 1084 -20.69 57.95 -35.63
CA PRO A 1084 -20.13 58.52 -36.85
C PRO A 1084 -19.43 59.85 -36.64
N GLN A 1085 -18.27 60.00 -37.27
CA GLN A 1085 -17.48 61.23 -37.24
C GLN A 1085 -17.09 61.61 -38.66
N ILE A 1086 -16.88 62.91 -38.87
CA ILE A 1086 -16.46 63.41 -40.18
C ILE A 1086 -14.99 63.10 -40.40
N ILE A 1087 -14.66 62.57 -41.58
CA ILE A 1087 -13.29 62.22 -41.94
C ILE A 1087 -12.50 63.50 -42.18
N THR A 1088 -11.63 63.84 -41.23
CA THR A 1088 -10.77 65.02 -41.30
C THR A 1088 -9.31 64.58 -41.32
N THR A 1089 -8.42 65.57 -41.37
CA THR A 1089 -6.98 65.30 -41.39
C THR A 1089 -6.48 64.82 -40.04
N ASP A 1090 -7.18 65.18 -38.96
CA ASP A 1090 -6.80 64.70 -37.63
C ASP A 1090 -7.09 63.21 -37.47
N ASN A 1091 -8.15 62.73 -38.13
CA ASN A 1091 -8.55 61.33 -37.99
C ASN A 1091 -7.63 60.38 -38.76
N THR A 1092 -7.03 60.85 -39.84
CA THR A 1092 -6.33 59.98 -40.78
C THR A 1092 -4.85 60.36 -40.87
N PHE A 1093 -4.08 59.50 -41.53
CA PHE A 1093 -2.67 59.76 -41.81
C PHE A 1093 -2.34 59.29 -43.23
N VAL A 1094 -1.24 59.81 -43.75
CA VAL A 1094 -0.88 59.68 -45.16
C VAL A 1094 0.30 58.71 -45.29
N SER A 1095 0.18 57.75 -46.20
CA SER A 1095 1.29 56.86 -46.53
C SER A 1095 1.15 56.41 -47.98
N GLY A 1096 1.96 57.00 -48.87
CA GLY A 1096 2.07 56.58 -50.24
C GLY A 1096 1.05 57.19 -51.18
N ASN A 1097 1.11 56.71 -52.43
CA ASN A 1097 0.23 57.10 -53.52
C ASN A 1097 -0.73 55.97 -53.86
N CYS A 1098 -1.77 56.31 -54.63
CA CYS A 1098 -2.93 55.44 -54.78
C CYS A 1098 -2.82 54.56 -56.02
N ASP A 1099 -1.79 53.70 -56.05
CA ASP A 1099 -1.75 52.70 -57.11
C ASP A 1099 -1.26 51.35 -56.61
N VAL A 1100 -1.26 51.13 -55.30
CA VAL A 1100 -0.79 49.88 -54.73
C VAL A 1100 -1.79 49.22 -53.80
N VAL A 1101 -2.73 49.97 -53.23
CA VAL A 1101 -3.68 49.42 -52.27
C VAL A 1101 -4.90 48.90 -53.02
N ILE A 1102 -5.28 47.67 -52.71
CA ILE A 1102 -6.42 47.03 -53.37
C ILE A 1102 -7.71 47.53 -52.73
N GLY A 1103 -8.62 48.06 -53.54
CA GLY A 1103 -9.89 48.51 -53.02
C GLY A 1103 -9.97 49.95 -52.55
N ILE A 1104 -9.03 50.80 -52.95
CA ILE A 1104 -9.06 52.20 -52.54
C ILE A 1104 -10.12 52.92 -53.36
N ILE A 1105 -10.73 53.97 -52.78
CA ILE A 1105 -11.83 54.69 -53.39
C ILE A 1105 -11.51 56.18 -53.42
N ASN A 1106 -12.33 56.92 -54.18
CA ASN A 1106 -12.24 58.36 -54.28
C ASN A 1106 -13.23 59.00 -53.31
N ASN A 1107 -12.75 59.93 -52.50
CA ASN A 1107 -13.61 60.74 -51.64
C ASN A 1107 -12.85 62.02 -51.29
N THR A 1108 -13.46 62.84 -50.45
CA THR A 1108 -12.90 64.12 -50.05
C THR A 1108 -12.55 64.09 -48.56
N VAL A 1109 -11.57 64.90 -48.19
CA VAL A 1109 -11.13 65.04 -46.81
C VAL A 1109 -11.27 66.52 -46.42
N TYR A 1110 -12.00 66.76 -45.33
CA TYR A 1110 -12.28 68.13 -44.89
C TYR A 1110 -11.09 68.65 -44.10
N ASP A 1111 -10.50 69.74 -44.56
CA ASP A 1111 -9.45 70.47 -43.88
C ASP A 1111 -10.05 71.61 -43.06
N PRO A 1112 -9.76 71.67 -41.75
CA PRO A 1112 -10.34 72.72 -40.90
C PRO A 1112 -9.92 74.13 -41.28
N LEU A 1113 -8.71 74.31 -41.82
CA LEU A 1113 -8.13 75.59 -42.21
C LEU A 1113 -8.02 76.55 -41.02
N THR B 21 43.31 -28.98 -25.38
CA THR B 21 42.81 -29.56 -24.14
C THR B 21 41.69 -28.72 -23.55
N GLN B 22 41.91 -27.41 -23.47
CA GLN B 22 40.92 -26.48 -22.94
C GLN B 22 40.14 -25.84 -24.06
N HIS B 23 38.81 -25.95 -24.00
CA HIS B 23 37.93 -25.31 -24.97
C HIS B 23 36.84 -24.57 -24.22
N THR B 24 35.96 -23.89 -24.95
CA THR B 24 34.88 -23.14 -24.34
C THR B 24 33.53 -23.72 -24.75
N SER B 25 32.57 -23.63 -23.83
CA SER B 25 31.19 -24.07 -24.08
C SER B 25 30.38 -22.84 -24.45
N SER B 26 30.31 -22.55 -25.75
CA SER B 26 29.64 -21.35 -26.25
C SER B 26 28.16 -21.64 -26.40
N MET B 27 27.38 -21.28 -25.36
CA MET B 27 25.92 -21.44 -25.34
C MET B 27 25.50 -22.90 -25.53
N ARG B 28 26.09 -23.77 -24.74
CA ARG B 28 26.07 -25.21 -24.95
C ARG B 28 25.31 -25.83 -23.78
N GLY B 29 24.37 -26.72 -24.06
CA GLY B 29 23.81 -27.56 -23.02
C GLY B 29 22.66 -27.03 -22.20
N VAL B 30 21.58 -26.59 -22.84
CA VAL B 30 20.37 -26.14 -22.15
C VAL B 30 19.33 -27.25 -22.23
N TYR B 31 18.61 -27.47 -21.12
CA TYR B 31 17.60 -28.52 -21.07
C TYR B 31 16.28 -27.96 -20.56
N TYR B 32 15.23 -28.77 -20.72
CA TYR B 32 13.89 -28.37 -20.27
C TYR B 32 13.81 -28.47 -18.75
N PRO B 33 13.40 -27.40 -18.06
CA PRO B 33 13.45 -27.43 -16.59
C PRO B 33 12.30 -28.20 -15.94
N ASP B 34 11.18 -28.37 -16.63
CA ASP B 34 10.03 -29.09 -16.07
C ASP B 34 9.25 -29.76 -17.20
N GLU B 35 8.06 -30.25 -16.87
CA GLU B 35 7.22 -30.99 -17.81
C GLU B 35 5.93 -30.25 -18.16
N ILE B 36 5.99 -28.92 -18.22
CA ILE B 36 4.81 -28.09 -18.45
C ILE B 36 4.97 -27.38 -19.79
N PHE B 37 3.94 -27.47 -20.63
CA PHE B 37 3.96 -26.82 -21.93
C PHE B 37 3.81 -25.31 -21.77
N ARG B 38 4.67 -24.56 -22.47
CA ARG B 38 4.61 -23.11 -22.52
C ARG B 38 4.90 -22.67 -23.94
N SER B 39 4.19 -21.67 -24.43
CA SER B 39 4.40 -21.15 -25.78
C SER B 39 4.32 -19.64 -25.79
N ASP B 40 5.24 -19.03 -26.55
CA ASP B 40 5.30 -17.58 -26.78
C ASP B 40 5.46 -16.80 -25.48
N THR B 41 6.24 -17.36 -24.56
CA THR B 41 6.50 -16.70 -23.29
C THR B 41 8.01 -16.63 -23.06
N LEU B 42 8.40 -15.77 -22.14
CA LEU B 42 9.76 -15.74 -21.61
C LEU B 42 9.71 -16.23 -20.17
N TYR B 43 10.47 -17.26 -19.86
CA TYR B 43 10.42 -17.88 -18.54
C TYR B 43 11.78 -17.72 -17.88
N LEU B 44 11.79 -17.13 -16.69
CA LEU B 44 13.01 -16.89 -15.93
C LEU B 44 13.08 -17.95 -14.84
N THR B 45 14.20 -18.66 -14.76
CA THR B 45 14.32 -19.78 -13.83
C THR B 45 15.73 -19.82 -13.25
N GLN B 46 15.86 -20.53 -12.13
CA GLN B 46 17.13 -20.68 -11.42
C GLN B 46 17.33 -22.16 -11.13
N ASP B 47 18.42 -22.72 -11.64
CA ASP B 47 18.66 -24.15 -11.55
C ASP B 47 20.14 -24.42 -11.80
N LEU B 48 20.50 -25.70 -11.90
CA LEU B 48 21.87 -26.11 -12.17
C LEU B 48 22.08 -26.10 -13.68
N PHE B 49 22.86 -25.13 -14.16
CA PHE B 49 23.08 -24.95 -15.59
C PHE B 49 24.57 -24.86 -15.87
N LEU B 50 24.93 -25.17 -17.11
CA LEU B 50 26.29 -24.92 -17.60
C LEU B 50 26.40 -23.46 -18.03
N PRO B 51 27.26 -22.66 -17.40
CA PRO B 51 27.34 -21.24 -17.74
C PRO B 51 27.91 -21.02 -19.12
N PHE B 52 27.52 -19.90 -19.73
CA PHE B 52 27.94 -19.59 -21.08
C PHE B 52 29.43 -19.26 -21.14
N TYR B 53 30.10 -19.77 -22.17
CA TYR B 53 31.52 -19.54 -22.43
C TYR B 53 32.39 -19.96 -21.26
N SER B 54 32.07 -21.10 -20.66
CA SER B 54 32.86 -21.66 -19.57
C SER B 54 33.85 -22.68 -20.10
N ASN B 55 34.81 -23.02 -19.25
CA ASN B 55 35.88 -23.95 -19.62
C ASN B 55 35.36 -25.37 -19.70
N VAL B 56 35.74 -26.09 -20.76
CA VAL B 56 35.49 -27.51 -20.87
C VAL B 56 36.81 -28.20 -21.18
N THR B 57 36.95 -29.43 -20.69
CA THR B 57 38.17 -30.21 -20.85
C THR B 57 37.95 -31.26 -21.92
N GLY B 58 38.90 -31.36 -22.85
CA GLY B 58 38.83 -32.31 -23.94
C GLY B 58 39.72 -33.52 -23.72
N PHE B 59 39.24 -34.67 -24.18
CA PHE B 59 39.97 -35.94 -24.12
C PHE B 59 39.98 -36.56 -25.50
N HIS B 60 41.17 -36.76 -26.05
CA HIS B 60 41.33 -37.22 -27.42
C HIS B 60 42.06 -38.56 -27.43
N ASN B 68 41.65 -42.57 -20.34
CA ASN B 68 40.47 -42.71 -19.49
C ASN B 68 40.84 -42.65 -18.01
N PRO B 69 41.08 -41.46 -17.48
CA PRO B 69 41.30 -41.31 -16.04
C PRO B 69 39.98 -41.29 -15.28
N VAL B 70 40.09 -41.06 -13.98
CA VAL B 70 38.93 -40.91 -13.10
C VAL B 70 38.62 -39.42 -13.01
N ILE B 71 37.54 -38.99 -13.64
CA ILE B 71 37.17 -37.58 -13.63
C ILE B 71 36.21 -37.35 -12.45
N PRO B 72 36.43 -36.33 -11.62
CA PRO B 72 35.51 -36.08 -10.51
C PRO B 72 34.14 -35.60 -10.98
N PHE B 73 33.12 -35.99 -10.20
CA PHE B 73 31.73 -35.63 -10.46
C PHE B 73 31.32 -34.56 -9.46
N LYS B 74 31.19 -33.32 -9.93
CA LYS B 74 30.89 -32.20 -9.05
C LYS B 74 29.51 -31.66 -9.39
N ASP B 75 28.52 -32.09 -8.60
CA ASP B 75 27.06 -31.83 -8.70
C ASP B 75 26.56 -31.62 -10.12
N GLY B 76 26.81 -32.62 -10.98
CA GLY B 76 26.28 -32.64 -12.32
C GLY B 76 27.33 -32.29 -13.34
N ILE B 77 27.25 -32.93 -14.51
CA ILE B 77 28.21 -32.70 -15.57
C ILE B 77 27.48 -32.55 -16.90
N TYR B 78 28.14 -31.86 -17.82
CA TYR B 78 27.80 -31.85 -19.24
C TYR B 78 28.84 -32.67 -19.98
N PHE B 79 28.39 -33.63 -20.77
CA PHE B 79 29.25 -34.55 -21.49
C PHE B 79 28.95 -34.43 -22.98
N ALA B 80 29.99 -34.33 -23.79
CA ALA B 80 29.82 -34.28 -25.25
C ALA B 80 30.73 -35.30 -25.89
N ALA B 81 30.23 -35.99 -26.92
CA ALA B 81 31.02 -36.97 -27.65
C ALA B 81 30.98 -36.64 -29.13
N THR B 82 32.16 -36.39 -29.70
CA THR B 82 32.36 -36.23 -31.14
C THR B 82 32.95 -37.53 -31.69
N GLU B 83 32.24 -38.15 -32.62
CA GLU B 83 32.44 -39.55 -32.96
C GLU B 83 32.41 -39.69 -34.48
N LYS B 84 33.05 -40.75 -34.97
CA LYS B 84 32.84 -41.22 -36.34
C LYS B 84 32.66 -42.72 -36.43
N SER B 85 32.99 -43.49 -35.39
CA SER B 85 32.85 -44.94 -35.49
C SER B 85 32.30 -45.56 -34.21
N ASN B 86 31.57 -44.78 -33.39
CA ASN B 86 30.84 -45.25 -32.21
C ASN B 86 31.82 -45.91 -31.23
N VAL B 87 32.71 -45.07 -30.72
CA VAL B 87 33.76 -45.49 -29.80
C VAL B 87 33.31 -45.42 -28.35
N VAL B 88 32.66 -44.34 -27.94
CA VAL B 88 32.16 -44.22 -26.58
C VAL B 88 30.90 -45.08 -26.44
N ARG B 89 30.88 -45.92 -25.39
CA ARG B 89 29.85 -46.92 -25.21
C ARG B 89 29.03 -46.77 -23.93
N GLY B 90 29.51 -46.03 -22.94
CA GLY B 90 28.77 -45.87 -21.71
C GLY B 90 29.61 -45.23 -20.64
N TRP B 91 29.09 -45.28 -19.42
CA TRP B 91 29.74 -44.65 -18.27
C TRP B 91 29.59 -45.54 -17.05
N VAL B 92 30.52 -45.34 -16.11
CA VAL B 92 30.47 -45.90 -14.76
C VAL B 92 30.43 -44.75 -13.76
N PHE B 93 29.49 -44.78 -12.83
CA PHE B 93 29.40 -43.78 -11.79
C PHE B 93 29.55 -44.45 -10.42
N GLY B 94 30.36 -43.83 -9.57
CA GLY B 94 30.60 -44.38 -8.25
C GLY B 94 31.37 -43.39 -7.40
N SER B 95 31.77 -43.85 -6.22
CA SER B 95 32.58 -43.02 -5.32
C SER B 95 33.96 -43.61 -5.06
N THR B 96 34.03 -44.82 -4.52
CA THR B 96 35.28 -45.52 -4.23
C THR B 96 35.80 -46.34 -5.40
N MET B 97 34.90 -46.84 -6.26
CA MET B 97 35.22 -47.49 -7.53
C MET B 97 35.92 -48.82 -7.32
N ASN B 98 35.71 -49.43 -6.16
CA ASN B 98 36.22 -50.75 -5.81
C ASN B 98 35.02 -51.67 -5.58
N ASN B 99 35.30 -52.87 -5.07
CA ASN B 99 34.23 -53.82 -4.74
C ASN B 99 33.47 -53.47 -3.47
N LYS B 100 33.75 -52.34 -2.83
CA LYS B 100 33.28 -52.10 -1.48
C LYS B 100 32.06 -51.18 -1.42
N SER B 101 31.80 -50.42 -2.47
CA SER B 101 30.65 -49.53 -2.50
C SER B 101 29.86 -49.82 -3.77
N GLN B 102 28.63 -49.32 -3.82
CA GLN B 102 27.80 -49.46 -5.01
C GLN B 102 28.26 -48.55 -6.16
N SER B 103 28.14 -49.06 -7.37
CA SER B 103 28.41 -48.32 -8.59
C SER B 103 27.34 -48.65 -9.62
N VAL B 104 27.10 -47.73 -10.55
CA VAL B 104 26.10 -47.90 -11.59
C VAL B 104 26.75 -47.78 -12.98
N ILE B 105 26.41 -48.72 -13.87
CA ILE B 105 26.90 -48.73 -15.24
C ILE B 105 25.74 -48.47 -16.17
N ILE B 106 25.91 -47.50 -17.05
CA ILE B 106 24.91 -47.17 -18.07
C ILE B 106 25.67 -47.39 -19.35
N ILE B 107 25.36 -48.49 -20.06
CA ILE B 107 26.11 -48.82 -21.25
C ILE B 107 25.19 -49.26 -22.39
N ASN B 108 25.73 -49.18 -23.61
CA ASN B 108 25.15 -49.76 -24.82
C ASN B 108 26.06 -50.90 -25.30
N ASN B 109 25.53 -52.11 -25.36
CA ASN B 109 26.28 -53.28 -25.80
C ASN B 109 25.95 -53.67 -27.25
N SER B 110 25.67 -52.67 -28.08
CA SER B 110 25.38 -52.71 -29.51
C SER B 110 24.02 -53.32 -29.88
N THR B 111 23.23 -53.80 -28.92
CA THR B 111 21.89 -54.23 -29.30
C THR B 111 20.83 -53.54 -28.44
N ASN B 112 21.13 -53.29 -27.18
CA ASN B 112 20.22 -52.62 -26.26
C ASN B 112 21.05 -51.69 -25.38
N VAL B 113 20.38 -50.77 -24.70
CA VAL B 113 20.99 -49.98 -23.64
C VAL B 113 20.54 -50.51 -22.28
N VAL B 114 21.52 -50.92 -21.48
CA VAL B 114 21.30 -51.57 -20.18
C VAL B 114 21.92 -50.70 -19.08
N ILE B 115 21.15 -50.50 -18.03
CA ILE B 115 21.54 -49.73 -16.85
C ILE B 115 21.47 -50.66 -15.63
N ARG B 116 22.56 -50.71 -14.87
CA ARG B 116 22.68 -51.68 -13.79
C ARG B 116 23.43 -51.06 -12.64
N ALA B 117 22.77 -50.96 -11.48
CA ALA B 117 23.37 -50.39 -10.29
C ALA B 117 23.56 -51.55 -9.31
N CYS B 118 24.81 -51.88 -9.06
CA CYS B 118 25.17 -53.07 -8.29
C CYS B 118 26.47 -52.77 -7.53
N ASN B 119 27.14 -53.83 -7.10
CA ASN B 119 28.36 -53.82 -6.29
C ASN B 119 29.46 -54.68 -6.92
N PHE B 120 30.34 -54.06 -7.73
CA PHE B 120 31.28 -54.78 -8.59
C PHE B 120 32.71 -54.34 -8.37
N GLU B 121 33.61 -55.26 -8.72
CA GLU B 121 35.04 -55.07 -8.58
C GLU B 121 35.49 -54.41 -9.86
N LEU B 122 35.96 -53.17 -9.80
CA LEU B 122 36.26 -52.52 -11.07
C LEU B 122 37.61 -52.97 -11.59
N CYS B 123 37.80 -52.79 -12.89
CA CYS B 123 39.08 -53.05 -13.53
C CYS B 123 39.81 -51.74 -13.80
N ASP B 124 41.14 -51.81 -13.78
CA ASP B 124 41.95 -50.62 -14.04
C ASP B 124 41.86 -50.18 -15.49
N ASN B 125 41.64 -51.12 -16.41
CA ASN B 125 41.55 -50.83 -17.85
C ASN B 125 40.28 -51.41 -18.45
N PRO B 126 39.14 -50.74 -18.28
CA PRO B 126 37.89 -51.30 -18.83
C PRO B 126 37.79 -50.97 -20.31
N PHE B 127 37.44 -51.97 -21.11
CA PHE B 127 37.44 -51.83 -22.57
C PHE B 127 36.60 -52.94 -23.19
N PHE B 128 36.41 -52.83 -24.50
CA PHE B 128 35.76 -53.86 -25.31
C PHE B 128 36.75 -54.58 -26.20
N THR B 140 34.33 -57.95 -23.56
CA THR B 140 33.69 -57.11 -22.52
C THR B 140 34.59 -57.01 -21.28
N MET B 141 34.33 -57.83 -20.27
CA MET B 141 35.17 -57.84 -19.05
C MET B 141 35.22 -56.45 -18.40
N ILE B 142 34.10 -55.71 -18.39
CA ILE B 142 34.07 -54.43 -17.64
C ILE B 142 34.30 -54.74 -16.15
N PHE B 143 33.70 -55.82 -15.63
CA PHE B 143 33.79 -56.13 -14.19
C PHE B 143 34.17 -57.59 -13.91
N ASP B 144 34.75 -57.89 -12.74
CA ASP B 144 35.00 -59.27 -12.35
C ASP B 144 33.75 -59.99 -11.81
N ASN B 145 33.18 -59.48 -10.72
CA ASN B 145 32.03 -60.16 -10.14
C ASN B 145 31.08 -59.19 -9.45
N ALA B 146 29.83 -59.62 -9.32
CA ALA B 146 28.73 -58.83 -8.80
C ALA B 146 27.97 -59.69 -7.80
N PHE B 147 27.41 -59.09 -6.76
CA PHE B 147 26.67 -59.90 -5.79
C PHE B 147 25.58 -59.14 -5.06
N ASN B 148 25.78 -57.86 -4.74
CA ASN B 148 24.77 -57.08 -4.03
C ASN B 148 24.01 -56.16 -4.98
N CYS B 149 23.43 -56.73 -6.04
CA CYS B 149 22.82 -55.91 -7.07
C CYS B 149 21.46 -55.39 -6.62
N THR B 150 21.26 -54.09 -6.82
CA THR B 150 20.07 -53.37 -6.38
C THR B 150 19.12 -53.01 -7.53
N PHE B 151 19.63 -52.42 -8.61
CA PHE B 151 18.75 -51.94 -9.67
C PHE B 151 19.18 -52.49 -11.02
N GLU B 152 18.19 -52.79 -11.86
CA GLU B 152 18.38 -53.42 -13.16
C GLU B 152 17.38 -52.84 -14.14
N TYR B 153 17.84 -52.47 -15.34
CA TYR B 153 16.91 -52.06 -16.39
C TYR B 153 17.49 -52.39 -17.75
N ILE B 154 16.68 -53.04 -18.57
CA ILE B 154 17.06 -53.46 -19.92
C ILE B 154 16.08 -52.83 -20.91
N SER B 155 16.61 -52.18 -21.93
CA SER B 155 15.77 -51.59 -22.96
C SER B 155 15.43 -52.62 -24.03
N ASP B 156 14.66 -52.19 -25.03
CA ASP B 156 14.32 -53.05 -26.15
C ASP B 156 15.50 -53.14 -27.12
N ALA B 157 15.55 -54.24 -27.86
CA ALA B 157 16.66 -54.47 -28.76
C ALA B 157 16.59 -53.55 -29.98
N PHE B 158 17.75 -53.18 -30.48
CA PHE B 158 17.85 -52.39 -31.69
C PHE B 158 17.94 -53.29 -32.91
N LYS B 170 31.46 -36.63 -37.22
CA LYS B 170 30.29 -36.41 -38.08
C LYS B 170 29.03 -36.34 -37.21
N HIS B 171 29.13 -36.88 -36.01
CA HIS B 171 28.01 -36.98 -35.07
C HIS B 171 28.41 -36.31 -33.77
N LEU B 172 27.48 -35.60 -33.14
CA LEU B 172 27.72 -34.99 -31.84
C LEU B 172 26.60 -35.39 -30.90
N ARG B 173 26.96 -36.07 -29.80
CA ARG B 173 25.98 -36.56 -28.84
C ARG B 173 26.23 -35.88 -27.51
N GLU B 174 25.20 -35.22 -26.97
CA GLU B 174 25.32 -34.39 -25.78
C GLU B 174 24.46 -34.97 -24.67
N PHE B 175 24.99 -34.96 -23.45
CA PHE B 175 24.33 -35.51 -22.29
C PHE B 175 24.49 -34.55 -21.12
N VAL B 176 23.48 -34.52 -20.27
CA VAL B 176 23.53 -33.82 -18.99
C VAL B 176 23.20 -34.83 -17.90
N PHE B 177 24.09 -34.96 -16.91
CA PHE B 177 23.92 -35.85 -15.78
C PHE B 177 23.78 -35.04 -14.50
N LYS B 178 22.76 -35.33 -13.70
CA LYS B 178 22.60 -34.64 -12.42
C LYS B 178 22.09 -35.57 -11.34
N ASN B 179 22.56 -35.36 -10.11
CA ASN B 179 22.22 -36.20 -8.98
C ASN B 179 21.46 -35.34 -7.98
N LYS B 180 20.27 -35.78 -7.58
CA LYS B 180 19.42 -34.96 -6.72
C LYS B 180 18.37 -35.83 -6.03
N ASP B 181 18.40 -35.82 -4.69
CA ASP B 181 17.41 -36.50 -3.84
C ASP B 181 17.31 -37.99 -4.16
N GLY B 182 18.46 -38.63 -4.35
CA GLY B 182 18.47 -40.03 -4.67
C GLY B 182 18.05 -40.39 -6.08
N PHE B 183 17.95 -39.39 -6.96
CA PHE B 183 17.60 -39.62 -8.36
C PHE B 183 18.74 -39.16 -9.25
N LEU B 184 19.06 -39.96 -10.26
CA LEU B 184 19.99 -39.57 -11.31
C LEU B 184 19.19 -39.19 -12.55
N TYR B 185 19.28 -37.92 -12.95
CA TYR B 185 18.61 -37.43 -14.15
C TYR B 185 19.59 -37.45 -15.30
N VAL B 186 19.14 -37.98 -16.44
CA VAL B 186 19.90 -38.01 -17.68
C VAL B 186 19.11 -37.28 -18.74
N TYR B 187 19.76 -36.32 -19.42
CA TYR B 187 19.20 -35.59 -20.54
C TYR B 187 20.07 -35.83 -21.78
N LYS B 188 19.44 -35.98 -22.94
CA LYS B 188 20.15 -36.36 -24.16
C LYS B 188 19.78 -35.42 -25.31
N GLY B 189 20.76 -35.15 -26.18
CA GLY B 189 20.53 -34.42 -27.40
C GLY B 189 21.51 -34.85 -28.48
N TYR B 190 21.12 -34.59 -29.73
CA TYR B 190 21.88 -35.05 -30.89
C TYR B 190 22.03 -33.92 -31.90
N GLN B 191 23.19 -33.87 -32.57
CA GLN B 191 23.42 -32.86 -33.61
C GLN B 191 24.40 -33.36 -34.67
N PRO B 192 24.05 -33.30 -35.96
CA PRO B 192 25.03 -33.62 -37.00
C PRO B 192 25.98 -32.45 -37.24
N ILE B 193 27.28 -32.73 -37.16
CA ILE B 193 28.33 -31.73 -37.33
C ILE B 193 29.33 -32.24 -38.36
N ASP B 194 30.36 -31.44 -38.61
CA ASP B 194 31.43 -31.78 -39.55
C ASP B 194 32.83 -31.46 -39.04
N VAL B 195 32.96 -30.77 -37.90
CA VAL B 195 34.26 -30.34 -37.38
C VAL B 195 35.10 -31.56 -36.98
N VAL B 196 36.41 -31.36 -36.92
CA VAL B 196 37.32 -32.47 -36.73
C VAL B 196 38.10 -32.40 -35.43
N ARG B 197 38.29 -31.22 -34.83
CA ARG B 197 39.14 -31.09 -33.65
C ARG B 197 38.35 -30.61 -32.43
N ASP B 198 37.68 -29.47 -32.52
CA ASP B 198 37.14 -28.78 -31.36
C ASP B 198 35.65 -29.04 -31.22
N LEU B 199 35.11 -28.60 -30.08
CA LEU B 199 33.67 -28.59 -29.87
C LEU B 199 33.05 -27.43 -30.65
N PRO B 200 32.14 -27.70 -31.58
CA PRO B 200 31.60 -26.63 -32.43
C PRO B 200 30.70 -25.69 -31.64
N SER B 201 30.66 -24.44 -32.08
CA SER B 201 29.78 -23.46 -31.46
C SER B 201 28.35 -23.67 -31.95
N GLY B 202 27.41 -23.20 -31.17
CA GLY B 202 26.01 -23.25 -31.54
C GLY B 202 25.11 -23.32 -30.32
N PHE B 203 23.85 -23.65 -30.59
CA PHE B 203 22.82 -23.74 -29.57
C PHE B 203 21.98 -24.98 -29.84
N ASN B 204 21.77 -25.80 -28.82
CA ASN B 204 20.99 -27.02 -28.97
C ASN B 204 20.39 -27.40 -27.63
N THR B 205 19.08 -27.68 -27.64
CA THR B 205 18.31 -27.94 -26.44
C THR B 205 18.18 -29.44 -26.20
N LEU B 206 18.38 -29.85 -24.96
CA LEU B 206 18.38 -31.26 -24.56
C LEU B 206 17.05 -31.62 -23.92
N LYS B 207 16.67 -32.89 -24.07
CA LYS B 207 15.38 -33.42 -23.62
C LYS B 207 15.59 -34.49 -22.56
N PRO B 208 14.67 -34.62 -21.60
CA PRO B 208 14.85 -35.64 -20.55
C PRO B 208 14.62 -37.04 -21.07
N ILE B 209 15.49 -37.96 -20.68
CA ILE B 209 15.37 -39.35 -21.10
C ILE B 209 15.33 -40.29 -19.90
N PHE B 210 15.95 -39.90 -18.79
CA PHE B 210 16.03 -40.85 -17.68
C PHE B 210 15.92 -40.17 -16.33
N LYS B 211 15.18 -40.81 -15.41
CA LYS B 211 15.13 -40.39 -14.01
C LYS B 211 15.22 -41.67 -13.17
N LEU B 212 16.46 -42.05 -12.81
CA LEU B 212 16.77 -43.35 -12.22
C LEU B 212 16.79 -43.26 -10.69
N PRO B 213 16.02 -44.08 -9.98
CA PRO B 213 16.03 -44.07 -8.50
C PRO B 213 17.15 -44.94 -7.92
N LEU B 214 18.36 -44.38 -7.87
CA LEU B 214 19.53 -45.17 -7.50
C LEU B 214 19.91 -45.03 -6.03
N GLY B 215 19.93 -43.81 -5.50
CA GLY B 215 20.39 -43.61 -4.14
C GLY B 215 21.87 -43.90 -3.92
N ILE B 216 22.74 -43.44 -4.82
CA ILE B 216 24.14 -43.80 -4.82
C ILE B 216 24.98 -42.54 -4.58
N ASN B 217 25.98 -42.68 -3.72
CA ASN B 217 27.01 -41.65 -3.56
C ASN B 217 27.83 -41.56 -4.84
N ILE B 218 27.65 -40.49 -5.60
CA ILE B 218 28.37 -40.31 -6.87
C ILE B 218 29.31 -39.13 -6.70
N THR B 219 30.62 -39.41 -6.72
CA THR B 219 31.63 -38.36 -6.72
C THR B 219 32.61 -38.49 -7.87
N ASN B 220 32.72 -39.64 -8.53
CA ASN B 220 33.70 -39.90 -9.57
C ASN B 220 33.01 -40.61 -10.71
N PHE B 221 33.57 -40.50 -11.91
CA PHE B 221 33.05 -41.24 -13.05
C PHE B 221 34.16 -41.49 -14.06
N ARG B 222 33.89 -42.40 -14.99
CA ARG B 222 34.83 -42.78 -16.02
C ARG B 222 34.06 -43.26 -17.24
N ALA B 223 34.56 -42.93 -18.43
CA ALA B 223 33.93 -43.35 -19.67
C ALA B 223 34.47 -44.71 -20.12
N ILE B 224 33.69 -45.39 -20.95
CA ILE B 224 34.04 -46.70 -21.48
C ILE B 224 34.14 -46.61 -22.99
N LEU B 225 35.27 -47.07 -23.53
CA LEU B 225 35.56 -46.95 -24.96
C LEU B 225 35.72 -48.34 -25.56
N THR B 226 35.81 -48.36 -26.89
CA THR B 226 36.05 -49.59 -27.63
C THR B 226 37.51 -49.68 -28.05
N ALA B 227 38.06 -50.89 -28.03
CA ALA B 227 39.45 -51.11 -28.41
C ALA B 227 39.63 -50.92 -29.91
N ALA B 239 40.35 -39.67 -34.30
CA ALA B 239 39.13 -40.49 -34.23
C ALA B 239 38.08 -39.81 -33.36
N ALA B 240 37.77 -40.43 -32.22
CA ALA B 240 36.77 -39.91 -31.31
C ALA B 240 37.39 -38.95 -30.31
N ALA B 241 36.54 -38.07 -29.76
CA ALA B 241 36.94 -37.20 -28.67
C ALA B 241 35.73 -36.95 -27.79
N TYR B 242 35.98 -36.65 -26.52
CA TYR B 242 34.87 -36.29 -25.64
C TYR B 242 35.26 -35.16 -24.70
N PHE B 243 34.27 -34.36 -24.34
CA PHE B 243 34.47 -33.11 -23.61
C PHE B 243 33.61 -33.10 -22.37
N VAL B 244 34.15 -32.56 -21.29
CA VAL B 244 33.51 -32.57 -19.97
C VAL B 244 33.47 -31.15 -19.43
N GLY B 245 32.29 -30.73 -18.95
CA GLY B 245 32.15 -29.47 -18.25
C GLY B 245 31.29 -29.64 -17.02
N TYR B 246 31.32 -28.65 -16.14
CA TYR B 246 30.70 -28.74 -14.82
C TYR B 246 29.55 -27.74 -14.69
N LEU B 247 28.49 -28.16 -14.01
CA LEU B 247 27.31 -27.34 -13.81
C LEU B 247 27.42 -26.51 -12.54
N LYS B 248 26.76 -25.34 -12.56
CA LYS B 248 26.74 -24.42 -11.45
C LYS B 248 25.32 -23.95 -11.20
N PRO B 249 24.98 -23.57 -9.96
CA PRO B 249 23.66 -22.97 -9.71
C PRO B 249 23.61 -21.56 -10.27
N THR B 250 22.72 -21.34 -11.24
CA THR B 250 22.73 -20.13 -12.05
C THR B 250 21.29 -19.81 -12.41
N THR B 251 21.02 -18.52 -12.63
CA THR B 251 19.74 -18.05 -13.14
C THR B 251 19.82 -17.85 -14.65
N PHE B 252 18.90 -18.47 -15.38
CA PHE B 252 18.77 -18.32 -16.83
C PHE B 252 17.42 -17.71 -17.16
N MET B 253 17.32 -17.13 -18.35
CA MET B 253 16.03 -16.72 -18.90
C MET B 253 15.88 -17.37 -20.27
N LEU B 254 14.81 -18.14 -20.46
CA LEU B 254 14.60 -18.93 -21.65
C LEU B 254 13.45 -18.38 -22.46
N LYS B 255 13.56 -18.49 -23.78
CA LYS B 255 12.53 -18.03 -24.70
C LYS B 255 11.87 -19.23 -25.36
N TYR B 256 10.54 -19.19 -25.43
CA TYR B 256 9.76 -20.25 -26.05
C TYR B 256 9.22 -19.76 -27.37
N ASP B 257 9.06 -20.69 -28.31
CA ASP B 257 8.50 -20.38 -29.62
C ASP B 257 6.97 -20.39 -29.54
N GLU B 258 6.32 -20.36 -30.70
CA GLU B 258 4.90 -20.64 -30.78
C GLU B 258 4.61 -22.14 -30.84
N ASN B 259 5.63 -22.96 -31.07
CA ASN B 259 5.52 -24.41 -31.02
C ASN B 259 5.90 -24.99 -29.67
N GLY B 260 6.18 -24.14 -28.68
CA GLY B 260 6.63 -24.59 -27.37
C GLY B 260 8.02 -25.18 -27.36
N THR B 261 8.95 -24.57 -28.08
CA THR B 261 10.32 -25.03 -28.16
C THR B 261 11.24 -23.93 -27.66
N ILE B 262 12.25 -24.31 -26.88
CA ILE B 262 13.26 -23.36 -26.41
C ILE B 262 14.25 -23.14 -27.54
N THR B 263 14.38 -21.88 -27.98
CA THR B 263 15.30 -21.55 -29.06
C THR B 263 16.35 -20.50 -28.72
N ASP B 264 16.23 -19.81 -27.60
CA ASP B 264 17.22 -18.83 -27.13
C ASP B 264 17.19 -18.75 -25.61
N ALA B 265 18.29 -18.29 -25.05
CA ALA B 265 18.44 -18.16 -23.61
C ALA B 265 19.41 -17.02 -23.31
N VAL B 266 19.31 -16.50 -22.10
CA VAL B 266 20.19 -15.45 -21.60
C VAL B 266 20.72 -15.90 -20.24
N ASP B 267 22.05 -15.90 -20.10
CA ASP B 267 22.72 -16.20 -18.85
C ASP B 267 22.86 -14.90 -18.06
N CYS B 268 22.14 -14.81 -16.94
CA CYS B 268 21.99 -13.53 -16.25
C CYS B 268 23.25 -13.09 -15.51
N SER B 269 24.28 -13.93 -15.42
CA SER B 269 25.48 -13.58 -14.67
C SER B 269 26.70 -13.47 -15.58
N GLN B 270 26.50 -13.32 -16.88
CA GLN B 270 27.62 -13.31 -17.82
C GLN B 270 28.27 -11.93 -17.88
N ASN B 271 27.48 -10.88 -18.02
CA ASN B 271 27.97 -9.52 -18.18
C ASN B 271 26.84 -8.56 -17.80
N PRO B 272 27.14 -7.28 -17.54
CA PRO B 272 26.09 -6.34 -17.12
C PRO B 272 24.95 -6.16 -18.12
N LEU B 273 25.21 -6.34 -19.42
CA LEU B 273 24.14 -6.27 -20.40
C LEU B 273 23.12 -7.38 -20.18
N ALA B 274 23.60 -8.59 -19.86
CA ALA B 274 22.69 -9.69 -19.58
C ALA B 274 21.93 -9.46 -18.26
N GLU B 275 22.58 -8.82 -17.28
CA GLU B 275 21.87 -8.46 -16.06
C GLU B 275 20.74 -7.47 -16.35
N LEU B 276 21.01 -6.51 -17.24
CA LEU B 276 19.96 -5.58 -17.66
C LEU B 276 18.84 -6.29 -18.39
N LYS B 277 19.19 -7.23 -19.27
CA LYS B 277 18.17 -7.99 -20.00
C LYS B 277 17.31 -8.82 -19.08
N CYS B 278 17.92 -9.48 -18.09
CA CYS B 278 17.14 -10.26 -17.12
C CYS B 278 16.33 -9.38 -16.17
N SER B 279 16.79 -8.15 -15.91
CA SER B 279 16.02 -7.27 -15.03
C SER B 279 14.74 -6.78 -15.70
N VAL B 280 14.80 -6.40 -16.98
CA VAL B 280 13.61 -5.91 -17.67
C VAL B 280 12.80 -7.01 -18.33
N LYS B 281 13.31 -8.25 -18.36
CA LYS B 281 12.67 -9.40 -19.00
C LYS B 281 12.36 -9.13 -20.48
N SER B 282 13.41 -8.80 -21.23
CA SER B 282 13.27 -8.57 -22.67
C SER B 282 14.59 -8.86 -23.37
N PHE B 283 14.50 -9.22 -24.64
CA PHE B 283 15.68 -9.45 -25.46
C PHE B 283 16.15 -8.21 -26.20
N GLU B 284 15.40 -7.11 -26.14
CA GLU B 284 15.73 -5.90 -26.87
C GLU B 284 15.81 -4.74 -25.89
N ILE B 285 16.87 -3.95 -25.99
CA ILE B 285 17.09 -2.79 -25.13
C ILE B 285 17.15 -1.55 -26.00
N ASP B 286 16.42 -0.50 -25.60
CA ASP B 286 16.39 0.77 -26.30
C ASP B 286 17.65 1.57 -25.95
N LYS B 287 17.86 2.67 -26.69
CA LYS B 287 19.01 3.53 -26.47
C LYS B 287 18.90 4.30 -25.17
N GLY B 288 19.96 4.32 -24.39
CA GLY B 288 19.96 5.11 -23.17
C GLY B 288 20.93 4.58 -22.13
N ILE B 289 20.75 5.07 -20.91
CA ILE B 289 21.56 4.71 -19.75
C ILE B 289 20.64 4.13 -18.68
N TYR B 290 21.04 3.02 -18.08
CA TYR B 290 20.21 2.29 -17.14
C TYR B 290 20.99 1.99 -15.87
N GLN B 291 20.36 2.21 -14.72
CA GLN B 291 20.99 1.92 -13.44
C GLN B 291 20.81 0.44 -13.13
N THR B 292 21.91 -0.33 -13.15
CA THR B 292 21.80 -1.75 -12.89
C THR B 292 22.05 -2.00 -11.40
N SER B 293 22.23 -3.26 -11.03
CA SER B 293 22.48 -3.61 -9.64
C SER B 293 23.87 -3.14 -9.21
N ASN B 294 24.02 -2.97 -7.90
CA ASN B 294 25.26 -2.45 -7.34
C ASN B 294 26.38 -3.48 -7.48
N PHE B 295 27.61 -3.01 -7.26
CA PHE B 295 28.79 -3.84 -7.48
C PHE B 295 28.87 -4.88 -6.38
N ARG B 296 28.95 -6.16 -6.75
CA ARG B 296 29.04 -7.24 -5.80
C ARG B 296 30.31 -8.05 -5.99
N VAL B 297 30.81 -8.60 -4.89
CA VAL B 297 31.88 -9.58 -4.90
C VAL B 297 31.36 -10.85 -4.23
N VAL B 298 31.93 -11.98 -4.61
CA VAL B 298 31.52 -13.26 -4.02
C VAL B 298 32.47 -13.57 -2.87
N PRO B 299 32.00 -14.27 -1.83
CA PRO B 299 32.92 -14.66 -0.74
C PRO B 299 33.94 -15.68 -1.21
N SER B 300 35.11 -15.64 -0.57
CA SER B 300 36.24 -16.49 -0.95
C SER B 300 36.54 -17.55 0.11
N GLY B 301 36.79 -17.13 1.36
CA GLY B 301 37.19 -18.03 2.40
C GLY B 301 36.11 -18.28 3.45
N ASP B 302 36.45 -19.15 4.39
CA ASP B 302 35.59 -19.52 5.50
C ASP B 302 36.31 -19.30 6.82
N VAL B 303 35.62 -18.69 7.77
CA VAL B 303 36.13 -18.44 9.11
C VAL B 303 35.16 -19.06 10.10
N VAL B 304 35.65 -19.93 10.97
CA VAL B 304 34.86 -20.51 12.06
C VAL B 304 35.59 -20.23 13.36
N ARG B 305 34.94 -19.53 14.28
CA ARG B 305 35.55 -19.19 15.55
C ARG B 305 34.64 -19.64 16.69
N PHE B 306 35.12 -20.61 17.46
CA PHE B 306 34.45 -21.19 18.61
C PHE B 306 35.37 -21.13 19.82
N PRO B 307 34.82 -21.12 21.03
CA PRO B 307 35.67 -21.20 22.22
C PRO B 307 36.38 -22.54 22.29
N ASN B 308 37.58 -22.54 22.85
CA ASN B 308 38.40 -23.75 22.91
C ASN B 308 38.03 -24.53 24.17
N ILE B 309 37.27 -25.61 23.98
CA ILE B 309 36.74 -26.43 25.06
C ILE B 309 37.23 -27.86 24.81
N THR B 310 37.59 -28.56 25.89
CA THR B 310 38.15 -29.90 25.78
C THR B 310 37.26 -31.01 26.34
N ASN B 311 36.52 -30.76 27.41
CA ASN B 311 35.81 -31.83 28.11
C ASN B 311 34.53 -32.24 27.39
N LEU B 312 34.30 -33.55 27.32
CA LEU B 312 33.02 -34.05 26.87
C LEU B 312 31.96 -33.75 27.92
N CYS B 313 30.75 -33.51 27.44
CA CYS B 313 29.80 -32.86 28.34
C CYS B 313 29.01 -33.94 29.09
N PRO B 314 28.74 -33.76 30.41
CA PRO B 314 28.35 -34.91 31.24
C PRO B 314 26.99 -35.53 30.95
N PHE B 315 26.90 -36.27 29.84
CA PHE B 315 25.68 -37.02 29.54
C PHE B 315 25.47 -38.15 30.53
N GLY B 316 26.57 -38.81 30.95
CA GLY B 316 26.46 -39.94 31.85
C GLY B 316 26.02 -39.56 33.25
N GLU B 317 26.43 -38.38 33.73
CA GLU B 317 26.06 -37.98 35.09
C GLU B 317 24.59 -37.59 35.17
N VAL B 318 24.03 -37.09 34.07
CA VAL B 318 22.64 -36.64 34.04
C VAL B 318 21.71 -37.80 33.72
N PHE B 319 21.95 -38.46 32.59
CA PHE B 319 21.04 -39.50 32.12
C PHE B 319 21.19 -40.82 32.87
N ASN B 320 22.34 -41.07 33.50
CA ASN B 320 22.58 -42.31 34.23
C ASN B 320 22.92 -41.95 35.67
N ALA B 321 21.88 -41.74 36.47
CA ALA B 321 22.02 -41.46 37.88
C ALA B 321 21.19 -42.45 38.67
N THR B 322 21.65 -42.77 39.88
CA THR B 322 20.97 -43.79 40.66
C THR B 322 19.66 -43.28 41.27
N LYS B 323 19.47 -41.96 41.34
CA LYS B 323 18.31 -41.42 42.04
C LYS B 323 17.87 -40.13 41.37
N PHE B 324 16.60 -40.10 40.96
CA PHE B 324 15.86 -38.95 40.46
C PHE B 324 14.81 -38.53 41.47
N PRO B 325 14.54 -37.24 41.61
CA PRO B 325 13.57 -36.79 42.61
C PRO B 325 12.14 -36.91 42.09
N SER B 326 11.20 -36.62 42.98
CA SER B 326 9.80 -36.54 42.62
C SER B 326 9.52 -35.28 41.80
N VAL B 327 8.35 -35.27 41.14
CA VAL B 327 8.01 -34.16 40.26
C VAL B 327 7.71 -32.89 41.05
N TYR B 328 7.19 -33.02 42.27
CA TYR B 328 6.94 -31.82 43.07
C TYR B 328 8.23 -31.23 43.63
N ALA B 329 9.31 -32.03 43.68
CA ALA B 329 10.60 -31.58 44.17
C ALA B 329 11.68 -31.74 43.11
N TRP B 330 11.38 -31.29 41.90
CA TRP B 330 12.28 -31.48 40.75
C TRP B 330 13.59 -30.73 40.97
N GLU B 331 14.66 -31.21 40.33
CA GLU B 331 15.98 -30.66 40.61
C GLU B 331 16.56 -29.98 39.37
N ARG B 332 17.36 -28.94 39.61
CA ARG B 332 17.94 -28.12 38.56
C ARG B 332 19.46 -28.12 38.67
N LYS B 333 20.14 -28.32 37.55
CA LYS B 333 21.60 -28.37 37.50
C LYS B 333 22.11 -27.50 36.37
N LYS B 334 23.16 -26.74 36.65
CA LYS B 334 23.78 -25.87 35.64
C LYS B 334 24.77 -26.65 34.80
N ILE B 335 24.78 -26.39 33.49
CA ILE B 335 25.72 -27.03 32.58
C ILE B 335 26.61 -25.94 32.01
N SER B 336 27.92 -26.16 32.08
CA SER B 336 28.87 -25.13 31.69
C SER B 336 30.19 -25.77 31.28
N ASN B 337 30.86 -25.13 30.33
CA ASN B 337 32.22 -25.48 29.90
C ASN B 337 32.30 -26.91 29.35
N CYS B 338 31.52 -27.18 28.31
CA CYS B 338 31.46 -28.54 27.80
C CYS B 338 31.20 -28.55 26.30
N VAL B 339 31.51 -29.70 25.70
CA VAL B 339 31.31 -29.99 24.29
C VAL B 339 30.18 -31.01 24.23
N ALA B 340 29.08 -30.67 23.57
CA ALA B 340 27.91 -31.54 23.63
C ALA B 340 27.72 -32.25 22.30
N ASP B 341 28.33 -33.43 22.23
CA ASP B 341 28.29 -34.34 21.10
C ASP B 341 27.30 -35.41 21.54
N TYR B 342 26.04 -35.20 21.22
CA TYR B 342 25.01 -36.22 21.41
C TYR B 342 25.17 -37.44 20.51
N SER B 343 26.24 -37.65 19.72
CA SER B 343 26.34 -38.87 18.94
C SER B 343 26.98 -40.01 19.71
N VAL B 344 27.50 -39.75 20.92
CA VAL B 344 27.96 -40.83 21.80
C VAL B 344 26.82 -41.53 22.52
N LEU B 345 25.60 -40.97 22.46
CA LEU B 345 24.44 -41.61 23.05
C LEU B 345 23.80 -42.64 22.14
N TYR B 346 24.25 -42.74 20.89
CA TYR B 346 23.64 -43.63 19.91
C TYR B 346 23.93 -45.10 20.17
N ASN B 347 24.86 -45.41 21.08
CA ASN B 347 25.21 -46.79 21.36
C ASN B 347 24.41 -47.40 22.49
N SER B 348 24.01 -46.61 23.47
CA SER B 348 23.46 -47.21 24.69
C SER B 348 22.10 -46.67 25.10
N THR B 349 21.87 -45.37 24.97
CA THR B 349 20.70 -44.74 25.57
C THR B 349 19.74 -44.29 24.47
N PHE B 350 18.46 -44.59 24.68
CA PHE B 350 17.41 -44.28 23.72
C PHE B 350 16.22 -43.65 24.44
N PHE B 351 15.59 -42.69 23.79
CA PHE B 351 14.54 -41.89 24.42
C PHE B 351 13.22 -42.19 23.72
N SER B 352 12.15 -42.34 24.52
CA SER B 352 10.84 -42.55 23.93
C SER B 352 10.27 -41.26 23.36
N THR B 353 10.46 -40.13 24.03
CA THR B 353 10.04 -38.86 23.46
C THR B 353 11.17 -37.85 23.53
N PHE B 354 11.33 -37.05 22.47
CA PHE B 354 12.31 -35.98 22.47
C PHE B 354 11.79 -34.88 21.56
N LYS B 355 11.35 -33.78 22.14
CA LYS B 355 10.73 -32.72 21.34
C LYS B 355 11.30 -31.37 21.77
N CYS B 356 11.79 -30.60 20.82
CA CYS B 356 12.35 -29.30 21.15
C CYS B 356 11.65 -28.11 20.52
N TYR B 357 11.70 -27.00 21.26
CA TYR B 357 11.02 -25.75 20.96
C TYR B 357 11.99 -24.58 20.95
N GLY B 358 11.92 -23.80 19.85
CA GLY B 358 12.75 -22.64 19.63
C GLY B 358 13.92 -22.83 18.69
N VAL B 359 14.18 -24.07 18.27
CA VAL B 359 15.35 -24.37 17.44
C VAL B 359 15.10 -25.71 16.77
N SER B 360 15.41 -25.79 15.48
CA SER B 360 15.27 -27.05 14.77
C SER B 360 16.37 -28.01 15.20
N ALA B 361 16.07 -29.31 15.14
CA ALA B 361 17.00 -30.29 15.66
C ALA B 361 18.22 -30.44 14.75
N THR B 362 18.02 -30.32 13.43
CA THR B 362 19.10 -30.50 12.48
C THR B 362 20.20 -29.46 12.56
N LYS B 363 19.98 -28.34 13.26
CA LYS B 363 21.00 -27.32 13.44
C LYS B 363 21.69 -27.37 14.79
N LEU B 364 21.37 -28.35 15.64
CA LEU B 364 21.92 -28.41 16.99
C LEU B 364 23.43 -28.62 17.03
N ASN B 365 24.03 -29.12 15.95
CA ASN B 365 25.47 -29.30 15.90
C ASN B 365 26.22 -28.08 15.38
N ASP B 366 25.52 -27.04 14.94
CA ASP B 366 26.17 -25.87 14.35
C ASP B 366 26.10 -24.64 15.25
N LEU B 367 25.66 -24.80 16.49
CA LEU B 367 25.37 -23.67 17.36
C LEU B 367 26.19 -23.78 18.65
N CYS B 368 26.07 -22.75 19.48
CA CYS B 368 26.68 -22.72 20.79
C CYS B 368 25.72 -22.02 21.75
N PHE B 369 25.61 -22.55 22.97
CA PHE B 369 24.47 -22.28 23.83
C PHE B 369 24.94 -21.52 25.07
N SER B 370 24.14 -20.56 25.52
CA SER B 370 24.62 -19.57 26.48
C SER B 370 24.41 -20.00 27.93
N ASN B 371 23.17 -20.21 28.35
CA ASN B 371 22.84 -20.44 29.76
C ASN B 371 22.04 -21.73 29.89
N VAL B 372 22.75 -22.85 30.01
CA VAL B 372 22.14 -24.17 29.88
C VAL B 372 21.81 -24.69 31.27
N TYR B 373 20.53 -25.02 31.49
CA TYR B 373 20.09 -25.62 32.73
C TYR B 373 19.33 -26.90 32.41
N ALA B 374 19.44 -27.87 33.30
CA ALA B 374 18.77 -29.17 33.15
C ALA B 374 17.92 -29.45 34.37
N ASP B 375 16.64 -29.67 34.16
CA ASP B 375 15.70 -30.04 35.21
C ASP B 375 15.39 -31.52 35.10
N SER B 376 15.37 -32.22 36.24
CA SER B 376 15.16 -33.65 36.28
C SER B 376 14.03 -34.00 37.24
N PHE B 377 13.16 -34.94 36.80
CA PHE B 377 12.13 -35.51 37.66
C PHE B 377 11.60 -36.81 37.05
N VAL B 378 10.63 -37.42 37.74
CA VAL B 378 10.03 -38.69 37.35
C VAL B 378 8.51 -38.56 37.39
N VAL B 379 7.83 -39.00 36.32
CA VAL B 379 6.37 -39.01 36.28
C VAL B 379 5.88 -40.39 35.82
N LYS B 380 4.56 -40.52 35.71
CA LYS B 380 3.91 -41.69 35.12
C LYS B 380 3.75 -41.50 33.62
N GLY B 381 3.28 -42.54 32.94
CA GLY B 381 3.20 -42.50 31.48
C GLY B 381 2.17 -41.50 30.95
N ASP B 382 1.05 -41.34 31.66
CA ASP B 382 0.01 -40.43 31.18
C ASP B 382 0.34 -38.97 31.44
N ASP B 383 1.40 -38.68 32.18
CA ASP B 383 1.74 -37.31 32.49
C ASP B 383 2.84 -36.75 31.60
N VAL B 384 3.48 -37.59 30.77
CA VAL B 384 4.57 -37.10 29.93
C VAL B 384 4.04 -36.11 28.89
N ARG B 385 2.80 -36.27 28.45
CA ARG B 385 2.19 -35.30 27.54
C ARG B 385 1.95 -33.95 28.16
N GLN B 386 1.95 -33.83 29.48
CA GLN B 386 1.71 -32.57 30.16
C GLN B 386 2.95 -31.70 30.25
N ILE B 387 4.13 -32.25 29.98
CA ILE B 387 5.38 -31.49 30.07
C ILE B 387 5.58 -30.83 28.70
N ALA B 388 4.90 -29.69 28.51
CA ALA B 388 4.84 -28.98 27.24
C ALA B 388 4.28 -27.59 27.49
N PRO B 389 4.59 -26.60 26.64
CA PRO B 389 3.99 -25.28 26.82
C PRO B 389 2.49 -25.29 26.55
N GLY B 390 1.77 -24.48 27.31
CA GLY B 390 0.33 -24.31 27.14
C GLY B 390 -0.49 -25.54 27.43
N GLN B 391 -0.20 -26.23 28.53
CA GLN B 391 -0.86 -27.47 28.88
C GLN B 391 -1.52 -27.35 30.24
N THR B 392 -2.54 -28.18 30.47
CA THR B 392 -3.24 -28.21 31.74
C THR B 392 -3.27 -29.64 32.26
N GLY B 393 -3.60 -29.77 33.54
CA GLY B 393 -3.56 -31.02 34.26
C GLY B 393 -2.90 -30.84 35.61
N VAL B 394 -2.78 -31.94 36.34
CA VAL B 394 -2.31 -31.83 37.73
C VAL B 394 -0.82 -31.48 37.76
N ILE B 395 -0.04 -32.05 36.84
CA ILE B 395 1.39 -31.76 36.78
C ILE B 395 1.63 -30.32 36.34
N ALA B 396 0.94 -29.89 35.29
CA ALA B 396 1.18 -28.55 34.76
C ALA B 396 0.63 -27.45 35.66
N ASP B 397 -0.36 -27.76 36.50
CA ASP B 397 -0.92 -26.75 37.39
C ASP B 397 -0.22 -26.69 38.74
N TYR B 398 0.07 -27.83 39.35
CA TYR B 398 0.50 -27.83 40.74
C TYR B 398 1.94 -28.29 40.96
N ASN B 399 2.59 -28.82 39.93
CA ASN B 399 3.90 -29.43 40.12
C ASN B 399 5.00 -28.77 39.30
N TYR B 400 4.80 -28.62 37.99
CA TYR B 400 5.85 -28.11 37.12
C TYR B 400 5.21 -27.46 35.90
N LYS B 401 5.46 -26.16 35.70
CA LYS B 401 4.88 -25.44 34.58
C LYS B 401 5.98 -24.80 33.74
N LEU B 402 5.82 -24.91 32.36
CA LEU B 402 6.69 -24.33 31.34
C LEU B 402 6.12 -23.03 30.77
N PRO B 403 6.97 -22.08 30.39
CA PRO B 403 6.47 -20.83 29.77
C PRO B 403 5.98 -21.07 28.35
N CYS B 404 5.47 -20.02 27.67
CA CYS B 404 5.46 -20.04 26.22
C CYS B 404 6.79 -19.75 25.56
N ASP B 405 7.48 -18.68 25.94
CA ASP B 405 8.72 -18.42 25.23
C ASP B 405 9.86 -19.33 25.70
N PHE B 406 9.60 -20.62 25.67
CA PHE B 406 10.54 -21.63 26.09
C PHE B 406 11.54 -21.86 24.97
N MET B 407 12.80 -22.03 25.32
CA MET B 407 13.80 -22.36 24.33
C MET B 407 14.64 -23.51 24.88
N GLY B 408 14.57 -24.66 24.24
CA GLY B 408 15.27 -25.82 24.75
C GLY B 408 14.72 -27.08 24.14
N CYS B 409 14.91 -28.19 24.86
CA CYS B 409 14.45 -29.49 24.40
C CYS B 409 13.97 -30.30 25.59
N VAL B 410 13.03 -31.22 25.36
CA VAL B 410 12.47 -32.09 26.38
C VAL B 410 12.72 -33.54 26.00
N LEU B 411 13.28 -34.32 26.93
CA LEU B 411 13.60 -35.72 26.71
C LEU B 411 12.95 -36.56 27.81
N ALA B 412 12.33 -37.68 27.42
CA ALA B 412 11.73 -38.56 28.41
C ALA B 412 11.88 -40.00 27.93
N TRP B 413 12.15 -40.91 28.88
CA TRP B 413 12.33 -42.31 28.55
C TRP B 413 11.79 -43.23 29.65
N ASN B 414 11.39 -44.43 29.24
CA ASN B 414 10.77 -45.40 30.13
C ASN B 414 11.80 -46.10 31.01
N THR B 415 11.47 -46.25 32.28
CA THR B 415 12.41 -46.77 33.27
C THR B 415 11.74 -47.81 34.19
N ARG B 416 11.06 -48.79 33.58
CA ARG B 416 10.36 -49.77 34.41
C ARG B 416 11.30 -50.79 35.04
N ASN B 417 12.47 -51.02 34.44
CA ASN B 417 13.39 -52.02 34.96
C ASN B 417 14.30 -51.47 36.04
N ILE B 418 14.20 -50.17 36.35
CA ILE B 418 15.06 -49.51 37.33
C ILE B 418 14.24 -48.90 38.46
N ASP B 419 13.18 -48.17 38.12
CA ASP B 419 12.42 -47.42 39.11
C ASP B 419 11.15 -48.12 39.54
N ALA B 420 10.92 -49.36 39.12
CA ALA B 420 9.73 -50.10 39.51
C ALA B 420 10.16 -51.41 40.13
N THR B 421 9.62 -51.71 41.31
CA THR B 421 9.87 -52.94 42.04
C THR B 421 8.56 -53.72 42.20
N SER B 422 8.69 -54.99 42.58
CA SER B 422 7.51 -55.78 42.85
C SER B 422 6.89 -55.25 44.14
N THR B 423 5.64 -55.65 44.43
CA THR B 423 4.88 -55.33 45.66
C THR B 423 4.41 -53.87 45.62
N GLY B 424 5.20 -52.98 45.02
CA GLY B 424 4.87 -51.57 44.87
C GLY B 424 5.83 -50.56 45.46
N ASN B 425 6.39 -49.74 44.58
CA ASN B 425 7.33 -48.68 44.93
C ASN B 425 6.52 -47.41 45.22
N TYR B 426 6.61 -46.91 46.44
CA TYR B 426 5.82 -45.76 46.89
C TYR B 426 6.68 -44.55 47.25
N ASN B 427 7.87 -44.43 46.66
CA ASN B 427 8.78 -43.36 47.05
C ASN B 427 8.61 -42.09 46.23
N TYR B 428 7.73 -42.08 45.23
CA TYR B 428 7.53 -40.91 44.39
C TYR B 428 6.15 -40.30 44.66
N LYS B 429 6.11 -38.98 44.75
CA LYS B 429 4.93 -38.27 45.20
C LYS B 429 4.59 -37.13 44.25
N TYR B 430 3.34 -36.70 44.27
CA TYR B 430 2.93 -35.53 43.51
C TYR B 430 1.83 -34.80 44.27
N ARG B 431 1.79 -33.48 44.10
CA ARG B 431 0.81 -32.64 44.77
C ARG B 431 -0.46 -32.55 43.93
N TYR B 432 -1.61 -32.74 44.57
CA TYR B 432 -2.89 -32.67 43.88
C TYR B 432 -3.87 -31.68 44.49
N LEU B 433 -3.46 -30.94 45.52
CA LEU B 433 -4.30 -29.93 46.15
C LEU B 433 -3.50 -28.66 46.36
N ARG B 434 -4.02 -27.54 45.87
CA ARG B 434 -3.36 -26.25 46.04
C ARG B 434 -4.40 -25.15 45.91
N HIS B 435 -4.06 -23.98 46.45
CA HIS B 435 -4.94 -22.82 46.41
C HIS B 435 -4.73 -21.95 45.18
N GLY B 436 -3.85 -22.33 44.28
CA GLY B 436 -3.67 -21.58 43.04
C GLY B 436 -2.69 -22.31 42.14
N LYS B 437 -2.64 -21.84 40.89
CA LYS B 437 -1.72 -22.43 39.93
C LYS B 437 -0.33 -21.87 40.10
N LEU B 438 0.66 -22.64 39.66
CA LEU B 438 2.04 -22.23 39.74
C LEU B 438 2.38 -21.26 38.62
N ARG B 439 3.41 -20.46 38.85
CA ARG B 439 4.01 -19.65 37.80
C ARG B 439 5.07 -20.48 37.09
N PRO B 440 5.48 -20.09 35.87
CA PRO B 440 6.51 -20.87 35.16
C PRO B 440 7.83 -20.94 35.92
N PHE B 441 8.39 -22.16 35.96
CA PHE B 441 9.66 -22.48 36.60
C PHE B 441 9.64 -22.10 38.09
N GLU B 442 8.51 -22.35 38.74
CA GLU B 442 8.36 -22.08 40.16
C GLU B 442 8.14 -23.40 40.88
N ARG B 443 8.73 -23.55 42.05
CA ARG B 443 8.70 -24.79 42.82
C ARG B 443 7.93 -24.56 44.11
N ASP B 444 7.16 -25.57 44.53
CA ASP B 444 6.47 -25.54 45.80
C ASP B 444 6.82 -26.81 46.57
N ILE B 445 7.37 -26.64 47.77
CA ILE B 445 7.95 -27.75 48.52
C ILE B 445 7.18 -28.08 49.80
N SER B 446 6.42 -27.14 50.35
CA SER B 446 5.82 -27.28 51.68
C SER B 446 4.81 -28.42 51.73
N ASN B 447 4.68 -29.01 52.93
CA ASN B 447 3.70 -30.07 53.20
C ASN B 447 2.83 -29.65 54.39
N VAL B 448 1.78 -28.88 54.10
CA VAL B 448 0.91 -28.32 55.12
C VAL B 448 -0.49 -28.87 54.86
N PRO B 449 -1.25 -29.23 55.89
CA PRO B 449 -2.62 -29.71 55.68
C PRO B 449 -3.49 -28.68 54.97
N PHE B 450 -4.33 -29.18 54.07
CA PHE B 450 -5.13 -28.35 53.18
C PHE B 450 -6.58 -28.37 53.60
N SER B 451 -7.19 -27.18 53.62
CA SER B 451 -8.61 -27.02 53.92
C SER B 451 -9.22 -26.17 52.81
N PRO B 452 -10.39 -26.56 52.27
CA PRO B 452 -10.99 -25.79 51.18
C PRO B 452 -11.37 -24.37 51.56
N ASP B 453 -11.76 -24.11 52.81
CA ASP B 453 -12.14 -22.75 53.18
C ASP B 453 -10.92 -21.83 53.28
N GLY B 454 -9.77 -22.38 53.70
CA GLY B 454 -8.54 -21.61 53.71
C GLY B 454 -7.97 -21.39 55.09
N LYS B 455 -8.55 -22.04 56.08
CA LYS B 455 -8.11 -21.84 57.45
C LYS B 455 -7.30 -23.06 57.93
N PRO B 456 -6.38 -22.86 58.88
CA PRO B 456 -5.59 -23.99 59.38
C PRO B 456 -6.45 -25.03 60.09
N CYS B 457 -6.01 -26.29 60.00
CA CYS B 457 -6.77 -27.40 60.55
C CYS B 457 -5.81 -28.50 60.97
N THR B 458 -6.33 -29.43 61.76
CA THR B 458 -5.64 -30.64 62.21
C THR B 458 -6.09 -31.81 61.36
N PRO B 459 -5.15 -32.60 60.82
CA PRO B 459 -5.51 -33.60 59.79
C PRO B 459 -6.46 -34.68 60.28
N PRO B 460 -6.41 -35.12 61.59
CA PRO B 460 -7.57 -35.97 61.97
C PRO B 460 -8.81 -35.17 62.31
N ALA B 461 -9.44 -34.59 61.28
CA ALA B 461 -10.68 -33.85 61.44
C ALA B 461 -11.46 -33.95 60.14
N LEU B 462 -12.45 -33.09 59.98
CA LEU B 462 -13.31 -33.07 58.80
C LEU B 462 -12.91 -31.93 57.88
N ASN B 463 -12.93 -32.20 56.57
CA ASN B 463 -12.51 -31.26 55.53
C ASN B 463 -11.08 -30.78 55.73
N CYS B 464 -10.19 -31.69 56.10
CA CYS B 464 -8.77 -31.41 56.23
C CYS B 464 -8.00 -32.60 55.67
N TYR B 465 -7.15 -32.34 54.68
CA TYR B 465 -6.47 -33.38 53.92
C TYR B 465 -4.96 -33.14 53.90
N TRP B 466 -4.23 -34.18 53.51
CA TRP B 466 -2.81 -34.08 53.21
C TRP B 466 -2.62 -33.86 51.71
N PRO B 467 -1.84 -32.86 51.29
CA PRO B 467 -1.88 -32.42 49.89
C PRO B 467 -1.03 -33.25 48.94
N LEU B 468 -0.32 -34.27 49.40
CA LEU B 468 0.56 -35.06 48.54
C LEU B 468 0.00 -36.47 48.40
N ASN B 469 0.00 -36.97 47.17
CA ASN B 469 -0.39 -38.34 46.86
C ASN B 469 0.84 -39.15 46.44
N ASP B 470 0.77 -40.46 46.66
CA ASP B 470 1.83 -41.38 46.27
C ASP B 470 1.58 -41.94 44.87
N TYR B 471 2.66 -42.05 44.10
CA TYR B 471 2.66 -42.87 42.91
C TYR B 471 2.83 -44.34 43.30
N GLY B 472 1.95 -45.20 42.80
CA GLY B 472 2.11 -46.62 43.01
C GLY B 472 2.63 -47.34 41.78
N PHE B 473 3.92 -47.67 41.78
CA PHE B 473 4.59 -48.21 40.61
C PHE B 473 4.77 -49.71 40.77
N TYR B 474 4.07 -50.48 39.93
CA TYR B 474 4.19 -51.93 39.94
C TYR B 474 4.84 -52.41 38.64
N THR B 475 5.32 -53.65 38.67
CA THR B 475 5.92 -54.24 37.47
C THR B 475 4.86 -54.69 36.47
N THR B 476 3.74 -55.20 36.95
CA THR B 476 2.75 -55.87 36.10
C THR B 476 1.71 -54.91 35.54
N THR B 477 1.82 -53.61 35.81
CA THR B 477 0.80 -52.71 35.32
C THR B 477 1.04 -52.38 33.85
N GLY B 478 0.04 -51.75 33.24
CA GLY B 478 0.16 -51.29 31.87
C GLY B 478 1.08 -50.11 31.76
N ILE B 479 1.42 -49.76 30.52
CA ILE B 479 2.50 -48.80 30.29
C ILE B 479 2.05 -47.40 30.69
N GLY B 480 0.75 -47.16 30.76
CA GLY B 480 0.31 -45.88 31.25
C GLY B 480 0.48 -45.67 32.74
N TYR B 481 0.77 -46.73 33.51
CA TYR B 481 1.03 -46.60 34.94
C TYR B 481 2.45 -46.99 35.28
N GLN B 482 3.37 -46.88 34.31
CA GLN B 482 4.78 -47.20 34.45
C GLN B 482 5.61 -45.92 34.59
N PRO B 483 6.73 -45.98 35.30
CA PRO B 483 7.52 -44.77 35.53
C PRO B 483 8.30 -44.33 34.29
N TYR B 484 8.43 -43.01 34.14
CA TYR B 484 9.20 -42.39 33.09
C TYR B 484 10.09 -41.31 33.70
N ARG B 485 11.35 -41.27 33.25
CA ARG B 485 12.29 -40.24 33.67
C ARG B 485 12.31 -39.12 32.65
N VAL B 486 12.22 -37.88 33.14
CA VAL B 486 12.09 -36.70 32.29
C VAL B 486 13.21 -35.72 32.63
N VAL B 487 13.90 -35.25 31.58
CA VAL B 487 14.92 -34.21 31.66
C VAL B 487 14.55 -33.10 30.69
N VAL B 488 14.51 -31.87 31.20
CA VAL B 488 14.21 -30.69 30.40
C VAL B 488 15.45 -29.81 30.34
N LEU B 489 15.92 -29.50 29.14
CA LEU B 489 17.06 -28.62 28.95
C LEU B 489 16.56 -27.28 28.46
N SER B 490 17.02 -26.20 29.09
CA SER B 490 16.63 -24.86 28.67
C SER B 490 17.86 -23.98 28.53
N PHE B 491 17.84 -23.13 27.50
CA PHE B 491 18.99 -22.28 27.17
C PHE B 491 18.48 -21.07 26.40
N GLU B 492 19.42 -20.19 26.05
CA GLU B 492 19.18 -19.05 25.18
C GLU B 492 20.22 -19.08 24.06
N LEU B 493 19.90 -18.40 22.96
CA LEU B 493 20.71 -18.50 21.74
C LEU B 493 21.06 -17.13 21.18
N LEU B 494 22.36 -16.92 20.94
CA LEU B 494 22.87 -15.87 20.05
C LEU B 494 22.60 -14.47 20.54
N ASN B 495 22.61 -14.27 21.87
CA ASN B 495 22.48 -12.92 22.41
C ASN B 495 23.37 -12.67 23.63
N ALA B 496 24.23 -13.62 23.99
CA ALA B 496 24.97 -13.55 25.25
C ALA B 496 26.25 -14.37 25.09
N PRO B 497 27.23 -14.16 25.98
CA PRO B 497 28.40 -15.06 25.99
C PRO B 497 28.00 -16.50 26.25
N ALA B 498 28.69 -17.42 25.58
CA ALA B 498 28.31 -18.82 25.60
C ALA B 498 29.53 -19.69 25.85
N THR B 499 29.31 -20.82 26.53
CA THR B 499 30.39 -21.74 26.86
C THR B 499 30.05 -23.20 26.63
N VAL B 500 28.88 -23.52 26.07
CA VAL B 500 28.50 -24.88 25.72
C VAL B 500 28.25 -24.87 24.21
N CYS B 501 29.14 -25.49 23.45
CA CYS B 501 29.11 -25.42 22.00
C CYS B 501 29.05 -26.82 21.39
N GLY B 502 28.94 -26.87 20.07
CA GLY B 502 28.94 -28.11 19.34
C GLY B 502 30.33 -28.60 18.98
N PRO B 503 30.41 -29.72 18.26
CA PRO B 503 31.72 -30.33 17.99
C PRO B 503 32.40 -29.80 16.73
N LYS B 504 31.97 -28.65 16.22
CA LYS B 504 32.56 -28.09 15.02
C LYS B 504 33.99 -27.60 15.29
N LEU B 505 34.85 -27.77 14.30
CA LEU B 505 36.26 -27.39 14.41
C LEU B 505 36.45 -25.94 13.99
N SER B 506 37.42 -25.27 14.62
CA SER B 506 37.66 -23.87 14.37
C SER B 506 38.66 -23.68 13.23
N THR B 507 38.80 -22.42 12.80
CA THR B 507 39.58 -22.06 11.63
C THR B 507 40.31 -20.76 11.97
N ASP B 508 41.42 -20.51 11.26
CA ASP B 508 42.17 -19.28 11.47
C ASP B 508 41.37 -18.06 11.01
N LEU B 509 41.66 -16.92 11.61
CA LEU B 509 41.00 -15.66 11.25
C LEU B 509 41.58 -15.09 9.96
N ILE B 510 40.71 -14.47 9.17
CA ILE B 510 41.10 -13.77 7.94
C ILE B 510 40.55 -12.35 8.02
N LYS B 511 41.40 -11.38 7.77
CA LYS B 511 41.05 -9.96 7.85
C LYS B 511 41.00 -9.32 6.47
N ASN B 512 40.12 -8.31 6.35
CA ASN B 512 40.09 -7.38 5.21
C ASN B 512 39.79 -8.09 3.88
N GLN B 513 38.89 -9.06 3.93
CA GLN B 513 38.55 -9.87 2.76
C GLN B 513 37.13 -10.39 2.93
N CYS B 514 36.38 -10.42 1.82
CA CYS B 514 35.00 -10.89 1.87
C CYS B 514 35.01 -12.40 2.11
N VAL B 515 34.52 -12.82 3.27
CA VAL B 515 34.50 -14.22 3.67
C VAL B 515 33.14 -14.59 4.23
N ASN B 516 32.90 -15.89 4.31
CA ASN B 516 31.81 -16.44 5.11
C ASN B 516 32.34 -16.65 6.52
N PHE B 517 31.57 -16.23 7.51
CA PHE B 517 32.02 -16.33 8.90
C PHE B 517 30.96 -17.03 9.73
N ASN B 518 31.43 -17.61 10.84
CA ASN B 518 30.60 -18.30 11.82
C ASN B 518 31.22 -17.99 13.18
N PHE B 519 30.57 -17.08 13.92
CA PHE B 519 30.97 -16.69 15.26
C PHE B 519 29.93 -17.19 16.25
N ASN B 520 30.29 -18.23 17.02
CA ASN B 520 29.46 -18.81 18.07
C ASN B 520 28.08 -19.25 17.57
N GLY B 521 28.00 -19.68 16.33
CA GLY B 521 26.75 -20.08 15.73
C GLY B 521 26.10 -19.04 14.84
N LEU B 522 26.51 -17.79 14.95
CA LEU B 522 25.99 -16.72 14.09
C LEU B 522 26.76 -16.74 12.78
N THR B 523 26.08 -17.05 11.68
CA THR B 523 26.72 -17.18 10.38
C THR B 523 26.39 -15.97 9.52
N GLY B 524 27.27 -15.71 8.56
CA GLY B 524 27.03 -14.59 7.66
C GLY B 524 28.14 -14.46 6.64
N THR B 525 28.04 -13.40 5.85
CA THR B 525 29.02 -13.06 4.82
C THR B 525 29.41 -11.61 4.98
N GLY B 526 30.71 -11.31 4.96
CA GLY B 526 31.12 -9.93 5.10
C GLY B 526 32.63 -9.79 5.19
N VAL B 527 33.05 -8.59 5.54
CA VAL B 527 34.45 -8.22 5.70
C VAL B 527 34.71 -7.88 7.16
N LEU B 528 35.77 -8.47 7.72
CA LEU B 528 36.12 -8.32 9.13
C LEU B 528 37.31 -7.38 9.25
N THR B 529 37.19 -6.38 10.12
CA THR B 529 38.25 -5.40 10.35
C THR B 529 38.48 -5.23 11.84
N PRO B 530 39.67 -4.81 12.26
CA PRO B 530 39.87 -4.47 13.67
C PRO B 530 39.06 -3.24 14.07
N SER B 531 38.63 -3.23 15.33
CA SER B 531 37.68 -2.25 15.82
C SER B 531 38.28 -1.43 16.94
N SER B 532 37.62 -0.31 17.24
CA SER B 532 38.02 0.57 18.35
C SER B 532 36.95 0.66 19.43
N LYS B 533 35.88 -0.12 19.32
CA LYS B 533 34.85 -0.15 20.34
C LYS B 533 35.35 -0.84 21.61
N ARG B 534 34.67 -0.57 22.72
CA ARG B 534 35.08 -1.05 24.04
C ARG B 534 33.91 -1.80 24.66
N PHE B 535 33.89 -3.11 24.46
CA PHE B 535 32.81 -3.93 25.00
C PHE B 535 32.96 -4.09 26.50
N GLN B 536 31.84 -4.15 27.20
CA GLN B 536 31.82 -4.51 28.60
C GLN B 536 31.87 -6.02 28.72
N PRO B 537 32.32 -6.55 29.88
CA PRO B 537 32.56 -8.01 29.97
C PRO B 537 31.33 -8.88 29.77
N PHE B 538 30.11 -8.36 29.96
CA PHE B 538 28.91 -9.17 29.79
C PHE B 538 28.32 -9.06 28.39
N GLN B 539 28.99 -8.37 27.47
CA GLN B 539 28.48 -8.15 26.12
C GLN B 539 29.31 -8.91 25.11
N GLN B 540 28.66 -9.41 24.06
CA GLN B 540 29.34 -10.20 23.03
C GLN B 540 29.11 -9.64 21.62
N PHE B 541 27.92 -9.10 21.36
CA PHE B 541 27.59 -8.61 20.04
C PHE B 541 27.19 -7.13 20.10
N GLY B 542 27.18 -6.50 18.93
CA GLY B 542 26.73 -5.13 18.81
C GLY B 542 25.89 -4.94 17.57
N ARG B 543 24.92 -4.04 17.66
CA ARG B 543 23.93 -3.89 16.59
C ARG B 543 23.80 -2.43 16.18
N ASP B 544 23.29 -2.24 14.97
CA ASP B 544 23.07 -0.93 14.38
C ASP B 544 21.73 -0.36 14.84
N VAL B 545 21.30 0.73 14.20
CA VAL B 545 19.96 1.24 14.40
C VAL B 545 18.95 0.41 13.61
N SER B 546 19.42 -0.34 12.61
CA SER B 546 18.56 -1.21 11.81
C SER B 546 18.69 -2.66 12.23
N ASP B 547 19.18 -2.91 13.46
CA ASP B 547 19.33 -4.24 14.05
C ASP B 547 20.22 -5.16 13.21
N PHE B 548 21.26 -4.61 12.61
CA PHE B 548 22.24 -5.41 11.89
C PHE B 548 23.46 -5.60 12.78
N THR B 549 23.91 -6.85 12.90
CA THR B 549 25.05 -7.19 13.75
C THR B 549 26.34 -6.68 13.12
N ASP B 550 26.94 -5.64 13.71
CA ASP B 550 28.10 -5.01 13.11
C ASP B 550 29.38 -5.18 13.90
N SER B 551 29.31 -5.73 15.11
CA SER B 551 30.51 -5.92 15.91
C SER B 551 30.43 -7.26 16.63
N VAL B 552 31.59 -7.87 16.85
CA VAL B 552 31.66 -9.16 17.51
C VAL B 552 32.94 -9.19 18.34
N ARG B 553 32.94 -9.98 19.40
CA ARG B 553 34.14 -10.27 20.15
C ARG B 553 34.62 -11.67 19.81
N ASP B 554 35.86 -11.78 19.37
CA ASP B 554 36.42 -13.07 19.00
C ASP B 554 36.58 -13.95 20.23
N PRO B 555 36.03 -15.17 20.24
CA PRO B 555 35.99 -15.96 21.48
C PRO B 555 37.33 -16.57 21.88
N LYS B 556 38.34 -16.56 21.01
CA LYS B 556 39.65 -17.09 21.37
C LYS B 556 40.62 -16.02 21.87
N THR B 557 40.80 -14.95 21.11
CA THR B 557 41.51 -13.76 21.59
C THR B 557 40.49 -12.65 21.72
N SER B 558 40.39 -12.06 22.92
CA SER B 558 39.28 -11.16 23.25
C SER B 558 39.44 -9.78 22.59
N GLU B 559 39.46 -9.78 21.26
CA GLU B 559 39.52 -8.55 20.50
C GLU B 559 38.17 -8.28 19.86
N ILE B 560 37.90 -7.01 19.57
CA ILE B 560 36.64 -6.60 18.96
C ILE B 560 36.85 -6.44 17.46
N LEU B 561 35.92 -6.97 16.67
CA LEU B 561 35.98 -6.91 15.22
C LEU B 561 34.72 -6.28 14.68
N ASP B 562 34.88 -5.49 13.62
CA ASP B 562 33.78 -4.88 12.89
C ASP B 562 33.48 -5.71 11.64
N ILE B 563 32.19 -5.85 11.35
CA ILE B 563 31.71 -6.61 10.20
C ILE B 563 31.04 -5.62 9.26
N SER B 564 31.44 -5.65 7.99
CA SER B 564 30.88 -4.76 6.99
C SER B 564 30.37 -5.57 5.81
N PRO B 565 29.37 -5.06 5.09
CA PRO B 565 28.92 -5.75 3.88
C PRO B 565 29.95 -5.67 2.76
N CYS B 566 29.80 -6.57 1.80
CA CYS B 566 30.73 -6.69 0.69
C CYS B 566 30.34 -5.90 -0.54
N SER B 567 29.06 -5.58 -0.73
CA SER B 567 28.60 -4.88 -1.92
C SER B 567 28.40 -3.40 -1.64
N PHE B 568 28.78 -2.56 -2.60
CA PHE B 568 28.85 -1.12 -2.42
C PHE B 568 29.09 -0.47 -3.78
N GLY B 569 28.36 0.61 -4.06
CA GLY B 569 28.65 1.40 -5.24
C GLY B 569 27.68 1.22 -6.40
N GLY B 570 27.19 2.32 -6.95
CA GLY B 570 26.23 2.24 -8.04
C GLY B 570 26.89 2.05 -9.39
N VAL B 571 26.20 1.31 -10.26
CA VAL B 571 26.70 0.96 -11.59
C VAL B 571 25.64 1.34 -12.62
N SER B 572 26.05 2.03 -13.67
CA SER B 572 25.17 2.37 -14.77
C SER B 572 25.73 1.81 -16.08
N VAL B 573 24.83 1.40 -16.95
CA VAL B 573 25.18 0.83 -18.25
C VAL B 573 24.67 1.78 -19.32
N ILE B 574 25.57 2.27 -20.17
CA ILE B 574 25.22 3.12 -21.29
C ILE B 574 25.21 2.23 -22.52
N THR B 575 24.10 2.20 -23.24
CA THR B 575 24.01 1.36 -24.42
C THR B 575 23.32 2.09 -25.56
N PRO B 576 23.74 1.83 -26.80
CA PRO B 576 22.87 2.10 -27.94
C PRO B 576 21.82 1.02 -28.07
N GLY B 577 21.03 1.04 -29.15
CA GLY B 577 20.06 -0.01 -29.37
C GLY B 577 20.71 -1.37 -29.53
N THR B 578 19.97 -2.41 -29.15
CA THR B 578 20.48 -3.78 -29.30
C THR B 578 20.64 -4.16 -30.76
N ASN B 579 19.89 -3.51 -31.66
CA ASN B 579 20.05 -3.74 -33.09
C ASN B 579 21.38 -3.21 -33.60
N ALA B 580 21.87 -2.11 -33.04
CA ALA B 580 23.08 -1.49 -33.54
C ALA B 580 24.31 -2.32 -33.18
N SER B 581 24.45 -2.67 -31.90
CA SER B 581 25.64 -3.35 -31.43
C SER B 581 25.31 -4.06 -30.12
N SER B 582 26.20 -4.97 -29.73
CA SER B 582 26.19 -5.57 -28.40
C SER B 582 27.22 -4.94 -27.47
N GLU B 583 27.93 -3.92 -27.93
CA GLU B 583 28.89 -3.22 -27.07
C GLU B 583 28.17 -2.24 -26.16
N VAL B 584 28.67 -2.13 -24.93
CA VAL B 584 28.14 -1.20 -23.94
C VAL B 584 29.31 -0.46 -23.30
N ALA B 585 28.99 0.64 -22.63
CA ALA B 585 29.91 1.31 -21.74
C ALA B 585 29.40 1.20 -20.32
N VAL B 586 30.31 1.16 -19.36
CA VAL B 586 29.95 1.00 -17.95
C VAL B 586 30.48 2.20 -17.18
N LEU B 587 29.61 2.84 -16.41
CA LEU B 587 30.00 3.91 -15.52
C LEU B 587 29.88 3.44 -14.08
N TYR B 588 30.99 3.55 -13.34
CA TYR B 588 31.01 3.23 -11.93
C TYR B 588 31.15 4.54 -11.15
N GLN B 589 30.15 4.89 -10.38
CA GLN B 589 30.36 5.87 -9.32
C GLN B 589 31.20 5.24 -8.21
N ASP B 590 31.70 6.11 -7.32
CA ASP B 590 32.35 5.68 -6.07
C ASP B 590 33.63 4.88 -6.32
N VAL B 591 34.31 5.12 -7.43
CA VAL B 591 35.63 4.54 -7.67
C VAL B 591 36.49 5.56 -8.42
N ASN B 592 37.77 5.60 -8.05
CA ASN B 592 38.74 6.52 -8.62
C ASN B 592 39.68 5.77 -9.53
N CYS B 593 39.81 6.22 -10.78
CA CYS B 593 40.65 5.57 -11.77
C CYS B 593 41.81 6.46 -12.19
N TRP B 609 41.23 -1.98 -9.00
CA TRP B 609 40.06 -1.34 -8.41
C TRP B 609 38.81 -2.19 -8.45
N ARG B 610 37.68 -1.58 -8.04
CA ARG B 610 36.39 -2.27 -7.97
C ARG B 610 35.60 -2.11 -9.28
N ILE B 611 36.10 -2.77 -10.32
CA ILE B 611 35.48 -2.76 -11.64
C ILE B 611 35.34 -4.22 -12.06
N TYR B 612 34.40 -4.51 -12.96
CA TYR B 612 34.28 -5.89 -13.37
C TYR B 612 35.41 -6.32 -14.29
N SER B 613 35.79 -5.48 -15.26
CA SER B 613 36.92 -5.81 -16.12
C SER B 613 37.50 -4.54 -16.73
N THR B 614 38.81 -4.59 -16.98
CA THR B 614 39.53 -3.46 -17.57
C THR B 614 39.46 -3.68 -19.08
N GLY B 615 38.35 -3.26 -19.69
CA GLY B 615 38.38 -3.41 -21.13
C GLY B 615 39.23 -2.48 -21.97
N ASN B 616 38.70 -1.32 -22.38
CA ASN B 616 39.51 -0.32 -23.06
C ASN B 616 39.08 1.09 -22.66
N ASN B 617 40.04 2.02 -22.76
CA ASN B 617 39.80 3.46 -22.54
C ASN B 617 39.21 3.77 -21.16
N VAL B 618 40.00 3.50 -20.13
CA VAL B 618 39.56 3.86 -18.78
C VAL B 618 40.07 5.26 -18.49
N PHE B 619 39.15 6.15 -18.08
CA PHE B 619 39.50 7.50 -17.68
C PHE B 619 38.47 8.02 -16.70
N GLN B 620 38.86 9.07 -15.98
CA GLN B 620 38.05 9.62 -14.89
C GLN B 620 37.22 10.78 -15.41
N THR B 621 35.92 10.76 -15.14
CA THR B 621 35.05 11.89 -15.42
C THR B 621 34.56 12.51 -14.11
N GLN B 622 33.74 13.54 -14.23
CA GLN B 622 33.14 14.15 -13.05
C GLN B 622 32.02 13.29 -12.48
N ALA B 623 31.33 12.52 -13.33
CA ALA B 623 30.27 11.63 -12.86
C ALA B 623 30.81 10.36 -12.22
N GLY B 624 31.94 9.86 -12.71
CA GLY B 624 32.52 8.63 -12.19
C GLY B 624 33.57 8.11 -13.16
N CYS B 625 33.87 6.83 -13.02
CA CYS B 625 34.82 6.16 -13.90
C CYS B 625 34.07 5.53 -15.07
N LEU B 626 34.45 5.89 -16.29
CA LEU B 626 33.78 5.42 -17.49
C LEU B 626 34.69 4.44 -18.21
N ILE B 627 34.16 3.27 -18.56
CA ILE B 627 34.91 2.23 -19.23
C ILE B 627 34.18 1.84 -20.49
N GLY B 628 34.88 1.86 -21.62
CA GLY B 628 34.31 1.48 -22.90
C GLY B 628 33.96 2.62 -23.83
N ALA B 629 34.30 3.86 -23.48
CA ALA B 629 33.99 5.01 -24.31
C ALA B 629 35.26 5.81 -24.56
N GLU B 630 35.26 6.57 -25.64
CA GLU B 630 36.40 7.37 -26.05
C GLU B 630 36.12 8.86 -25.84
N HIS B 631 37.09 9.57 -25.29
CA HIS B 631 36.92 10.97 -24.95
C HIS B 631 37.33 11.85 -26.12
N VAL B 632 36.42 12.73 -26.54
CA VAL B 632 36.64 13.63 -27.67
C VAL B 632 36.61 15.06 -27.15
N ASP B 633 37.46 15.92 -27.74
CA ASP B 633 37.60 17.28 -27.27
C ASP B 633 36.49 18.20 -27.77
N THR B 634 35.94 17.94 -28.96
CA THR B 634 34.88 18.77 -29.50
C THR B 634 33.57 18.56 -28.75
N SER B 635 32.74 19.59 -28.74
CA SER B 635 31.49 19.61 -27.98
C SER B 635 30.31 19.73 -28.93
N TYR B 636 29.28 18.92 -28.69
CA TYR B 636 28.03 18.95 -29.44
C TYR B 636 26.84 18.93 -28.48
N GLU B 637 25.64 18.93 -29.05
CA GLU B 637 24.45 18.50 -28.33
C GLU B 637 24.59 17.00 -28.05
N CYS B 638 23.89 16.51 -27.02
CA CYS B 638 24.03 15.12 -26.62
C CYS B 638 22.67 14.44 -26.57
N ASP B 639 22.68 13.13 -26.82
CA ASP B 639 21.48 12.32 -26.81
C ASP B 639 21.43 11.36 -25.62
N ILE B 640 22.58 11.01 -25.06
CA ILE B 640 22.59 10.21 -23.84
C ILE B 640 23.17 11.04 -22.70
N PRO B 641 22.34 11.57 -21.80
CA PRO B 641 22.86 12.36 -20.69
C PRO B 641 23.40 11.47 -19.59
N ILE B 642 24.72 11.47 -19.42
CA ILE B 642 25.37 10.73 -18.35
C ILE B 642 25.21 11.44 -17.01
N GLY B 643 25.57 12.72 -16.97
CA GLY B 643 25.48 13.50 -15.76
C GLY B 643 26.71 14.34 -15.48
N ALA B 644 26.55 15.35 -14.62
CA ALA B 644 27.61 16.28 -14.23
C ALA B 644 28.25 16.97 -15.43
N GLY B 645 27.44 17.27 -16.44
CA GLY B 645 27.94 17.92 -17.64
C GLY B 645 28.51 17.01 -18.70
N ILE B 646 28.54 15.70 -18.49
CA ILE B 646 29.12 14.76 -19.43
C ILE B 646 28.00 14.06 -20.18
N CYS B 647 28.19 13.88 -21.49
CA CYS B 647 27.21 13.22 -22.34
C CYS B 647 27.91 12.21 -23.25
N ALA B 648 27.14 11.30 -23.82
CA ALA B 648 27.67 10.25 -24.66
C ALA B 648 26.85 10.13 -25.94
N SER B 649 27.49 9.58 -26.97
CA SER B 649 26.86 9.37 -28.26
C SER B 649 27.54 8.21 -28.97
N TYR B 650 27.00 7.87 -30.15
CA TYR B 650 27.47 6.75 -30.97
C TYR B 650 27.94 7.34 -32.29
N HIS B 651 29.27 7.49 -32.45
CA HIS B 651 29.83 8.18 -33.60
C HIS B 651 30.97 7.37 -34.20
N THR B 652 31.33 7.72 -35.42
CA THR B 652 32.45 7.08 -36.11
C THR B 652 33.78 7.48 -35.49
N LYS B 662 32.42 2.42 -36.18
CA LYS B 662 31.67 3.17 -35.18
C LYS B 662 32.10 2.80 -33.77
N SER B 663 31.87 3.70 -32.82
CA SER B 663 32.20 3.49 -31.42
C SER B 663 31.38 4.44 -30.58
N ILE B 664 31.53 4.31 -29.27
CA ILE B 664 30.83 5.14 -28.30
C ILE B 664 31.78 6.22 -27.83
N VAL B 665 31.36 7.47 -27.92
CA VAL B 665 32.20 8.60 -27.56
C VAL B 665 31.53 9.39 -26.44
N ALA B 666 32.35 10.00 -25.60
CA ALA B 666 31.88 10.81 -24.48
C ALA B 666 32.53 12.18 -24.55
N TYR B 667 31.77 13.21 -24.22
CA TYR B 667 32.24 14.57 -24.36
C TYR B 667 31.50 15.47 -23.37
N THR B 668 31.89 16.74 -23.36
CA THR B 668 31.16 17.75 -22.60
C THR B 668 30.13 18.40 -23.51
N MET B 669 28.91 18.54 -23.00
CA MET B 669 27.83 19.07 -23.81
C MET B 669 27.96 20.57 -24.00
N SER B 670 27.42 21.06 -25.12
CA SER B 670 27.50 22.47 -25.49
C SER B 670 26.26 23.21 -25.03
N LEU B 671 26.46 24.33 -24.34
CA LEU B 671 25.35 25.09 -23.78
C LEU B 671 24.63 25.90 -24.85
N GLY B 672 25.32 26.24 -25.93
CA GLY B 672 24.71 27.04 -26.97
C GLY B 672 25.77 27.64 -27.88
N ALA B 673 25.33 28.61 -28.67
CA ALA B 673 26.21 29.26 -29.63
C ALA B 673 26.80 30.52 -29.04
N ASP B 674 28.09 30.73 -29.29
CA ASP B 674 28.76 31.94 -28.84
C ASP B 674 28.30 33.14 -29.65
N SER B 675 28.15 34.27 -28.96
CA SER B 675 27.66 35.48 -29.60
C SER B 675 28.27 36.67 -28.88
N SER B 676 28.36 37.79 -29.60
CA SER B 676 28.91 39.02 -29.06
C SER B 676 28.14 40.18 -29.65
N ILE B 677 27.60 41.04 -28.79
CA ILE B 677 27.03 42.30 -29.21
C ILE B 677 27.69 43.40 -28.40
N ALA B 678 28.06 44.48 -29.07
CA ALA B 678 28.87 45.51 -28.44
C ALA B 678 27.97 46.66 -27.99
N TYR B 679 28.11 47.06 -26.74
CA TYR B 679 27.36 48.17 -26.19
C TYR B 679 27.89 49.52 -26.67
N SER B 680 26.96 50.36 -27.13
CA SER B 680 27.24 51.74 -27.48
C SER B 680 26.16 52.64 -26.87
N ASN B 681 26.55 53.88 -26.57
CA ASN B 681 25.65 54.84 -25.94
C ASN B 681 24.97 55.75 -26.95
N ASN B 682 25.21 55.58 -28.25
CA ASN B 682 24.59 56.48 -29.22
C ASN B 682 24.11 55.81 -30.49
N THR B 683 24.18 54.48 -30.59
CA THR B 683 23.73 53.79 -31.79
C THR B 683 22.61 52.82 -31.43
N ILE B 684 21.69 52.63 -32.36
CA ILE B 684 20.56 51.73 -32.19
C ILE B 684 20.49 50.81 -33.41
N ALA B 685 19.86 49.65 -33.23
CA ALA B 685 19.67 48.68 -34.31
C ALA B 685 18.17 48.51 -34.54
N ILE B 686 17.74 48.66 -35.77
CA ILE B 686 16.33 48.64 -36.12
C ILE B 686 16.12 47.58 -37.20
N PRO B 687 15.11 46.71 -37.07
CA PRO B 687 14.82 45.75 -38.14
C PRO B 687 14.26 46.47 -39.35
N THR B 688 14.61 45.96 -40.54
CA THR B 688 14.10 46.57 -41.75
C THR B 688 13.14 45.70 -42.53
N ASN B 689 13.01 44.40 -42.23
CA ASN B 689 12.17 43.59 -43.09
C ASN B 689 11.63 42.47 -42.19
N PHE B 690 10.74 41.62 -42.70
CA PHE B 690 10.15 40.65 -41.78
C PHE B 690 9.80 39.33 -42.47
N SER B 691 9.50 38.33 -41.64
CA SER B 691 9.02 37.03 -42.10
C SER B 691 7.85 36.57 -41.24
N ILE B 692 7.03 35.70 -41.82
CA ILE B 692 5.88 35.09 -41.16
C ILE B 692 6.21 33.63 -40.88
N SER B 693 6.09 33.21 -39.63
CA SER B 693 6.42 31.84 -39.24
C SER B 693 5.20 31.15 -38.63
N ILE B 694 5.15 29.83 -38.79
CA ILE B 694 4.10 28.99 -38.22
C ILE B 694 4.77 27.90 -37.40
N THR B 695 4.42 27.82 -36.12
CA THR B 695 5.00 26.85 -35.20
C THR B 695 3.91 25.93 -34.67
N THR B 696 4.25 24.66 -34.48
CA THR B 696 3.32 23.65 -33.99
C THR B 696 3.55 23.40 -32.50
N GLU B 697 2.46 23.07 -31.79
CA GLU B 697 2.51 22.75 -30.37
C GLU B 697 1.52 21.64 -30.08
N VAL B 698 1.98 20.54 -29.48
CA VAL B 698 1.15 19.38 -29.22
C VAL B 698 0.92 19.27 -27.72
N MET B 699 -0.34 19.02 -27.32
CA MET B 699 -0.66 18.88 -25.90
C MET B 699 -1.62 17.73 -25.66
N PRO B 700 -1.36 16.92 -24.64
CA PRO B 700 -2.34 15.91 -24.23
C PRO B 700 -3.54 16.55 -23.55
N VAL B 701 -4.70 15.91 -23.71
CA VAL B 701 -5.95 16.42 -23.14
C VAL B 701 -6.60 15.38 -22.23
N SER B 702 -6.68 14.13 -22.67
CA SER B 702 -7.35 13.08 -21.91
C SER B 702 -6.56 11.78 -22.05
N MET B 703 -6.88 10.82 -21.18
CA MET B 703 -6.32 9.48 -21.32
C MET B 703 -7.43 8.44 -21.35
N ALA B 704 -7.06 7.17 -21.31
CA ALA B 704 -8.02 6.09 -21.45
C ALA B 704 -8.80 5.86 -20.17
N LYS B 705 -10.12 5.70 -20.32
CA LYS B 705 -11.01 5.39 -19.20
C LYS B 705 -11.05 3.89 -19.01
N THR B 706 -10.87 3.45 -17.76
CA THR B 706 -10.70 2.04 -17.46
C THR B 706 -11.55 1.64 -16.26
N SER B 707 -11.86 0.36 -16.18
CA SER B 707 -12.63 -0.22 -15.09
C SER B 707 -12.10 -1.60 -14.77
N VAL B 708 -12.20 -1.97 -13.49
CA VAL B 708 -11.76 -3.27 -13.02
C VAL B 708 -12.93 -3.96 -12.33
N ASP B 709 -12.83 -5.29 -12.28
CA ASP B 709 -13.80 -6.15 -11.60
C ASP B 709 -13.07 -6.99 -10.56
N CYS B 710 -13.31 -6.67 -9.28
CA CYS B 710 -12.57 -7.34 -8.21
C CYS B 710 -12.81 -8.85 -8.21
N ASN B 711 -14.06 -9.24 -8.44
CA ASN B 711 -14.45 -10.65 -8.32
C ASN B 711 -13.73 -11.51 -9.34
N MET B 712 -13.60 -11.03 -10.57
CA MET B 712 -12.90 -11.81 -11.59
C MET B 712 -11.39 -11.75 -11.46
N TYR B 713 -10.84 -10.62 -11.01
CA TYR B 713 -9.39 -10.53 -10.88
C TYR B 713 -8.89 -11.41 -9.74
N ILE B 714 -9.62 -11.44 -8.63
CA ILE B 714 -9.16 -12.17 -7.46
C ILE B 714 -9.62 -13.62 -7.47
N CYS B 715 -10.88 -13.87 -7.75
CA CYS B 715 -11.44 -15.23 -7.66
C CYS B 715 -12.18 -15.57 -8.95
N GLY B 716 -11.43 -16.04 -9.96
CA GLY B 716 -12.03 -16.29 -11.25
C GLY B 716 -12.83 -17.58 -11.29
N ASP B 717 -14.16 -17.43 -11.29
CA ASP B 717 -15.11 -18.56 -11.37
C ASP B 717 -14.90 -19.55 -10.23
N SER B 718 -14.69 -19.04 -9.03
CA SER B 718 -14.59 -19.87 -7.85
C SER B 718 -15.56 -19.37 -6.79
N THR B 719 -16.45 -20.27 -6.33
CA THR B 719 -17.48 -19.89 -5.37
C THR B 719 -16.92 -19.75 -3.96
N GLU B 720 -16.00 -20.64 -3.59
CA GLU B 720 -15.39 -20.58 -2.27
C GLU B 720 -14.59 -19.31 -2.08
N CYS B 721 -13.81 -18.94 -3.10
CA CYS B 721 -13.04 -17.70 -3.05
C CYS B 721 -13.96 -16.48 -3.00
N ALA B 722 -15.08 -16.52 -3.71
CA ALA B 722 -16.03 -15.43 -3.65
C ALA B 722 -16.63 -15.30 -2.26
N ASN B 723 -16.94 -16.43 -1.62
CA ASN B 723 -17.42 -16.41 -0.24
C ASN B 723 -16.37 -15.85 0.71
N LEU B 724 -15.10 -16.20 0.52
CA LEU B 724 -14.04 -15.65 1.37
C LEU B 724 -13.77 -14.18 1.09
N LEU B 725 -14.01 -13.71 -0.13
CA LEU B 725 -13.80 -12.31 -0.47
C LEU B 725 -14.92 -11.42 0.05
N LEU B 726 -16.07 -12.01 0.35
CA LEU B 726 -17.30 -11.31 0.72
C LEU B 726 -17.13 -10.29 1.86
N GLN B 727 -16.13 -10.44 2.73
CA GLN B 727 -15.96 -9.51 3.83
C GLN B 727 -14.90 -8.46 3.55
N TYR B 728 -14.49 -8.29 2.29
CA TYR B 728 -13.60 -7.21 1.88
C TYR B 728 -14.30 -6.22 0.97
N GLY B 729 -15.64 -6.15 1.04
CA GLY B 729 -16.38 -5.41 0.02
C GLY B 729 -16.19 -3.91 0.10
N SER B 730 -15.90 -3.39 1.29
CA SER B 730 -15.68 -1.96 1.43
C SER B 730 -14.43 -1.51 0.68
N PHE B 731 -13.39 -2.34 0.67
CA PHE B 731 -12.16 -2.04 -0.04
C PHE B 731 -12.37 -1.96 -1.55
N CYS B 732 -13.17 -2.86 -2.11
CA CYS B 732 -13.42 -2.90 -3.56
C CYS B 732 -14.30 -1.77 -4.08
N THR B 733 -15.30 -1.32 -3.31
CA THR B 733 -16.11 -0.20 -3.76
C THR B 733 -15.33 1.12 -3.77
N GLN B 734 -14.32 1.26 -2.93
CA GLN B 734 -13.44 2.43 -2.97
C GLN B 734 -12.66 2.51 -4.28
N LEU B 735 -12.12 1.38 -4.75
CA LEU B 735 -11.40 1.36 -6.03
C LEU B 735 -12.31 1.72 -7.18
N ASN B 736 -13.53 1.17 -7.21
CA ASN B 736 -14.46 1.46 -8.29
C ASN B 736 -14.88 2.91 -8.27
N ARG B 737 -15.07 3.49 -7.08
CA ARG B 737 -15.41 4.90 -6.98
C ARG B 737 -14.28 5.79 -7.50
N ALA B 738 -13.03 5.44 -7.17
CA ALA B 738 -11.88 6.20 -7.67
C ALA B 738 -11.81 6.16 -9.20
N LEU B 739 -11.99 4.96 -9.77
CA LEU B 739 -11.88 4.83 -11.22
C LEU B 739 -13.03 5.56 -11.93
N SER B 740 -14.23 5.52 -11.37
CA SER B 740 -15.35 6.21 -12.01
C SER B 740 -15.18 7.72 -11.92
N GLY B 741 -14.63 8.23 -10.81
CA GLY B 741 -14.28 9.64 -10.74
C GLY B 741 -13.25 10.04 -11.78
N ILE B 742 -12.23 9.19 -11.99
CA ILE B 742 -11.22 9.47 -13.01
C ILE B 742 -11.84 9.55 -14.40
N ALA B 743 -12.73 8.61 -14.73
CA ALA B 743 -13.35 8.59 -16.05
C ALA B 743 -14.24 9.82 -16.27
N ALA B 744 -14.99 10.21 -15.25
CA ALA B 744 -15.81 11.42 -15.34
C ALA B 744 -14.94 12.65 -15.54
N GLU B 745 -13.80 12.71 -14.85
CA GLU B 745 -12.87 13.82 -15.04
C GLU B 745 -12.31 13.85 -16.46
N GLN B 746 -12.06 12.68 -17.07
CA GLN B 746 -11.55 12.67 -18.45
C GLN B 746 -12.57 13.21 -19.44
N ASP B 747 -13.86 12.92 -19.20
CA ASP B 747 -14.89 13.50 -20.05
C ASP B 747 -15.00 15.01 -19.81
N ARG B 748 -14.90 15.45 -18.56
CA ARG B 748 -15.00 16.88 -18.29
C ARG B 748 -13.83 17.62 -18.93
N ASN B 749 -12.65 16.98 -18.96
CA ASN B 749 -11.46 17.59 -19.55
C ASN B 749 -11.67 17.84 -21.03
N THR B 750 -12.17 16.83 -21.75
CA THR B 750 -12.41 17.01 -23.18
C THR B 750 -13.49 18.08 -23.44
N ARG B 751 -14.55 18.08 -22.63
CA ARG B 751 -15.61 19.09 -22.78
C ARG B 751 -15.09 20.51 -22.52
N GLU B 752 -14.25 20.69 -21.50
CA GLU B 752 -13.74 22.02 -21.19
C GLU B 752 -12.69 22.49 -22.19
N VAL B 753 -12.02 21.58 -22.88
CA VAL B 753 -11.04 22.02 -23.88
C VAL B 753 -11.73 22.37 -25.19
N PHE B 754 -12.60 21.50 -25.70
CA PHE B 754 -13.04 21.64 -27.09
C PHE B 754 -14.35 22.39 -27.29
N ALA B 755 -15.22 22.48 -26.28
CA ALA B 755 -16.58 22.97 -26.46
C ALA B 755 -16.73 24.41 -26.00
N GLN B 756 -15.74 25.26 -26.29
CA GLN B 756 -15.74 26.63 -25.79
C GLN B 756 -16.74 27.51 -26.53
N VAL B 757 -16.85 27.37 -27.85
CA VAL B 757 -17.79 28.18 -28.61
C VAL B 757 -19.19 27.60 -28.52
N LYS B 758 -20.20 28.46 -28.67
CA LYS B 758 -21.59 28.10 -28.42
C LYS B 758 -22.39 27.83 -29.69
N GLN B 759 -21.94 28.35 -30.84
CA GLN B 759 -22.67 28.18 -32.09
C GLN B 759 -21.76 27.58 -33.15
N MET B 760 -22.31 26.68 -33.96
CA MET B 760 -21.53 25.84 -34.86
C MET B 760 -21.58 26.50 -36.23
N TYR B 761 -20.52 27.21 -36.58
CA TYR B 761 -20.45 27.88 -37.87
C TYR B 761 -20.18 26.88 -38.99
N LYS B 762 -20.84 27.10 -40.12
CA LYS B 762 -20.69 26.24 -41.28
C LYS B 762 -19.41 26.60 -42.04
N THR B 763 -18.84 25.59 -42.69
CA THR B 763 -17.64 25.81 -43.50
C THR B 763 -18.00 26.61 -44.75
N PRO B 764 -17.31 27.71 -45.02
CA PRO B 764 -17.62 28.50 -46.22
C PRO B 764 -17.28 27.76 -47.51
N THR B 765 -18.01 28.09 -48.57
CA THR B 765 -17.78 27.45 -49.86
C THR B 765 -16.44 27.86 -50.46
N LEU B 766 -16.05 29.12 -50.29
CA LEU B 766 -14.79 29.61 -50.80
C LEU B 766 -13.73 29.50 -49.71
N LYS B 767 -12.58 28.91 -50.05
CA LYS B 767 -11.49 28.69 -49.11
C LYS B 767 -10.34 29.68 -49.30
N TYR B 768 -10.55 30.74 -50.08
CA TYR B 768 -9.49 31.64 -50.52
C TYR B 768 -9.89 33.04 -50.09
N PHE B 769 -9.23 33.58 -49.06
CA PHE B 769 -9.62 34.85 -48.46
C PHE B 769 -8.55 35.91 -48.65
N GLY B 770 -8.60 36.60 -49.78
CA GLY B 770 -7.71 37.73 -50.03
C GLY B 770 -6.24 37.41 -50.14
N GLY B 771 -5.89 36.31 -50.80
CA GLY B 771 -4.52 35.89 -50.94
C GLY B 771 -4.13 34.74 -50.03
N PHE B 772 -4.95 34.40 -49.05
CA PHE B 772 -4.61 33.43 -48.03
C PHE B 772 -5.36 32.13 -48.29
N ASN B 773 -4.64 31.01 -48.25
CA ASN B 773 -5.16 29.72 -48.65
C ASN B 773 -5.51 28.92 -47.39
N PHE B 774 -6.80 28.71 -47.15
CA PHE B 774 -7.27 28.02 -45.96
C PHE B 774 -7.77 26.62 -46.25
N SER B 775 -7.38 26.05 -47.39
CA SER B 775 -7.92 24.77 -47.83
C SER B 775 -7.34 23.59 -47.06
N GLN B 776 -6.09 23.70 -46.61
CA GLN B 776 -5.42 22.59 -45.95
C GLN B 776 -5.81 22.43 -44.48
N ILE B 777 -6.48 23.42 -43.89
CA ILE B 777 -6.89 23.36 -42.49
C ILE B 777 -8.40 23.31 -42.34
N LEU B 778 -9.14 23.22 -43.44
CA LEU B 778 -10.58 23.12 -43.43
C LEU B 778 -11.03 21.83 -44.11
N PRO B 779 -12.18 21.28 -43.74
CA PRO B 779 -12.69 20.08 -44.42
C PRO B 779 -13.17 20.42 -45.83
N ASP B 780 -12.96 19.47 -46.74
CA ASP B 780 -13.48 19.56 -48.09
C ASP B 780 -14.64 18.59 -48.28
N PRO B 781 -15.66 18.93 -49.07
CA PRO B 781 -16.86 18.08 -49.16
C PRO B 781 -16.79 16.97 -50.21
N LEU B 782 -15.62 16.65 -50.74
CA LEU B 782 -15.50 15.59 -51.74
C LEU B 782 -14.90 14.31 -51.19
N LYS B 783 -13.98 14.41 -50.24
CA LYS B 783 -13.36 13.23 -49.66
C LYS B 783 -14.33 12.58 -48.66
N PRO B 784 -14.24 11.27 -48.45
CA PRO B 784 -15.14 10.62 -47.48
C PRO B 784 -14.96 11.06 -46.03
N THR B 785 -13.76 11.46 -45.63
CA THR B 785 -13.57 11.82 -44.23
C THR B 785 -14.13 13.22 -43.95
N LYS B 786 -14.35 13.49 -42.66
CA LYS B 786 -14.95 14.73 -42.21
C LYS B 786 -13.91 15.72 -41.69
N ARG B 787 -12.62 15.44 -41.86
CA ARG B 787 -11.58 16.21 -41.22
C ARG B 787 -10.57 16.68 -42.26
N SER B 788 -9.69 17.59 -41.83
CA SER B 788 -8.76 18.26 -42.73
C SER B 788 -7.60 17.35 -43.09
N PHE B 789 -6.74 17.83 -44.00
CA PHE B 789 -5.60 17.06 -44.44
C PHE B 789 -4.55 16.96 -43.34
N ILE B 790 -4.36 18.04 -42.60
CA ILE B 790 -3.39 18.02 -41.51
C ILE B 790 -3.89 17.13 -40.39
N GLU B 791 -5.21 17.16 -40.12
CA GLU B 791 -5.76 16.27 -39.11
C GLU B 791 -5.65 14.81 -39.54
N ASP B 792 -5.71 14.56 -40.85
CA ASP B 792 -5.46 13.23 -41.39
C ASP B 792 -4.04 12.77 -41.09
N LEU B 793 -3.05 13.65 -41.32
CA LEU B 793 -1.67 13.30 -41.00
C LEU B 793 -1.49 13.08 -39.50
N LEU B 794 -2.11 13.93 -38.68
CA LEU B 794 -1.99 13.81 -37.23
C LEU B 794 -2.59 12.51 -36.71
N PHE B 795 -3.72 12.08 -37.30
CA PHE B 795 -4.31 10.81 -36.90
C PHE B 795 -3.53 9.64 -37.46
N ASN B 796 -2.80 9.83 -38.56
CA ASN B 796 -1.97 8.76 -39.09
C ASN B 796 -0.67 8.59 -38.30
N LYS B 797 -0.21 9.65 -37.62
CA LYS B 797 1.05 9.56 -36.89
C LYS B 797 0.97 8.69 -35.63
N VAL B 798 -0.20 8.59 -35.01
CA VAL B 798 -0.33 7.88 -33.74
C VAL B 798 -0.98 6.53 -33.98
N THR B 799 -0.29 5.48 -33.54
CA THR B 799 -0.79 4.11 -33.58
C THR B 799 -1.63 3.81 -32.33
N LEU B 800 -2.67 3.02 -32.52
CA LEU B 800 -3.61 2.71 -31.46
C LEU B 800 -3.43 1.25 -31.03
N ALA B 801 -4.17 0.85 -29.99
CA ALA B 801 -4.13 -0.51 -29.48
C ALA B 801 -5.41 -1.30 -29.67
N ASP B 802 -6.55 -0.78 -29.22
CA ASP B 802 -7.81 -1.50 -29.41
C ASP B 802 -8.53 -1.20 -30.72
N ALA B 803 -8.52 0.06 -31.17
CA ALA B 803 -9.05 0.54 -32.46
C ALA B 803 -10.57 0.47 -32.52
N GLY B 804 -11.20 -0.11 -31.51
CA GLY B 804 -12.62 0.05 -31.27
C GLY B 804 -12.87 -0.37 -29.83
N PHE B 805 -14.14 -0.47 -29.44
CA PHE B 805 -14.43 -0.99 -28.12
C PHE B 805 -15.33 -2.23 -28.12
N MET B 806 -15.08 -3.18 -29.02
CA MET B 806 -15.99 -4.32 -29.13
C MET B 806 -15.19 -5.57 -29.47
N LYS B 807 -15.03 -6.46 -28.50
CA LYS B 807 -14.36 -7.74 -28.67
C LYS B 807 -15.34 -8.82 -28.26
N GLN B 808 -15.89 -9.55 -29.23
CA GLN B 808 -16.92 -10.52 -28.91
C GLN B 808 -16.31 -11.80 -28.37
N TYR B 809 -17.15 -12.58 -27.68
CA TYR B 809 -16.69 -13.80 -27.02
C TYR B 809 -16.24 -14.85 -28.02
N GLY B 810 -17.02 -15.03 -29.10
CA GLY B 810 -16.60 -15.94 -30.16
C GLY B 810 -15.34 -15.50 -30.86
N GLU B 811 -15.07 -14.20 -30.91
CA GLU B 811 -13.83 -13.71 -31.48
C GLU B 811 -12.63 -14.05 -30.60
N CYS B 812 -12.76 -13.90 -29.29
CA CYS B 812 -11.70 -14.28 -28.37
C CYS B 812 -11.50 -15.79 -28.31
N LEU B 813 -12.57 -16.58 -28.46
CA LEU B 813 -12.41 -18.01 -28.59
C LEU B 813 -11.96 -18.47 -29.97
N GLY B 814 -11.93 -17.58 -30.97
CA GLY B 814 -11.37 -17.96 -32.25
C GLY B 814 -9.87 -17.72 -32.39
N ASP B 815 -9.27 -16.92 -31.51
CA ASP B 815 -7.84 -16.62 -31.55
C ASP B 815 -7.21 -17.08 -30.23
N ILE B 816 -6.84 -18.36 -30.17
CA ILE B 816 -6.17 -18.92 -29.02
C ILE B 816 -4.70 -19.18 -29.31
N ASN B 817 -4.39 -19.63 -30.54
CA ASN B 817 -3.00 -19.81 -30.94
C ASN B 817 -2.25 -18.49 -30.91
N ALA B 818 -2.92 -17.42 -31.35
CA ALA B 818 -2.39 -16.06 -31.27
C ALA B 818 -2.77 -15.50 -29.90
N ARG B 819 -1.81 -15.44 -28.98
CA ARG B 819 -2.04 -15.02 -27.60
C ARG B 819 -2.25 -13.51 -27.54
N ASP B 820 -3.48 -13.08 -27.85
CA ASP B 820 -3.77 -11.65 -27.86
C ASP B 820 -3.85 -11.10 -26.43
N LEU B 821 -3.27 -9.92 -26.25
CA LEU B 821 -3.21 -9.30 -24.93
C LEU B 821 -4.57 -8.79 -24.46
N ILE B 822 -5.39 -8.31 -25.39
CA ILE B 822 -6.69 -7.73 -25.04
C ILE B 822 -7.64 -8.80 -24.53
N CYS B 823 -7.63 -9.99 -25.13
CA CYS B 823 -8.46 -11.08 -24.63
C CYS B 823 -8.04 -11.50 -23.22
N ALA B 824 -6.74 -11.52 -22.94
CA ALA B 824 -6.27 -11.85 -21.59
C ALA B 824 -6.68 -10.80 -20.57
N GLN B 825 -6.63 -9.52 -20.97
CA GLN B 825 -7.10 -8.46 -20.08
C GLN B 825 -8.58 -8.58 -19.83
N LYS B 826 -9.36 -8.89 -20.87
CA LYS B 826 -10.80 -8.92 -20.69
C LYS B 826 -11.21 -10.17 -19.93
N PHE B 827 -10.43 -11.25 -20.07
CA PHE B 827 -10.66 -12.48 -19.34
C PHE B 827 -10.22 -12.38 -17.89
N ASN B 828 -9.51 -11.31 -17.52
CA ASN B 828 -9.05 -11.14 -16.14
C ASN B 828 -9.73 -9.98 -15.45
N GLY B 829 -10.77 -9.40 -16.05
CA GLY B 829 -11.61 -8.41 -15.40
C GLY B 829 -11.25 -6.96 -15.64
N LEU B 830 -10.41 -6.67 -16.62
CA LEU B 830 -9.96 -5.31 -16.91
C LEU B 830 -10.57 -4.86 -18.22
N THR B 831 -11.28 -3.72 -18.20
CA THR B 831 -12.00 -3.25 -19.38
C THR B 831 -11.71 -1.78 -19.61
N VAL B 832 -11.84 -1.37 -20.88
CA VAL B 832 -11.63 0.01 -21.31
C VAL B 832 -12.95 0.54 -21.88
N LEU B 833 -13.40 1.71 -21.38
CA LEU B 833 -14.68 2.33 -21.72
C LEU B 833 -14.51 3.35 -22.84
N PRO B 834 -15.51 3.51 -23.72
CA PRO B 834 -15.37 4.44 -24.83
C PRO B 834 -15.45 5.88 -24.35
N PRO B 835 -14.79 6.80 -25.05
CA PRO B 835 -14.98 8.24 -24.77
C PRO B 835 -16.36 8.72 -25.17
N LEU B 836 -16.79 9.80 -24.51
CA LEU B 836 -18.13 10.36 -24.77
C LEU B 836 -18.16 11.07 -26.12
N LEU B 837 -17.14 11.85 -26.44
CA LEU B 837 -17.07 12.57 -27.70
C LEU B 837 -16.38 11.74 -28.77
N THR B 838 -17.07 11.53 -29.89
CA THR B 838 -16.48 10.83 -31.02
C THR B 838 -15.45 11.74 -31.68
N ASP B 839 -14.51 11.13 -32.42
CA ASP B 839 -13.51 11.91 -33.14
C ASP B 839 -14.14 12.82 -34.19
N ASP B 840 -15.26 12.39 -34.78
CA ASP B 840 -15.97 13.24 -35.74
C ASP B 840 -16.53 14.50 -35.09
N MET B 841 -17.01 14.39 -33.85
CA MET B 841 -17.53 15.55 -33.14
C MET B 841 -16.43 16.56 -32.84
N ILE B 842 -15.26 16.07 -32.43
CA ILE B 842 -14.13 16.95 -32.15
C ILE B 842 -13.64 17.60 -33.44
N ALA B 843 -13.64 16.84 -34.54
CA ALA B 843 -13.27 17.41 -35.83
C ALA B 843 -14.26 18.50 -36.26
N ALA B 844 -15.56 18.28 -36.00
CA ALA B 844 -16.56 19.29 -36.30
C ALA B 844 -16.36 20.55 -35.46
N TYR B 845 -16.01 20.37 -34.18
CA TYR B 845 -15.72 21.51 -33.31
C TYR B 845 -14.53 22.33 -33.83
N THR B 846 -13.45 21.65 -34.23
CA THR B 846 -12.29 22.38 -34.72
C THR B 846 -12.57 23.04 -36.06
N ALA B 847 -13.37 22.40 -36.92
CA ALA B 847 -13.76 23.03 -38.17
C ALA B 847 -14.60 24.28 -37.95
N ALA B 848 -15.54 24.22 -36.98
CA ALA B 848 -16.34 25.39 -36.65
C ALA B 848 -15.48 26.52 -36.10
N LEU B 849 -14.51 26.19 -35.24
CA LEU B 849 -13.61 27.21 -34.70
C LEU B 849 -12.76 27.87 -35.79
N VAL B 850 -12.22 27.07 -36.71
CA VAL B 850 -11.38 27.63 -37.76
C VAL B 850 -12.22 28.49 -38.72
N SER B 851 -13.44 28.05 -39.02
CA SER B 851 -14.32 28.85 -39.87
C SER B 851 -14.70 30.16 -39.19
N GLY B 852 -15.00 30.12 -37.89
CA GLY B 852 -15.32 31.34 -37.17
C GLY B 852 -14.14 32.30 -37.08
N THR B 853 -12.94 31.76 -36.92
CA THR B 853 -11.74 32.62 -36.93
C THR B 853 -11.53 33.24 -38.30
N ALA B 854 -11.69 32.45 -39.36
CA ALA B 854 -11.43 32.94 -40.71
C ALA B 854 -12.51 33.90 -41.20
N THR B 855 -13.71 33.86 -40.62
CA THR B 855 -14.80 34.71 -41.08
C THR B 855 -15.12 35.84 -40.12
N ALA B 856 -15.14 35.59 -38.82
CA ALA B 856 -15.55 36.60 -37.85
C ALA B 856 -14.37 37.19 -37.07
N GLY B 857 -13.31 36.42 -36.88
CA GLY B 857 -12.11 36.97 -36.26
C GLY B 857 -11.97 36.64 -34.79
N TRP B 858 -12.20 37.66 -33.97
CA TRP B 858 -11.99 37.61 -32.53
C TRP B 858 -13.25 37.98 -31.77
N THR B 859 -14.31 38.39 -32.48
CA THR B 859 -15.47 39.00 -31.85
C THR B 859 -16.49 37.97 -31.42
N PHE B 860 -16.35 36.72 -31.86
CA PHE B 860 -17.33 35.69 -31.53
C PHE B 860 -17.05 35.05 -30.18
N GLY B 861 -16.00 35.48 -29.49
CA GLY B 861 -15.76 35.05 -28.13
C GLY B 861 -16.33 35.99 -27.09
N ALA B 862 -16.34 37.29 -27.38
CA ALA B 862 -16.92 38.30 -26.50
C ALA B 862 -18.45 38.25 -26.59
N GLY B 863 -19.01 37.82 -27.71
CA GLY B 863 -20.44 37.78 -27.90
C GLY B 863 -20.84 37.23 -29.25
N ALA B 864 -21.78 37.90 -29.91
CA ALA B 864 -22.22 37.52 -31.24
C ALA B 864 -21.12 37.81 -32.25
N ALA B 865 -21.06 36.97 -33.30
CA ALA B 865 -20.01 37.08 -34.30
C ALA B 865 -20.23 38.32 -35.15
N LEU B 866 -19.14 39.03 -35.44
CA LEU B 866 -19.15 40.20 -36.32
C LEU B 866 -18.36 39.86 -37.58
N GLN B 867 -19.00 39.99 -38.73
CA GLN B 867 -18.31 39.69 -39.98
C GLN B 867 -17.31 40.81 -40.30
N ILE B 868 -16.20 40.43 -40.93
CA ILE B 868 -15.15 41.36 -41.33
C ILE B 868 -14.27 40.73 -42.41
N PRO B 869 -13.90 41.47 -43.46
CA PRO B 869 -12.97 40.91 -44.45
C PRO B 869 -11.60 40.63 -43.85
N PHE B 870 -10.91 39.63 -44.41
CA PHE B 870 -9.71 39.10 -43.76
C PHE B 870 -8.56 40.09 -43.75
N ALA B 871 -8.47 40.96 -44.77
CA ALA B 871 -7.40 41.95 -44.80
C ALA B 871 -7.50 42.97 -43.68
N MET B 872 -8.73 43.40 -43.35
CA MET B 872 -8.89 44.34 -42.23
C MET B 872 -8.59 43.68 -40.89
N GLN B 873 -8.95 42.40 -40.74
CA GLN B 873 -8.60 41.67 -39.52
C GLN B 873 -7.08 41.53 -39.39
N MET B 874 -6.40 41.23 -40.50
CA MET B 874 -4.95 41.19 -40.52
C MET B 874 -4.36 42.54 -40.16
N ALA B 875 -5.01 43.62 -40.62
CA ALA B 875 -4.54 44.96 -40.28
C ALA B 875 -4.66 45.22 -38.78
N TYR B 876 -5.75 44.76 -38.17
CA TYR B 876 -5.88 44.92 -36.72
C TYR B 876 -4.82 44.10 -35.99
N ARG B 877 -4.54 42.88 -36.45
CA ARG B 877 -3.50 42.08 -35.79
C ARG B 877 -2.13 42.74 -35.91
N PHE B 878 -1.85 43.34 -37.07
CA PHE B 878 -0.60 44.09 -37.23
C PHE B 878 -0.56 45.33 -36.34
N ASN B 879 -1.68 46.04 -36.21
CA ASN B 879 -1.76 47.22 -35.37
C ASN B 879 -1.63 46.86 -33.88
N GLY B 880 -1.97 45.63 -33.52
CA GLY B 880 -1.89 45.23 -32.12
C GLY B 880 -0.47 45.01 -31.61
N ILE B 881 0.49 44.76 -32.50
CA ILE B 881 1.87 44.53 -32.09
C ILE B 881 2.75 45.75 -32.33
N GLY B 882 2.17 46.92 -32.58
CA GLY B 882 2.93 48.14 -32.72
C GLY B 882 3.43 48.46 -34.11
N VAL B 883 2.86 47.86 -35.14
CA VAL B 883 3.22 48.13 -36.53
C VAL B 883 2.00 48.71 -37.22
N THR B 884 2.19 49.81 -37.96
CA THR B 884 1.06 50.44 -38.61
C THR B 884 0.52 49.56 -39.74
N GLN B 885 -0.76 49.75 -40.06
CA GLN B 885 -1.45 48.86 -40.98
C GLN B 885 -1.14 49.11 -42.45
N ASN B 886 -0.50 50.23 -42.80
CA ASN B 886 -0.07 50.43 -44.18
C ASN B 886 1.01 49.44 -44.57
N VAL B 887 1.76 48.95 -43.59
CA VAL B 887 2.77 47.93 -43.81
C VAL B 887 2.10 46.66 -44.32
N LEU B 888 0.94 46.33 -43.79
CA LEU B 888 0.16 45.23 -44.35
C LEU B 888 -0.32 45.57 -45.75
N TYR B 889 -0.93 46.76 -45.92
CA TYR B 889 -1.64 47.05 -47.16
C TYR B 889 -0.71 47.25 -48.35
N GLU B 890 0.58 47.47 -48.12
CA GLU B 890 1.52 47.62 -49.23
C GLU B 890 2.32 46.34 -49.50
N ASN B 891 2.30 45.38 -48.59
CA ASN B 891 3.05 44.13 -48.75
C ASN B 891 2.16 42.91 -48.65
N GLN B 892 0.92 43.00 -49.14
CA GLN B 892 -0.06 41.94 -48.94
C GLN B 892 0.30 40.68 -49.72
N LYS B 893 0.84 40.86 -50.93
CA LYS B 893 1.24 39.73 -51.76
C LYS B 893 2.34 38.91 -51.09
N GLN B 894 3.37 39.59 -50.57
CA GLN B 894 4.49 38.91 -49.93
C GLN B 894 4.06 38.18 -48.67
N ILE B 895 3.19 38.81 -47.88
CA ILE B 895 2.72 38.21 -46.63
C ILE B 895 1.87 36.99 -46.93
N ALA B 896 1.00 37.08 -47.94
CA ALA B 896 0.17 35.94 -48.32
C ALA B 896 1.02 34.79 -48.83
N ASN B 897 2.05 35.09 -49.64
CA ASN B 897 2.92 34.04 -50.15
C ASN B 897 3.70 33.37 -49.02
N GLN B 898 4.18 34.16 -48.06
CA GLN B 898 4.91 33.58 -46.92
C GLN B 898 3.99 32.72 -46.05
N PHE B 899 2.74 33.14 -45.87
CA PHE B 899 1.76 32.35 -45.14
C PHE B 899 1.51 31.00 -45.81
N ASN B 900 1.31 31.01 -47.14
CA ASN B 900 1.07 29.77 -47.86
C ASN B 900 2.30 28.87 -47.84
N LYS B 901 3.50 29.46 -47.97
CA LYS B 901 4.73 28.69 -47.90
C LYS B 901 4.92 28.04 -46.53
N ALA B 902 4.59 28.77 -45.46
CA ALA B 902 4.73 28.21 -44.13
C ALA B 902 3.75 27.05 -43.90
N ILE B 903 2.51 27.18 -44.41
CA ILE B 903 1.57 26.06 -44.29
C ILE B 903 2.08 24.84 -45.06
N SER B 904 2.61 25.06 -46.27
CA SER B 904 3.17 23.96 -47.05
C SER B 904 4.37 23.32 -46.37
N GLN B 905 5.21 24.13 -45.71
CA GLN B 905 6.34 23.59 -44.97
C GLN B 905 5.90 22.75 -43.78
N ILE B 906 4.86 23.20 -43.06
CA ILE B 906 4.31 22.39 -41.97
C ILE B 906 3.77 21.06 -42.49
N GLN B 907 3.08 21.10 -43.64
CA GLN B 907 2.57 19.87 -44.25
C GLN B 907 3.71 18.94 -44.65
N GLU B 908 4.78 19.50 -45.21
CA GLU B 908 5.89 18.65 -45.64
C GLU B 908 6.63 18.09 -44.42
N SER B 909 6.63 18.85 -43.32
CA SER B 909 7.30 18.38 -42.12
C SER B 909 6.52 17.23 -41.52
N LEU B 910 5.19 17.28 -41.67
CA LEU B 910 4.31 16.29 -41.07
C LEU B 910 4.11 15.06 -41.95
N THR B 911 4.58 15.08 -43.20
CA THR B 911 4.47 13.87 -44.01
C THR B 911 5.63 12.91 -43.80
N THR B 912 6.72 13.37 -43.21
CA THR B 912 7.90 12.56 -42.93
C THR B 912 7.86 12.01 -41.51
N THR B 913 8.23 10.74 -41.37
CA THR B 913 8.22 10.04 -40.09
C THR B 913 9.18 10.68 -39.11
N SER B 914 8.67 11.07 -37.94
CA SER B 914 9.45 11.79 -36.94
C SER B 914 8.84 11.53 -35.57
N THR B 915 9.26 12.31 -34.57
CA THR B 915 8.75 12.20 -33.21
C THR B 915 8.10 13.51 -32.76
N ALA B 916 7.38 14.15 -33.68
CA ALA B 916 6.70 15.40 -33.35
C ALA B 916 5.54 15.17 -32.39
N LEU B 917 4.82 14.06 -32.56
CA LEU B 917 3.68 13.68 -31.73
C LEU B 917 4.07 12.65 -30.67
N GLY B 918 5.28 12.78 -30.12
CA GLY B 918 5.83 11.81 -29.20
C GLY B 918 5.23 11.84 -27.79
N LYS B 919 4.58 12.93 -27.41
CA LYS B 919 3.94 12.99 -26.10
C LYS B 919 2.49 12.54 -26.10
N LEU B 920 1.92 12.22 -27.26
CA LEU B 920 0.66 11.48 -27.33
C LEU B 920 0.83 9.97 -27.30
N GLN B 921 1.98 9.45 -27.76
CA GLN B 921 2.23 8.01 -27.72
C GLN B 921 2.51 7.50 -26.30
N ASP B 922 3.09 8.35 -25.45
CA ASP B 922 3.44 7.93 -24.09
C ASP B 922 2.21 7.60 -23.27
N VAL B 923 1.09 8.27 -23.52
CA VAL B 923 -0.15 8.01 -22.79
C VAL B 923 -0.65 6.59 -23.07
N VAL B 924 -0.73 6.22 -24.34
CA VAL B 924 -1.24 4.91 -24.70
C VAL B 924 -0.27 3.82 -24.29
N ASN B 925 1.04 4.11 -24.35
CA ASN B 925 2.03 3.15 -23.88
C ASN B 925 1.89 2.89 -22.38
N GLN B 926 1.71 3.97 -21.60
CA GLN B 926 1.57 3.81 -20.16
C GLN B 926 0.31 3.04 -19.77
N ASN B 927 -0.82 3.32 -20.44
CA ASN B 927 -2.05 2.60 -20.12
C ASN B 927 -1.94 1.11 -20.44
N ALA B 928 -1.43 0.79 -21.64
CA ALA B 928 -1.28 -0.61 -22.03
C ALA B 928 -0.31 -1.34 -21.11
N GLN B 929 0.79 -0.67 -20.74
CA GLN B 929 1.80 -1.29 -19.89
C GLN B 929 1.28 -1.51 -18.48
N ALA B 930 0.46 -0.59 -17.96
CA ALA B 930 -0.13 -0.80 -16.63
C ALA B 930 -1.06 -2.00 -16.60
N LEU B 931 -1.92 -2.14 -17.62
CA LEU B 931 -2.83 -3.30 -17.63
C LEU B 931 -2.06 -4.61 -17.79
N ASN B 932 -1.02 -4.60 -18.64
CA ASN B 932 -0.22 -5.81 -18.82
C ASN B 932 0.59 -6.13 -17.57
N THR B 933 1.00 -5.10 -16.83
CA THR B 933 1.69 -5.33 -15.56
C THR B 933 0.77 -5.98 -14.52
N LEU B 934 -0.51 -5.57 -14.47
CA LEU B 934 -1.45 -6.28 -13.59
C LEU B 934 -1.61 -7.75 -13.97
N VAL B 935 -1.65 -8.01 -15.30
CA VAL B 935 -1.80 -9.38 -15.76
C VAL B 935 -0.57 -10.19 -15.39
N LYS B 936 0.62 -9.63 -15.56
CA LYS B 936 1.81 -10.39 -15.22
C LYS B 936 1.98 -10.48 -13.71
N GLN B 937 1.42 -9.51 -12.94
CA GLN B 937 1.51 -9.54 -11.49
C GLN B 937 0.58 -10.56 -10.88
N LEU B 938 -0.16 -11.29 -11.70
CA LEU B 938 -1.16 -12.21 -11.18
C LEU B 938 -0.58 -13.62 -10.93
N SER B 939 0.71 -13.84 -11.17
CA SER B 939 1.35 -15.14 -10.95
C SER B 939 2.17 -15.25 -9.67
N SER B 940 2.14 -14.25 -8.79
CA SER B 940 2.80 -14.37 -7.49
C SER B 940 1.94 -15.14 -6.50
N ASN B 941 2.57 -16.03 -5.73
CA ASN B 941 1.82 -16.81 -4.75
C ASN B 941 1.72 -16.16 -3.38
N PHE B 942 2.47 -15.07 -3.14
CA PHE B 942 2.40 -14.28 -1.90
C PHE B 942 2.62 -15.10 -0.63
N GLY B 943 3.56 -16.04 -0.67
CA GLY B 943 3.81 -16.89 0.48
C GLY B 943 2.79 -17.96 0.78
N ALA B 944 2.23 -18.59 -0.25
CA ALA B 944 1.29 -19.69 -0.12
C ALA B 944 1.89 -20.92 -0.80
N ILE B 945 1.15 -22.02 -0.79
CA ILE B 945 1.62 -23.26 -1.41
C ILE B 945 1.80 -23.07 -2.93
N SER B 946 0.83 -22.44 -3.58
CA SER B 946 0.90 -22.23 -5.02
C SER B 946 0.19 -20.93 -5.35
N SER B 947 0.34 -20.49 -6.59
CA SER B 947 -0.37 -19.35 -7.13
C SER B 947 -1.63 -19.74 -7.89
N VAL B 948 -1.96 -21.03 -7.93
CA VAL B 948 -3.11 -21.52 -8.67
C VAL B 948 -4.17 -21.92 -7.66
N LEU B 949 -5.36 -21.33 -7.79
CA LEU B 949 -6.45 -21.64 -6.88
C LEU B 949 -6.95 -23.07 -7.07
N ASN B 950 -6.85 -23.57 -8.31
CA ASN B 950 -7.28 -24.93 -8.62
C ASN B 950 -6.42 -25.97 -7.91
N ASP B 951 -5.11 -25.75 -7.79
CA ASP B 951 -4.25 -26.69 -7.07
C ASP B 951 -4.59 -26.75 -5.58
N ILE B 952 -4.89 -25.59 -4.98
CA ILE B 952 -5.24 -25.57 -3.57
C ILE B 952 -6.58 -26.24 -3.34
N LEU B 953 -7.54 -26.00 -4.22
CA LEU B 953 -8.84 -26.62 -4.05
C LEU B 953 -8.81 -28.10 -4.45
N SER B 954 -7.84 -28.49 -5.29
CA SER B 954 -7.66 -29.85 -5.77
C SER B 954 -6.92 -30.73 -4.77
N ARG B 955 -6.21 -30.16 -3.80
CA ARG B 955 -5.33 -30.99 -2.99
C ARG B 955 -5.71 -30.93 -1.54
N LEU B 956 -5.99 -29.75 -1.00
CA LEU B 956 -6.35 -29.64 0.39
C LEU B 956 -7.86 -29.86 0.49
N ASP B 957 -8.37 -29.89 1.71
CA ASP B 957 -9.81 -29.78 1.90
C ASP B 957 -10.18 -28.30 1.92
N LYS B 958 -11.40 -27.95 2.33
CA LYS B 958 -11.80 -26.55 2.41
C LYS B 958 -11.04 -25.79 3.49
N CYS B 959 -10.41 -26.53 4.37
CA CYS B 959 -10.20 -26.25 5.79
C CYS B 959 -8.89 -25.53 6.05
N GLU B 960 -7.80 -26.19 5.69
CA GLU B 960 -6.46 -25.61 5.54
C GLU B 960 -6.37 -24.70 4.30
N ALA B 961 -7.18 -24.94 3.27
CA ALA B 961 -7.17 -24.10 2.07
C ALA B 961 -7.78 -22.71 2.25
N GLU B 962 -8.75 -22.49 3.14
CA GLU B 962 -9.26 -21.12 3.26
C GLU B 962 -8.25 -20.13 3.84
N VAL B 963 -7.19 -20.63 4.48
CA VAL B 963 -6.14 -19.76 5.00
C VAL B 963 -5.03 -19.60 3.98
N GLN B 964 -4.99 -20.43 2.95
CA GLN B 964 -4.05 -20.18 1.87
C GLN B 964 -4.69 -19.29 0.82
N ILE B 965 -6.02 -19.38 0.67
CA ILE B 965 -6.76 -18.50 -0.23
C ILE B 965 -6.77 -17.06 0.29
N ASP B 966 -6.84 -16.86 1.61
CA ASP B 966 -6.86 -15.49 2.14
C ASP B 966 -5.57 -14.71 1.87
N ARG B 967 -4.43 -15.39 1.82
CA ARG B 967 -3.17 -14.74 1.45
C ARG B 967 -3.21 -14.21 0.01
N LEU B 968 -3.74 -15.03 -0.91
CA LEU B 968 -3.88 -14.62 -2.31
C LEU B 968 -4.86 -13.47 -2.43
N ILE B 969 -5.94 -13.50 -1.64
CA ILE B 969 -6.94 -12.43 -1.68
C ILE B 969 -6.32 -11.10 -1.27
N THR B 970 -5.54 -11.08 -0.18
CA THR B 970 -4.92 -9.84 0.25
C THR B 970 -3.87 -9.35 -0.75
N GLY B 971 -3.11 -10.28 -1.34
CA GLY B 971 -2.12 -9.87 -2.33
C GLY B 971 -2.72 -9.27 -3.59
N ARG B 972 -3.78 -9.88 -4.11
CA ARG B 972 -4.38 -9.36 -5.33
C ARG B 972 -5.13 -8.04 -5.08
N LEU B 973 -5.72 -7.90 -3.88
CA LEU B 973 -6.33 -6.63 -3.51
C LEU B 973 -5.29 -5.53 -3.39
N GLN B 974 -4.11 -5.86 -2.85
CA GLN B 974 -2.99 -4.93 -2.77
C GLN B 974 -2.51 -4.50 -4.17
N SER B 975 -2.46 -5.45 -5.11
CA SER B 975 -2.06 -5.13 -6.48
C SER B 975 -3.03 -4.16 -7.15
N LEU B 976 -4.33 -4.41 -6.96
CA LEU B 976 -5.34 -3.51 -7.53
C LEU B 976 -5.24 -2.11 -6.93
N GLN B 977 -4.97 -2.03 -5.62
CA GLN B 977 -4.83 -0.74 -4.96
C GLN B 977 -3.63 0.05 -5.50
N THR B 978 -2.51 -0.64 -5.74
CA THR B 978 -1.33 0.03 -6.30
C THR B 978 -1.62 0.57 -7.69
N TYR B 979 -2.34 -0.21 -8.51
CA TYR B 979 -2.73 0.25 -9.84
C TYR B 979 -3.60 1.50 -9.76
N VAL B 980 -4.55 1.53 -8.82
CA VAL B 980 -5.46 2.66 -8.69
C VAL B 980 -4.72 3.91 -8.26
N THR B 981 -3.73 3.77 -7.36
CA THR B 981 -2.95 4.93 -6.92
C THR B 981 -2.14 5.53 -8.07
N GLN B 982 -1.47 4.67 -8.85
CA GLN B 982 -0.72 5.18 -10.00
C GLN B 982 -1.64 5.87 -11.00
N GLN B 983 -2.84 5.32 -11.21
CA GLN B 983 -3.79 5.93 -12.14
C GLN B 983 -4.25 7.30 -11.65
N LEU B 984 -4.47 7.45 -10.34
CA LEU B 984 -4.87 8.75 -9.80
C LEU B 984 -3.78 9.81 -10.01
N ILE B 985 -2.52 9.45 -9.80
CA ILE B 985 -1.44 10.42 -10.00
C ILE B 985 -1.33 10.82 -11.49
N ARG B 986 -1.41 9.83 -12.39
CA ARG B 986 -1.38 10.13 -13.81
C ARG B 986 -2.57 10.99 -14.24
N ALA B 987 -3.73 10.77 -13.65
CA ALA B 987 -4.90 11.58 -13.95
C ALA B 987 -4.71 13.03 -13.51
N ALA B 988 -4.04 13.24 -12.37
CA ALA B 988 -3.74 14.61 -11.93
C ALA B 988 -2.83 15.32 -12.93
N GLU B 989 -1.80 14.61 -13.42
CA GLU B 989 -0.92 15.22 -14.43
C GLU B 989 -1.67 15.57 -15.71
N ILE B 990 -2.52 14.65 -16.18
CA ILE B 990 -3.28 14.89 -17.40
C ILE B 990 -4.25 16.06 -17.22
N ARG B 991 -4.84 16.19 -16.03
CA ARG B 991 -5.77 17.28 -15.77
C ARG B 991 -5.06 18.63 -15.78
N ALA B 992 -3.84 18.70 -15.23
CA ALA B 992 -3.08 19.94 -15.31
C ALA B 992 -2.74 20.31 -16.75
N SER B 993 -2.36 19.31 -17.55
CA SER B 993 -2.09 19.57 -18.97
C SER B 993 -3.33 20.04 -19.71
N ALA B 994 -4.49 19.46 -19.40
CA ALA B 994 -5.72 19.84 -20.08
C ALA B 994 -6.18 21.23 -19.68
N ASN B 995 -5.96 21.63 -18.41
CA ASN B 995 -6.26 22.99 -18.01
C ASN B 995 -5.38 24.00 -18.74
N LEU B 996 -4.09 23.69 -18.90
CA LEU B 996 -3.23 24.59 -19.66
C LEU B 996 -3.64 24.68 -21.13
N ALA B 997 -4.05 23.54 -21.71
CA ALA B 997 -4.51 23.56 -23.10
C ALA B 997 -5.80 24.35 -23.25
N ALA B 998 -6.69 24.25 -22.28
CA ALA B 998 -7.95 25.01 -22.33
C ALA B 998 -7.71 26.51 -22.22
N THR B 999 -6.85 26.95 -21.30
CA THR B 999 -6.63 28.40 -21.21
C THR B 999 -5.82 28.93 -22.39
N LYS B 1000 -4.94 28.11 -22.98
CA LYS B 1000 -4.22 28.56 -24.17
C LYS B 1000 -5.14 28.66 -25.38
N MET B 1001 -6.07 27.71 -25.51
CA MET B 1001 -7.08 27.77 -26.55
C MET B 1001 -8.00 28.97 -26.38
N SER B 1002 -8.33 29.30 -25.13
CA SER B 1002 -9.18 30.46 -24.86
C SER B 1002 -8.48 31.77 -25.20
N GLU B 1003 -7.21 31.91 -24.82
CA GLU B 1003 -6.51 33.17 -24.93
C GLU B 1003 -5.71 33.33 -26.22
N CYS B 1004 -5.63 32.32 -27.08
CA CYS B 1004 -4.83 32.46 -28.29
C CYS B 1004 -5.59 32.18 -29.57
N VAL B 1005 -6.64 31.37 -29.51
CA VAL B 1005 -7.49 31.14 -30.68
C VAL B 1005 -8.65 32.12 -30.74
N LEU B 1006 -9.24 32.46 -29.60
CA LEU B 1006 -10.36 33.39 -29.55
C LEU B 1006 -9.93 34.85 -29.41
N GLY B 1007 -8.63 35.11 -29.40
CA GLY B 1007 -8.14 36.47 -29.28
C GLY B 1007 -6.66 36.53 -29.54
N GLN B 1008 -6.11 37.74 -29.41
CA GLN B 1008 -4.68 37.98 -29.55
C GLN B 1008 -4.08 38.24 -28.18
N SER B 1009 -2.96 37.60 -27.89
CA SER B 1009 -2.35 37.67 -26.57
C SER B 1009 -1.11 38.55 -26.61
N LYS B 1010 -0.90 39.30 -25.52
CA LYS B 1010 0.28 40.13 -25.31
C LYS B 1010 1.37 39.43 -24.51
N ARG B 1011 1.11 38.24 -23.98
CA ARG B 1011 2.07 37.58 -23.12
C ARG B 1011 3.23 37.02 -23.94
N VAL B 1012 4.45 37.27 -23.46
CA VAL B 1012 5.66 36.92 -24.21
C VAL B 1012 5.86 35.42 -24.19
N ASP B 1013 6.02 34.83 -25.38
CA ASP B 1013 6.35 33.42 -25.61
C ASP B 1013 5.26 32.48 -25.09
N PHE B 1014 4.04 32.98 -24.90
CA PHE B 1014 2.94 32.11 -24.49
C PHE B 1014 2.35 31.36 -25.67
N CYS B 1015 2.43 31.92 -26.87
CA CYS B 1015 1.98 31.24 -28.09
C CYS B 1015 2.96 31.50 -29.22
N GLY B 1016 3.97 30.63 -29.34
CA GLY B 1016 4.94 30.75 -30.40
C GLY B 1016 6.06 31.71 -30.07
N LYS B 1017 7.07 31.73 -30.94
CA LYS B 1017 8.23 32.59 -30.77
C LYS B 1017 8.07 33.78 -31.71
N GLY B 1018 7.90 34.97 -31.13
CA GLY B 1018 7.67 36.16 -31.90
C GLY B 1018 6.44 36.89 -31.40
N TYR B 1019 5.95 37.81 -32.22
CA TYR B 1019 4.74 38.57 -31.92
C TYR B 1019 3.54 37.79 -32.45
N HIS B 1020 2.61 37.45 -31.56
CA HIS B 1020 1.52 36.56 -31.92
C HIS B 1020 0.53 37.27 -32.85
N LEU B 1021 0.16 36.60 -33.93
CA LEU B 1021 -0.88 37.08 -34.84
C LEU B 1021 -2.13 36.23 -34.79
N MET B 1022 -2.05 34.92 -35.02
CA MET B 1022 -3.22 34.05 -35.02
C MET B 1022 -2.85 32.68 -34.48
N SER B 1023 -3.87 31.87 -34.27
CA SER B 1023 -3.69 30.47 -33.90
C SER B 1023 -4.83 29.63 -34.48
N PHE B 1024 -4.52 28.40 -34.84
CA PHE B 1024 -5.51 27.46 -35.37
C PHE B 1024 -5.43 26.14 -34.61
N PRO B 1025 -6.55 25.60 -34.13
CA PRO B 1025 -6.53 24.30 -33.47
C PRO B 1025 -6.82 23.13 -34.42
N GLN B 1026 -6.16 22.01 -34.15
CA GLN B 1026 -6.37 20.76 -34.87
C GLN B 1026 -6.48 19.62 -33.88
N ALA B 1027 -7.38 18.68 -34.17
CA ALA B 1027 -7.59 17.55 -33.28
C ALA B 1027 -6.52 16.48 -33.49
N ALA B 1028 -6.21 15.76 -32.43
CA ALA B 1028 -5.21 14.70 -32.48
C ALA B 1028 -5.65 13.60 -31.52
N PRO B 1029 -5.17 12.35 -31.71
CA PRO B 1029 -5.52 11.29 -30.75
C PRO B 1029 -5.15 11.63 -29.33
N HIS B 1030 -6.18 11.77 -28.48
CA HIS B 1030 -6.06 12.16 -27.08
C HIS B 1030 -5.47 13.55 -26.88
N GLY B 1031 -5.53 14.44 -27.87
CA GLY B 1031 -4.88 15.71 -27.67
C GLY B 1031 -5.21 16.74 -28.73
N VAL B 1032 -4.50 17.86 -28.65
CA VAL B 1032 -4.73 19.01 -29.52
C VAL B 1032 -3.40 19.54 -30.03
N VAL B 1033 -3.38 19.98 -31.29
CA VAL B 1033 -2.22 20.62 -31.90
C VAL B 1033 -2.60 22.05 -32.27
N PHE B 1034 -1.85 23.01 -31.72
CA PHE B 1034 -2.02 24.42 -32.05
C PHE B 1034 -0.99 24.82 -33.09
N LEU B 1035 -1.45 25.54 -34.12
CA LEU B 1035 -0.59 26.17 -35.11
C LEU B 1035 -0.59 27.67 -34.82
N HIS B 1036 0.56 28.19 -34.40
CA HIS B 1036 0.72 29.60 -34.05
C HIS B 1036 1.38 30.33 -35.21
N VAL B 1037 0.74 31.41 -35.66
CA VAL B 1037 1.28 32.28 -36.70
C VAL B 1037 1.90 33.50 -36.03
N THR B 1038 3.20 33.72 -36.25
CA THR B 1038 3.93 34.78 -35.58
C THR B 1038 4.72 35.60 -36.58
N TYR B 1039 5.12 36.79 -36.13
CA TYR B 1039 5.83 37.80 -36.90
C TYR B 1039 7.28 37.86 -36.41
N VAL B 1040 8.23 37.67 -37.32
CA VAL B 1040 9.65 37.66 -36.94
C VAL B 1040 10.39 38.76 -37.70
N PRO B 1041 10.87 39.79 -37.02
CA PRO B 1041 11.65 40.83 -37.69
C PRO B 1041 13.04 40.34 -38.07
N SER B 1042 13.62 40.99 -39.09
CA SER B 1042 14.91 40.57 -39.63
C SER B 1042 15.52 41.71 -40.42
N GLN B 1043 16.77 41.49 -40.83
CA GLN B 1043 17.60 42.41 -41.62
C GLN B 1043 17.81 43.74 -40.87
N GLU B 1044 18.55 43.61 -39.78
CA GLU B 1044 18.86 44.71 -38.87
C GLU B 1044 19.71 45.76 -39.57
N ARG B 1045 19.65 46.99 -39.05
CA ARG B 1045 20.48 48.07 -39.56
C ARG B 1045 20.80 49.04 -38.43
N ASN B 1046 22.03 49.57 -38.45
CA ASN B 1046 22.51 50.46 -37.40
C ASN B 1046 22.25 51.91 -37.76
N PHE B 1047 21.82 52.70 -36.77
CA PHE B 1047 21.63 54.13 -36.91
C PHE B 1047 22.15 54.86 -35.70
N THR B 1048 22.37 56.16 -35.86
CA THR B 1048 22.78 57.05 -34.78
C THR B 1048 21.55 57.73 -34.21
N THR B 1049 21.40 57.69 -32.89
CA THR B 1049 20.17 58.10 -32.23
C THR B 1049 20.45 59.17 -31.18
N ALA B 1050 19.38 59.88 -30.80
CA ALA B 1050 19.44 60.95 -29.82
C ALA B 1050 18.22 60.86 -28.91
N PRO B 1051 18.34 61.31 -27.66
CA PRO B 1051 17.16 61.30 -26.77
C PRO B 1051 16.12 62.35 -27.09
N ALA B 1052 16.53 63.58 -27.39
CA ALA B 1052 15.60 64.68 -27.64
C ALA B 1052 16.26 65.69 -28.56
N ILE B 1053 15.47 66.62 -29.09
CA ILE B 1053 16.01 67.66 -29.97
C ILE B 1053 15.70 69.03 -29.39
N CYS B 1054 16.66 69.95 -29.48
CA CYS B 1054 16.47 71.32 -29.03
C CYS B 1054 16.16 72.24 -30.20
N HIS B 1055 15.22 73.16 -29.98
CA HIS B 1055 14.78 74.06 -31.04
C HIS B 1055 14.27 75.35 -30.42
N GLU B 1056 15.06 76.42 -30.55
CA GLU B 1056 14.80 77.73 -29.93
C GLU B 1056 14.56 77.56 -28.44
N GLY B 1057 15.48 76.89 -27.79
CA GLY B 1057 15.48 76.79 -26.35
C GLY B 1057 14.37 75.91 -25.81
N LYS B 1058 13.80 75.00 -26.61
CA LYS B 1058 12.80 74.09 -26.05
C LYS B 1058 13.17 72.69 -26.49
N ALA B 1059 12.81 71.71 -25.66
CA ALA B 1059 13.11 70.30 -25.92
C ALA B 1059 11.90 69.55 -26.47
N TYR B 1060 12.13 68.85 -27.58
CA TYR B 1060 11.12 68.08 -28.28
C TYR B 1060 11.45 66.60 -28.12
N PHE B 1061 10.52 65.86 -27.49
CA PHE B 1061 10.57 64.42 -27.27
C PHE B 1061 9.55 63.75 -28.18
N PRO B 1062 9.84 62.57 -28.73
CA PRO B 1062 8.87 61.90 -29.59
C PRO B 1062 7.69 61.36 -28.79
N ARG B 1063 6.54 61.26 -29.45
CA ARG B 1063 5.35 60.70 -28.82
C ARG B 1063 5.46 59.18 -28.72
N GLU B 1064 5.59 58.53 -29.87
CA GLU B 1064 6.01 57.14 -29.95
C GLU B 1064 7.00 57.03 -31.11
N GLY B 1065 8.05 56.25 -30.89
CA GLY B 1065 9.09 56.08 -31.89
C GLY B 1065 10.44 56.51 -31.36
N VAL B 1066 11.43 56.52 -32.25
CA VAL B 1066 12.80 56.88 -31.93
C VAL B 1066 13.33 57.86 -32.96
N PHE B 1067 14.29 58.68 -32.53
CA PHE B 1067 15.05 59.57 -33.39
C PHE B 1067 16.18 58.80 -34.06
N VAL B 1068 16.28 58.93 -35.38
CA VAL B 1068 17.28 58.24 -36.20
C VAL B 1068 18.02 59.27 -37.04
N PHE B 1069 19.26 58.92 -37.42
CA PHE B 1069 20.14 59.73 -38.25
C PHE B 1069 20.65 58.88 -39.39
N ASN B 1070 20.51 59.37 -40.62
CA ASN B 1070 20.82 58.62 -41.83
C ASN B 1070 22.02 59.24 -42.57
N GLY B 1071 22.75 60.12 -41.92
CA GLY B 1071 23.94 60.69 -42.51
C GLY B 1071 23.77 62.11 -43.02
N THR B 1072 22.52 62.52 -43.24
CA THR B 1072 22.16 63.85 -43.74
C THR B 1072 21.33 64.63 -42.74
N SER B 1073 20.25 64.05 -42.25
CA SER B 1073 19.34 64.75 -41.35
C SER B 1073 18.71 63.73 -40.41
N TRP B 1074 17.93 64.25 -39.46
CA TRP B 1074 17.33 63.45 -38.41
C TRP B 1074 15.86 63.21 -38.73
N PHE B 1075 15.43 61.95 -38.56
CA PHE B 1075 14.06 61.52 -38.80
C PHE B 1075 13.54 60.82 -37.54
N ILE B 1076 12.26 60.46 -37.58
CA ILE B 1076 11.59 59.73 -36.51
C ILE B 1076 10.96 58.47 -37.11
N THR B 1077 11.10 57.34 -36.40
CA THR B 1077 10.64 56.06 -36.95
C THR B 1077 10.05 55.20 -35.85
N GLN B 1078 9.24 54.24 -36.24
CA GLN B 1078 8.78 53.25 -35.30
C GLN B 1078 9.91 52.26 -35.00
N ARG B 1079 9.84 51.65 -33.82
CA ARG B 1079 10.95 50.85 -33.32
C ARG B 1079 11.02 49.47 -33.98
N ASN B 1080 9.90 48.94 -34.45
CA ASN B 1080 9.89 47.56 -34.95
C ASN B 1080 10.02 47.47 -36.48
N PHE B 1081 9.75 48.56 -37.20
CA PHE B 1081 9.90 48.61 -38.64
C PHE B 1081 10.59 49.92 -39.01
N PHE B 1082 11.30 49.91 -40.12
CA PHE B 1082 12.01 51.10 -40.58
C PHE B 1082 11.13 51.83 -41.60
N SER B 1083 10.59 52.99 -41.21
CA SER B 1083 9.82 53.83 -42.11
C SER B 1083 10.11 55.27 -41.73
N PRO B 1084 11.01 55.94 -42.44
CA PRO B 1084 11.39 57.31 -42.08
C PRO B 1084 10.29 58.33 -42.32
N GLN B 1085 10.12 59.23 -41.34
CA GLN B 1085 9.16 60.32 -41.42
C GLN B 1085 9.85 61.63 -41.05
N ILE B 1086 9.33 62.73 -41.58
CA ILE B 1086 9.87 64.05 -41.26
C ILE B 1086 9.44 64.47 -39.86
N ILE B 1087 10.39 64.97 -39.08
CA ILE B 1087 10.13 65.41 -37.72
C ILE B 1087 9.34 66.71 -37.76
N THR B 1088 8.06 66.65 -37.44
CA THR B 1088 7.16 67.79 -37.40
C THR B 1088 6.64 67.99 -35.99
N THR B 1089 5.80 69.02 -35.82
CA THR B 1089 5.22 69.32 -34.52
C THR B 1089 4.19 68.28 -34.11
N ASP B 1090 3.56 67.61 -35.08
CA ASP B 1090 2.60 66.56 -34.76
C ASP B 1090 3.29 65.33 -34.18
N ASN B 1091 4.52 65.06 -34.63
CA ASN B 1091 5.24 63.87 -34.18
C ASN B 1091 5.77 64.01 -32.76
N THR B 1092 6.08 65.23 -32.33
CA THR B 1092 6.82 65.46 -31.09
C THR B 1092 5.99 66.27 -30.11
N PHE B 1093 6.47 66.36 -28.88
CA PHE B 1093 5.86 67.19 -27.84
C PHE B 1093 6.97 67.87 -27.04
N VAL B 1094 6.58 68.95 -26.35
CA VAL B 1094 7.51 69.86 -25.70
C VAL B 1094 7.45 69.68 -24.19
N SER B 1095 8.62 69.56 -23.57
CA SER B 1095 8.70 69.53 -22.11
C SER B 1095 10.06 70.09 -21.69
N GLY B 1096 10.04 71.33 -21.20
CA GLY B 1096 11.21 71.95 -20.60
C GLY B 1096 12.16 72.63 -21.58
N ASN B 1097 13.26 73.12 -21.02
CA ASN B 1097 14.33 73.80 -21.73
C ASN B 1097 15.57 72.90 -21.80
N CYS B 1098 16.50 73.28 -22.67
CA CYS B 1098 17.58 72.38 -23.08
C CYS B 1098 18.84 72.61 -22.24
N ASP B 1099 18.74 72.37 -20.94
CA ASP B 1099 19.95 72.36 -20.13
C ASP B 1099 19.93 71.27 -19.07
N VAL B 1100 19.05 70.28 -19.20
CA VAL B 1100 18.96 69.22 -18.22
C VAL B 1100 19.06 67.83 -18.83
N VAL B 1101 18.76 67.66 -20.12
CA VAL B 1101 18.76 66.36 -20.76
C VAL B 1101 20.15 66.06 -21.28
N ILE B 1102 20.67 64.88 -20.95
CA ILE B 1102 22.01 64.49 -21.38
C ILE B 1102 21.94 63.98 -22.81
N GLY B 1103 22.76 64.57 -23.69
CA GLY B 1103 22.81 64.12 -25.06
C GLY B 1103 21.87 64.79 -26.03
N ILE B 1104 21.31 65.95 -25.69
CA ILE B 1104 20.40 66.65 -26.59
C ILE B 1104 21.22 67.32 -27.69
N ILE B 1105 20.62 67.47 -28.87
CA ILE B 1105 21.29 67.99 -30.05
C ILE B 1105 20.50 69.15 -30.64
N ASN B 1106 21.14 69.87 -31.55
CA ASN B 1106 20.53 70.97 -32.29
C ASN B 1106 20.01 70.45 -33.63
N ASN B 1107 18.75 70.75 -33.93
CA ASN B 1107 18.18 70.47 -35.23
C ASN B 1107 16.98 71.39 -35.43
N THR B 1108 16.28 71.22 -36.54
CA THR B 1108 15.13 72.03 -36.90
C THR B 1108 13.87 71.18 -36.89
N VAL B 1109 12.75 71.83 -36.64
CA VAL B 1109 11.43 71.21 -36.64
C VAL B 1109 10.55 71.92 -37.66
N TYR B 1110 9.99 71.16 -38.60
CA TYR B 1110 9.21 71.73 -39.68
C TYR B 1110 7.79 71.98 -39.17
N ASP B 1111 7.36 73.24 -39.24
CA ASP B 1111 6.00 73.66 -38.94
C ASP B 1111 5.18 73.72 -40.22
N PRO B 1112 4.03 73.02 -40.28
CA PRO B 1112 3.22 73.02 -41.50
C PRO B 1112 2.67 74.39 -41.89
N LEU B 1113 2.39 75.25 -40.92
CA LEU B 1113 1.82 76.59 -41.12
C LEU B 1113 0.45 76.52 -41.80
N THR C 21 10.11 10.76 56.02
CA THR C 21 9.69 9.40 55.72
C THR C 21 9.44 9.23 54.23
N GLN C 22 8.70 10.15 53.63
CA GLN C 22 8.37 10.12 52.22
C GLN C 22 9.34 11.02 51.45
N HIS C 23 10.00 10.47 50.44
CA HIS C 23 10.87 11.23 49.57
C HIS C 23 10.53 10.90 48.12
N THR C 24 11.22 11.53 47.18
CA THR C 24 10.97 11.30 45.77
C THR C 24 12.20 10.71 45.11
N SER C 25 11.97 9.86 44.11
CA SER C 25 13.03 9.26 43.32
C SER C 25 13.16 10.07 42.04
N SER C 26 14.03 11.07 42.08
CA SER C 26 14.21 12.01 40.95
C SER C 26 15.20 11.40 39.96
N MET C 27 14.66 10.73 38.94
CA MET C 27 15.44 10.10 37.85
C MET C 27 16.45 9.09 38.40
N ARG C 28 15.95 8.16 39.20
CA ARG C 28 16.75 7.29 40.05
C ARG C 28 16.53 5.86 39.57
N GLY C 29 17.61 5.12 39.36
CA GLY C 29 17.48 3.68 39.21
C GLY C 29 17.22 3.13 37.81
N VAL C 30 18.05 3.49 36.83
CA VAL C 30 17.94 2.95 35.47
C VAL C 30 19.00 1.88 35.29
N TYR C 31 18.64 0.79 34.63
CA TYR C 31 19.57 -0.32 34.40
C TYR C 31 19.61 -0.70 32.93
N TYR C 32 20.60 -1.51 32.58
CA TYR C 32 20.76 -1.97 31.20
C TYR C 32 19.72 -3.04 30.89
N PRO C 33 18.93 -2.87 29.82
CA PRO C 33 17.83 -3.82 29.58
C PRO C 33 18.27 -5.15 28.98
N ASP C 34 19.42 -5.21 28.31
CA ASP C 34 19.89 -6.45 27.70
C ASP C 34 21.41 -6.45 27.68
N GLU C 35 22.00 -7.40 26.94
CA GLU C 35 23.44 -7.59 26.88
C GLU C 35 24.01 -7.28 25.50
N ILE C 36 23.44 -6.31 24.80
CA ILE C 36 23.84 -5.99 23.44
C ILE C 36 24.44 -4.59 23.42
N PHE C 37 25.62 -4.46 22.82
CA PHE C 37 26.29 -3.17 22.72
C PHE C 37 25.57 -2.27 21.71
N ARG C 38 25.33 -1.02 22.10
CA ARG C 38 24.76 -0.01 21.23
C ARG C 38 25.47 1.31 21.51
N SER C 39 25.74 2.08 20.46
CA SER C 39 26.41 3.36 20.61
C SER C 39 25.79 4.39 19.68
N ASP C 40 25.63 5.61 20.22
CA ASP C 40 25.13 6.78 19.49
C ASP C 40 23.74 6.54 18.92
N THR C 41 22.90 5.83 19.67
CA THR C 41 21.54 5.56 19.26
C THR C 41 20.58 5.96 20.38
N LEU C 42 19.31 6.11 20.01
CA LEU C 42 18.23 6.25 20.98
C LEU C 42 17.40 4.97 20.92
N TYR C 43 17.25 4.31 22.07
CA TYR C 43 16.57 3.02 22.12
C TYR C 43 15.32 3.18 22.98
N LEU C 44 14.18 2.83 22.41
CA LEU C 44 12.90 2.91 23.10
C LEU C 44 12.51 1.51 23.54
N THR C 45 12.22 1.34 24.83
CA THR C 45 11.95 0.01 25.38
C THR C 45 10.85 0.08 26.42
N GLN C 46 10.26 -1.08 26.71
CA GLN C 46 9.16 -1.21 27.65
C GLN C 46 9.49 -2.34 28.60
N ASP C 47 9.58 -2.03 29.89
CA ASP C 47 10.02 -3.01 30.88
C ASP C 47 9.59 -2.55 32.26
N LEU C 48 10.06 -3.25 33.30
CA LEU C 48 9.75 -2.89 34.68
C LEU C 48 10.76 -1.85 35.14
N PHE C 49 10.30 -0.62 35.31
CA PHE C 49 11.17 0.50 35.66
C PHE C 49 10.60 1.25 36.86
N LEU C 50 11.47 1.94 37.57
CA LEU C 50 11.06 2.88 38.60
C LEU C 50 10.66 4.20 37.94
N PRO C 51 9.41 4.63 38.06
CA PRO C 51 8.99 5.86 37.37
C PRO C 51 9.64 7.10 37.98
N PHE C 52 9.78 8.13 37.14
CA PHE C 52 10.44 9.36 37.57
C PHE C 52 9.59 10.11 38.58
N TYR C 53 10.26 10.64 39.61
CA TYR C 53 9.63 11.45 40.66
C TYR C 53 8.51 10.69 41.38
N SER C 54 8.73 9.41 41.64
CA SER C 54 7.78 8.61 42.37
C SER C 54 8.13 8.56 43.85
N ASN C 55 7.16 8.11 44.65
CA ASN C 55 7.31 8.07 46.09
C ASN C 55 8.26 6.95 46.51
N VAL C 56 9.17 7.27 47.43
CA VAL C 56 10.02 6.26 48.07
C VAL C 56 9.89 6.43 49.57
N THR C 57 10.01 5.32 50.28
CA THR C 57 9.87 5.28 51.74
C THR C 57 11.23 5.16 52.37
N GLY C 58 11.49 6.00 53.37
CA GLY C 58 12.76 6.02 54.06
C GLY C 58 12.68 5.35 55.42
N PHE C 59 13.78 4.69 55.80
CA PHE C 59 13.93 4.02 57.08
C PHE C 59 15.23 4.47 57.71
N HIS C 60 15.13 5.09 58.88
CA HIS C 60 16.28 5.69 59.54
C HIS C 60 16.50 5.03 60.90
N ASN C 68 13.22 -2.42 61.45
CA ASN C 68 13.24 -3.46 60.42
C ASN C 68 11.93 -4.24 60.39
N PRO C 69 10.89 -3.67 59.80
CA PRO C 69 9.64 -4.42 59.61
C PRO C 69 9.73 -5.34 58.39
N VAL C 70 8.60 -5.97 58.09
CA VAL C 70 8.46 -6.81 56.91
C VAL C 70 7.88 -5.95 55.79
N ILE C 71 8.71 -5.61 54.81
CA ILE C 71 8.26 -4.77 53.70
C ILE C 71 7.77 -5.68 52.58
N PRO C 72 6.59 -5.43 52.01
CA PRO C 72 6.11 -6.28 50.91
C PRO C 72 6.92 -6.11 49.63
N PHE C 73 7.03 -7.21 48.90
CA PHE C 73 7.76 -7.26 47.63
C PHE C 73 6.75 -7.30 46.49
N LYS C 74 6.61 -6.19 45.78
CA LYS C 74 5.61 -6.07 44.73
C LYS C 74 6.32 -5.95 43.38
N ASP C 75 6.42 -7.08 42.68
CA ASP C 75 7.11 -7.33 41.40
C ASP C 75 8.32 -6.44 41.16
N GLY C 76 9.27 -6.50 42.09
CA GLY C 76 10.55 -5.83 41.94
C GLY C 76 10.62 -4.58 42.79
N ILE C 77 11.82 -4.32 43.32
CA ILE C 77 12.03 -3.16 44.17
C ILE C 77 13.32 -2.45 43.76
N TYR C 78 13.36 -1.16 44.07
CA TYR C 78 14.57 -0.36 44.07
C TYR C 78 14.97 -0.11 45.52
N PHE C 79 16.21 -0.42 45.87
CA PHE C 79 16.73 -0.30 47.21
C PHE C 79 17.93 0.63 47.20
N ALA C 80 17.97 1.57 48.14
CA ALA C 80 19.11 2.46 48.25
C ALA C 80 19.59 2.49 49.70
N ALA C 81 20.91 2.49 49.89
CA ALA C 81 21.49 2.55 51.22
C ALA C 81 22.47 3.71 51.30
N THR C 82 22.19 4.64 52.22
CA THR C 82 23.09 5.73 52.56
C THR C 82 23.77 5.38 53.87
N GLU C 83 25.10 5.32 53.86
CA GLU C 83 25.88 4.63 54.88
C GLU C 83 27.08 5.49 55.23
N LYS C 84 27.60 5.28 56.45
CA LYS C 84 28.93 5.77 56.81
C LYS C 84 29.75 4.72 57.55
N SER C 85 29.15 3.64 58.03
CA SER C 85 29.94 2.66 58.77
C SER C 85 29.54 1.22 58.42
N ASN C 86 28.95 1.00 57.24
CA ASN C 86 28.65 -0.33 56.70
C ASN C 86 27.73 -1.08 57.66
N VAL C 87 26.52 -0.52 57.80
CA VAL C 87 25.50 -1.05 58.68
C VAL C 87 24.61 -2.09 58.00
N VAL C 88 24.15 -1.82 56.79
CA VAL C 88 23.34 -2.78 56.04
C VAL C 88 24.24 -3.88 55.51
N ARG C 89 23.85 -5.14 55.76
CA ARG C 89 24.67 -6.29 55.47
C ARG C 89 24.06 -7.27 54.48
N GLY C 90 22.76 -7.23 54.25
CA GLY C 90 22.16 -8.16 53.31
C GLY C 90 20.64 -8.11 53.42
N TRP C 91 20.01 -9.12 52.80
CA TRP C 91 18.57 -9.18 52.73
C TRP C 91 18.13 -10.64 52.88
N VAL C 92 16.87 -10.79 53.32
CA VAL C 92 16.15 -12.05 53.33
C VAL C 92 14.91 -11.90 52.44
N PHE C 93 14.71 -12.84 51.52
CA PHE C 93 13.52 -12.84 50.68
C PHE C 93 12.73 -14.13 50.91
N GLY C 94 11.42 -13.98 51.03
CA GLY C 94 10.56 -15.12 51.27
C GLY C 94 9.11 -14.71 51.16
N SER C 95 8.22 -15.66 51.50
CA SER C 95 6.79 -15.39 51.50
C SER C 95 6.17 -15.49 52.88
N THR C 96 6.27 -16.65 53.53
CA THR C 96 5.75 -16.90 54.86
C THR C 96 6.72 -16.55 55.98
N MET C 97 8.02 -16.65 55.71
CA MET C 97 9.09 -16.18 56.59
C MET C 97 9.18 -17.01 57.87
N ASN C 98 8.69 -18.23 57.81
CA ASN C 98 8.76 -19.19 58.90
C ASN C 98 9.59 -20.38 58.43
N ASN C 99 9.61 -21.44 59.23
CA ASN C 99 10.33 -22.67 58.86
C ASN C 99 9.61 -23.49 57.80
N LYS C 100 8.48 -23.03 57.24
CA LYS C 100 7.60 -23.88 56.48
C LYS C 100 7.76 -23.69 54.97
N SER C 101 8.35 -22.59 54.53
CA SER C 101 8.55 -22.34 53.12
C SER C 101 10.02 -21.99 52.90
N GLN C 102 10.44 -22.02 51.64
CA GLN C 102 11.81 -21.64 51.29
C GLN C 102 12.03 -20.13 51.37
N SER C 103 13.23 -19.74 51.81
CA SER C 103 13.66 -18.36 51.84
C SER C 103 15.12 -18.29 51.38
N VAL C 104 15.50 -17.14 50.85
CA VAL C 104 16.87 -16.92 50.35
C VAL C 104 17.52 -15.75 51.08
N ILE C 105 18.76 -15.93 51.52
CA ILE C 105 19.54 -14.91 52.19
C ILE C 105 20.70 -14.52 51.28
N ILE C 106 20.84 -13.23 51.05
CA ILE C 106 21.95 -12.69 50.26
C ILE C 106 22.62 -11.77 51.25
N ILE C 107 23.78 -12.18 51.77
CA ILE C 107 24.45 -11.39 52.79
C ILE C 107 25.94 -11.28 52.54
N ASN C 108 26.55 -10.27 53.16
CA ASN C 108 28.00 -10.08 53.27
C ASN C 108 28.40 -10.25 54.73
N ASN C 109 29.25 -11.24 55.02
CA ASN C 109 29.71 -11.52 56.37
C ASN C 109 31.13 -10.97 56.61
N SER C 110 31.45 -9.84 55.98
CA SER C 110 32.68 -9.05 56.06
C SER C 110 33.90 -9.70 55.38
N THR C 111 33.80 -10.92 54.84
CA THR C 111 34.95 -11.41 54.09
C THR C 111 34.53 -11.84 52.69
N ASN C 112 33.32 -12.37 52.54
CA ASN C 112 32.81 -12.79 51.24
C ASN C 112 31.33 -12.44 51.20
N VAL C 113 30.74 -12.46 50.00
CA VAL C 113 29.30 -12.39 49.84
C VAL C 113 28.75 -13.78 49.51
N VAL C 114 27.85 -14.25 50.37
CA VAL C 114 27.28 -15.58 50.31
C VAL C 114 25.77 -15.48 50.09
N ILE C 115 25.28 -16.28 49.14
CA ILE C 115 23.87 -16.37 48.79
C ILE C 115 23.41 -17.81 49.03
N ARG C 116 22.32 -17.97 49.77
CA ARG C 116 21.89 -19.29 50.21
C ARG C 116 20.38 -19.34 50.22
N ALA C 117 19.80 -20.23 49.42
CA ALA C 117 18.36 -20.41 49.33
C ALA C 117 18.06 -21.76 49.95
N CYS C 118 17.39 -21.74 51.09
CA CYS C 118 17.15 -22.92 51.90
C CYS C 118 15.82 -22.78 52.62
N ASN C 119 15.64 -23.56 53.68
CA ASN C 119 14.41 -23.65 54.47
C ASN C 119 14.72 -23.48 55.97
N PHE C 120 14.59 -22.24 56.48
CA PHE C 120 15.08 -21.87 57.80
C PHE C 120 14.01 -21.22 58.66
N GLU C 121 14.23 -21.32 59.96
CA GLU C 121 13.32 -20.82 60.97
C GLU C 121 13.77 -19.38 61.22
N LEU C 122 12.93 -18.41 60.87
CA LEU C 122 13.44 -17.05 60.99
C LEU C 122 13.35 -16.56 62.43
N CYS C 123 14.14 -15.54 62.73
CA CYS C 123 14.09 -14.89 64.03
C CYS C 123 13.35 -13.56 63.92
N ASP C 124 12.70 -13.18 65.02
CA ASP C 124 11.96 -11.92 65.03
C ASP C 124 12.89 -10.72 65.00
N ASN C 125 14.10 -10.85 65.54
CA ASN C 125 15.08 -9.77 65.59
C ASN C 125 16.42 -10.22 65.02
N PRO C 126 16.57 -10.24 63.69
CA PRO C 126 17.85 -10.70 63.12
C PRO C 126 18.85 -9.55 63.15
N PHE C 127 20.07 -9.86 63.60
CA PHE C 127 21.09 -8.84 63.81
C PHE C 127 22.46 -9.49 63.88
N PHE C 128 23.48 -8.63 63.94
CA PHE C 128 24.87 -9.05 64.16
C PHE C 128 25.36 -8.63 65.54
N THR C 140 25.89 -13.29 66.17
CA THR C 140 25.92 -13.22 64.68
C THR C 140 25.00 -14.30 64.09
N MET C 141 23.83 -14.53 64.68
CA MET C 141 22.95 -15.62 64.18
C MET C 141 21.73 -15.00 63.51
N ILE C 142 21.52 -15.29 62.22
CA ILE C 142 20.30 -14.82 61.50
C ILE C 142 19.24 -15.91 61.52
N PHE C 143 19.52 -17.08 62.09
CA PHE C 143 18.55 -18.19 61.97
C PHE C 143 18.77 -19.27 63.03
N ASP C 144 17.82 -20.21 63.17
CA ASP C 144 18.01 -21.33 64.08
C ASP C 144 18.55 -22.58 63.39
N ASN C 145 17.81 -23.12 62.42
CA ASN C 145 18.25 -24.35 61.78
C ASN C 145 17.79 -24.44 60.34
N ALA C 146 18.50 -25.25 59.55
CA ALA C 146 18.32 -25.39 58.12
C ALA C 146 18.34 -26.88 57.81
N PHE C 147 17.58 -27.32 56.81
CA PHE C 147 17.58 -28.74 56.50
C PHE C 147 17.25 -29.05 55.05
N ASN C 148 16.35 -28.32 54.41
CA ASN C 148 15.98 -28.56 53.01
C ASN C 148 16.66 -27.56 52.08
N CYS C 149 17.98 -27.49 52.16
CA CYS C 149 18.70 -26.47 51.40
C CYS C 149 18.81 -26.84 49.93
N THR C 150 18.49 -25.87 49.07
CA THR C 150 18.44 -26.07 47.63
C THR C 150 19.60 -25.41 46.90
N PHE C 151 19.89 -24.13 47.18
CA PHE C 151 20.90 -23.41 46.41
C PHE C 151 21.94 -22.79 47.33
N GLU C 152 23.19 -22.80 46.88
CA GLU C 152 24.34 -22.34 47.64
C GLU C 152 25.32 -21.64 46.71
N TYR C 153 25.81 -20.47 47.10
CA TYR C 153 26.87 -19.82 46.33
C TYR C 153 27.74 -19.00 47.26
N ILE C 154 29.05 -19.19 47.15
CA ILE C 154 30.04 -18.49 47.94
C ILE C 154 30.99 -17.76 47.01
N SER C 155 31.20 -16.47 47.25
CA SER C 155 32.12 -15.68 46.45
C SER C 155 33.55 -15.84 46.97
N ASP C 156 34.48 -15.15 46.32
CA ASP C 156 35.87 -15.14 46.76
C ASP C 156 36.04 -14.19 47.94
N ALA C 157 37.06 -14.46 48.75
CA ALA C 157 37.27 -13.68 49.96
C ALA C 157 37.80 -12.29 49.61
N PHE C 158 37.42 -11.31 50.43
CA PHE C 158 37.92 -9.95 50.30
C PHE C 158 39.20 -9.78 51.13
N LYS C 170 28.25 9.05 53.26
CA LYS C 170 29.36 9.36 52.38
C LYS C 170 29.33 8.43 51.17
N HIS C 171 28.61 7.31 51.31
CA HIS C 171 28.53 6.28 50.29
C HIS C 171 27.06 6.04 49.98
N LEU C 172 26.74 5.82 48.70
CA LEU C 172 25.39 5.49 48.29
C LEU C 172 25.42 4.24 47.44
N ARG C 173 24.73 3.19 47.89
CA ARG C 173 24.72 1.91 47.20
C ARG C 173 23.30 1.60 46.75
N GLU C 174 23.12 1.38 45.45
CA GLU C 174 21.82 1.23 44.83
C GLU C 174 21.68 -0.18 44.26
N PHE C 175 20.50 -0.77 44.44
CA PHE C 175 20.21 -2.12 43.99
C PHE C 175 18.83 -2.15 43.35
N VAL C 176 18.69 -3.01 42.35
CA VAL C 176 17.41 -3.33 41.75
C VAL C 176 17.21 -4.83 41.84
N PHE C 177 16.09 -5.24 42.43
CA PHE C 177 15.73 -6.64 42.57
C PHE C 177 14.49 -6.94 41.76
N LYS C 178 14.53 -8.00 40.95
CA LYS C 178 13.36 -8.39 40.17
C LYS C 178 13.21 -9.90 40.08
N ASN C 179 11.98 -10.38 40.09
CA ASN C 179 11.68 -11.80 40.08
C ASN C 179 10.94 -12.10 38.78
N LYS C 180 11.43 -13.06 38.01
CA LYS C 180 10.85 -13.33 36.69
C LYS C 180 11.24 -14.72 36.22
N ASP C 181 10.23 -15.56 35.96
CA ASP C 181 10.39 -16.91 35.39
C ASP C 181 11.35 -17.77 36.22
N GLY C 182 11.19 -17.70 37.55
CA GLY C 182 12.05 -18.47 38.42
C GLY C 182 13.46 -17.95 38.56
N PHE C 183 13.73 -16.73 38.09
CA PHE C 183 15.05 -16.11 38.22
C PHE C 183 14.93 -14.84 39.03
N LEU C 184 15.89 -14.65 39.94
CA LEU C 184 16.02 -13.40 40.68
C LEU C 184 17.17 -12.60 40.07
N TYR C 185 16.86 -11.45 39.49
CA TYR C 185 17.87 -10.57 38.92
C TYR C 185 18.25 -9.51 39.94
N VAL C 186 19.56 -9.30 40.10
CA VAL C 186 20.11 -8.27 40.98
C VAL C 186 20.97 -7.36 40.13
N TYR C 187 20.73 -6.04 40.25
CA TYR C 187 21.52 -5.01 39.61
C TYR C 187 22.10 -4.09 40.68
N LYS C 188 23.35 -3.66 40.49
CA LYS C 188 24.08 -2.91 41.51
C LYS C 188 24.69 -1.65 40.92
N GLY C 189 24.73 -0.59 41.72
CA GLY C 189 25.43 0.63 41.36
C GLY C 189 25.94 1.36 42.59
N TYR C 190 26.93 2.21 42.38
CA TYR C 190 27.63 2.88 43.48
C TYR C 190 27.81 4.35 43.16
N GLN C 191 27.69 5.21 44.18
CA GLN C 191 27.91 6.65 44.00
C GLN C 191 28.43 7.30 45.27
N PRO C 192 29.54 8.05 45.21
CA PRO C 192 29.96 8.83 46.38
C PRO C 192 29.14 10.11 46.52
N ILE C 193 28.56 10.30 47.70
CA ILE C 193 27.72 11.46 48.01
C ILE C 193 28.21 12.10 49.30
N ASP C 194 27.52 13.16 49.71
CA ASP C 194 27.83 13.87 50.95
C ASP C 194 26.61 14.24 51.77
N VAL C 195 25.39 14.04 51.26
CA VAL C 195 24.17 14.44 51.96
C VAL C 195 24.00 13.62 53.24
N VAL C 196 23.21 14.16 54.16
CA VAL C 196 23.10 13.58 55.50
C VAL C 196 21.70 13.05 55.81
N ARG C 197 20.64 13.56 55.17
CA ARG C 197 19.29 13.18 55.54
C ARG C 197 18.55 12.47 54.40
N ASP C 198 18.46 13.09 53.23
CA ASP C 198 17.56 12.65 52.18
C ASP C 198 18.31 11.87 51.09
N LEU C 199 17.54 11.26 50.20
CA LEU C 199 18.10 10.66 49.00
C LEU C 199 18.48 11.75 48.01
N PRO C 200 19.75 11.85 47.61
CA PRO C 200 20.16 12.95 46.75
C PRO C 200 19.62 12.80 45.33
N SER C 201 19.40 13.94 44.68
CA SER C 201 18.96 13.92 43.29
C SER C 201 20.14 13.60 42.37
N GLY C 202 19.81 13.12 41.18
CA GLY C 202 20.82 12.86 40.18
C GLY C 202 20.39 11.72 39.27
N PHE C 203 21.36 11.24 38.50
CA PHE C 203 21.16 10.17 37.52
C PHE C 203 22.33 9.21 37.62
N ASN C 204 22.04 7.92 37.71
CA ASN C 204 23.08 6.91 37.82
C ASN C 204 22.56 5.58 37.28
N THR C 205 23.34 4.97 36.41
CA THR C 205 22.95 3.76 35.70
C THR C 205 23.50 2.53 36.41
N LEU C 206 22.65 1.51 36.55
CA LEU C 206 22.99 0.28 37.27
C LEU C 206 23.35 -0.83 36.30
N LYS C 207 24.21 -1.74 36.75
CA LYS C 207 24.75 -2.81 35.93
C LYS C 207 24.33 -4.16 36.50
N PRO C 208 24.14 -5.18 35.65
CA PRO C 208 23.72 -6.49 36.17
C PRO C 208 24.85 -7.21 36.87
N ILE C 209 24.52 -7.80 38.02
CA ILE C 209 25.52 -8.54 38.80
C ILE C 209 25.05 -9.97 39.06
N PHE C 210 23.75 -10.20 39.11
CA PHE C 210 23.30 -11.54 39.51
C PHE C 210 22.05 -11.97 38.76
N LYS C 211 22.02 -13.24 38.36
CA LYS C 211 20.82 -13.87 37.80
C LYS C 211 20.71 -15.26 38.43
N LEU C 212 20.00 -15.34 39.56
CA LEU C 212 19.98 -16.51 40.44
C LEU C 212 18.80 -17.41 40.10
N PRO C 213 19.02 -18.70 39.82
CA PRO C 213 17.91 -19.64 39.53
C PRO C 213 17.30 -20.23 40.80
N LEU C 214 16.41 -19.47 41.44
CA LEU C 214 15.90 -19.85 42.75
C LEU C 214 14.56 -20.57 42.68
N GLY C 215 13.61 -20.06 41.89
CA GLY C 215 12.28 -20.64 41.88
C GLY C 215 11.50 -20.48 43.18
N ILE C 216 11.54 -19.29 43.78
CA ILE C 216 10.99 -19.07 45.11
C ILE C 216 9.84 -18.08 45.02
N ASN C 217 8.75 -18.38 45.72
CA ASN C 217 7.66 -17.43 45.93
C ASN C 217 8.16 -16.28 46.79
N ILE C 218 8.35 -15.10 46.18
CA ILE C 218 8.85 -13.94 46.91
C ILE C 218 7.73 -12.91 46.96
N THR C 219 7.21 -12.65 48.15
CA THR C 219 6.25 -11.58 48.38
C THR C 219 6.66 -10.60 49.46
N ASN C 220 7.61 -10.95 50.32
CA ASN C 220 8.01 -10.14 51.46
C ASN C 220 9.52 -10.13 51.54
N PHE C 221 10.08 -9.08 52.16
CA PHE C 221 11.52 -9.06 52.39
C PHE C 221 11.81 -8.20 53.62
N ARG C 222 13.06 -8.33 54.10
CA ARG C 222 13.52 -7.62 55.28
C ARG C 222 15.02 -7.43 55.17
N ALA C 223 15.51 -6.28 55.63
CA ALA C 223 16.94 -5.98 55.61
C ALA C 223 17.60 -6.46 56.90
N ILE C 224 18.91 -6.67 56.82
CA ILE C 224 19.70 -7.13 57.95
C ILE C 224 20.74 -6.06 58.29
N LEU C 225 20.78 -5.64 59.55
CA LEU C 225 21.64 -4.56 60.00
C LEU C 225 22.62 -5.06 61.04
N THR C 226 23.58 -4.22 61.38
CA THR C 226 24.56 -4.51 62.42
C THR C 226 24.17 -3.82 63.72
N ALA C 227 24.43 -4.47 64.84
CA ALA C 227 24.11 -3.92 66.15
C ALA C 227 25.05 -2.77 66.49
N ALA C 239 22.97 8.06 61.52
CA ALA C 239 23.88 7.04 61.00
C ALA C 239 23.46 6.60 59.61
N ALA C 240 23.05 5.34 59.49
CA ALA C 240 22.64 4.78 58.21
C ALA C 240 21.16 5.02 57.95
N ALA C 241 20.79 4.99 56.68
CA ALA C 241 19.39 5.02 56.28
C ALA C 241 19.24 4.22 55.00
N TYR C 242 18.02 3.71 54.77
CA TYR C 242 17.77 3.03 53.51
C TYR C 242 16.38 3.34 52.99
N PHE C 243 16.25 3.33 51.67
CA PHE C 243 15.05 3.81 50.99
C PHE C 243 14.55 2.72 50.04
N VAL C 244 13.23 2.58 49.95
CA VAL C 244 12.58 1.52 49.18
C VAL C 244 11.57 2.14 48.24
N GLY C 245 11.62 1.74 46.96
CA GLY C 245 10.62 2.11 46.00
C GLY C 245 10.20 0.91 45.17
N TYR C 246 9.09 1.06 44.45
CA TYR C 246 8.47 -0.06 43.74
C TYR C 246 8.51 0.17 42.24
N LEU C 247 8.71 -0.91 41.50
CA LEU C 247 8.80 -0.87 40.04
C LEU C 247 7.43 -1.06 39.41
N LYS C 248 7.25 -0.48 38.23
CA LYS C 248 6.02 -0.55 37.46
C LYS C 248 6.33 -0.86 36.01
N PRO C 249 5.42 -1.50 35.28
CA PRO C 249 5.63 -1.69 33.84
C PRO C 249 5.44 -0.38 33.10
N THR C 250 6.51 0.09 32.47
CA THR C 250 6.58 1.45 31.95
C THR C 250 7.42 1.43 30.67
N THR C 251 7.15 2.36 29.77
CA THR C 251 7.97 2.59 28.58
C THR C 251 8.96 3.72 28.83
N PHE C 252 10.24 3.44 28.59
CA PHE C 252 11.31 4.43 28.69
C PHE C 252 11.96 4.60 27.32
N MET C 253 12.65 5.74 27.15
CA MET C 253 13.51 5.95 26.00
C MET C 253 14.89 6.32 26.52
N LEU C 254 15.91 5.55 26.14
CA LEU C 254 17.25 5.68 26.67
C LEU C 254 18.19 6.21 25.58
N LYS C 255 19.16 7.00 26.00
CA LYS C 255 20.16 7.57 25.10
C LYS C 255 21.51 6.93 25.38
N TYR C 256 22.21 6.56 24.32
CA TYR C 256 23.53 5.96 24.43
C TYR C 256 24.58 6.96 23.97
N ASP C 257 25.76 6.87 24.56
CA ASP C 257 26.88 7.72 24.20
C ASP C 257 27.59 7.16 22.97
N GLU C 258 28.76 7.70 22.65
CA GLU C 258 29.66 7.08 21.70
C GLU C 258 30.51 5.98 22.34
N ASN C 259 30.53 5.90 23.66
CA ASN C 259 31.20 4.83 24.39
C ASN C 259 30.25 3.69 24.75
N GLY C 260 29.01 3.75 24.30
CA GLY C 260 28.01 2.74 24.66
C GLY C 260 27.57 2.79 26.10
N THR C 261 27.36 3.99 26.63
CA THR C 261 26.94 4.18 28.02
C THR C 261 25.62 4.94 28.03
N ILE C 262 24.70 4.51 28.89
CA ILE C 262 23.43 5.21 29.05
C ILE C 262 23.68 6.42 29.94
N THR C 263 23.38 7.61 29.42
CA THR C 263 23.58 8.84 30.17
C THR C 263 22.34 9.71 30.35
N ASP C 264 21.25 9.43 29.65
CA ASP C 264 19.97 10.14 29.77
C ASP C 264 18.83 9.21 29.40
N ALA C 265 17.64 9.54 29.92
CA ALA C 265 16.44 8.77 29.67
C ALA C 265 15.24 9.68 29.75
N VAL C 266 14.15 9.24 29.13
CA VAL C 266 12.87 9.94 29.13
C VAL C 266 11.80 8.94 29.55
N ASP C 267 11.03 9.30 30.57
CA ASP C 267 9.90 8.51 31.03
C ASP C 267 8.67 8.95 30.25
N CYS C 268 8.15 8.07 29.40
CA CYS C 268 7.14 8.45 28.42
C CYS C 268 5.77 8.71 29.01
N SER C 269 5.56 8.41 30.31
CA SER C 269 4.25 8.58 30.92
C SER C 269 4.26 9.65 32.01
N GLN C 270 5.27 10.52 32.02
CA GLN C 270 5.39 11.51 33.09
C GLN C 270 4.50 12.71 32.85
N ASN C 271 4.54 13.27 31.63
CA ASN C 271 3.81 14.47 31.28
C ASN C 271 3.66 14.52 29.76
N PRO C 272 2.75 15.34 29.23
CA PRO C 272 2.55 15.37 27.76
C PRO C 272 3.79 15.75 26.95
N LEU C 273 4.69 16.54 27.52
CA LEU C 273 5.93 16.86 26.82
C LEU C 273 6.78 15.60 26.60
N ALA C 274 6.83 14.73 27.60
CA ALA C 274 7.57 13.47 27.45
C ALA C 274 6.87 12.54 26.46
N GLU C 275 5.53 12.56 26.41
CA GLU C 275 4.81 11.81 25.40
C GLU C 275 5.16 12.29 24.00
N LEU C 276 5.27 13.61 23.83
CA LEU C 276 5.68 14.17 22.54
C LEU C 276 7.11 13.78 22.20
N LYS C 277 8.00 13.81 23.19
CA LYS C 277 9.39 13.41 22.96
C LYS C 277 9.51 11.95 22.55
N CYS C 278 8.75 11.06 23.22
CA CYS C 278 8.76 9.65 22.86
C CYS C 278 8.08 9.38 21.53
N SER C 279 7.11 10.21 21.13
CA SER C 279 6.46 10.01 19.84
C SER C 279 7.38 10.34 18.68
N VAL C 280 8.13 11.44 18.76
CA VAL C 280 9.02 11.83 17.67
C VAL C 280 10.41 11.22 17.78
N LYS C 281 10.72 10.55 18.90
CA LYS C 281 12.03 9.94 19.18
C LYS C 281 13.16 10.98 19.06
N SER C 282 13.05 12.04 19.86
CA SER C 282 14.09 13.06 19.90
C SER C 282 14.07 13.75 21.25
N PHE C 283 15.23 14.28 21.65
CA PHE C 283 15.34 15.04 22.88
C PHE C 283 15.11 16.54 22.69
N GLU C 284 14.96 17.01 21.46
CA GLU C 284 14.79 18.42 21.17
C GLU C 284 13.51 18.63 20.38
N ILE C 285 12.70 19.60 20.80
CA ILE C 285 11.43 19.92 20.15
C ILE C 285 11.51 21.36 19.66
N ASP C 286 11.11 21.57 18.40
CA ASP C 286 11.08 22.89 17.79
C ASP C 286 9.84 23.65 18.26
N LYS C 287 9.80 24.95 17.96
CA LYS C 287 8.68 25.80 18.35
C LYS C 287 7.42 25.46 17.56
N GLY C 288 6.29 25.33 18.24
CA GLY C 288 5.04 25.09 17.55
C GLY C 288 4.02 24.39 18.43
N ILE C 289 2.99 23.90 17.75
CA ILE C 289 1.88 23.17 18.37
C ILE C 289 1.80 21.78 17.76
N TYR C 290 1.64 20.76 18.60
CA TYR C 290 1.69 19.37 18.16
C TYR C 290 0.49 18.62 18.70
N GLN C 291 -0.15 17.82 17.85
CA GLN C 291 -1.29 17.02 18.27
C GLN C 291 -0.78 15.73 18.90
N THR C 292 -0.97 15.59 20.22
CA THR C 292 -0.48 14.40 20.89
C THR C 292 -1.60 13.36 20.95
N SER C 293 -1.41 12.30 21.73
CA SER C 293 -2.40 11.26 21.86
C SER C 293 -3.63 11.78 22.61
N ASN C 294 -4.76 11.11 22.37
CA ASN C 294 -6.03 11.53 22.96
C ASN C 294 -6.03 11.29 24.46
N PHE C 295 -7.02 11.88 25.13
CA PHE C 295 -7.08 11.84 26.59
C PHE C 295 -7.48 10.45 27.03
N ARG C 296 -6.67 9.84 27.89
CA ARG C 296 -6.94 8.50 28.39
C ARG C 296 -7.07 8.49 29.91
N VAL C 297 -7.90 7.57 30.40
CA VAL C 297 -8.00 7.26 31.82
C VAL C 297 -7.67 5.78 31.99
N VAL C 298 -7.17 5.43 33.17
CA VAL C 298 -6.83 4.03 33.45
C VAL C 298 -8.02 3.39 34.16
N PRO C 299 -8.26 2.09 33.99
CA PRO C 299 -9.35 1.45 34.71
C PRO C 299 -9.07 1.38 36.21
N SER C 300 -10.15 1.38 36.99
CA SER C 300 -10.05 1.42 38.45
C SER C 300 -10.52 0.12 39.09
N GLY C 301 -11.75 -0.31 38.79
CA GLY C 301 -12.35 -1.47 39.42
C GLY C 301 -12.47 -2.67 38.50
N ASP C 302 -12.95 -3.77 39.08
CA ASP C 302 -13.18 -5.01 38.38
C ASP C 302 -14.62 -5.47 38.57
N VAL C 303 -15.25 -5.89 37.48
CA VAL C 303 -16.61 -6.40 37.49
C VAL C 303 -16.59 -7.78 36.86
N VAL C 304 -17.09 -8.77 37.58
CA VAL C 304 -17.24 -10.14 37.07
C VAL C 304 -18.71 -10.52 37.24
N ARG C 305 -19.38 -10.84 36.13
CA ARG C 305 -20.78 -11.22 36.18
C ARG C 305 -20.98 -12.57 35.49
N PHE C 306 -21.36 -13.58 36.27
CA PHE C 306 -21.61 -14.94 35.83
C PHE C 306 -23.00 -15.35 36.30
N PRO C 307 -23.63 -16.31 35.61
CA PRO C 307 -24.91 -16.83 36.10
C PRO C 307 -24.72 -17.57 37.41
N ASN C 308 -25.74 -17.53 38.26
CA ASN C 308 -25.66 -18.13 39.59
C ASN C 308 -26.06 -19.60 39.50
N ILE C 309 -25.05 -20.47 39.54
CA ILE C 309 -25.24 -21.91 39.37
C ILE C 309 -24.66 -22.58 40.61
N THR C 310 -25.32 -23.62 41.09
CA THR C 310 -24.94 -24.31 42.32
C THR C 310 -24.42 -25.72 42.15
N ASN C 311 -24.95 -26.48 41.19
CA ASN C 311 -24.65 -27.91 41.10
C ASN C 311 -23.29 -28.16 40.47
N LEU C 312 -22.53 -29.10 41.04
CA LEU C 312 -21.33 -29.60 40.38
C LEU C 312 -21.72 -30.41 39.16
N CYS C 313 -20.87 -30.34 38.15
CA CYS C 313 -21.34 -30.79 36.86
C CYS C 313 -21.04 -32.28 36.68
N PRO C 314 -21.95 -33.08 36.10
CA PRO C 314 -21.86 -34.54 36.29
C PRO C 314 -20.69 -35.25 35.61
N PHE C 315 -19.50 -35.08 36.18
CA PHE C 315 -18.33 -35.82 35.69
C PHE C 315 -18.47 -37.30 35.98
N GLY C 316 -19.03 -37.65 37.14
CA GLY C 316 -19.14 -39.05 37.52
C GLY C 316 -20.14 -39.83 36.68
N GLU C 317 -21.21 -39.20 36.23
CA GLU C 317 -22.21 -39.90 35.44
C GLU C 317 -21.72 -40.17 34.03
N VAL C 318 -20.85 -39.31 33.51
CA VAL C 318 -20.33 -39.45 32.15
C VAL C 318 -19.10 -40.36 32.14
N PHE C 319 -18.09 -40.02 32.93
CA PHE C 319 -16.83 -40.74 32.89
C PHE C 319 -16.88 -42.08 33.62
N ASN C 320 -17.81 -42.27 34.55
CA ASN C 320 -17.92 -43.52 35.30
C ASN C 320 -19.32 -44.07 35.08
N ALA C 321 -19.50 -44.78 33.98
CA ALA C 321 -20.74 -45.44 33.65
C ALA C 321 -20.47 -46.91 33.40
N THR C 322 -21.46 -47.75 33.71
CA THR C 322 -21.24 -49.19 33.59
C THR C 322 -21.25 -49.66 32.14
N LYS C 323 -21.80 -48.87 31.22
CA LYS C 323 -21.99 -49.32 29.85
C LYS C 323 -21.84 -48.15 28.90
N PHE C 324 -20.92 -48.30 27.95
CA PHE C 324 -20.68 -47.43 26.80
C PHE C 324 -21.09 -48.14 25.52
N PRO C 325 -21.64 -47.43 24.54
CA PRO C 325 -22.08 -48.08 23.31
C PRO C 325 -20.94 -48.30 22.35
N SER C 326 -21.25 -48.99 21.25
CA SER C 326 -20.31 -49.17 20.17
C SER C 326 -20.12 -47.87 19.39
N VAL C 327 -19.06 -47.84 18.57
CA VAL C 327 -18.72 -46.62 17.85
C VAL C 327 -19.72 -46.35 16.72
N TYR C 328 -20.32 -47.39 16.14
CA TYR C 328 -21.32 -47.15 15.10
C TYR C 328 -22.64 -46.67 15.69
N ALA C 329 -22.86 -46.89 16.99
CA ALA C 329 -24.08 -46.47 17.67
C ALA C 329 -23.76 -45.53 18.83
N TRP C 330 -22.91 -44.54 18.59
CA TRP C 330 -22.42 -43.63 19.63
C TRP C 330 -23.57 -42.82 20.21
N GLU C 331 -23.41 -42.39 21.45
CA GLU C 331 -24.52 -41.74 22.14
C GLU C 331 -24.20 -40.29 22.47
N ARG C 332 -25.23 -39.46 22.46
CA ARG C 332 -25.11 -38.02 22.66
C ARG C 332 -25.95 -37.58 23.85
N LYS C 333 -25.37 -36.77 24.73
CA LYS C 333 -26.05 -36.28 25.93
C LYS C 333 -25.84 -34.79 26.07
N LYS C 334 -26.91 -34.09 26.42
CA LYS C 334 -26.86 -32.64 26.61
C LYS C 334 -26.39 -32.30 28.02
N ILE C 335 -25.53 -31.30 28.14
CA ILE C 335 -25.03 -30.83 29.44
C ILE C 335 -25.55 -29.42 29.64
N SER C 336 -26.16 -29.17 30.79
CA SER C 336 -26.80 -27.89 31.04
C SER C 336 -26.87 -27.63 32.54
N ASN C 337 -26.78 -26.35 32.90
CA ASN C 337 -26.98 -25.86 34.27
C ASN C 337 -25.99 -26.48 35.25
N CYS C 338 -24.70 -26.26 34.99
CA CYS C 338 -23.70 -26.89 35.81
C CYS C 338 -22.45 -26.04 35.91
N VAL C 339 -21.65 -26.33 36.93
CA VAL C 339 -20.36 -25.71 37.21
C VAL C 339 -19.30 -26.75 36.91
N ALA C 340 -18.41 -26.47 35.97
CA ALA C 340 -17.48 -27.49 35.51
C ALA C 340 -16.09 -27.21 36.03
N ASP C 341 -15.82 -27.77 37.21
CA ASP C 341 -14.55 -27.69 37.92
C ASP C 341 -13.91 -29.05 37.65
N TYR C 342 -13.14 -29.12 36.59
CA TYR C 342 -12.30 -30.29 36.31
C TYR C 342 -11.17 -30.51 37.31
N SER C 343 -11.03 -29.80 38.43
CA SER C 343 -9.96 -30.11 39.36
C SER C 343 -10.35 -31.18 40.38
N VAL C 344 -11.63 -31.59 40.40
CA VAL C 344 -12.03 -32.74 41.21
C VAL C 344 -11.68 -34.06 40.56
N LEU C 345 -11.28 -34.06 39.29
CA LEU C 345 -10.85 -35.27 38.60
C LEU C 345 -9.40 -35.61 38.85
N TYR C 346 -8.64 -34.72 39.53
CA TYR C 346 -7.22 -34.93 39.73
C TYR C 346 -6.91 -36.01 40.76
N ASN C 347 -7.91 -36.49 41.48
CA ASN C 347 -7.68 -37.51 42.50
C ASN C 347 -7.86 -38.93 41.98
N SER C 348 -8.73 -39.14 41.02
CA SER C 348 -9.10 -40.52 40.69
C SER C 348 -8.97 -40.86 39.21
N THR C 349 -9.32 -39.95 38.31
CA THR C 349 -9.46 -40.29 36.90
C THR C 349 -8.36 -39.61 36.09
N PHE C 350 -7.75 -40.37 35.20
CA PHE C 350 -6.64 -39.90 34.37
C PHE C 350 -6.87 -40.32 32.94
N PHE C 351 -6.50 -39.45 32.00
CA PHE C 351 -6.78 -39.65 30.59
C PHE C 351 -5.48 -39.87 29.84
N SER C 352 -5.48 -40.84 28.92
CA SER C 352 -4.28 -41.04 28.11
C SER C 352 -4.14 -39.97 27.03
N THR C 353 -5.24 -39.56 26.41
CA THR C 353 -5.17 -38.46 25.47
C THR C 353 -6.24 -37.43 25.78
N PHE C 354 -5.88 -36.15 25.66
CA PHE C 354 -6.85 -35.08 25.83
C PHE C 354 -6.39 -33.91 24.96
N LYS C 355 -7.10 -33.66 23.86
CA LYS C 355 -6.66 -32.61 22.94
C LYS C 355 -7.86 -31.77 22.54
N CYS C 356 -7.74 -30.47 22.67
CA CYS C 356 -8.84 -29.58 22.32
C CYS C 356 -8.55 -28.60 21.21
N TYR C 357 -9.62 -28.29 20.46
CA TYR C 357 -9.61 -27.46 19.27
C TYR C 357 -10.60 -26.32 19.38
N GLY C 358 -10.11 -25.10 19.10
CA GLY C 358 -10.86 -23.87 19.14
C GLY C 358 -10.67 -23.02 20.37
N VAL C 359 -9.94 -23.51 21.37
CA VAL C 359 -9.77 -22.81 22.63
C VAL C 359 -8.55 -23.39 23.33
N SER C 360 -7.72 -22.51 23.88
CA SER C 360 -6.56 -22.97 24.63
C SER C 360 -7.00 -23.54 25.97
N ALA C 361 -6.23 -24.51 26.47
CA ALA C 361 -6.64 -25.20 27.68
C ALA C 361 -6.51 -24.32 28.91
N THR C 362 -5.50 -23.46 28.94
CA THR C 362 -5.24 -22.62 30.11
C THR C 362 -6.32 -21.58 30.37
N LYS C 363 -7.22 -21.32 29.41
CA LYS C 363 -8.32 -20.39 29.61
C LYS C 363 -9.65 -21.06 29.94
N LEU C 364 -9.68 -22.39 30.06
CA LEU C 364 -10.93 -23.10 30.26
C LEU C 364 -11.62 -22.77 31.59
N ASN C 365 -10.90 -22.22 32.55
CA ASN C 365 -11.50 -21.82 33.82
C ASN C 365 -12.04 -20.39 33.84
N ASP C 366 -11.83 -19.63 32.77
CA ASP C 366 -12.22 -18.23 32.73
C ASP C 366 -13.40 -17.98 31.80
N LEU C 367 -14.05 -19.02 31.30
CA LEU C 367 -15.04 -18.90 30.25
C LEU C 367 -16.35 -19.52 30.72
N CYS C 368 -17.37 -19.38 29.87
CA CYS C 368 -18.66 -19.99 30.07
C CYS C 368 -19.21 -20.44 28.71
N PHE C 369 -19.82 -21.63 28.69
CA PHE C 369 -20.02 -22.38 27.46
C PHE C 369 -21.51 -22.48 27.16
N SER C 370 -21.87 -22.38 25.88
CA SER C 370 -23.26 -22.15 25.51
C SER C 370 -24.05 -23.43 25.30
N ASN C 371 -23.64 -24.26 24.35
CA ASN C 371 -24.42 -25.43 23.93
C ASN C 371 -23.55 -26.68 24.01
N VAL C 372 -23.49 -27.30 25.19
CA VAL C 372 -22.51 -28.33 25.49
C VAL C 372 -23.14 -29.69 25.24
N TYR C 373 -22.53 -30.48 24.36
CA TYR C 373 -22.96 -31.85 24.11
C TYR C 373 -21.77 -32.78 24.29
N ALA C 374 -22.06 -33.99 24.76
CA ALA C 374 -21.04 -35.00 24.99
C ALA C 374 -21.41 -36.28 24.24
N ASP C 375 -20.50 -36.73 23.37
CA ASP C 375 -20.65 -37.96 22.63
C ASP C 375 -19.74 -39.02 23.25
N SER C 376 -20.27 -40.22 23.41
CA SER C 376 -19.56 -41.32 24.05
C SER C 376 -19.55 -42.56 23.16
N PHE C 377 -18.38 -43.22 23.08
CA PHE C 377 -18.26 -44.52 22.42
C PHE C 377 -16.96 -45.19 22.86
N VAL C 378 -16.71 -46.38 22.30
CA VAL C 378 -15.55 -47.23 22.61
C VAL C 378 -14.88 -47.67 21.32
N VAL C 379 -13.56 -47.52 21.24
CA VAL C 379 -12.79 -47.99 20.09
C VAL C 379 -11.61 -48.81 20.57
N LYS C 380 -10.80 -49.27 19.61
CA LYS C 380 -9.52 -49.93 19.88
C LYS C 380 -8.41 -48.88 19.94
N GLY C 381 -7.20 -49.33 20.30
CA GLY C 381 -6.09 -48.41 20.49
C GLY C 381 -5.63 -47.72 19.22
N ASP C 382 -5.66 -48.43 18.08
CA ASP C 382 -5.19 -47.85 16.83
C ASP C 382 -6.19 -46.90 16.20
N ASP C 383 -7.41 -46.81 16.75
CA ASP C 383 -8.41 -45.93 16.17
C ASP C 383 -8.55 -44.62 16.91
N VAL C 384 -7.88 -44.45 18.06
CA VAL C 384 -8.02 -43.21 18.82
C VAL C 384 -7.42 -42.04 18.04
N ARG C 385 -6.40 -42.28 17.22
CA ARG C 385 -5.84 -41.24 16.37
C ARG C 385 -6.79 -40.77 15.27
N GLN C 386 -7.83 -41.55 14.96
CA GLN C 386 -8.76 -41.18 13.90
C GLN C 386 -9.84 -40.23 14.39
N ILE C 387 -9.98 -40.03 15.69
CA ILE C 387 -11.01 -39.14 16.24
C ILE C 387 -10.39 -37.75 16.29
N ALA C 388 -10.42 -37.06 15.15
CA ALA C 388 -9.76 -35.79 14.94
C ALA C 388 -10.28 -35.17 13.65
N PRO C 389 -10.24 -33.84 13.51
CA PRO C 389 -10.66 -33.23 12.23
C PRO C 389 -9.70 -33.57 11.10
N GLY C 390 -10.27 -33.74 9.91
CA GLY C 390 -9.50 -33.99 8.70
C GLY C 390 -8.75 -35.31 8.68
N GLN C 391 -9.40 -36.39 9.10
CA GLN C 391 -8.78 -37.70 9.22
C GLN C 391 -9.52 -38.70 8.34
N THR C 392 -8.82 -39.77 7.96
CA THR C 392 -9.39 -40.84 7.17
C THR C 392 -9.14 -42.17 7.86
N GLY C 393 -9.86 -43.18 7.41
CA GLY C 393 -9.86 -44.50 8.03
C GLY C 393 -11.28 -45.01 8.17
N VAL C 394 -11.40 -46.20 8.74
CA VAL C 394 -12.70 -46.85 8.79
C VAL C 394 -13.62 -46.14 9.77
N ILE C 395 -13.08 -45.67 10.90
CA ILE C 395 -13.88 -44.96 11.89
C ILE C 395 -14.32 -43.61 11.35
N ALA C 396 -13.39 -42.86 10.75
CA ALA C 396 -13.71 -41.52 10.30
C ALA C 396 -14.59 -41.52 9.05
N ASP C 397 -14.58 -42.59 8.27
CA ASP C 397 -15.40 -42.66 7.07
C ASP C 397 -16.78 -43.23 7.33
N TYR C 398 -16.88 -44.32 8.08
CA TYR C 398 -18.13 -45.07 8.15
C TYR C 398 -18.80 -45.04 9.52
N ASN C 399 -18.14 -44.53 10.55
CA ASN C 399 -18.67 -44.64 11.91
C ASN C 399 -18.89 -43.29 12.56
N TYR C 400 -17.89 -42.41 12.57
CA TYR C 400 -17.99 -41.15 13.30
C TYR C 400 -17.06 -40.13 12.65
N LYS C 401 -17.61 -39.03 12.15
CA LYS C 401 -16.81 -38.00 11.50
C LYS C 401 -17.01 -36.66 12.18
N LEU C 402 -15.86 -35.90 12.39
CA LEU C 402 -15.78 -34.57 12.96
C LEU C 402 -15.65 -33.50 11.87
N PRO C 403 -16.22 -32.30 12.08
CA PRO C 403 -16.06 -31.22 11.10
C PRO C 403 -14.66 -30.63 11.12
N CYS C 404 -14.37 -29.64 10.26
CA CYS C 404 -13.27 -28.73 10.55
C CYS C 404 -13.56 -27.67 11.57
N ASP C 405 -14.68 -26.94 11.44
CA ASP C 405 -14.88 -25.88 12.42
C ASP C 405 -15.41 -26.43 13.75
N PHE C 406 -14.66 -27.40 14.29
CA PHE C 406 -15.02 -28.04 15.53
C PHE C 406 -14.58 -27.15 16.68
N MET C 407 -15.39 -27.07 17.72
CA MET C 407 -15.01 -26.33 18.91
C MET C 407 -15.33 -27.20 20.10
N GLY C 408 -14.31 -27.60 20.84
CA GLY C 408 -14.53 -28.50 21.95
C GLY C 408 -13.23 -29.17 22.35
N CYS C 409 -13.38 -30.34 22.99
CA CYS C 409 -12.22 -31.09 23.46
C CYS C 409 -12.52 -32.58 23.30
N VAL C 410 -11.46 -33.37 23.12
CA VAL C 410 -11.56 -34.82 22.97
C VAL C 410 -10.76 -35.49 24.07
N LEU C 411 -11.38 -36.44 24.77
CA LEU C 411 -10.76 -37.17 25.87
C LEU C 411 -10.88 -38.66 25.62
N ALA C 412 -9.78 -39.40 25.84
CA ALA C 412 -9.82 -40.84 25.68
C ALA C 412 -8.90 -41.48 26.70
N TRP C 413 -9.35 -42.63 27.25
CA TRP C 413 -8.56 -43.34 28.25
C TRP C 413 -8.71 -44.85 28.12
N ASN C 414 -7.67 -45.55 28.56
CA ASN C 414 -7.59 -47.01 28.45
C ASN C 414 -8.46 -47.70 29.50
N THR C 415 -9.17 -48.73 29.07
CA THR C 415 -10.14 -49.41 29.92
C THR C 415 -10.02 -50.94 29.80
N ARG C 416 -8.81 -51.46 29.93
CA ARG C 416 -8.63 -52.89 29.77
C ARG C 416 -9.12 -53.68 30.98
N ASN C 417 -9.15 -53.08 32.16
CA ASN C 417 -9.56 -53.79 33.36
C ASN C 417 -11.06 -53.79 33.56
N ILE C 418 -11.81 -53.12 32.68
CA ILE C 418 -13.26 -53.01 32.79
C ILE C 418 -13.97 -53.57 31.57
N ASP C 419 -13.51 -53.20 30.37
CA ASP C 419 -14.20 -53.58 29.15
C ASP C 419 -13.57 -54.77 28.44
N ALA C 420 -12.60 -55.43 29.05
CA ALA C 420 -11.97 -56.60 28.44
C ALA C 420 -12.06 -57.76 29.42
N THR C 421 -12.53 -58.90 28.92
CA THR C 421 -12.65 -60.13 29.67
C THR C 421 -11.78 -61.20 29.04
N SER C 422 -11.55 -62.29 29.80
CA SER C 422 -10.81 -63.41 29.24
C SER C 422 -11.70 -64.08 28.20
N THR C 423 -11.11 -64.95 27.37
CA THR C 423 -11.79 -65.77 26.34
C THR C 423 -12.17 -64.90 25.14
N GLY C 424 -12.52 -63.62 25.38
CA GLY C 424 -12.87 -62.67 24.35
C GLY C 424 -14.23 -62.03 24.42
N ASN C 425 -14.22 -60.70 24.58
CA ASN C 425 -15.42 -59.87 24.65
C ASN C 425 -15.79 -59.45 23.23
N TYR C 426 -16.97 -59.87 22.77
CA TYR C 426 -17.41 -59.62 21.40
C TYR C 426 -18.64 -58.72 21.33
N ASN C 427 -18.86 -57.87 22.32
CA ASN C 427 -20.08 -57.07 22.35
C ASN C 427 -19.95 -55.72 21.66
N TYR C 428 -18.77 -55.37 21.15
CA TYR C 428 -18.55 -54.09 20.49
C TYR C 428 -18.34 -54.31 19.00
N LYS C 429 -18.97 -53.46 18.19
CA LYS C 429 -19.03 -53.65 16.75
C LYS C 429 -18.66 -52.36 16.03
N TYR C 430 -18.25 -52.52 14.77
CA TYR C 430 -18.00 -51.35 13.92
C TYR C 430 -18.33 -51.70 12.48
N ARG C 431 -18.78 -50.69 11.73
CA ARG C 431 -19.15 -50.87 10.34
C ARG C 431 -17.93 -50.70 9.45
N TYR C 432 -17.74 -51.62 8.51
CA TYR C 432 -16.62 -51.57 7.58
C TYR C 432 -17.04 -51.60 6.12
N LEU C 433 -18.33 -51.60 5.82
CA LEU C 433 -18.82 -51.60 4.45
C LEU C 433 -19.94 -50.58 4.33
N ARG C 434 -19.81 -49.66 3.37
CA ARG C 434 -20.84 -48.65 3.13
C ARG C 434 -20.71 -48.16 1.70
N HIS C 435 -21.80 -47.58 1.20
CA HIS C 435 -21.84 -47.05 -0.16
C HIS C 435 -21.43 -45.59 -0.24
N GLY C 436 -21.02 -44.98 0.86
CA GLY C 436 -20.52 -43.62 0.82
C GLY C 436 -20.02 -43.21 2.18
N LYS C 437 -19.34 -42.07 2.21
CA LYS C 437 -18.81 -41.55 3.46
C LYS C 437 -19.89 -40.82 4.24
N LEU C 438 -19.70 -40.74 5.55
CA LEU C 438 -20.65 -40.04 6.39
C LEU C 438 -20.40 -38.53 6.34
N ARG C 439 -21.45 -37.79 6.65
CA ARG C 439 -21.32 -36.35 6.88
C ARG C 439 -20.96 -36.11 8.34
N PRO C 440 -20.44 -34.94 8.69
CA PRO C 440 -20.08 -34.67 10.08
C PRO C 440 -21.27 -34.77 11.02
N PHE C 441 -21.04 -35.43 12.17
CA PHE C 441 -22.01 -35.65 13.23
C PHE C 441 -23.27 -36.34 12.71
N GLU C 442 -23.09 -37.31 11.82
CA GLU C 442 -24.18 -38.08 11.27
C GLU C 442 -24.01 -39.53 11.71
N ARG C 443 -25.13 -40.18 12.03
CA ARG C 443 -25.12 -41.53 12.55
C ARG C 443 -25.81 -42.47 11.56
N ASP C 444 -25.29 -43.68 11.43
CA ASP C 444 -25.90 -44.72 10.61
C ASP C 444 -26.08 -45.96 11.47
N ILE C 445 -27.32 -46.43 11.57
CA ILE C 445 -27.69 -47.47 12.52
C ILE C 445 -28.10 -48.78 11.84
N SER C 446 -28.55 -48.73 10.59
CA SER C 446 -29.17 -49.88 9.92
C SER C 446 -28.20 -51.04 9.76
N ASN C 447 -28.75 -52.27 9.74
CA ASN C 447 -28.00 -53.50 9.51
C ASN C 447 -28.63 -54.26 8.36
N VAL C 448 -28.24 -53.91 7.14
CA VAL C 448 -28.80 -54.46 5.92
C VAL C 448 -27.67 -55.14 5.17
N PRO C 449 -27.90 -56.31 4.56
CA PRO C 449 -26.84 -56.96 3.79
C PRO C 449 -26.34 -56.09 2.65
N PHE C 450 -25.02 -56.14 2.44
CA PHE C 450 -24.33 -55.26 1.51
C PHE C 450 -23.91 -56.04 0.27
N SER C 451 -24.14 -55.43 -0.90
CA SER C 451 -23.73 -55.98 -2.18
C SER C 451 -22.97 -54.89 -2.94
N PRO C 452 -21.82 -55.22 -3.52
CA PRO C 452 -21.04 -54.19 -4.24
C PRO C 452 -21.76 -53.56 -5.42
N ASP C 453 -22.61 -54.32 -6.13
CA ASP C 453 -23.30 -53.74 -7.27
C ASP C 453 -24.39 -52.77 -6.84
N GLY C 454 -25.04 -53.02 -5.70
CA GLY C 454 -26.00 -52.08 -5.16
C GLY C 454 -27.41 -52.63 -5.10
N LYS C 455 -27.58 -53.91 -5.40
CA LYS C 455 -28.90 -54.49 -5.42
C LYS C 455 -29.12 -55.36 -4.19
N PRO C 456 -30.37 -55.53 -3.75
CA PRO C 456 -30.63 -56.36 -2.57
C PRO C 456 -30.27 -57.83 -2.81
N CYS C 457 -29.88 -58.49 -1.73
CA CYS C 457 -29.41 -59.86 -1.80
C CYS C 457 -29.71 -60.57 -0.49
N THR C 458 -29.64 -61.90 -0.53
CA THR C 458 -29.77 -62.79 0.61
C THR C 458 -28.40 -63.20 1.09
N PRO C 459 -28.11 -63.09 2.39
CA PRO C 459 -26.72 -63.24 2.89
C PRO C 459 -26.14 -64.64 2.64
N PRO C 460 -26.94 -65.74 2.67
CA PRO C 460 -26.27 -66.97 2.16
C PRO C 460 -26.25 -67.05 0.64
N ALA C 461 -25.43 -66.21 0.02
CA ALA C 461 -25.25 -66.21 -1.43
C ALA C 461 -23.85 -65.71 -1.74
N LEU C 462 -23.61 -65.35 -2.99
CA LEU C 462 -22.32 -64.87 -3.45
C LEU C 462 -22.35 -63.36 -3.61
N ASN C 463 -21.24 -62.72 -3.20
CA ASN C 463 -21.09 -61.26 -3.20
C ASN C 463 -22.17 -60.57 -2.37
N CYS C 464 -22.48 -61.14 -1.20
CA CYS C 464 -23.42 -60.55 -0.26
C CYS C 464 -22.85 -60.76 1.13
N TYR C 465 -22.66 -59.66 1.87
CA TYR C 465 -21.98 -59.67 3.16
C TYR C 465 -22.83 -58.99 4.22
N TRP C 466 -22.45 -59.21 5.47
CA TRP C 466 -22.97 -58.47 6.61
C TRP C 466 -22.05 -57.30 6.92
N PRO C 467 -22.57 -56.08 7.07
CA PRO C 467 -21.71 -54.89 7.07
C PRO C 467 -21.05 -54.57 8.40
N LEU C 468 -21.30 -55.34 9.45
CA LEU C 468 -20.75 -55.04 10.78
C LEU C 468 -19.74 -56.11 11.17
N ASN C 469 -18.59 -55.68 11.69
CA ASN C 469 -17.57 -56.56 12.23
C ASN C 469 -17.52 -56.43 13.74
N ASP C 470 -17.06 -57.50 14.40
CA ASP C 470 -16.89 -57.54 15.84
C ASP C 470 -15.49 -57.11 16.24
N TYR C 471 -15.40 -56.33 17.31
CA TYR C 471 -14.14 -56.14 18.01
C TYR C 471 -13.87 -57.34 18.91
N GLY C 472 -12.68 -57.92 18.80
CA GLY C 472 -12.29 -58.99 19.69
C GLY C 472 -11.33 -58.52 20.75
N PHE C 473 -11.82 -58.31 21.98
CA PHE C 473 -11.04 -57.71 23.05
C PHE C 473 -10.57 -58.80 24.02
N TYR C 474 -9.27 -59.04 24.07
CA TYR C 474 -8.69 -59.99 24.98
C TYR C 474 -7.85 -59.28 26.03
N THR C 475 -7.54 -59.99 27.12
CA THR C 475 -6.70 -59.44 28.16
C THR C 475 -5.22 -59.46 27.77
N THR C 476 -4.79 -60.50 27.08
CA THR C 476 -3.38 -60.75 26.83
C THR C 476 -2.86 -60.08 25.57
N THR C 477 -3.69 -59.32 24.86
CA THR C 477 -3.22 -58.72 23.63
C THR C 477 -2.38 -57.48 23.93
N GLY C 478 -1.72 -56.99 22.89
CA GLY C 478 -0.96 -55.75 23.00
C GLY C 478 -1.87 -54.55 23.09
N ILE C 479 -1.27 -53.40 23.40
CA ILE C 479 -2.06 -52.23 23.76
C ILE C 479 -2.76 -51.67 22.53
N GLY C 480 -2.27 -51.99 21.34
CA GLY C 480 -2.97 -51.57 20.15
C GLY C 480 -4.27 -52.31 19.88
N TYR C 481 -4.50 -53.44 20.56
CA TYR C 481 -5.75 -54.17 20.41
C TYR C 481 -6.55 -54.18 21.70
N GLN C 482 -6.33 -53.18 22.58
CA GLN C 482 -7.02 -53.02 23.85
C GLN C 482 -8.09 -51.94 23.75
N PRO C 483 -9.16 -52.06 24.54
CA PRO C 483 -10.26 -51.10 24.44
C PRO C 483 -9.93 -49.75 25.05
N TYR C 484 -10.46 -48.70 24.43
CA TYR C 484 -10.34 -47.34 24.90
C TYR C 484 -11.72 -46.68 24.87
N ARG C 485 -12.03 -45.94 25.93
CA ARG C 485 -13.27 -45.19 26.02
C ARG C 485 -13.02 -43.75 25.60
N VAL C 486 -13.89 -43.22 24.74
CA VAL C 486 -13.71 -41.92 24.12
C VAL C 486 -14.95 -41.07 24.39
N VAL C 487 -14.74 -39.85 24.88
CA VAL C 487 -15.76 -38.85 25.09
C VAL C 487 -15.36 -37.58 24.35
N VAL C 488 -16.26 -37.07 23.52
CA VAL C 488 -16.03 -35.84 22.76
C VAL C 488 -17.00 -34.77 23.26
N LEU C 489 -16.47 -33.63 23.71
CA LEU C 489 -17.30 -32.52 24.15
C LEU C 489 -17.27 -31.45 23.08
N SER C 490 -18.45 -30.95 22.70
CA SER C 490 -18.55 -29.88 21.72
C SER C 490 -19.45 -28.76 22.22
N PHE C 491 -19.05 -27.53 21.94
CA PHE C 491 -19.75 -26.35 22.43
C PHE C 491 -19.47 -25.19 21.49
N GLU C 492 -20.06 -24.04 21.81
CA GLU C 492 -19.80 -22.78 21.13
C GLU C 492 -19.48 -21.73 22.20
N LEU C 493 -18.80 -20.67 21.78
CA LEU C 493 -18.27 -19.68 22.72
C LEU C 493 -18.63 -18.26 22.33
N LEU C 494 -19.19 -17.52 23.30
CA LEU C 494 -19.24 -16.06 23.28
C LEU C 494 -20.10 -15.50 22.16
N ASN C 495 -21.18 -16.19 21.79
CA ASN C 495 -22.11 -15.65 20.82
C ASN C 495 -23.58 -15.96 21.15
N ALA C 496 -23.86 -16.56 22.31
CA ALA C 496 -25.18 -17.07 22.60
C ALA C 496 -25.35 -17.10 24.12
N PRO C 497 -26.60 -17.20 24.62
CA PRO C 497 -26.79 -17.43 26.06
C PRO C 497 -26.14 -18.74 26.51
N ALA C 498 -25.58 -18.71 27.71
CA ALA C 498 -24.79 -19.82 28.21
C ALA C 498 -25.21 -20.17 29.63
N THR C 499 -25.10 -21.46 29.96
CA THR C 499 -25.47 -21.95 31.28
C THR C 499 -24.49 -22.93 31.88
N VAL C 500 -23.35 -23.19 31.24
CA VAL C 500 -22.28 -24.02 31.79
C VAL C 500 -21.05 -23.14 31.88
N CYS C 501 -20.64 -22.79 33.10
CA CYS C 501 -19.57 -21.81 33.31
C CYS C 501 -18.48 -22.42 34.18
N GLY C 502 -17.42 -21.64 34.39
CA GLY C 502 -16.33 -22.04 35.23
C GLY C 502 -16.54 -21.67 36.69
N PRO C 503 -15.56 -21.97 37.53
CA PRO C 503 -15.73 -21.78 38.98
C PRO C 503 -15.37 -20.38 39.47
N LYS C 504 -15.30 -19.40 38.58
CA LYS C 504 -14.95 -18.05 38.96
C LYS C 504 -16.07 -17.40 39.77
N LEU C 505 -15.69 -16.59 40.75
CA LEU C 505 -16.65 -15.93 41.63
C LEU C 505 -17.08 -14.59 41.05
N SER C 506 -18.32 -14.22 41.31
CA SER C 506 -18.88 -12.99 40.76
C SER C 506 -18.62 -11.80 41.67
N THR C 507 -18.93 -10.62 41.15
CA THR C 507 -18.61 -9.35 41.80
C THR C 507 -19.80 -8.42 41.58
N ASP C 508 -19.94 -7.43 42.45
CA ASP C 508 -21.02 -6.46 42.32
C ASP C 508 -20.81 -5.59 41.08
N LEU C 509 -21.91 -5.09 40.53
CA LEU C 509 -21.88 -4.20 39.37
C LEU C 509 -21.45 -2.79 39.76
N ILE C 510 -20.70 -2.14 38.87
CA ILE C 510 -20.30 -0.75 39.03
C ILE C 510 -20.71 0.00 37.75
N LYS C 511 -21.39 1.12 37.93
CA LYS C 511 -21.90 1.93 36.83
C LYS C 511 -21.13 3.25 36.69
N ASN C 512 -21.04 3.72 35.45
CA ASN C 512 -20.60 5.08 35.12
C ASN C 512 -19.15 5.34 35.55
N GLN C 513 -18.29 4.34 35.36
CA GLN C 513 -16.91 4.40 35.79
C GLN C 513 -16.09 3.47 34.91
N CYS C 514 -14.88 3.89 34.55
CA CYS C 514 -14.01 3.08 33.72
C CYS C 514 -13.52 1.88 34.53
N VAL C 515 -13.95 0.68 34.14
CA VAL C 515 -13.63 -0.55 34.86
C VAL C 515 -13.19 -1.61 33.87
N ASN C 516 -12.55 -2.65 34.40
CA ASN C 516 -12.36 -3.90 33.68
C ASN C 516 -13.58 -4.77 33.96
N PHE C 517 -14.13 -5.37 32.91
CA PHE C 517 -15.33 -6.18 33.03
C PHE C 517 -15.11 -7.55 32.43
N ASN C 518 -15.91 -8.50 32.93
CA ASN C 518 -15.92 -9.89 32.46
C ASN C 518 -17.38 -10.33 32.50
N PHE C 519 -18.00 -10.40 31.33
CA PHE C 519 -19.38 -10.85 31.16
C PHE C 519 -19.38 -12.18 30.41
N ASN C 520 -19.66 -13.26 31.14
CA ASN C 520 -19.77 -14.62 30.61
C ASN C 520 -18.52 -15.07 29.86
N GLY C 521 -17.35 -14.60 30.28
CA GLY C 521 -16.11 -14.91 29.63
C GLY C 521 -15.58 -13.84 28.69
N LEU C 522 -16.43 -12.91 28.28
CA LEU C 522 -16.00 -11.79 27.44
C LEU C 522 -15.40 -10.71 28.32
N THR C 523 -14.11 -10.45 28.16
CA THR C 523 -13.41 -9.50 29.00
C THR C 523 -13.14 -8.22 28.22
N GLY C 524 -12.98 -7.12 28.96
CA GLY C 524 -12.68 -5.86 28.32
C GLY C 524 -12.54 -4.74 29.32
N THR C 525 -12.37 -3.53 28.80
CA THR C 525 -12.24 -2.32 29.61
C THR C 525 -13.21 -1.28 29.05
N GLY C 526 -13.97 -0.63 29.92
CA GLY C 526 -14.89 0.37 29.43
C GLY C 526 -15.78 0.92 30.54
N VAL C 527 -16.79 1.67 30.12
CA VAL C 527 -17.77 2.29 31.00
C VAL C 527 -19.13 1.67 30.72
N LEU C 528 -19.81 1.26 31.79
CA LEU C 528 -21.11 0.60 31.70
C LEU C 528 -22.22 1.56 32.11
N THR C 529 -23.24 1.67 31.26
CA THR C 529 -24.38 2.55 31.50
C THR C 529 -25.68 1.78 31.29
N PRO C 530 -26.76 2.21 31.92
CA PRO C 530 -28.07 1.62 31.61
C PRO C 530 -28.51 1.94 30.19
N SER C 531 -29.23 1.01 29.59
CA SER C 531 -29.55 1.05 28.17
C SER C 531 -31.05 1.10 27.96
N SER C 532 -31.45 1.46 26.74
CA SER C 532 -32.85 1.49 26.34
C SER C 532 -33.16 0.50 25.22
N LYS C 533 -32.20 -0.32 24.83
CA LYS C 533 -32.43 -1.35 23.82
C LYS C 533 -33.31 -2.46 24.36
N ARG C 534 -33.92 -3.22 23.45
CA ARG C 534 -34.90 -4.25 23.79
C ARG C 534 -34.45 -5.56 23.17
N PHE C 535 -33.70 -6.35 23.94
CA PHE C 535 -33.20 -7.62 23.43
C PHE C 535 -34.32 -8.65 23.35
N GLN C 536 -34.24 -9.50 22.35
CA GLN C 536 -35.13 -10.64 22.25
C GLN C 536 -34.57 -11.76 23.14
N PRO C 537 -35.42 -12.71 23.57
CA PRO C 537 -34.96 -13.71 24.56
C PRO C 537 -33.81 -14.61 24.12
N PHE C 538 -33.57 -14.76 22.82
CA PHE C 538 -32.48 -15.62 22.35
C PHE C 538 -31.19 -14.84 22.11
N GLN C 539 -31.15 -13.56 22.43
CA GLN C 539 -30.00 -12.71 22.16
C GLN C 539 -29.31 -12.31 23.46
N GLN C 540 -27.99 -12.20 23.42
CA GLN C 540 -27.22 -11.86 24.62
C GLN C 540 -26.30 -10.66 24.39
N PHE C 541 -25.76 -10.51 23.20
CA PHE C 541 -24.82 -9.44 22.90
C PHE C 541 -25.32 -8.59 21.74
N GLY C 542 -24.73 -7.41 21.60
CA GLY C 542 -25.02 -6.53 20.49
C GLY C 542 -23.76 -5.89 19.96
N ARG C 543 -23.74 -5.65 18.65
CA ARG C 543 -22.52 -5.20 17.99
C ARG C 543 -22.80 -3.97 17.13
N ASP C 544 -21.73 -3.23 16.86
CA ASP C 544 -21.74 -2.02 16.04
C ASP C 544 -21.68 -2.38 14.56
N VAL C 545 -21.47 -1.36 13.74
CA VAL C 545 -21.18 -1.59 12.33
C VAL C 545 -19.72 -1.99 12.16
N SER C 546 -18.87 -1.72 13.15
CA SER C 546 -17.47 -2.09 13.12
C SER C 546 -17.19 -3.34 13.97
N ASP C 547 -18.24 -4.12 14.25
CA ASP C 547 -18.17 -5.36 15.01
C ASP C 547 -17.58 -5.18 16.42
N PHE C 548 -17.90 -4.05 17.06
CA PHE C 548 -17.50 -3.82 18.44
C PHE C 548 -18.68 -4.10 19.35
N THR C 549 -18.45 -4.90 20.38
CA THR C 549 -19.51 -5.30 21.32
C THR C 549 -19.91 -4.10 22.17
N ASP C 550 -21.11 -3.56 21.94
CA ASP C 550 -21.51 -2.35 22.63
C ASP C 550 -22.67 -2.55 23.60
N SER C 551 -23.30 -3.71 23.62
CA SER C 551 -24.41 -3.97 24.52
C SER C 551 -24.30 -5.38 25.08
N VAL C 552 -24.77 -5.55 26.31
CA VAL C 552 -24.73 -6.84 26.96
C VAL C 552 -25.97 -6.96 27.84
N ARG C 553 -26.41 -8.19 28.08
CA ARG C 553 -27.45 -8.46 29.07
C ARG C 553 -26.81 -9.06 30.31
N ASP C 554 -27.06 -8.42 31.45
CA ASP C 554 -26.49 -8.90 32.71
C ASP C 554 -27.09 -10.25 33.09
N PRO C 555 -26.28 -11.27 33.34
CA PRO C 555 -26.84 -12.62 33.53
C PRO C 555 -27.53 -12.86 34.86
N LYS C 556 -27.41 -11.95 35.83
CA LYS C 556 -28.08 -12.12 37.11
C LYS C 556 -29.42 -11.37 37.16
N THR C 557 -29.43 -10.08 36.85
CA THR C 557 -30.65 -9.33 36.64
C THR C 557 -30.74 -8.98 35.17
N SER C 558 -31.84 -9.36 34.53
CA SER C 558 -31.93 -9.33 33.06
C SER C 558 -32.13 -7.90 32.52
N GLU C 559 -31.15 -7.04 32.81
CA GLU C 559 -31.17 -5.68 32.30
C GLU C 559 -30.12 -5.55 31.20
N ILE C 560 -30.34 -4.57 30.32
CA ILE C 560 -29.44 -4.32 29.21
C ILE C 560 -28.51 -3.18 29.58
N LEU C 561 -27.21 -3.36 29.29
CA LEU C 561 -26.19 -2.37 29.60
C LEU C 561 -25.44 -2.01 28.33
N ASP C 562 -25.08 -0.74 28.22
CA ASP C 562 -24.25 -0.21 27.14
C ASP C 562 -22.81 -0.09 27.62
N ILE C 563 -21.89 -0.44 26.73
CA ILE C 563 -20.46 -0.38 27.01
C ILE C 563 -19.86 0.68 26.10
N SER C 564 -19.10 1.59 26.68
CA SER C 564 -18.47 2.67 25.93
C SER C 564 -16.97 2.69 26.22
N PRO C 565 -16.17 3.17 25.27
CA PRO C 565 -14.74 3.31 25.53
C PRO C 565 -14.46 4.42 26.53
N CYS C 566 -13.26 4.37 27.11
CA CYS C 566 -12.85 5.30 28.16
C CYS C 566 -12.10 6.51 27.63
N SER C 567 -11.47 6.42 26.46
CA SER C 567 -10.66 7.51 25.93
C SER C 567 -11.43 8.29 24.87
N PHE C 568 -11.26 9.61 24.90
CA PHE C 568 -12.06 10.52 24.09
C PHE C 568 -11.46 11.91 24.18
N GLY C 569 -11.38 12.60 23.04
CA GLY C 569 -11.00 14.00 23.04
C GLY C 569 -9.57 14.28 22.61
N GLY C 570 -9.40 15.24 21.70
CA GLY C 570 -8.08 15.55 21.19
C GLY C 570 -7.32 16.50 22.10
N VAL C 571 -6.00 16.32 22.14
CA VAL C 571 -5.11 17.08 23.00
C VAL C 571 -3.97 17.65 22.15
N SER C 572 -3.71 18.94 22.28
CA SER C 572 -2.59 19.59 21.61
C SER C 572 -1.66 20.21 22.63
N VAL C 573 -0.37 20.19 22.32
CA VAL C 573 0.66 20.75 23.18
C VAL C 573 1.29 21.91 22.44
N ILE C 574 1.26 23.10 23.04
CA ILE C 574 1.90 24.29 22.51
C ILE C 574 3.21 24.46 23.26
N THR C 575 4.32 24.51 22.53
CA THR C 575 5.61 24.65 23.16
C THR C 575 6.48 25.66 22.42
N PRO C 576 7.30 26.42 23.15
CA PRO C 576 8.47 27.05 22.54
C PRO C 576 9.57 26.02 22.33
N GLY C 577 10.75 26.46 21.91
CA GLY C 577 11.87 25.55 21.77
C GLY C 577 12.26 24.92 23.10
N THR C 578 12.83 23.71 23.02
CA THR C 578 13.28 23.03 24.23
C THR C 578 14.46 23.77 24.87
N ASN C 579 15.21 24.53 24.08
CA ASN C 579 16.30 25.33 24.63
C ASN C 579 15.79 26.48 25.49
N ALA C 580 14.62 27.04 25.14
CA ALA C 580 14.11 28.21 25.85
C ALA C 580 13.60 27.81 27.22
N SER C 581 12.74 26.80 27.29
CA SER C 581 12.09 26.42 28.53
C SER C 581 11.59 24.99 28.41
N SER C 582 11.28 24.40 29.56
CA SER C 582 10.54 23.15 29.63
C SER C 582 9.07 23.33 29.90
N GLU C 583 8.59 24.56 29.99
CA GLU C 583 7.17 24.83 30.19
C GLU C 583 6.41 24.68 28.88
N VAL C 584 5.20 24.13 28.97
CA VAL C 584 4.32 23.97 27.83
C VAL C 584 2.93 24.47 28.21
N ALA C 585 2.10 24.69 27.19
CA ALA C 585 0.67 24.91 27.37
C ALA C 585 -0.07 23.75 26.74
N VAL C 586 -1.22 23.40 27.31
CA VAL C 586 -2.02 22.28 26.82
C VAL C 586 -3.39 22.79 26.41
N LEU C 587 -3.81 22.44 25.20
CA LEU C 587 -5.14 22.75 24.73
C LEU C 587 -5.95 21.47 24.63
N TYR C 588 -7.09 21.44 25.29
CA TYR C 588 -8.02 20.32 25.21
C TYR C 588 -9.23 20.79 24.43
N GLN C 589 -9.48 20.19 23.28
CA GLN C 589 -10.80 20.27 22.68
C GLN C 589 -11.77 19.41 23.49
N ASP C 590 -13.06 19.60 23.22
CA ASP C 590 -14.13 18.73 23.73
C ASP C 590 -14.22 18.76 25.25
N VAL C 591 -13.84 19.87 25.88
CA VAL C 591 -14.07 20.07 27.31
C VAL C 591 -14.40 21.54 27.57
N ASN C 592 -15.33 21.76 28.50
CA ASN C 592 -15.81 23.09 28.85
C ASN C 592 -15.27 23.47 30.22
N CYS C 593 -14.60 24.61 30.30
CA CYS C 593 -13.99 25.08 31.54
C CYS C 593 -14.66 26.36 32.05
N TRP C 609 -13.00 18.27 35.76
CA TRP C 609 -13.14 17.95 34.34
C TRP C 609 -12.10 16.97 33.83
N ARG C 610 -12.11 16.75 32.52
CA ARG C 610 -11.21 15.80 31.86
C ARG C 610 -9.92 16.47 31.39
N ILE C 611 -9.09 16.85 32.38
CA ILE C 611 -7.80 17.49 32.13
C ILE C 611 -6.79 16.71 32.94
N TYR C 612 -5.51 16.77 32.53
CA TYR C 612 -4.53 16.02 33.31
C TYR C 612 -4.22 16.70 34.63
N SER C 613 -4.07 18.03 34.64
CA SER C 613 -3.85 18.73 35.90
C SER C 613 -4.25 20.18 35.77
N THR C 614 -4.70 20.76 36.89
CA THR C 614 -5.13 22.17 36.94
C THR C 614 -3.87 22.95 37.30
N GLY C 615 -3.04 23.26 36.31
CA GLY C 615 -1.91 24.09 36.69
C GLY C 615 -2.14 25.55 37.01
N ASN C 616 -2.08 26.44 36.01
CA ASN C 616 -2.42 27.84 36.21
C ASN C 616 -3.13 28.41 35.00
N ASN C 617 -3.95 29.44 35.24
CA ASN C 617 -4.62 30.21 34.19
C ASN C 617 -5.50 29.35 33.28
N VAL C 618 -6.54 28.76 33.85
CA VAL C 618 -7.48 28.01 33.04
C VAL C 618 -8.57 28.96 32.58
N PHE C 619 -8.80 29.00 31.27
CA PHE C 619 -9.87 29.81 30.69
C PHE C 619 -10.33 29.19 29.38
N GLN C 620 -11.53 29.58 28.95
CA GLN C 620 -12.17 29.00 27.78
C GLN C 620 -11.88 29.87 26.56
N THR C 621 -11.42 29.23 25.49
CA THR C 621 -11.28 29.91 24.19
C THR C 621 -12.28 29.33 23.20
N GLN C 622 -12.24 29.85 21.97
CA GLN C 622 -13.09 29.32 20.93
C GLN C 622 -12.57 27.98 20.39
N ALA C 623 -11.25 27.77 20.46
CA ALA C 623 -10.68 26.49 20.02
C ALA C 623 -10.86 25.38 21.05
N GLY C 624 -10.84 25.73 22.33
CA GLY C 624 -10.97 24.74 23.39
C GLY C 624 -10.55 25.35 24.72
N CYS C 625 -10.23 24.48 25.66
CA CYS C 625 -9.75 24.90 26.98
C CYS C 625 -8.23 24.95 26.97
N LEU C 626 -7.68 26.10 27.30
CA LEU C 626 -6.24 26.33 27.28
C LEU C 626 -5.73 26.41 28.70
N ILE C 627 -4.69 25.65 29.01
CA ILE C 627 -4.10 25.61 30.35
C ILE C 627 -2.61 25.90 30.23
N GLY C 628 -2.14 26.87 31.00
CA GLY C 628 -0.73 27.23 31.02
C GLY C 628 -0.37 28.49 30.27
N ALA C 629 -1.35 29.24 29.76
CA ALA C 629 -1.09 30.46 29.03
C ALA C 629 -1.90 31.61 29.63
N GLU C 630 -1.43 32.83 29.42
CA GLU C 630 -2.05 34.03 29.95
C GLU C 630 -2.72 34.83 28.84
N HIS C 631 -3.94 35.28 29.10
CA HIS C 631 -4.72 35.98 28.09
C HIS C 631 -4.45 37.48 28.15
N VAL C 632 -4.07 38.05 27.00
CA VAL C 632 -3.74 39.47 26.90
C VAL C 632 -4.74 40.12 25.96
N ASP C 633 -5.10 41.38 26.26
CA ASP C 633 -6.14 42.07 25.50
C ASP C 633 -5.62 42.65 24.19
N THR C 634 -4.34 43.04 24.14
CA THR C 634 -3.77 43.61 22.92
C THR C 634 -3.59 42.54 21.85
N SER C 635 -3.63 42.98 20.60
CA SER C 635 -3.58 42.08 19.44
C SER C 635 -2.33 42.37 18.62
N TYR C 636 -1.64 41.31 18.21
CA TYR C 636 -0.47 41.39 17.34
C TYR C 636 -0.58 40.37 16.22
N GLU C 637 0.44 40.33 15.37
CA GLU C 637 0.69 39.17 14.53
C GLU C 637 1.08 38.00 15.44
N CYS C 638 0.88 36.77 14.95
CA CYS C 638 1.12 35.60 15.78
C CYS C 638 2.08 34.64 15.07
N ASP C 639 2.84 33.89 15.87
CA ASP C 639 3.80 32.92 15.38
C ASP C 639 3.36 31.48 15.65
N ILE C 640 2.52 31.27 16.65
CA ILE C 640 1.96 29.95 16.88
C ILE C 640 0.46 29.98 16.64
N PRO C 641 -0.03 29.50 15.49
CA PRO C 641 -1.47 29.51 15.23
C PRO C 641 -2.17 28.36 15.97
N ILE C 642 -2.95 28.71 16.99
CA ILE C 642 -3.74 27.72 17.72
C ILE C 642 -4.97 27.32 16.92
N GLY C 643 -5.75 28.29 16.46
CA GLY C 643 -6.95 28.02 15.71
C GLY C 643 -8.14 28.84 16.15
N ALA C 644 -9.15 28.93 15.28
CA ALA C 644 -10.38 29.68 15.52
C ALA C 644 -10.13 31.15 15.88
N GLY C 645 -9.11 31.74 15.26
CA GLY C 645 -8.74 33.11 15.52
C GLY C 645 -7.84 33.36 16.71
N ILE C 646 -7.43 32.32 17.43
CA ILE C 646 -6.60 32.47 18.63
C ILE C 646 -5.17 32.08 18.28
N CYS C 647 -4.21 32.86 18.78
CA CYS C 647 -2.80 32.62 18.56
C CYS C 647 -2.04 32.74 19.86
N ALA C 648 -0.81 32.22 19.87
CA ALA C 648 0.01 32.19 21.07
C ALA C 648 1.42 32.66 20.74
N SER C 649 2.11 33.15 21.76
CA SER C 649 3.49 33.62 21.63
C SER C 649 4.19 33.50 22.98
N TYR C 650 5.48 33.83 22.98
CA TYR C 650 6.35 33.73 24.15
C TYR C 650 6.84 35.15 24.45
N HIS C 651 6.23 35.79 25.45
CA HIS C 651 6.49 37.19 25.74
C HIS C 651 6.72 37.39 27.23
N THR C 652 7.30 38.54 27.57
CA THR C 652 7.54 38.92 28.95
C THR C 652 6.22 39.25 29.66
N LYS C 662 9.67 35.73 31.60
CA LYS C 662 8.98 35.36 30.37
C LYS C 662 7.87 34.34 30.65
N SER C 663 6.88 34.30 29.76
CA SER C 663 5.77 33.36 29.88
C SER C 663 5.13 33.20 28.50
N ILE C 664 4.13 32.32 28.44
CA ILE C 664 3.40 32.04 27.21
C ILE C 664 2.09 32.82 27.27
N VAL C 665 1.82 33.61 26.24
CA VAL C 665 0.63 34.44 26.19
C VAL C 665 -0.22 34.03 24.99
N ALA C 666 -1.53 34.19 25.13
CA ALA C 666 -2.47 33.88 24.08
C ALA C 666 -3.35 35.09 23.83
N TYR C 667 -3.68 35.34 22.57
CA TYR C 667 -4.41 36.54 22.19
C TYR C 667 -5.18 36.27 20.90
N THR C 668 -5.95 37.27 20.48
CA THR C 668 -6.59 37.23 19.17
C THR C 668 -5.69 37.93 18.16
N MET C 669 -5.52 37.29 17.01
CA MET C 669 -4.61 37.82 16.00
C MET C 669 -5.20 39.02 15.29
N SER C 670 -4.32 39.89 14.80
CA SER C 670 -4.70 41.13 14.14
C SER C 670 -4.75 40.92 12.63
N LEU C 671 -5.86 41.34 12.02
CA LEU C 671 -6.06 41.12 10.59
C LEU C 671 -5.27 42.13 9.76
N GLY C 672 -4.95 43.29 10.33
CA GLY C 672 -4.23 44.31 9.60
C GLY C 672 -4.35 45.65 10.27
N ALA C 673 -3.97 46.69 9.54
CA ALA C 673 -3.99 48.04 10.05
C ALA C 673 -5.29 48.74 9.69
N ASP C 674 -5.84 49.48 10.65
CA ASP C 674 -7.05 50.24 10.41
C ASP C 674 -6.74 51.44 9.52
N SER C 675 -7.68 51.73 8.63
CA SER C 675 -7.50 52.81 7.66
C SER C 675 -8.87 53.38 7.33
N SER C 676 -8.87 54.65 6.91
CA SER C 676 -10.09 55.33 6.54
C SER C 676 -9.78 56.26 5.39
N ILE C 677 -10.53 56.12 4.30
CA ILE C 677 -10.50 57.07 3.20
C ILE C 677 -11.92 57.54 2.95
N ALA C 678 -12.08 58.83 2.75
CA ALA C 678 -13.42 59.42 2.68
C ALA C 678 -13.81 59.63 1.23
N TYR C 679 -14.99 59.16 0.87
CA TYR C 679 -15.51 59.32 -0.48
C TYR C 679 -16.01 60.73 -0.73
N SER C 680 -15.59 61.30 -1.86
CA SER C 680 -16.08 62.57 -2.36
C SER C 680 -16.38 62.45 -3.84
N ASN C 681 -17.36 63.23 -4.29
CA ASN C 681 -17.79 63.20 -5.69
C ASN C 681 -17.11 64.25 -6.55
N ASN C 682 -16.18 65.04 -6.00
CA ASN C 682 -15.56 66.08 -6.82
C ASN C 682 -14.06 66.25 -6.57
N THR C 683 -13.45 65.42 -5.74
CA THR C 683 -12.02 65.56 -5.46
C THR C 683 -11.30 64.29 -5.87
N ILE C 684 -10.06 64.44 -6.32
CA ILE C 684 -9.22 63.33 -6.74
C ILE C 684 -7.87 63.45 -6.04
N ALA C 685 -7.18 62.31 -5.91
CA ALA C 685 -5.85 62.27 -5.30
C ALA C 685 -4.86 61.79 -6.35
N ILE C 686 -3.79 62.55 -6.54
CA ILE C 686 -2.81 62.28 -7.59
C ILE C 686 -1.43 62.17 -6.94
N PRO C 687 -0.64 61.14 -7.26
CA PRO C 687 0.72 61.07 -6.74
C PRO C 687 1.59 62.15 -7.36
N THR C 688 2.51 62.67 -6.57
CA THR C 688 3.41 63.69 -7.07
C THR C 688 4.86 63.26 -7.18
N ASN C 689 5.27 62.14 -6.61
CA ASN C 689 6.69 61.83 -6.65
C ASN C 689 6.78 60.32 -6.62
N PHE C 690 7.99 59.75 -6.74
CA PHE C 690 8.03 58.28 -6.85
C PHE C 690 9.31 57.71 -6.24
N SER C 691 9.28 56.38 -6.07
CA SER C 691 10.43 55.61 -5.63
C SER C 691 10.58 54.35 -6.46
N ILE C 692 11.82 53.85 -6.50
CA ILE C 692 12.18 52.62 -7.21
C ILE C 692 12.45 51.54 -6.16
N SER C 693 11.76 50.41 -6.26
CA SER C 693 11.91 49.33 -5.30
C SER C 693 12.38 48.04 -6.00
N ILE C 694 13.11 47.22 -5.26
CA ILE C 694 13.58 45.92 -5.73
C ILE C 694 13.13 44.87 -4.74
N THR C 695 12.38 43.87 -5.22
CA THR C 695 11.84 42.81 -4.40
C THR C 695 12.40 41.46 -4.85
N THR C 696 12.65 40.57 -3.88
CA THR C 696 13.20 39.25 -4.14
C THR C 696 12.09 38.20 -4.13
N GLU C 697 12.26 37.17 -4.94
CA GLU C 697 11.32 36.05 -4.99
C GLU C 697 12.08 34.75 -5.22
N VAL C 698 11.90 33.78 -4.34
CA VAL C 698 12.63 32.52 -4.39
C VAL C 698 11.68 31.42 -4.81
N MET C 699 12.11 30.56 -5.75
CA MET C 699 11.29 29.46 -6.21
C MET C 699 12.10 28.18 -6.37
N PRO C 700 11.57 27.05 -5.90
CA PRO C 700 12.21 25.76 -6.18
C PRO C 700 12.02 25.37 -7.64
N VAL C 701 13.00 24.63 -8.17
CA VAL C 701 12.98 24.21 -9.57
C VAL C 701 13.08 22.68 -9.68
N SER C 702 14.00 22.08 -8.95
CA SER C 702 14.24 20.65 -9.02
C SER C 702 14.52 20.09 -7.63
N MET C 703 14.47 18.76 -7.51
CA MET C 703 14.88 18.12 -6.28
C MET C 703 15.92 17.05 -6.56
N ALA C 704 16.27 16.25 -5.54
CA ALA C 704 17.34 15.27 -5.67
C ALA C 704 16.88 14.04 -6.43
N LYS C 705 17.72 13.58 -7.36
CA LYS C 705 17.48 12.36 -8.10
C LYS C 705 18.01 11.17 -7.32
N THR C 706 17.19 10.13 -7.16
CA THR C 706 17.50 9.02 -6.29
C THR C 706 17.21 7.70 -6.99
N SER C 707 17.89 6.66 -6.51
CA SER C 707 17.71 5.31 -7.02
C SER C 707 17.82 4.32 -5.87
N VAL C 708 17.08 3.21 -5.98
CA VAL C 708 17.08 2.16 -4.99
C VAL C 708 17.47 0.85 -5.66
N ASP C 709 17.97 -0.08 -4.85
CA ASP C 709 18.34 -1.42 -5.26
C ASP C 709 17.57 -2.42 -4.41
N CYS C 710 16.60 -3.11 -5.02
CA CYS C 710 15.72 -4.00 -4.27
C CYS C 710 16.51 -5.12 -3.61
N ASN C 711 17.48 -5.68 -4.33
CA ASN C 711 18.20 -6.85 -3.87
C ASN C 711 19.00 -6.56 -2.60
N MET C 712 19.64 -5.40 -2.52
CA MET C 712 20.39 -5.05 -1.32
C MET C 712 19.51 -4.58 -0.18
N TYR C 713 18.40 -3.90 -0.47
CA TYR C 713 17.54 -3.45 0.61
C TYR C 713 16.83 -4.61 1.28
N ILE C 714 16.37 -5.59 0.50
CA ILE C 714 15.59 -6.68 1.05
C ILE C 714 16.47 -7.83 1.52
N CYS C 715 17.44 -8.25 0.70
CA CYS C 715 18.25 -9.43 1.01
C CYS C 715 19.74 -9.10 0.88
N GLY C 716 20.31 -8.53 1.93
CA GLY C 716 21.68 -8.07 1.87
C GLY C 716 22.67 -9.21 1.97
N ASP C 717 23.28 -9.55 0.82
CA ASP C 717 24.32 -10.60 0.72
C ASP C 717 23.81 -11.95 1.22
N SER C 718 22.58 -12.29 0.86
CA SER C 718 22.02 -13.59 1.18
C SER C 718 21.51 -14.24 -0.09
N THR C 719 22.00 -15.45 -0.37
CA THR C 719 21.64 -16.15 -1.60
C THR C 719 20.25 -16.77 -1.51
N GLU C 720 19.90 -17.31 -0.34
CA GLU C 720 18.59 -17.92 -0.16
C GLU C 720 17.48 -16.88 -0.27
N CYS C 721 17.69 -15.71 0.33
CA CYS C 721 16.72 -14.62 0.23
C CYS C 721 16.59 -14.12 -1.20
N ALA C 722 17.71 -14.08 -1.93
CA ALA C 722 17.66 -13.67 -3.34
C ALA C 722 16.87 -14.67 -4.17
N ASN C 723 17.04 -15.97 -3.88
CA ASN C 723 16.25 -17.00 -4.55
C ASN C 723 14.76 -16.86 -4.22
N LEU C 724 14.43 -16.57 -2.96
CA LEU C 724 13.03 -16.37 -2.60
C LEU C 724 12.44 -15.08 -3.18
N LEU C 725 13.26 -14.07 -3.39
CA LEU C 725 12.78 -12.80 -3.95
C LEU C 725 12.57 -12.89 -5.46
N LEU C 726 13.18 -13.88 -6.10
CA LEU C 726 13.21 -14.04 -7.56
C LEU C 726 11.84 -14.01 -8.22
N GLN C 727 10.75 -14.33 -7.51
CA GLN C 727 9.43 -14.33 -8.12
C GLN C 727 8.64 -13.06 -7.82
N TYR C 728 9.30 -12.01 -7.33
CA TYR C 728 8.68 -10.71 -7.16
C TYR C 728 9.28 -9.67 -8.11
N GLY C 729 9.86 -10.11 -9.23
CA GLY C 729 10.65 -9.20 -10.03
C GLY C 729 9.84 -8.15 -10.76
N SER C 730 8.58 -8.45 -11.05
CA SER C 730 7.72 -7.47 -11.72
C SER C 730 7.46 -6.27 -10.84
N PHE C 731 7.32 -6.49 -9.52
CA PHE C 731 7.09 -5.41 -8.58
C PHE C 731 8.29 -4.46 -8.49
N CYS C 732 9.51 -5.00 -8.50
CA CYS C 732 10.72 -4.19 -8.40
C CYS C 732 11.05 -3.36 -9.64
N THR C 733 10.78 -3.88 -10.84
CA THR C 733 11.02 -3.09 -12.04
C THR C 733 10.06 -1.91 -12.17
N GLN C 734 8.86 -2.02 -11.61
CA GLN C 734 7.94 -0.88 -11.57
C GLN C 734 8.48 0.27 -10.73
N LEU C 735 9.06 -0.03 -9.56
CA LEU C 735 9.66 1.01 -8.73
C LEU C 735 10.82 1.71 -9.43
N ASN C 736 11.69 0.93 -10.08
CA ASN C 736 12.83 1.50 -10.78
C ASN C 736 12.38 2.36 -11.95
N ARG C 737 11.34 1.93 -12.66
CA ARG C 737 10.80 2.73 -13.75
C ARG C 737 10.23 4.06 -13.25
N ALA C 738 9.52 4.02 -12.12
CA ALA C 738 8.98 5.25 -11.54
C ALA C 738 10.09 6.22 -11.15
N LEU C 739 11.14 5.71 -10.51
CA LEU C 739 12.22 6.58 -10.06
C LEU C 739 13.00 7.15 -11.24
N SER C 740 13.21 6.36 -12.30
CA SER C 740 13.93 6.86 -13.45
C SER C 740 13.11 7.92 -14.19
N GLY C 741 11.79 7.74 -14.25
CA GLY C 741 10.94 8.79 -14.80
C GLY C 741 11.01 10.08 -14.01
N ILE C 742 11.04 9.97 -12.68
CA ILE C 742 11.17 11.15 -11.82
C ILE C 742 12.48 11.88 -12.09
N ALA C 743 13.58 11.14 -12.19
CA ALA C 743 14.89 11.78 -12.42
C ALA C 743 14.95 12.47 -13.78
N ALA C 744 14.39 11.83 -14.81
CA ALA C 744 14.33 12.45 -16.13
C ALA C 744 13.49 13.73 -16.10
N GLU C 745 12.39 13.70 -15.35
CA GLU C 745 11.57 14.91 -15.20
C GLU C 745 12.33 16.03 -14.50
N GLN C 746 13.18 15.69 -13.52
CA GLN C 746 13.96 16.73 -12.83
C GLN C 746 14.97 17.40 -13.76
N ASP C 747 15.56 16.60 -14.66
CA ASP C 747 16.45 17.21 -15.66
C ASP C 747 15.66 18.06 -16.65
N ARG C 748 14.48 17.59 -17.06
CA ARG C 748 13.70 18.38 -18.00
C ARG C 748 13.26 19.69 -17.37
N ASN C 749 12.97 19.67 -16.07
CA ASN C 749 12.55 20.87 -15.35
C ASN C 749 13.64 21.92 -15.36
N THR C 750 14.88 21.51 -15.04
CA THR C 750 15.98 22.48 -15.05
C THR C 750 16.23 23.01 -16.46
N ARG C 751 16.17 22.13 -17.48
CA ARG C 751 16.36 22.58 -18.86
C ARG C 751 15.28 23.56 -19.32
N GLU C 752 14.01 23.32 -18.95
CA GLU C 752 12.94 24.22 -19.36
C GLU C 752 12.95 25.54 -18.60
N VAL C 753 13.54 25.57 -17.40
CA VAL C 753 13.60 26.84 -16.68
C VAL C 753 14.76 27.70 -17.17
N PHE C 754 15.96 27.13 -17.27
CA PHE C 754 17.14 27.97 -17.42
C PHE C 754 17.62 28.18 -18.85
N ALA C 755 17.27 27.29 -19.79
CA ALA C 755 17.87 27.30 -21.13
C ALA C 755 16.95 27.94 -22.16
N GLN C 756 16.31 29.04 -21.79
CA GLN C 756 15.32 29.67 -22.67
C GLN C 756 15.98 30.43 -23.83
N VAL C 757 17.08 31.13 -23.57
CA VAL C 757 17.76 31.87 -24.64
C VAL C 757 18.64 30.93 -25.44
N LYS C 758 18.88 31.29 -26.70
CA LYS C 758 19.55 30.41 -27.65
C LYS C 758 21.01 30.77 -27.89
N GLN C 759 21.42 32.01 -27.61
CA GLN C 759 22.78 32.46 -27.84
C GLN C 759 23.39 33.02 -26.57
N MET C 760 24.66 32.72 -26.33
CA MET C 760 25.31 32.97 -25.05
C MET C 760 26.07 34.30 -25.21
N TYR C 761 25.48 35.37 -24.68
CA TYR C 761 26.11 36.68 -24.76
C TYR C 761 27.25 36.79 -23.75
N LYS C 762 28.32 37.45 -24.17
CA LYS C 762 29.48 37.65 -23.33
C LYS C 762 29.26 38.81 -22.37
N THR C 763 29.90 38.72 -21.21
CA THR C 763 29.80 39.78 -20.22
C THR C 763 30.56 41.01 -20.72
N PRO C 764 29.92 42.18 -20.75
CA PRO C 764 30.63 43.38 -21.21
C PRO C 764 31.74 43.81 -20.26
N THR C 765 32.74 44.48 -20.82
CA THR C 765 33.88 44.93 -20.01
C THR C 765 33.47 46.05 -19.06
N LEU C 766 32.59 46.95 -19.51
CA LEU C 766 32.11 48.04 -18.67
C LEU C 766 30.82 47.62 -17.98
N LYS C 767 30.78 47.81 -16.66
CA LYS C 767 29.62 47.43 -15.85
C LYS C 767 28.75 48.62 -15.46
N TYR C 768 28.96 49.77 -16.08
CA TYR C 768 28.36 51.04 -15.65
C TYR C 768 27.62 51.60 -16.86
N PHE C 769 26.29 51.55 -16.83
CA PHE C 769 25.47 51.91 -18.00
C PHE C 769 24.60 53.12 -17.71
N GLY C 770 25.16 54.31 -17.91
CA GLY C 770 24.41 55.54 -17.81
C GLY C 770 23.89 55.88 -16.42
N GLY C 771 24.70 55.66 -15.40
CA GLY C 771 24.29 55.92 -14.02
C GLY C 771 23.94 54.68 -13.23
N PHE C 772 23.77 53.54 -13.90
CA PHE C 772 23.27 52.33 -13.28
C PHE C 772 24.42 51.35 -13.08
N ASN C 773 24.51 50.79 -11.87
CA ASN C 773 25.65 49.97 -11.49
C ASN C 773 25.24 48.50 -11.54
N PHE C 774 25.81 47.77 -12.51
CA PHE C 774 25.46 46.37 -12.73
C PHE C 774 26.56 45.41 -12.26
N SER C 775 27.46 45.89 -11.41
CA SER C 775 28.63 45.10 -11.03
C SER C 775 28.28 43.99 -10.04
N GLN C 776 27.27 44.19 -9.20
CA GLN C 776 26.93 43.23 -8.17
C GLN C 776 26.11 42.05 -8.67
N ILE C 777 25.57 42.12 -9.89
CA ILE C 777 24.76 41.06 -10.44
C ILE C 777 25.42 40.42 -11.65
N LEU C 778 26.65 40.81 -11.98
CA LEU C 778 27.41 40.24 -13.07
C LEU C 778 28.72 39.64 -12.57
N PRO C 779 29.25 38.63 -13.25
CA PRO C 779 30.55 38.07 -12.83
C PRO C 779 31.69 39.04 -13.13
N ASP C 780 32.69 39.04 -12.24
CA ASP C 780 33.90 39.79 -12.44
C ASP C 780 35.06 38.85 -12.77
N PRO C 781 36.01 39.25 -13.63
CA PRO C 781 37.05 38.31 -14.07
C PRO C 781 38.29 38.25 -13.19
N LEU C 782 38.24 38.75 -11.96
CA LEU C 782 39.39 38.70 -11.07
C LEU C 782 39.24 37.65 -9.97
N LYS C 783 38.03 37.43 -9.48
CA LYS C 783 37.82 36.45 -8.42
C LYS C 783 37.84 35.05 -9.03
N PRO C 784 38.23 34.03 -8.24
CA PRO C 784 38.25 32.65 -8.79
C PRO C 784 36.89 32.10 -9.19
N THR C 785 35.81 32.52 -8.54
CA THR C 785 34.51 31.94 -8.87
C THR C 785 33.96 32.54 -10.16
N LYS C 786 32.99 31.83 -10.74
CA LYS C 786 32.40 32.20 -12.02
C LYS C 786 31.07 32.90 -11.86
N ARG C 787 30.67 33.24 -10.63
CA ARG C 787 29.33 33.72 -10.37
C ARG C 787 29.39 35.05 -9.63
N SER C 788 28.24 35.71 -9.53
CA SER C 788 28.14 37.05 -9.00
C SER C 788 28.23 37.04 -7.47
N PHE C 789 28.25 38.24 -6.89
CA PHE C 789 28.36 38.37 -5.45
C PHE C 789 27.06 37.96 -4.77
N ILE C 790 25.92 38.30 -5.38
CA ILE C 790 24.64 37.91 -4.81
C ILE C 790 24.46 36.41 -4.93
N GLU C 791 24.90 35.82 -6.05
CA GLU C 791 24.82 34.37 -6.17
C GLU C 791 25.73 33.67 -5.17
N ASP C 792 26.85 34.32 -4.82
CA ASP C 792 27.72 33.82 -3.75
C ASP C 792 26.98 33.79 -2.42
N LEU C 793 26.27 34.87 -2.10
CA LEU C 793 25.49 34.89 -0.86
C LEU C 793 24.39 33.84 -0.88
N LEU C 794 23.71 33.69 -2.02
CA LEU C 794 22.63 32.73 -2.15
C LEU C 794 23.12 31.30 -1.99
N PHE C 795 24.31 31.00 -2.53
CA PHE C 795 24.87 29.67 -2.35
C PHE C 795 25.42 29.47 -0.95
N ASN C 796 25.79 30.55 -0.26
CA ASN C 796 26.24 30.43 1.12
C ASN C 796 25.08 30.24 2.09
N LYS C 797 23.88 30.70 1.73
CA LYS C 797 22.73 30.59 2.64
C LYS C 797 22.23 29.15 2.82
N VAL C 798 22.39 28.30 1.82
CA VAL C 798 21.82 26.95 1.87
C VAL C 798 22.93 25.95 2.17
N THR C 799 22.72 25.18 3.23
CA THR C 799 23.60 24.08 3.62
C THR C 799 23.23 22.80 2.88
N LEU C 800 24.25 22.02 2.52
CA LEU C 800 24.07 20.81 1.74
C LEU C 800 24.30 19.59 2.64
N ALA C 801 24.08 18.41 2.07
CA ALA C 801 24.28 17.14 2.77
C ALA C 801 25.42 16.29 2.24
N ASP C 802 25.43 15.98 0.95
CA ASP C 802 26.52 15.18 0.39
C ASP C 802 27.72 15.98 -0.10
N ALA C 803 27.49 17.15 -0.72
CA ALA C 803 28.50 18.12 -1.15
C ALA C 803 29.33 17.61 -2.32
N GLY C 804 29.16 16.35 -2.69
CA GLY C 804 29.62 15.82 -3.96
C GLY C 804 28.86 14.54 -4.21
N PHE C 805 29.25 13.79 -5.24
CA PHE C 805 28.64 12.49 -5.43
C PHE C 805 29.65 11.34 -5.45
N MET C 806 30.61 11.33 -4.52
CA MET C 806 31.65 10.31 -4.58
C MET C 806 32.06 9.93 -3.17
N LYS C 807 31.65 8.74 -2.73
CA LYS C 807 32.02 8.19 -1.43
C LYS C 807 32.68 6.85 -1.68
N GLN C 808 34.00 6.79 -1.51
CA GLN C 808 34.70 5.56 -1.84
C GLN C 808 34.57 4.53 -0.73
N TYR C 809 34.81 3.27 -1.09
CA TYR C 809 34.63 2.16 -0.17
C TYR C 809 35.62 2.22 0.98
N GLY C 810 36.89 2.53 0.69
CA GLY C 810 37.87 2.71 1.74
C GLY C 810 37.57 3.89 2.64
N GLU C 811 36.90 4.92 2.12
CA GLU C 811 36.49 6.04 2.95
C GLU C 811 35.38 5.64 3.93
N CYS C 812 34.40 4.85 3.47
CA CYS C 812 33.35 4.37 4.37
C CYS C 812 33.87 3.35 5.37
N LEU C 813 34.87 2.55 4.99
CA LEU C 813 35.52 1.69 5.97
C LEU C 813 36.54 2.41 6.86
N GLY C 814 36.87 3.66 6.56
CA GLY C 814 37.69 4.42 7.49
C GLY C 814 36.95 5.16 8.58
N ASP C 815 35.64 5.36 8.42
CA ASP C 815 34.84 6.06 9.40
C ASP C 815 33.74 5.12 9.90
N ILE C 816 34.06 4.33 10.92
CA ILE C 816 33.12 3.42 11.54
C ILE C 816 32.73 3.92 12.92
N ASN C 817 33.68 4.50 13.66
CA ASN C 817 33.36 5.09 14.96
C ASN C 817 32.38 6.26 14.79
N ALA C 818 32.57 7.04 13.74
CA ALA C 818 31.64 8.11 13.37
C ALA C 818 30.57 7.49 12.48
N ARG C 819 29.37 7.28 13.04
CA ARG C 819 28.28 6.61 12.33
C ARG C 819 27.66 7.54 11.30
N ASP C 820 28.32 7.61 10.13
CA ASP C 820 27.84 8.52 9.08
C ASP C 820 26.58 7.97 8.44
N LEU C 821 25.62 8.86 8.18
CA LEU C 821 24.33 8.46 7.62
C LEU C 821 24.44 8.06 6.15
N ILE C 822 25.33 8.71 5.40
CA ILE C 822 25.46 8.45 3.97
C ILE C 822 26.04 7.06 3.71
N CYS C 823 27.00 6.64 4.53
CA CYS C 823 27.53 5.28 4.38
C CYS C 823 26.47 4.23 4.68
N ALA C 824 25.61 4.47 5.67
CA ALA C 824 24.52 3.53 5.97
C ALA C 824 23.50 3.48 4.85
N GLN C 825 23.20 4.63 4.23
CA GLN C 825 22.30 4.64 3.08
C GLN C 825 22.92 3.90 1.91
N LYS C 826 24.22 4.09 1.68
CA LYS C 826 24.82 3.47 0.51
C LYS C 826 25.01 1.98 0.75
N PHE C 827 25.20 1.58 2.01
CA PHE C 827 25.32 0.19 2.39
C PHE C 827 23.97 -0.52 2.39
N ASN C 828 22.87 0.23 2.27
CA ASN C 828 21.54 -0.38 2.27
C ASN C 828 20.86 -0.25 0.93
N GLY C 829 21.57 0.19 -0.11
CA GLY C 829 21.07 0.17 -1.47
C GLY C 829 20.43 1.45 -1.97
N LEU C 830 20.60 2.56 -1.26
CA LEU C 830 19.99 3.84 -1.62
C LEU C 830 21.06 4.78 -2.11
N THR C 831 20.90 5.32 -3.32
CA THR C 831 21.93 6.16 -3.93
C THR C 831 21.31 7.42 -4.50
N VAL C 832 22.13 8.47 -4.59
CA VAL C 832 21.73 9.77 -5.13
C VAL C 832 22.58 10.06 -6.36
N LEU C 833 21.92 10.40 -7.49
CA LEU C 833 22.53 10.61 -8.79
C LEU C 833 22.83 12.10 -9.01
N PRO C 834 23.91 12.42 -9.73
CA PRO C 834 24.26 13.82 -9.93
C PRO C 834 23.31 14.50 -10.91
N PRO C 835 23.08 15.80 -10.77
CA PRO C 835 22.34 16.54 -11.79
C PRO C 835 23.11 16.68 -13.10
N LEU C 836 22.36 16.86 -14.19
CA LEU C 836 22.97 16.96 -15.51
C LEU C 836 23.69 18.30 -15.67
N LEU C 837 23.06 19.40 -15.24
CA LEU C 837 23.65 20.72 -15.36
C LEU C 837 24.47 21.05 -14.12
N THR C 838 25.73 21.41 -14.32
CA THR C 838 26.59 21.83 -13.23
C THR C 838 26.16 23.24 -12.80
N ASP C 839 26.50 23.59 -11.56
CA ASP C 839 26.19 24.93 -11.05
C ASP C 839 26.89 26.02 -11.86
N ASP C 840 28.08 25.73 -12.41
CA ASP C 840 28.77 26.69 -13.26
C ASP C 840 28.01 26.95 -14.56
N MET C 841 27.37 25.92 -15.12
CA MET C 841 26.59 26.10 -16.34
C MET C 841 25.37 26.98 -16.09
N ILE C 842 24.70 26.76 -14.97
CA ILE C 842 23.54 27.58 -14.62
C ILE C 842 23.96 29.02 -14.35
N ALA C 843 25.11 29.20 -13.70
CA ALA C 843 25.63 30.55 -13.47
C ALA C 843 25.97 31.23 -14.79
N ALA C 844 26.52 30.48 -15.75
CA ALA C 844 26.80 31.04 -17.08
C ALA C 844 25.52 31.43 -17.79
N TYR C 845 24.47 30.62 -17.66
CA TYR C 845 23.18 30.95 -18.26
C TYR C 845 22.61 32.24 -17.66
N THR C 846 22.66 32.38 -16.34
CA THR C 846 22.12 33.59 -15.74
C THR C 846 22.96 34.82 -16.07
N ALA C 847 24.29 34.66 -16.17
CA ALA C 847 25.13 35.76 -16.60
C ALA C 847 24.83 36.19 -18.03
N ALA C 848 24.61 35.23 -18.93
CA ALA C 848 24.24 35.56 -20.30
C ALA C 848 22.90 36.28 -20.37
N LEU C 849 21.93 35.83 -19.57
CA LEU C 849 20.62 36.49 -19.54
C LEU C 849 20.71 37.92 -19.03
N VAL C 850 21.49 38.14 -17.96
CA VAL C 850 21.60 39.48 -17.39
C VAL C 850 22.34 40.40 -18.37
N SER C 851 23.38 39.88 -19.04
CA SER C 851 24.09 40.69 -20.02
C SER C 851 23.20 41.03 -21.22
N GLY C 852 22.40 40.07 -21.68
CA GLY C 852 21.48 40.34 -22.78
C GLY C 852 20.40 41.35 -22.40
N THR C 853 19.92 41.28 -21.16
CA THR C 853 18.95 42.28 -20.70
C THR C 853 19.58 43.66 -20.60
N ALA C 854 20.80 43.74 -20.08
CA ALA C 854 21.46 45.02 -19.89
C ALA C 854 21.93 45.64 -21.19
N THR C 855 22.12 44.84 -22.24
CA THR C 855 22.64 45.36 -23.50
C THR C 855 21.59 45.41 -24.60
N ALA C 856 20.73 44.41 -24.72
CA ALA C 856 19.77 44.35 -25.82
C ALA C 856 18.35 44.66 -25.36
N GLY C 857 18.00 44.35 -24.12
CA GLY C 857 16.71 44.74 -23.59
C GLY C 857 15.69 43.62 -23.59
N TRP C 858 14.75 43.73 -24.51
CA TRP C 858 13.59 42.85 -24.61
C TRP C 858 13.50 42.19 -25.97
N THR C 859 14.37 42.57 -26.91
CA THR C 859 14.20 42.20 -28.31
C THR C 859 14.85 40.86 -28.63
N PHE C 860 15.66 40.34 -27.71
CA PHE C 860 16.36 39.09 -27.97
C PHE C 860 15.51 37.87 -27.66
N GLY C 861 14.28 38.08 -27.19
CA GLY C 861 13.33 36.98 -27.02
C GLY C 861 12.44 36.79 -28.22
N ALA C 862 12.07 37.88 -28.91
CA ALA C 862 11.28 37.81 -30.12
C ALA C 862 12.12 37.31 -31.29
N GLY C 863 13.42 37.55 -31.26
CA GLY C 863 14.29 37.16 -32.35
C GLY C 863 15.74 37.51 -32.10
N ALA C 864 16.41 38.08 -33.09
CA ALA C 864 17.79 38.52 -32.97
C ALA C 864 17.87 39.74 -32.06
N ALA C 865 18.98 39.84 -31.33
CA ALA C 865 19.16 40.91 -30.35
C ALA C 865 19.35 42.24 -31.07
N LEU C 866 18.70 43.29 -30.54
CA LEU C 866 18.84 44.65 -31.05
C LEU C 866 19.53 45.49 -29.97
N GLN C 867 20.66 46.09 -30.31
CA GLN C 867 21.36 46.92 -29.36
C GLN C 867 20.61 48.24 -29.13
N ILE C 868 20.70 48.75 -27.91
CA ILE C 868 20.05 50.00 -27.53
C ILE C 868 20.70 50.55 -26.26
N PRO C 869 20.96 51.85 -26.16
CA PRO C 869 21.48 52.41 -24.90
C PRO C 869 20.47 52.29 -23.78
N PHE C 870 20.98 52.19 -22.55
CA PHE C 870 20.13 51.82 -21.41
C PHE C 870 19.11 52.89 -21.06
N ALA C 871 19.44 54.16 -21.28
CA ALA C 871 18.49 55.23 -20.98
C ALA C 871 17.26 55.17 -21.88
N MET C 872 17.43 54.85 -23.16
CA MET C 872 16.27 54.73 -24.05
C MET C 872 15.41 53.52 -23.69
N GLN C 873 16.04 52.42 -23.29
CA GLN C 873 15.29 51.26 -22.83
C GLN C 873 14.49 51.58 -21.56
N MET C 874 15.12 52.31 -20.63
CA MET C 874 14.42 52.79 -19.45
C MET C 874 13.25 53.69 -19.82
N ALA C 875 13.44 54.52 -20.85
CA ALA C 875 12.36 55.39 -21.32
C ALA C 875 11.19 54.57 -21.86
N TYR C 876 11.48 53.49 -22.59
CA TYR C 876 10.41 52.63 -23.06
C TYR C 876 9.68 51.95 -21.90
N ARG C 877 10.43 51.50 -20.88
CA ARG C 877 9.78 50.87 -19.73
C ARG C 877 8.88 51.87 -18.99
N PHE C 878 9.34 53.12 -18.88
CA PHE C 878 8.50 54.16 -18.28
C PHE C 878 7.27 54.46 -19.13
N ASN C 879 7.43 54.49 -20.46
CA ASN C 879 6.30 54.74 -21.36
C ASN C 879 5.31 53.59 -21.34
N GLY C 880 5.75 52.39 -20.98
CA GLY C 880 4.84 51.25 -20.96
C GLY C 880 3.86 51.24 -19.81
N ILE C 881 4.14 51.96 -18.73
CA ILE C 881 3.25 52.00 -17.57
C ILE C 881 2.45 53.30 -17.51
N GLY C 882 2.41 54.07 -18.60
CA GLY C 882 1.59 55.26 -18.66
C GLY C 882 2.23 56.54 -18.17
N VAL C 883 3.55 56.59 -18.08
CA VAL C 883 4.28 57.79 -17.67
C VAL C 883 5.15 58.22 -18.84
N THR C 884 5.12 59.51 -19.17
CA THR C 884 5.89 59.99 -20.30
C THR C 884 7.39 59.93 -20.00
N GLN C 885 8.18 59.83 -21.07
CA GLN C 885 9.61 59.57 -20.93
C GLN C 885 10.43 60.78 -20.53
N ASN C 886 9.88 61.99 -20.60
CA ASN C 886 10.59 63.16 -20.10
C ASN C 886 10.79 63.08 -18.59
N VAL C 887 9.90 62.37 -17.90
CA VAL C 887 10.01 62.14 -16.47
C VAL C 887 11.29 61.37 -16.18
N LEU C 888 11.62 60.41 -17.03
CA LEU C 888 12.91 59.75 -16.91
C LEU C 888 14.04 60.71 -17.22
N TYR C 889 13.95 61.44 -18.35
CA TYR C 889 15.09 62.20 -18.84
C TYR C 889 15.43 63.41 -17.97
N GLU C 890 14.51 63.85 -17.11
CA GLU C 890 14.80 64.97 -16.22
C GLU C 890 15.16 64.53 -14.81
N ASN C 891 14.92 63.28 -14.45
CA ASN C 891 15.21 62.77 -13.11
C ASN C 891 16.14 61.56 -13.15
N GLN C 892 17.08 61.52 -14.10
CA GLN C 892 17.90 60.33 -14.31
C GLN C 892 18.86 60.09 -13.15
N LYS C 893 19.41 61.15 -12.58
CA LYS C 893 20.32 61.04 -11.45
C LYS C 893 19.64 60.42 -10.24
N GLN C 894 18.44 60.90 -9.91
CA GLN C 894 17.70 60.40 -8.75
C GLN C 894 17.30 58.94 -8.94
N ILE C 895 16.86 58.58 -10.14
CA ILE C 895 16.44 57.21 -10.41
C ILE C 895 17.63 56.25 -10.35
N ALA C 896 18.77 56.68 -10.90
CA ALA C 896 19.98 55.86 -10.82
C ALA C 896 20.45 55.67 -9.39
N ASN C 897 20.40 56.74 -8.58
CA ASN C 897 20.81 56.63 -7.18
C ASN C 897 19.87 55.72 -6.40
N GLN C 898 18.56 55.80 -6.66
CA GLN C 898 17.62 54.92 -5.98
C GLN C 898 17.81 53.46 -6.39
N PHE C 899 18.11 53.22 -7.67
CA PHE C 899 18.40 51.87 -8.14
C PHE C 899 19.64 51.28 -7.43
N ASN C 900 20.71 52.07 -7.35
CA ASN C 900 21.92 51.60 -6.69
C ASN C 900 21.69 51.37 -5.19
N LYS C 901 20.93 52.26 -4.55
CA LYS C 901 20.61 52.10 -3.14
C LYS C 901 19.78 50.85 -2.90
N ALA C 902 18.81 50.56 -3.78
CA ALA C 902 18.01 49.35 -3.62
C ALA C 902 18.84 48.09 -3.79
N ILE C 903 19.79 48.07 -4.75
CA ILE C 903 20.67 46.91 -4.88
C ILE C 903 21.52 46.73 -3.63
N SER C 904 22.05 47.84 -3.09
CA SER C 904 22.85 47.76 -1.87
C SER C 904 22.01 47.29 -0.68
N GLN C 905 20.75 47.72 -0.59
CA GLN C 905 19.87 47.24 0.47
C GLN C 905 19.58 45.75 0.35
N ILE C 906 19.36 45.25 -0.87
CA ILE C 906 19.19 43.80 -1.07
C ILE C 906 20.44 43.04 -0.64
N GLN C 907 21.62 43.57 -0.99
CA GLN C 907 22.87 42.94 -0.56
C GLN C 907 23.01 42.93 0.95
N GLU C 908 22.65 44.04 1.61
CA GLU C 908 22.79 44.09 3.05
C GLU C 908 21.77 43.19 3.71
N SER C 909 20.61 43.01 3.07
CA SER C 909 19.59 42.14 3.64
C SER C 909 20.04 40.70 3.54
N LEU C 910 20.80 40.37 2.49
CA LEU C 910 21.23 39.01 2.23
C LEU C 910 22.53 38.65 2.95
N THR C 911 23.21 39.62 3.56
CA THR C 911 24.41 39.28 4.32
C THR C 911 24.10 38.87 5.75
N THR C 912 22.90 39.17 6.24
CA THR C 912 22.47 38.82 7.59
C THR C 912 21.68 37.52 7.59
N THR C 913 21.96 36.68 8.59
CA THR C 913 21.31 35.37 8.72
C THR C 913 19.81 35.52 8.93
N SER C 914 19.03 34.87 8.06
CA SER C 914 17.57 34.99 8.08
C SER C 914 16.99 33.72 7.47
N THR C 915 15.68 33.77 7.16
CA THR C 915 14.98 32.65 6.55
C THR C 915 14.39 33.05 5.20
N ALA C 916 15.15 33.85 4.44
CA ALA C 916 14.68 34.28 3.12
C ALA C 916 14.66 33.11 2.14
N LEU C 917 15.64 32.21 2.23
CA LEU C 917 15.76 31.03 1.37
C LEU C 917 15.22 29.77 2.05
N GLY C 918 14.16 29.92 2.84
CA GLY C 918 13.63 28.83 3.64
C GLY C 918 12.87 27.76 2.89
N LYS C 919 12.42 28.05 1.66
CA LYS C 919 11.74 27.04 0.86
C LYS C 919 12.68 26.24 -0.04
N LEU C 920 13.96 26.57 -0.09
CA LEU C 920 14.97 25.68 -0.66
C LEU C 920 15.53 24.67 0.33
N GLN C 921 15.53 25.00 1.63
CA GLN C 921 16.01 24.05 2.64
C GLN C 921 15.04 22.89 2.88
N ASP C 922 13.74 23.13 2.70
CA ASP C 922 12.75 22.09 2.94
C ASP C 922 12.90 20.91 1.98
N VAL C 923 13.36 21.18 0.76
CA VAL C 923 13.54 20.11 -0.22
C VAL C 923 14.63 19.14 0.24
N VAL C 924 15.78 19.67 0.64
CA VAL C 924 16.89 18.82 1.05
C VAL C 924 16.57 18.12 2.37
N ASN C 925 15.83 18.81 3.25
CA ASN C 925 15.41 18.17 4.50
C ASN C 925 14.48 16.99 4.25
N GLN C 926 13.52 17.17 3.33
CA GLN C 926 12.58 16.10 3.02
C GLN C 926 13.27 14.90 2.37
N ASN C 927 14.21 15.14 1.45
CA ASN C 927 14.90 14.02 0.81
C ASN C 927 15.76 13.23 1.81
N ALA C 928 16.52 13.94 2.64
CA ALA C 928 17.36 13.27 3.63
C ALA C 928 16.51 12.51 4.65
N GLN C 929 15.39 13.11 5.07
CA GLN C 929 14.53 12.48 6.05
C GLN C 929 13.85 11.25 5.49
N ALA C 930 13.46 11.27 4.20
CA ALA C 930 12.86 10.09 3.59
C ALA C 930 13.83 8.91 3.52
N LEU C 931 15.09 9.19 3.12
CA LEU C 931 16.06 8.09 3.06
C LEU C 931 16.38 7.54 4.45
N ASN C 932 16.48 8.44 5.44
CA ASN C 932 16.75 7.98 6.81
C ASN C 932 15.56 7.24 7.38
N THR C 933 14.34 7.61 6.99
CA THR C 933 13.16 6.87 7.41
C THR C 933 13.14 5.46 6.84
N LEU C 934 13.55 5.27 5.58
CA LEU C 934 13.69 3.90 5.06
C LEU C 934 14.71 3.08 5.85
N VAL C 935 15.82 3.73 6.22
CA VAL C 935 16.86 3.03 6.97
C VAL C 935 16.31 2.64 8.35
N LYS C 936 15.59 3.54 9.00
CA LYS C 936 15.09 3.19 10.32
C LYS C 936 13.92 2.23 10.21
N GLN C 937 13.21 2.21 9.07
CA GLN C 937 12.09 1.30 8.86
C GLN C 937 12.56 -0.11 8.58
N LEU C 938 13.86 -0.34 8.57
CA LEU C 938 14.39 -1.65 8.20
C LEU C 938 14.54 -2.58 9.40
N SER C 939 14.16 -2.15 10.62
CA SER C 939 14.25 -2.98 11.81
C SER C 939 12.93 -3.60 12.28
N SER C 940 11.85 -3.48 11.52
CA SER C 940 10.61 -4.16 11.86
C SER C 940 10.66 -5.62 11.42
N ASN C 941 10.15 -6.52 12.27
CA ASN C 941 10.14 -7.94 11.93
C ASN C 941 8.88 -8.39 11.20
N PHE C 942 7.84 -7.54 11.13
CA PHE C 942 6.61 -7.81 10.38
C PHE C 942 5.92 -9.11 10.77
N GLY C 943 5.90 -9.42 12.06
CA GLY C 943 5.29 -10.66 12.52
C GLY C 943 6.06 -11.94 12.26
N ALA C 944 7.38 -11.91 12.36
CA ALA C 944 8.25 -13.07 12.23
C ALA C 944 8.99 -13.27 13.54
N ILE C 945 9.86 -14.30 13.57
CA ILE C 945 10.62 -14.60 14.77
C ILE C 945 11.57 -13.44 15.11
N SER C 946 12.27 -12.91 14.11
CA SER C 946 13.21 -11.83 14.33
C SER C 946 13.24 -10.95 13.08
N SER C 947 13.89 -9.80 13.21
CA SER C 947 14.13 -8.91 12.09
C SER C 947 15.51 -9.11 11.45
N VAL C 948 16.27 -10.09 11.94
CA VAL C 948 17.62 -10.35 11.45
C VAL C 948 17.57 -11.63 10.63
N LEU C 949 18.00 -11.53 9.37
CA LEU C 949 18.01 -12.71 8.49
C LEU C 949 19.04 -13.73 8.95
N ASN C 950 20.13 -13.25 9.55
CA ASN C 950 21.17 -14.14 10.05
C ASN C 950 20.68 -15.02 11.19
N ASP C 951 19.83 -14.50 12.08
CA ASP C 951 19.29 -15.33 13.16
C ASP C 951 18.38 -16.43 12.63
N ILE C 952 17.57 -16.12 11.61
CA ILE C 952 16.69 -17.13 11.05
C ILE C 952 17.49 -18.18 10.31
N LEU C 953 18.53 -17.77 9.58
CA LEU C 953 19.31 -18.76 8.86
C LEU C 953 20.26 -19.51 9.81
N SER C 954 20.57 -18.92 10.96
CA SER C 954 21.42 -19.50 11.99
C SER C 954 20.71 -20.49 12.88
N ARG C 955 19.39 -20.47 12.93
CA ARG C 955 18.71 -21.27 13.95
C ARG C 955 17.78 -22.29 13.32
N LEU C 956 17.01 -21.91 12.32
CA LEU C 956 16.10 -22.84 11.69
C LEU C 956 16.88 -23.56 10.59
N ASP C 957 16.25 -24.54 9.96
CA ASP C 957 16.77 -25.08 8.71
C ASP C 957 16.29 -24.17 7.58
N LYS C 958 16.45 -24.61 6.32
CA LYS C 958 15.96 -23.82 5.18
C LYS C 958 14.44 -23.73 5.14
N CYS C 959 13.79 -24.60 5.89
CA CYS C 959 12.52 -25.23 5.62
C CYS C 959 11.34 -24.47 6.21
N GLU C 960 11.35 -24.33 7.53
CA GLU C 960 10.55 -23.37 8.28
C GLU C 960 11.01 -21.93 8.08
N ALA C 961 12.29 -21.72 7.78
CA ALA C 961 12.81 -20.36 7.55
C ALA C 961 12.36 -19.71 6.25
N GLU C 962 12.08 -20.46 5.17
CA GLU C 962 11.65 -19.76 3.95
C GLU C 962 10.28 -19.10 4.08
N VAL C 963 9.49 -19.51 5.08
CA VAL C 963 8.19 -18.88 5.32
C VAL C 963 8.32 -17.75 6.32
N GLN C 964 9.45 -17.65 7.02
CA GLN C 964 9.66 -16.48 7.84
C GLN C 964 10.36 -15.40 7.04
N ILE C 965 11.18 -15.81 6.06
CA ILE C 965 11.82 -14.87 5.15
C ILE C 965 10.81 -14.20 4.21
N ASP C 966 9.77 -14.95 3.79
CA ASP C 966 8.79 -14.34 2.88
C ASP C 966 8.00 -13.19 3.52
N ARG C 967 7.75 -13.24 4.83
CA ARG C 967 7.12 -12.13 5.53
C ARG C 967 7.97 -10.87 5.49
N LEU C 968 9.28 -11.02 5.72
CA LEU C 968 10.21 -9.90 5.64
C LEU C 968 10.29 -9.34 4.22
N ILE C 969 10.24 -10.24 3.23
CA ILE C 969 10.30 -9.81 1.83
C ILE C 969 9.11 -8.93 1.48
N THR C 970 7.91 -9.37 1.88
CA THR C 970 6.71 -8.57 1.58
C THR C 970 6.72 -7.24 2.33
N GLY C 971 7.18 -7.25 3.59
CA GLY C 971 7.25 -6.01 4.35
C GLY C 971 8.20 -4.98 3.77
N ARG C 972 9.40 -5.43 3.38
CA ARG C 972 10.39 -4.49 2.84
C ARG C 972 9.99 -4.00 1.44
N LEU C 973 9.33 -4.85 0.65
CA LEU C 973 8.79 -4.43 -0.63
C LEU C 973 7.69 -3.37 -0.44
N GLN C 974 6.84 -3.57 0.58
CA GLN C 974 5.82 -2.59 0.93
C GLN C 974 6.42 -1.24 1.34
N SER C 975 7.51 -1.27 2.11
CA SER C 975 8.20 -0.05 2.52
C SER C 975 8.76 0.72 1.32
N LEU C 976 9.38 0.00 0.38
CA LEU C 976 9.90 0.64 -0.82
C LEU C 976 8.78 1.26 -1.65
N GLN C 977 7.64 0.57 -1.74
CA GLN C 977 6.50 1.09 -2.50
C GLN C 977 5.95 2.38 -1.88
N THR C 978 5.88 2.43 -0.55
CA THR C 978 5.41 3.65 0.13
C THR C 978 6.35 4.82 -0.15
N TYR C 979 7.67 4.56 -0.10
CA TYR C 979 8.64 5.60 -0.42
C TYR C 979 8.47 6.12 -1.85
N VAL C 980 8.24 5.21 -2.80
CA VAL C 980 8.10 5.62 -4.20
C VAL C 980 6.83 6.46 -4.41
N THR C 981 5.74 6.11 -3.71
CA THR C 981 4.51 6.89 -3.85
C THR C 981 4.69 8.32 -3.31
N GLN C 982 5.32 8.45 -2.13
CA GLN C 982 5.57 9.79 -1.59
C GLN C 982 6.47 10.60 -2.52
N GLN C 983 7.47 9.95 -3.13
CA GLN C 983 8.37 10.64 -4.05
C GLN C 983 7.63 11.12 -5.29
N LEU C 984 6.69 10.32 -5.81
CA LEU C 984 5.92 10.74 -6.98
C LEU C 984 5.06 11.97 -6.68
N ILE C 985 4.43 12.01 -5.49
CA ILE C 985 3.62 13.18 -5.15
C ILE C 985 4.47 14.43 -4.99
N ARG C 986 5.63 14.30 -4.32
CA ARG C 986 6.54 15.43 -4.18
C ARG C 986 7.07 15.90 -5.53
N ALA C 987 7.32 14.97 -6.46
CA ALA C 987 7.77 15.34 -7.80
C ALA C 987 6.70 16.12 -8.55
N ALA C 988 5.42 15.76 -8.36
CA ALA C 988 4.35 16.53 -8.99
C ALA C 988 4.32 17.97 -8.47
N GLU C 989 4.48 18.14 -7.15
CA GLU C 989 4.51 19.50 -6.60
C GLU C 989 5.69 20.31 -7.14
N ILE C 990 6.87 19.69 -7.20
CA ILE C 990 8.05 20.38 -7.71
C ILE C 990 7.89 20.74 -9.18
N ARG C 991 7.24 19.88 -9.96
CA ARG C 991 7.02 20.16 -11.37
C ARG C 991 6.08 21.34 -11.57
N ALA C 992 5.03 21.44 -10.75
CA ALA C 992 4.15 22.60 -10.83
C ALA C 992 4.90 23.90 -10.49
N SER C 993 5.75 23.84 -9.45
CA SER C 993 6.54 25.02 -9.11
C SER C 993 7.51 25.41 -10.22
N ALA C 994 8.11 24.41 -10.87
CA ALA C 994 9.07 24.69 -11.94
C ALA C 994 8.39 25.24 -13.18
N ASN C 995 7.16 24.79 -13.47
CA ASN C 995 6.39 25.37 -14.58
C ASN C 995 6.06 26.83 -14.30
N LEU C 996 5.67 27.16 -13.07
CA LEU C 996 5.40 28.55 -12.73
C LEU C 996 6.66 29.41 -12.83
N ALA C 997 7.80 28.87 -12.39
CA ALA C 997 9.06 29.60 -12.49
C ALA C 997 9.45 29.82 -13.95
N ALA C 998 9.24 28.82 -14.80
CA ALA C 998 9.57 28.96 -16.22
C ALA C 998 8.70 30.01 -16.90
N THR C 999 7.38 30.01 -16.65
CA THR C 999 6.56 31.03 -17.31
C THR C 999 6.80 32.43 -16.74
N LYS C 1000 7.17 32.54 -15.46
CA LYS C 1000 7.50 33.84 -14.90
C LYS C 1000 8.81 34.38 -15.46
N MET C 1001 9.79 33.50 -15.64
CA MET C 1001 11.05 33.86 -16.27
C MET C 1001 10.84 34.27 -17.72
N SER C 1002 9.93 33.60 -18.42
CA SER C 1002 9.65 33.94 -19.81
C SER C 1002 8.96 35.29 -19.93
N GLU C 1003 7.99 35.57 -19.06
CA GLU C 1003 7.16 36.76 -19.21
C GLU C 1003 7.65 37.97 -18.40
N CYS C 1004 8.70 37.84 -17.60
CA CYS C 1004 9.14 38.97 -16.79
C CYS C 1004 10.60 39.34 -16.99
N VAL C 1005 11.43 38.38 -17.38
CA VAL C 1005 12.83 38.69 -17.69
C VAL C 1005 13.01 39.02 -19.17
N LEU C 1006 12.31 38.33 -20.05
CA LEU C 1006 12.43 38.56 -21.49
C LEU C 1006 11.46 39.62 -22.00
N GLY C 1007 10.68 40.24 -21.12
CA GLY C 1007 9.75 41.27 -21.53
C GLY C 1007 9.18 41.98 -20.32
N GLN C 1008 8.27 42.91 -20.60
CA GLN C 1008 7.55 43.64 -19.56
C GLN C 1008 6.11 43.15 -19.52
N SER C 1009 5.62 42.90 -18.30
CA SER C 1009 4.30 42.32 -18.11
C SER C 1009 3.31 43.37 -17.62
N LYS C 1010 2.08 43.26 -18.10
CA LYS C 1010 0.97 44.09 -17.68
C LYS C 1010 0.14 43.47 -16.57
N ARG C 1011 0.39 42.22 -16.21
CA ARG C 1011 -0.43 41.53 -15.22
C ARG C 1011 -0.16 42.06 -13.82
N VAL C 1012 -1.23 42.34 -13.08
CA VAL C 1012 -1.12 42.98 -11.78
C VAL C 1012 -0.58 41.99 -10.76
N ASP C 1013 0.48 42.40 -10.06
CA ASP C 1013 1.11 41.67 -8.95
C ASP C 1013 1.70 40.33 -9.38
N PHE C 1014 1.94 40.14 -10.68
CA PHE C 1014 2.57 38.91 -11.15
C PHE C 1014 4.08 38.94 -10.96
N CYS C 1015 4.69 40.13 -10.97
CA CYS C 1015 6.12 40.28 -10.71
C CYS C 1015 6.35 41.51 -9.85
N GLY C 1016 6.32 41.33 -8.53
CA GLY C 1016 6.57 42.42 -7.60
C GLY C 1016 5.33 43.25 -7.33
N LYS C 1017 5.47 44.15 -6.37
CA LYS C 1017 4.38 45.03 -5.95
C LYS C 1017 4.63 46.41 -6.58
N GLY C 1018 3.77 46.80 -7.50
CA GLY C 1018 3.92 48.05 -8.22
C GLY C 1018 3.84 47.81 -9.71
N TYR C 1019 4.28 48.81 -10.47
CA TYR C 1019 4.33 48.73 -11.92
C TYR C 1019 5.66 48.13 -12.33
N HIS C 1020 5.63 47.01 -13.06
CA HIS C 1020 6.84 46.26 -13.34
C HIS C 1020 7.70 47.01 -14.36
N LEU C 1021 8.99 47.13 -14.05
CA LEU C 1021 9.97 47.68 -14.97
C LEU C 1021 10.94 46.64 -15.51
N MET C 1022 11.65 45.92 -14.64
CA MET C 1022 12.62 44.93 -15.09
C MET C 1022 12.64 43.75 -14.11
N SER C 1023 13.37 42.71 -14.51
CA SER C 1023 13.63 41.57 -13.64
C SER C 1023 14.99 40.97 -13.96
N PHE C 1024 15.65 40.45 -12.94
CA PHE C 1024 16.95 39.81 -13.10
C PHE C 1024 16.93 38.44 -12.43
N PRO C 1025 17.38 37.38 -13.10
CA PRO C 1025 17.46 36.06 -12.47
C PRO C 1025 18.82 35.76 -11.86
N GLN C 1026 18.79 35.04 -10.74
CA GLN C 1026 19.99 34.57 -10.06
C GLN C 1026 19.81 33.10 -9.70
N ALA C 1027 20.89 32.33 -9.82
CA ALA C 1027 20.83 30.91 -9.52
C ALA C 1027 20.93 30.67 -8.02
N ALA C 1028 20.31 29.59 -7.56
CA ALA C 1028 20.31 29.23 -6.15
C ALA C 1028 20.31 27.72 -6.08
N PRO C 1029 20.76 27.12 -4.94
CA PRO C 1029 20.70 25.66 -4.80
C PRO C 1029 19.29 25.11 -4.98
N HIS C 1030 19.12 24.32 -6.04
CA HIS C 1030 17.85 23.73 -6.45
C HIS C 1030 16.79 24.76 -6.81
N GLY C 1031 17.17 25.99 -7.17
CA GLY C 1031 16.11 26.97 -7.42
C GLY C 1031 16.62 28.24 -8.06
N VAL C 1032 15.70 29.21 -8.15
CA VAL C 1032 15.97 30.47 -8.82
C VAL C 1032 15.44 31.63 -7.95
N VAL C 1033 16.18 32.74 -7.94
CA VAL C 1033 15.76 33.96 -7.25
C VAL C 1033 15.58 35.05 -8.30
N PHE C 1034 14.38 35.62 -8.36
CA PHE C 1034 14.08 36.75 -9.22
C PHE C 1034 14.17 38.04 -8.44
N LEU C 1035 14.85 39.04 -9.00
CA LEU C 1035 14.87 40.40 -8.48
C LEU C 1035 13.99 41.25 -9.39
N HIS C 1036 12.86 41.73 -8.86
CA HIS C 1036 11.90 42.54 -9.59
C HIS C 1036 12.10 44.00 -9.26
N VAL C 1037 12.29 44.83 -10.29
CA VAL C 1037 12.40 46.27 -10.15
C VAL C 1037 11.05 46.90 -10.49
N THR C 1038 10.48 47.63 -9.53
CA THR C 1038 9.14 48.18 -9.69
C THR C 1038 9.12 49.66 -9.32
N TYR C 1039 8.06 50.32 -9.78
CA TYR C 1039 7.83 51.76 -9.62
C TYR C 1039 6.71 51.96 -8.61
N VAL C 1040 6.99 52.73 -7.56
CA VAL C 1040 6.01 52.96 -6.50
C VAL C 1040 5.72 54.45 -6.38
N PRO C 1041 4.51 54.89 -6.72
CA PRO C 1041 4.16 56.31 -6.56
C PRO C 1041 3.96 56.67 -5.09
N SER C 1042 4.15 57.96 -4.80
CA SER C 1042 4.08 58.45 -3.43
C SER C 1042 3.86 59.95 -3.44
N GLN C 1043 3.64 60.49 -2.22
CA GLN C 1043 3.40 61.91 -1.94
C GLN C 1043 2.15 62.42 -2.67
N GLU C 1044 1.03 61.87 -2.22
CA GLU C 1044 -0.28 62.17 -2.78
C GLU C 1044 -0.67 63.63 -2.56
N ARG C 1045 -1.57 64.12 -3.41
CA ARG C 1045 -2.09 65.48 -3.26
C ARG C 1045 -3.51 65.53 -3.78
N ASN C 1046 -4.35 66.33 -3.10
CA ASN C 1046 -5.77 66.44 -3.43
C ASN C 1046 -6.00 67.58 -4.41
N PHE C 1047 -6.88 67.34 -5.38
CA PHE C 1047 -7.30 68.37 -6.33
C PHE C 1047 -8.80 68.27 -6.56
N THR C 1048 -9.36 69.35 -7.10
CA THR C 1048 -10.76 69.42 -7.49
C THR C 1048 -10.87 69.11 -8.97
N THR C 1049 -11.76 68.18 -9.33
CA THR C 1049 -11.82 67.63 -10.67
C THR C 1049 -13.21 67.79 -11.27
N ALA C 1050 -13.27 67.68 -12.60
CA ALA C 1050 -14.51 67.82 -13.35
C ALA C 1050 -14.54 66.76 -14.46
N PRO C 1051 -15.73 66.31 -14.86
CA PRO C 1051 -15.79 65.34 -15.98
C PRO C 1051 -15.50 65.93 -17.35
N ALA C 1052 -16.03 67.12 -17.66
CA ALA C 1052 -15.86 67.71 -18.97
C ALA C 1052 -15.96 69.23 -18.83
N ILE C 1053 -15.58 69.94 -19.89
CA ILE C 1053 -15.66 71.40 -19.89
C ILE C 1053 -16.54 71.88 -21.03
N CYS C 1054 -17.36 72.90 -20.76
CA CYS C 1054 -18.22 73.49 -21.78
C CYS C 1054 -17.59 74.77 -22.33
N HIS C 1055 -17.70 74.95 -23.63
CA HIS C 1055 -17.08 76.11 -24.29
C HIS C 1055 -17.86 76.44 -25.56
N GLU C 1056 -18.63 77.52 -25.52
CA GLU C 1056 -19.54 77.94 -26.59
C GLU C 1056 -20.46 76.80 -26.99
N GLY C 1057 -21.12 76.23 -25.99
CA GLY C 1057 -22.13 75.24 -26.22
C GLY C 1057 -21.59 73.91 -26.71
N LYS C 1058 -20.31 73.60 -26.49
CA LYS C 1058 -19.82 72.28 -26.88
C LYS C 1058 -19.05 71.70 -25.70
N ALA C 1059 -19.05 70.38 -25.59
CA ALA C 1059 -18.39 69.68 -24.50
C ALA C 1059 -17.04 69.10 -24.92
N TYR C 1060 -16.03 69.39 -24.13
CA TYR C 1060 -14.65 68.97 -24.36
C TYR C 1060 -14.28 67.96 -23.28
N PHE C 1061 -13.96 66.73 -23.73
CA PHE C 1061 -13.50 65.61 -22.91
C PHE C 1061 -12.02 65.39 -23.17
N PRO C 1062 -11.24 65.03 -22.15
CA PRO C 1062 -9.81 64.77 -22.38
C PRO C 1062 -9.58 63.50 -23.16
N ARG C 1063 -8.47 63.47 -23.90
CA ARG C 1063 -8.10 62.28 -24.66
C ARG C 1063 -7.56 61.21 -23.72
N GLU C 1064 -6.46 61.52 -23.02
CA GLU C 1064 -6.00 60.75 -21.87
C GLU C 1064 -5.59 61.75 -20.79
N GLY C 1065 -5.93 61.43 -19.55
CA GLY C 1065 -5.63 62.30 -18.43
C GLY C 1065 -6.90 62.70 -17.70
N VAL C 1066 -6.73 63.62 -16.75
CA VAL C 1066 -7.82 64.12 -15.92
C VAL C 1066 -7.74 65.64 -15.84
N PHE C 1067 -8.91 66.24 -15.63
CA PHE C 1067 -9.04 67.67 -15.37
C PHE C 1067 -8.77 67.94 -13.89
N VAL C 1068 -7.91 68.92 -13.63
CA VAL C 1068 -7.48 69.29 -12.28
C VAL C 1068 -7.69 70.80 -12.11
N PHE C 1069 -7.87 71.21 -10.85
CA PHE C 1069 -8.05 72.60 -10.45
C PHE C 1069 -7.09 72.91 -9.31
N ASN C 1070 -6.32 73.99 -9.47
CA ASN C 1070 -5.25 74.34 -8.56
C ASN C 1070 -5.56 75.64 -7.80
N GLY C 1071 -6.81 76.09 -7.84
CA GLY C 1071 -7.21 77.26 -7.11
C GLY C 1071 -7.37 78.50 -7.95
N THR C 1072 -6.77 78.51 -9.14
CA THR C 1072 -6.81 79.63 -10.07
C THR C 1072 -7.48 79.26 -11.39
N SER C 1073 -7.04 78.17 -12.02
CA SER C 1073 -7.58 77.78 -13.32
C SER C 1073 -7.50 76.26 -13.43
N TRP C 1074 -8.05 75.76 -14.53
CA TRP C 1074 -8.18 74.33 -14.77
C TRP C 1074 -7.09 73.87 -15.73
N PHE C 1075 -6.45 72.76 -15.40
CA PHE C 1075 -5.40 72.15 -16.20
C PHE C 1075 -5.75 70.69 -16.46
N ILE C 1076 -4.93 70.03 -17.27
CA ILE C 1076 -5.06 68.61 -17.60
C ILE C 1076 -3.75 67.91 -17.27
N THR C 1077 -3.83 66.72 -16.65
CA THR C 1077 -2.63 66.04 -16.18
C THR C 1077 -2.78 64.54 -16.38
N GLN C 1078 -1.65 63.86 -16.40
CA GLN C 1078 -1.69 62.41 -16.39
C GLN C 1078 -2.04 61.92 -14.99
N ARG C 1079 -2.61 60.72 -14.93
CA ARG C 1079 -3.18 60.22 -13.69
C ARG C 1079 -2.12 59.71 -12.72
N ASN C 1080 -0.96 59.26 -13.20
CA ASN C 1080 0.02 58.63 -12.34
C ASN C 1080 1.13 59.58 -11.88
N PHE C 1081 1.31 60.70 -12.57
CA PHE C 1081 2.30 61.71 -12.20
C PHE C 1081 1.65 63.07 -12.33
N PHE C 1082 2.11 64.02 -11.53
CA PHE C 1082 1.57 65.38 -11.55
C PHE C 1082 2.45 66.23 -12.47
N SER C 1083 1.91 66.61 -13.62
CA SER C 1083 2.60 67.51 -14.55
C SER C 1083 1.53 68.37 -15.21
N PRO C 1084 1.31 69.59 -14.73
CA PRO C 1084 0.24 70.43 -15.28
C PRO C 1084 0.52 70.91 -16.70
N GLN C 1085 -0.52 70.86 -17.54
CA GLN C 1085 -0.46 71.34 -18.90
C GLN C 1085 -1.66 72.24 -19.18
N ILE C 1086 -1.50 73.16 -20.12
CA ILE C 1086 -2.58 74.06 -20.50
C ILE C 1086 -3.60 73.32 -21.35
N ILE C 1087 -4.88 73.48 -21.02
CA ILE C 1087 -5.96 72.82 -21.76
C ILE C 1087 -6.11 73.49 -23.13
N THR C 1088 -5.67 72.81 -24.17
CA THR C 1088 -5.76 73.27 -25.55
C THR C 1088 -6.65 72.34 -26.36
N THR C 1089 -6.79 72.66 -27.65
CA THR C 1089 -7.61 71.85 -28.54
C THR C 1089 -6.94 70.51 -28.86
N ASP C 1090 -5.60 70.46 -28.78
CA ASP C 1090 -4.90 69.20 -29.01
C ASP C 1090 -5.13 68.22 -27.88
N ASN C 1091 -5.29 68.72 -26.65
CA ASN C 1091 -5.45 67.86 -25.48
C ASN C 1091 -6.83 67.23 -25.42
N THR C 1092 -7.85 67.89 -25.95
CA THR C 1092 -9.25 67.52 -25.74
C THR C 1092 -9.92 67.17 -27.07
N PHE C 1093 -11.12 66.60 -26.97
CA PHE C 1093 -11.95 66.32 -28.13
C PHE C 1093 -13.40 66.65 -27.80
N VAL C 1094 -14.20 66.82 -28.86
CA VAL C 1094 -15.56 67.35 -28.76
C VAL C 1094 -16.56 66.24 -29.01
N SER C 1095 -17.56 66.15 -28.13
CA SER C 1095 -18.68 65.22 -28.32
C SER C 1095 -19.91 65.80 -27.65
N GLY C 1096 -20.83 66.34 -28.46
CA GLY C 1096 -22.13 66.78 -28.01
C GLY C 1096 -22.17 68.20 -27.45
N ASN C 1097 -23.36 68.55 -26.96
CA ASN C 1097 -23.66 69.83 -26.34
C ASN C 1097 -23.83 69.67 -24.83
N CYS C 1098 -23.83 70.80 -24.13
CA CYS C 1098 -23.67 70.81 -22.68
C CYS C 1098 -25.01 70.85 -21.97
N ASP C 1099 -25.83 69.81 -22.17
CA ASP C 1099 -27.03 69.71 -21.37
C ASP C 1099 -27.33 68.27 -20.97
N VAL C 1100 -26.36 67.37 -21.08
CA VAL C 1100 -26.56 65.96 -20.74
C VAL C 1100 -25.54 65.43 -19.75
N VAL C 1101 -24.36 66.05 -19.64
CA VAL C 1101 -23.30 65.55 -18.77
C VAL C 1101 -23.48 66.14 -17.38
N ILE C 1102 -23.47 65.30 -16.37
CA ILE C 1102 -23.64 65.74 -14.99
C ILE C 1102 -22.32 66.28 -14.47
N GLY C 1103 -22.33 67.52 -13.98
CA GLY C 1103 -21.14 68.11 -13.41
C GLY C 1103 -20.25 68.87 -14.36
N ILE C 1104 -20.74 69.27 -15.53
CA ILE C 1104 -19.92 70.02 -16.48
C ILE C 1104 -19.81 71.47 -15.99
N ILE C 1105 -18.70 72.12 -16.31
CA ILE C 1105 -18.39 73.47 -15.84
C ILE C 1105 -18.07 74.38 -17.02
N ASN C 1106 -18.03 75.68 -16.74
CA ASN C 1106 -17.66 76.70 -17.70
C ASN C 1106 -16.18 77.03 -17.56
N ASN C 1107 -15.45 76.99 -18.67
CA ASN C 1107 -14.06 77.44 -18.71
C ASN C 1107 -13.74 77.80 -20.15
N THR C 1108 -12.47 78.16 -20.40
CA THR C 1108 -12.01 78.57 -21.70
C THR C 1108 -10.99 77.55 -22.23
N VAL C 1109 -10.92 77.46 -23.55
CA VAL C 1109 -9.98 76.58 -24.24
C VAL C 1109 -9.10 77.43 -25.15
N TYR C 1110 -7.78 77.32 -24.97
CA TYR C 1110 -6.84 78.14 -25.71
C TYR C 1110 -6.62 77.52 -27.08
N ASP C 1111 -6.91 78.28 -28.13
CA ASP C 1111 -6.64 77.92 -29.52
C ASP C 1111 -5.29 78.51 -29.95
N PRO C 1112 -4.38 77.68 -30.46
CA PRO C 1112 -3.06 78.19 -30.86
C PRO C 1112 -3.09 79.19 -32.00
N LEU C 1113 -4.06 79.08 -32.90
CA LEU C 1113 -4.22 79.95 -34.09
C LEU C 1113 -3.01 79.87 -35.01
#